data_4Q86
#
_entry.id   4Q86
#
_cell.length_a   111.254
_cell.length_b   112.949
_cell.length_c   132.886
_cell.angle_alpha   89.94
_cell.angle_beta   73.51
_cell.angle_gamma   77.23
#
_symmetry.space_group_name_H-M   'P 1'
#
loop_
_entity.id
_entity.type
_entity.pdbx_description
1 polymer 'Ribosomal protein S12 methylthiotransferase accessory factor YcaO'
2 non-polymer 'ADENOSINE MONOPHOSPHATE'
3 non-polymer 'MAGNESIUM ION'
4 water water
#
_entity_poly.entity_id   1
_entity_poly.type   'polypeptide(L)'
_entity_poly.pdbx_seq_one_letter_code
;MTQTFIPGKDAALEDSIARFQQKLSDLGFQIEEASWLNPVPNVWSVHIRDKECALCFTNGKGATKKAALASALGEYFERL
STNYFFADFWLGETIANGPFVHYPNEKWFPLTENDDVPEGLLDDRLRAFYDPENELTGSMLIDLQSGNEDRGICGLPFTR
QSDNQTVYIPMNIIGNLYVSNGMSAGNTRNEARVQGLSEVFERYVKNRIIAESISLPEIPADVLARYPAVVEAIETLEAE
GFPIFAYDGSLGGQYPVICVVLFNPANGTCFASFGAHPDFGVALERTVTELLQGRGLKDLDVFTPPTFDDEEVAEHTNLE
THFIDSSGLISWDLFKQDADYPFVDWNFSGTTEEEFATLMAIFNKEDKEVYIADYEHLGVYACRIIVPGMSDIYPAEDLW
LANNSMGSHLRETILSLPGSEWEKEDYLNLIEQLDEEGFDDFTRVRELLGLATGSDNGWYTLRIGELKAMLALAGGDLEQ
ALVWTEWTMEFNSSVFSPERANYYRCLQTLLLLAQEEDRQPLQYLNAFVRMYGADAVEAASAAMSGEAAFYGLQPVDSDL
HAFAAHQSLLKAYEKLQRAKAAFWAK
;
_entity_poly.pdbx_strand_id   A,B,C,D,E,F,G,H
#
# COMPACT_ATOMS: atom_id res chain seq x y z
N THR A 2 -63.82 56.62 14.63
CA THR A 2 -62.80 56.98 15.66
C THR A 2 -61.53 57.50 14.99
N GLN A 3 -60.95 58.51 15.59
CA GLN A 3 -59.86 59.19 14.99
C GLN A 3 -58.89 59.45 16.10
N THR A 4 -57.69 58.90 15.97
CA THR A 4 -56.65 59.04 16.97
C THR A 4 -55.51 59.84 16.37
N PHE A 5 -55.23 60.98 16.99
CA PHE A 5 -54.16 61.86 16.56
C PHE A 5 -53.12 61.64 17.59
N ILE A 6 -51.89 61.42 17.14
CA ILE A 6 -50.71 61.37 18.01
C ILE A 6 -49.71 62.52 17.68
N PRO A 7 -48.92 62.96 18.67
CA PRO A 7 -47.91 63.99 18.43
C PRO A 7 -47.01 63.73 17.18
N GLY A 8 -46.93 64.70 16.29
CA GLY A 8 -45.97 64.71 15.19
C GLY A 8 -46.54 64.21 13.87
N LYS A 9 -47.74 63.62 13.89
CA LYS A 9 -48.37 63.10 12.67
C LYS A 9 -49.46 64.02 12.11
N ASP A 10 -49.45 64.18 10.80
CA ASP A 10 -50.39 65.07 10.09
C ASP A 10 -51.69 64.41 9.69
N ALA A 11 -52.00 63.25 10.26
CA ALA A 11 -53.25 62.56 9.98
C ALA A 11 -53.53 61.58 11.09
N ALA A 12 -54.77 61.12 11.15
CA ALA A 12 -55.19 60.19 12.19
C ALA A 12 -54.68 58.80 11.87
N LEU A 13 -54.38 58.03 12.91
CA LEU A 13 -53.87 56.68 12.72
C LEU A 13 -54.77 55.84 11.84
N GLU A 14 -56.08 55.92 12.06
CA GLU A 14 -57.05 55.07 11.34
C GLU A 14 -57.15 55.42 9.86
N ASP A 15 -56.97 56.71 9.56
CA ASP A 15 -56.97 57.24 8.19
C ASP A 15 -55.73 56.73 7.45
N SER A 16 -54.57 56.87 8.07
CA SER A 16 -53.33 56.35 7.50
C SER A 16 -53.42 54.84 7.22
N ILE A 17 -53.94 54.10 8.19
CA ILE A 17 -54.03 52.65 8.06
C ILE A 17 -54.90 52.29 6.88
N ALA A 18 -56.11 52.84 6.84
CA ALA A 18 -57.07 52.49 5.80
C ALA A 18 -56.53 52.88 4.43
N ARG A 19 -55.94 54.07 4.36
CA ARG A 19 -55.37 54.57 3.13
C ARG A 19 -54.24 53.66 2.64
N PHE A 20 -53.28 53.34 3.53
CA PHE A 20 -52.12 52.54 3.12
C PHE A 20 -52.53 51.13 2.73
N GLN A 21 -53.45 50.55 3.50
CA GLN A 21 -54.00 49.25 3.16
C GLN A 21 -54.66 49.25 1.77
N GLN A 22 -55.53 50.22 1.52
CA GLN A 22 -56.21 50.29 0.22
C GLN A 22 -55.21 50.44 -0.92
N LYS A 23 -54.23 51.32 -0.76
CA LYS A 23 -53.26 51.54 -1.84
C LYS A 23 -52.42 50.28 -2.12
N LEU A 24 -51.98 49.56 -1.07
CA LEU A 24 -51.18 48.37 -1.28
C LEU A 24 -51.96 47.36 -2.12
N SER A 25 -53.22 47.20 -1.75
CA SER A 25 -54.12 46.34 -2.50
C SER A 25 -54.26 46.79 -3.95
N ASP A 26 -54.48 48.08 -4.17
CA ASP A 26 -54.56 48.62 -5.55
C ASP A 26 -53.34 48.34 -6.39
N LEU A 27 -52.17 48.41 -5.78
CA LEU A 27 -50.90 48.20 -6.49
C LEU A 27 -50.66 46.72 -6.78
N GLY A 28 -51.47 45.85 -6.16
CA GLY A 28 -51.40 44.41 -6.37
C GLY A 28 -50.67 43.66 -5.28
N PHE A 29 -50.47 44.31 -4.13
CA PHE A 29 -49.77 43.67 -3.04
C PHE A 29 -50.74 43.15 -2.01
N GLN A 30 -50.50 41.90 -1.60
CA GLN A 30 -51.28 41.22 -0.59
C GLN A 30 -50.40 41.08 0.63
N ILE A 31 -50.63 41.95 1.59
CA ILE A 31 -49.78 42.05 2.76
C ILE A 31 -50.52 41.48 3.93
N GLU A 32 -49.85 40.67 4.73
CA GLU A 32 -50.47 40.10 5.92
C GLU A 32 -49.72 40.55 7.17
N GLU A 33 -50.45 40.70 8.28
CA GLU A 33 -49.86 40.89 9.60
C GLU A 33 -49.54 39.55 10.18
N ALA A 34 -48.27 39.31 10.48
CA ALA A 34 -47.82 37.94 10.79
C ALA A 34 -47.69 37.70 12.26
N SER A 35 -47.28 38.70 13.03
CA SER A 35 -47.15 38.51 14.47
C SER A 35 -47.15 39.84 15.15
N TRP A 36 -47.71 39.87 16.36
CA TRP A 36 -47.97 41.08 17.14
C TRP A 36 -47.36 40.91 18.50
N LEU A 37 -46.77 41.95 19.05
CA LEU A 37 -46.25 41.90 20.37
C LEU A 37 -46.64 43.13 21.13
N ASN A 38 -46.80 42.94 22.45
CA ASN A 38 -47.12 44.00 23.36
C ASN A 38 -46.47 43.65 24.70
N PRO A 39 -45.14 43.67 24.73
CA PRO A 39 -44.39 43.09 25.85
C PRO A 39 -44.46 43.88 27.15
N VAL A 40 -44.68 45.18 27.06
CA VAL A 40 -44.92 46.01 28.25
C VAL A 40 -45.95 47.08 27.92
N PRO A 41 -46.50 47.73 28.93
CA PRO A 41 -47.55 48.69 28.62
C PRO A 41 -47.03 49.81 27.73
N ASN A 42 -47.84 50.20 26.74
CA ASN A 42 -47.55 51.32 25.84
C ASN A 42 -46.40 51.03 24.87
N VAL A 43 -46.13 49.74 24.62
CA VAL A 43 -45.15 49.34 23.63
C VAL A 43 -45.71 48.20 22.79
N TRP A 44 -45.87 48.46 21.48
CA TRP A 44 -46.34 47.48 20.52
C TRP A 44 -45.35 47.30 19.38
N SER A 45 -45.41 46.15 18.71
CA SER A 45 -44.70 45.91 17.46
C SER A 45 -45.45 44.89 16.68
N VAL A 46 -45.24 44.87 15.38
CA VAL A 46 -45.93 43.97 14.47
C VAL A 46 -45.03 43.72 13.28
N HIS A 47 -45.13 42.53 12.70
CA HIS A 47 -44.34 42.15 11.53
C HIS A 47 -45.33 41.96 10.41
N ILE A 48 -45.05 42.56 9.27
CA ILE A 48 -45.91 42.43 8.13
C ILE A 48 -45.11 41.93 6.94
N ARG A 49 -45.76 41.22 6.01
CA ARG A 49 -45.03 40.64 4.88
C ARG A 49 -45.90 40.41 3.68
N ASP A 50 -45.25 40.30 2.54
CA ASP A 50 -45.90 40.07 1.29
C ASP A 50 -46.17 38.57 1.20
N LYS A 51 -47.44 38.20 1.15
CA LYS A 51 -47.82 36.78 1.00
C LYS A 51 -47.25 36.13 -0.25
N GLU A 52 -46.91 36.92 -1.26
CA GLU A 52 -46.34 36.35 -2.49
C GLU A 52 -44.82 36.54 -2.64
N CYS A 53 -44.16 37.13 -1.64
CA CYS A 53 -42.72 37.29 -1.71
C CYS A 53 -42.15 37.33 -0.32
N ALA A 54 -41.48 36.25 0.02
CA ALA A 54 -40.89 36.07 1.33
C ALA A 54 -39.81 37.12 1.67
N LEU A 55 -39.21 37.71 0.65
CA LEU A 55 -38.10 38.64 0.85
C LEU A 55 -38.58 40.05 1.17
N CYS A 56 -39.91 40.28 1.12
CA CYS A 56 -40.46 41.60 1.34
C CYS A 56 -41.28 41.63 2.62
N PHE A 57 -40.76 42.34 3.61
CA PHE A 57 -41.46 42.49 4.89
C PHE A 57 -40.94 43.72 5.59
N THR A 58 -41.71 44.24 6.53
CA THR A 58 -41.23 45.29 7.40
C THR A 58 -41.75 45.03 8.79
N ASN A 59 -41.34 45.87 9.73
CA ASN A 59 -41.81 45.83 11.09
C ASN A 59 -42.29 47.20 11.57
N GLY A 60 -43.31 47.16 12.42
CA GLY A 60 -43.92 48.33 12.95
C GLY A 60 -43.60 48.43 14.41
N LYS A 61 -43.67 49.66 14.92
CA LYS A 61 -43.51 49.91 16.33
C LYS A 61 -44.32 51.15 16.71
N GLY A 62 -44.70 51.23 17.98
CA GLY A 62 -45.46 52.36 18.47
C GLY A 62 -46.04 52.14 19.84
N ALA A 63 -46.72 53.15 20.34
CA ALA A 63 -47.18 53.12 21.72
C ALA A 63 -48.56 52.47 21.84
N THR A 64 -49.19 52.22 20.71
CA THR A 64 -50.51 51.57 20.65
C THR A 64 -50.48 50.64 19.47
N LYS A 65 -51.45 49.75 19.43
CA LYS A 65 -51.51 48.79 18.36
C LYS A 65 -51.66 49.48 17.03
N LYS A 66 -52.64 50.38 16.92
CA LYS A 66 -52.80 51.18 15.69
C LYS A 66 -51.51 51.90 15.26
N ALA A 67 -50.85 52.58 16.19
CA ALA A 67 -49.62 53.30 15.86
C ALA A 67 -48.56 52.34 15.30
N ALA A 68 -48.48 51.13 15.85
CA ALA A 68 -47.55 50.15 15.32
C ALA A 68 -47.91 49.64 13.92
N LEU A 69 -49.20 49.49 13.66
CA LEU A 69 -49.61 49.04 12.33
C LEU A 69 -49.35 50.14 11.32
N ALA A 70 -49.63 51.39 11.69
CA ALA A 70 -49.38 52.50 10.76
C ALA A 70 -47.88 52.63 10.46
N SER A 71 -47.07 52.42 11.49
CA SER A 71 -45.62 52.36 11.35
C SER A 71 -45.15 51.26 10.39
N ALA A 72 -45.72 50.08 10.51
CA ALA A 72 -45.30 48.96 9.64
C ALA A 72 -45.60 49.26 8.20
N LEU A 73 -46.81 49.74 7.97
CA LEU A 73 -47.31 50.06 6.65
C LEU A 73 -46.58 51.24 6.05
N GLY A 74 -46.29 52.23 6.88
CA GLY A 74 -45.49 53.37 6.44
C GLY A 74 -44.11 52.90 5.98
N GLU A 75 -43.49 52.02 6.78
CA GLU A 75 -42.19 51.50 6.45
C GLU A 75 -42.28 50.67 5.17
N TYR A 76 -43.39 49.98 5.01
CA TYR A 76 -43.63 49.25 3.77
C TYR A 76 -43.60 50.19 2.58
N PHE A 77 -44.28 51.34 2.68
CA PHE A 77 -44.28 52.28 1.53
C PHE A 77 -42.91 52.91 1.31
N GLU A 78 -42.22 53.16 2.40
CA GLU A 78 -40.84 53.69 2.36
C GLU A 78 -39.90 52.75 1.59
N ARG A 79 -39.98 51.46 1.89
CA ARG A 79 -39.12 50.48 1.27
C ARG A 79 -39.55 50.11 -0.15
N LEU A 80 -40.84 50.03 -0.39
CA LEU A 80 -41.32 49.91 -1.77
C LEU A 80 -40.94 51.08 -2.64
N SER A 81 -41.21 52.31 -2.17
CA SER A 81 -40.92 53.51 -3.00
C SER A 81 -39.41 53.66 -3.39
N THR A 82 -38.52 53.23 -2.51
CA THR A 82 -37.10 53.39 -2.70
C THR A 82 -36.48 52.17 -3.33
N ASN A 83 -37.32 51.21 -3.74
CA ASN A 83 -36.86 49.90 -4.23
C ASN A 83 -35.96 49.12 -3.25
N TYR A 84 -36.06 49.38 -1.96
CA TYR A 84 -35.02 48.93 -1.03
C TYR A 84 -35.06 47.41 -0.84
N PHE A 85 -36.25 46.80 -0.95
CA PHE A 85 -36.37 45.35 -0.83
C PHE A 85 -35.49 44.63 -1.87
N PHE A 86 -35.16 45.34 -2.95
CA PHE A 86 -34.43 44.71 -4.07
C PHE A 86 -32.97 45.05 -4.08
N ALA A 87 -32.57 45.85 -3.10
CA ALA A 87 -31.21 46.45 -3.09
C ALA A 87 -30.02 45.51 -3.04
N ASP A 88 -30.21 44.31 -2.49
CA ASP A 88 -29.12 43.36 -2.37
C ASP A 88 -29.16 42.31 -3.47
N PHE A 89 -29.99 42.52 -4.51
CA PHE A 89 -30.18 41.53 -5.58
C PHE A 89 -29.91 42.06 -7.00
N TRP A 90 -29.41 41.18 -7.85
CA TRP A 90 -29.34 41.42 -9.27
C TRP A 90 -30.71 41.12 -9.79
N LEU A 91 -31.23 41.99 -10.67
CA LEU A 91 -32.61 41.85 -11.14
C LEU A 91 -32.75 41.19 -12.51
N GLY A 92 -31.65 40.68 -13.06
CA GLY A 92 -31.70 39.89 -14.29
C GLY A 92 -31.50 40.65 -15.58
N GLU A 93 -31.32 39.92 -16.66
CA GLU A 93 -30.95 40.48 -17.95
C GLU A 93 -32.07 41.33 -18.57
N THR A 94 -33.30 40.84 -18.51
CA THR A 94 -34.41 41.56 -19.06
C THR A 94 -34.55 42.93 -18.37
N ILE A 95 -34.65 42.95 -17.04
CA ILE A 95 -34.72 44.20 -16.31
C ILE A 95 -33.50 45.09 -16.61
N ALA A 96 -32.32 44.50 -16.67
CA ALA A 96 -31.13 45.25 -16.95
C ALA A 96 -31.17 46.03 -18.26
N ASN A 97 -31.84 45.48 -19.27
CA ASN A 97 -31.81 46.05 -20.63
C ASN A 97 -33.08 46.76 -21.00
N GLY A 98 -34.01 46.82 -20.06
CA GLY A 98 -35.33 47.36 -20.30
C GLY A 98 -35.34 48.87 -20.26
N PRO A 99 -36.51 49.47 -20.47
CA PRO A 99 -36.65 50.93 -20.55
C PRO A 99 -35.96 51.65 -19.38
N PHE A 100 -36.28 51.24 -18.15
CA PHE A 100 -35.59 51.74 -16.95
C PHE A 100 -35.44 50.65 -15.90
N VAL A 101 -34.36 50.69 -15.16
CA VAL A 101 -34.10 49.69 -14.09
C VAL A 101 -34.67 50.15 -12.77
N HIS A 102 -34.25 51.36 -12.35
CA HIS A 102 -34.69 51.90 -11.03
C HIS A 102 -35.88 52.84 -11.12
N TYR A 103 -35.74 53.90 -11.91
CA TYR A 103 -36.82 54.87 -12.11
C TYR A 103 -36.78 55.36 -13.54
N PRO A 104 -37.93 55.74 -14.09
CA PRO A 104 -37.96 56.41 -15.43
C PRO A 104 -37.08 57.64 -15.53
N ASN A 105 -36.92 58.40 -14.44
CA ASN A 105 -36.10 59.63 -14.46
C ASN A 105 -34.69 59.42 -14.01
N GLU A 106 -34.25 58.18 -13.99
CA GLU A 106 -32.83 57.87 -13.81
C GLU A 106 -32.04 58.28 -15.05
N LYS A 107 -30.73 58.41 -14.92
CA LYS A 107 -29.88 58.78 -16.02
C LYS A 107 -28.70 57.87 -16.09
N TRP A 108 -28.35 57.44 -17.30
CA TRP A 108 -27.27 56.51 -17.54
C TRP A 108 -26.09 57.22 -18.16
N PHE A 109 -24.92 57.05 -17.54
CA PHE A 109 -23.70 57.75 -17.93
C PHE A 109 -22.69 56.70 -18.40
N PRO A 110 -22.46 56.61 -19.72
CA PRO A 110 -21.56 55.59 -20.22
C PRO A 110 -20.14 55.72 -19.69
N LEU A 111 -19.44 54.61 -19.62
CA LEU A 111 -18.05 54.64 -19.20
C LEU A 111 -17.17 55.37 -20.21
N THR A 112 -16.20 56.10 -19.69
CA THR A 112 -15.26 56.85 -20.50
C THR A 112 -14.05 55.97 -20.84
N GLU A 113 -13.28 56.40 -21.84
CA GLU A 113 -12.08 55.71 -22.31
C GLU A 113 -10.95 55.64 -21.25
N ASN A 114 -10.67 56.75 -20.57
CA ASN A 114 -9.75 56.70 -19.42
C ASN A 114 -10.38 56.17 -18.12
N ASP A 115 -11.65 55.77 -18.18
CA ASP A 115 -12.40 55.24 -17.02
C ASP A 115 -12.42 56.20 -15.84
N ASP A 116 -12.49 57.49 -16.13
CA ASP A 116 -12.87 58.50 -15.12
C ASP A 116 -14.37 58.42 -14.85
N VAL A 117 -14.79 59.07 -13.79
CA VAL A 117 -16.20 59.16 -13.47
C VAL A 117 -16.79 60.26 -14.34
N PRO A 118 -17.77 59.91 -15.20
CA PRO A 118 -18.34 60.91 -16.12
C PRO A 118 -18.72 62.21 -15.44
N GLU A 119 -18.65 63.30 -16.20
CA GLU A 119 -18.74 64.64 -15.62
C GLU A 119 -20.08 65.04 -15.04
N GLY A 120 -21.16 64.61 -15.67
CA GLY A 120 -22.48 64.99 -15.18
C GLY A 120 -22.95 64.33 -13.88
N LEU A 121 -22.10 63.49 -13.27
CA LEU A 121 -22.46 62.75 -12.03
C LEU A 121 -21.94 63.52 -10.83
N LEU A 122 -22.69 63.48 -9.75
CA LEU A 122 -22.25 64.13 -8.50
C LEU A 122 -22.17 65.68 -8.64
N ASP A 123 -21.42 66.30 -7.75
CA ASP A 123 -21.12 67.72 -7.78
C ASP A 123 -19.75 67.84 -7.08
N ASP A 124 -19.24 69.05 -6.97
CA ASP A 124 -17.81 69.22 -6.53
C ASP A 124 -17.60 68.77 -5.13
N ARG A 125 -18.55 69.12 -4.25
CA ARG A 125 -18.45 68.77 -2.81
C ARG A 125 -18.52 67.25 -2.64
N LEU A 126 -19.49 66.63 -3.30
CA LEU A 126 -19.63 65.18 -3.28
C LEU A 126 -18.39 64.47 -3.79
N ARG A 127 -17.84 64.89 -4.93
CA ARG A 127 -16.55 64.35 -5.39
C ARG A 127 -15.43 64.44 -4.35
N ALA A 128 -15.30 65.59 -3.72
CA ALA A 128 -14.24 65.77 -2.74
C ALA A 128 -14.48 64.88 -1.51
N PHE A 129 -15.74 64.65 -1.16
CA PHE A 129 -16.04 63.84 0.00
C PHE A 129 -15.83 62.33 -0.26
N TYR A 130 -16.38 61.79 -1.34
CA TYR A 130 -16.21 60.40 -1.66
C TYR A 130 -14.81 60.05 -2.15
N ASP A 131 -14.15 60.98 -2.84
CA ASP A 131 -12.93 60.67 -3.56
C ASP A 131 -11.86 61.73 -3.39
N PRO A 132 -11.41 61.93 -2.14
CA PRO A 132 -10.47 63.02 -1.89
C PRO A 132 -9.17 62.84 -2.68
N GLU A 133 -8.76 61.60 -2.92
CA GLU A 133 -7.52 61.30 -3.67
C GLU A 133 -7.70 61.22 -5.19
N ASN A 134 -8.91 61.44 -5.70
CA ASN A 134 -9.21 61.35 -7.13
C ASN A 134 -8.96 59.96 -7.76
N GLU A 135 -9.19 58.89 -7.00
CA GLU A 135 -8.91 57.53 -7.47
C GLU A 135 -10.17 56.73 -7.89
N LEU A 136 -11.32 57.38 -7.97
CA LEU A 136 -12.55 56.72 -8.37
C LEU A 136 -12.52 56.49 -9.84
N THR A 137 -12.86 55.27 -10.26
CA THR A 137 -13.09 54.99 -11.64
C THR A 137 -14.59 54.78 -11.91
N GLY A 138 -14.99 54.92 -13.17
CA GLY A 138 -16.36 54.70 -13.53
C GLY A 138 -16.84 53.25 -13.39
N SER A 139 -15.99 52.31 -13.74
CA SER A 139 -16.38 50.89 -13.83
C SER A 139 -16.63 50.25 -12.46
N MET A 140 -16.21 50.92 -11.40
CA MET A 140 -16.44 50.44 -10.05
C MET A 140 -17.81 50.95 -9.55
N LEU A 141 -18.53 51.77 -10.32
CA LEU A 141 -19.79 52.32 -9.87
C LEU A 141 -21.02 51.80 -10.60
N ILE A 142 -20.90 50.60 -11.15
CA ILE A 142 -22.01 49.97 -11.84
C ILE A 142 -22.97 49.44 -10.76
N ASP A 143 -24.26 49.78 -10.89
CA ASP A 143 -25.29 49.35 -9.93
C ASP A 143 -25.52 47.82 -9.89
N LEU A 144 -25.67 47.29 -8.67
CA LEU A 144 -25.83 45.84 -8.48
C LEU A 144 -27.04 45.31 -9.23
N GLN A 145 -28.12 46.09 -9.26
CA GLN A 145 -29.37 45.61 -9.80
C GLN A 145 -29.31 45.29 -11.30
N SER A 146 -28.56 46.09 -12.05
CA SER A 146 -28.48 45.95 -13.52
C SER A 146 -27.27 45.14 -13.86
N GLY A 147 -26.15 45.45 -13.23
CA GLY A 147 -24.88 44.87 -13.60
C GLY A 147 -24.47 45.21 -15.02
N ASN A 148 -25.04 46.30 -15.57
CA ASN A 148 -24.94 46.54 -17.00
C ASN A 148 -23.85 47.56 -17.31
N GLU A 149 -22.61 47.08 -17.32
CA GLU A 149 -21.44 47.91 -17.57
C GLU A 149 -21.51 48.62 -18.90
N ASP A 150 -22.02 47.95 -19.93
CA ASP A 150 -22.17 48.57 -21.27
C ASP A 150 -23.11 49.77 -21.27
N ARG A 151 -24.23 49.65 -20.57
CA ARG A 151 -25.16 50.79 -20.44
C ARG A 151 -24.58 51.88 -19.55
N GLY A 152 -23.70 51.51 -18.62
CA GLY A 152 -22.97 52.49 -17.84
C GLY A 152 -23.46 52.67 -16.41
N ILE A 153 -23.11 53.82 -15.83
CA ILE A 153 -23.37 54.14 -14.44
C ILE A 153 -24.74 54.75 -14.33
N CYS A 154 -25.60 54.09 -13.58
CA CYS A 154 -26.95 54.58 -13.34
C CYS A 154 -26.97 55.56 -12.18
N GLY A 155 -27.37 56.82 -12.47
CA GLY A 155 -27.44 57.89 -11.47
C GLY A 155 -28.88 58.22 -11.17
N LEU A 156 -29.19 58.45 -9.90
CA LEU A 156 -30.54 58.82 -9.48
C LEU A 156 -30.57 60.30 -9.16
N PRO A 157 -31.66 60.97 -9.55
CA PRO A 157 -31.79 62.37 -9.28
C PRO A 157 -32.17 62.68 -7.84
N PHE A 158 -31.39 63.56 -7.21
CA PHE A 158 -31.72 64.15 -5.94
C PHE A 158 -31.75 65.67 -6.07
N THR A 159 -32.61 66.31 -5.30
CA THR A 159 -32.64 67.74 -5.24
C THR A 159 -31.75 68.27 -4.10
N ARG A 160 -30.68 68.93 -4.47
CA ARG A 160 -29.83 69.68 -3.53
C ARG A 160 -30.63 70.83 -2.92
N GLN A 161 -30.75 70.85 -1.60
CA GLN A 161 -31.65 71.76 -0.94
C GLN A 161 -31.23 73.23 -0.98
N SER A 162 -29.92 73.52 -0.90
CA SER A 162 -29.49 74.90 -0.83
C SER A 162 -29.93 75.73 -2.06
N ASP A 163 -29.83 75.16 -3.27
CA ASP A 163 -30.16 75.88 -4.48
C ASP A 163 -31.21 75.21 -5.36
N ASN A 164 -31.85 74.15 -4.90
CA ASN A 164 -32.92 73.43 -5.65
C ASN A 164 -32.49 72.77 -6.98
N GLN A 165 -31.18 72.47 -7.11
CA GLN A 165 -30.65 71.83 -8.32
C GLN A 165 -30.72 70.29 -8.21
N THR A 166 -31.07 69.67 -9.31
CA THR A 166 -31.00 68.26 -9.47
C THR A 166 -29.54 67.85 -9.58
N VAL A 167 -29.17 66.83 -8.80
CA VAL A 167 -27.82 66.21 -8.83
C VAL A 167 -28.00 64.71 -8.97
N TYR A 168 -27.20 64.08 -9.82
CA TYR A 168 -27.32 62.64 -10.03
C TYR A 168 -26.28 61.96 -9.20
N ILE A 169 -26.73 61.07 -8.36
CA ILE A 169 -25.84 60.27 -7.53
C ILE A 169 -25.96 58.84 -7.97
N PRO A 170 -24.85 58.21 -8.33
CA PRO A 170 -24.87 56.79 -8.75
C PRO A 170 -25.55 55.85 -7.73
N MET A 171 -26.42 54.96 -8.23
CA MET A 171 -27.09 53.97 -7.40
C MET A 171 -26.08 53.19 -6.56
N ASN A 172 -24.95 52.90 -7.18
CA ASN A 172 -23.91 52.20 -6.50
C ASN A 172 -23.43 52.89 -5.22
N ILE A 173 -23.30 54.21 -5.25
CA ILE A 173 -22.81 54.94 -4.09
C ILE A 173 -23.89 54.98 -3.03
N ILE A 174 -25.12 55.22 -3.45
CA ILE A 174 -26.24 55.27 -2.56
C ILE A 174 -26.35 53.94 -1.83
N GLY A 175 -26.42 52.85 -2.61
CA GLY A 175 -26.63 51.53 -2.09
C GLY A 175 -25.55 51.09 -1.12
N ASN A 176 -24.29 51.37 -1.43
CA ASN A 176 -23.20 50.95 -0.59
C ASN A 176 -23.04 51.78 0.68
N LEU A 177 -23.30 53.09 0.60
CA LEU A 177 -22.92 53.98 1.70
C LEU A 177 -24.05 54.43 2.60
N TYR A 178 -25.28 54.47 2.07
CA TYR A 178 -26.44 54.97 2.82
C TYR A 178 -27.49 53.96 3.15
N VAL A 179 -27.49 52.86 2.41
CA VAL A 179 -28.44 51.77 2.66
C VAL A 179 -29.78 52.35 2.95
N SER A 180 -30.43 51.90 4.01
CA SER A 180 -31.79 52.37 4.31
C SER A 180 -31.84 53.61 5.22
N ASN A 181 -30.69 54.23 5.48
CA ASN A 181 -30.66 55.39 6.41
C ASN A 181 -31.14 56.66 5.71
N GLY A 182 -32.09 57.32 6.33
CA GLY A 182 -32.63 58.53 5.75
C GLY A 182 -33.79 58.37 4.77
N MET A 183 -34.36 57.17 4.67
CA MET A 183 -35.58 56.98 3.87
C MET A 183 -36.72 57.27 4.81
N SER A 184 -37.88 57.54 4.23
CA SER A 184 -39.07 57.80 4.98
C SER A 184 -40.28 57.79 4.04
N ALA A 185 -41.44 57.51 4.61
CA ALA A 185 -42.74 57.76 4.00
C ALA A 185 -43.65 58.48 5.04
N GLY A 186 -44.78 59.01 4.57
CA GLY A 186 -45.66 59.70 5.45
C GLY A 186 -46.98 60.10 4.88
N ASN A 187 -47.81 60.63 5.76
CA ASN A 187 -49.12 61.16 5.37
C ASN A 187 -48.97 62.40 4.51
N THR A 188 -47.94 63.19 4.80
CA THR A 188 -47.61 64.38 4.01
C THR A 188 -46.12 64.48 3.79
N ARG A 189 -45.77 65.31 2.83
CA ARG A 189 -44.41 65.56 2.43
C ARG A 189 -43.55 65.94 3.63
N ASN A 190 -44.01 66.89 4.44
CA ASN A 190 -43.19 67.38 5.54
C ASN A 190 -43.14 66.45 6.73
N GLU A 191 -44.24 65.76 7.02
CA GLU A 191 -44.23 64.73 8.08
C GLU A 191 -43.16 63.65 7.78
N ALA A 192 -43.14 63.20 6.51
CA ALA A 192 -42.16 62.23 6.05
C ALA A 192 -40.77 62.79 6.17
N ARG A 193 -40.59 64.03 5.69
CA ARG A 193 -39.23 64.62 5.61
C ARG A 193 -38.68 64.87 6.99
N VAL A 194 -39.55 65.22 7.92
CA VAL A 194 -39.13 65.42 9.31
C VAL A 194 -38.66 64.09 9.93
N GLN A 195 -39.42 63.03 9.67
CA GLN A 195 -39.01 61.70 10.14
C GLN A 195 -37.63 61.32 9.57
N GLY A 196 -37.44 61.55 8.27
CA GLY A 196 -36.21 61.19 7.61
C GLY A 196 -35.04 61.99 8.08
N LEU A 197 -35.23 63.30 8.26
CA LEU A 197 -34.14 64.13 8.75
C LEU A 197 -33.79 63.73 10.19
N SER A 198 -34.81 63.42 10.98
CA SER A 198 -34.62 63.00 12.36
C SER A 198 -33.84 61.69 12.42
N GLU A 199 -34.12 60.80 11.48
CA GLU A 199 -33.39 59.53 11.38
C GLU A 199 -31.93 59.76 11.12
N VAL A 200 -31.61 60.75 10.27
CA VAL A 200 -30.22 61.13 10.01
C VAL A 200 -29.58 61.61 11.29
N PHE A 201 -30.29 62.41 12.07
CA PHE A 201 -29.75 62.83 13.38
C PHE A 201 -29.56 61.65 14.32
N GLU A 202 -30.56 60.80 14.44
CA GLU A 202 -30.46 59.59 15.25
C GLU A 202 -29.13 58.83 15.02
N ARG A 203 -28.88 58.44 13.78
CA ARG A 203 -27.79 57.60 13.46
C ARG A 203 -26.48 58.30 13.50
N TYR A 204 -26.45 59.57 13.10
CA TYR A 204 -25.21 60.38 13.19
C TYR A 204 -24.79 60.64 14.63
N VAL A 205 -25.77 60.95 15.48
CA VAL A 205 -25.46 61.23 16.88
C VAL A 205 -25.17 59.93 17.65
N LYS A 206 -25.95 58.89 17.36
CA LYS A 206 -25.67 57.57 17.88
C LYS A 206 -24.23 57.18 17.64
N ASN A 207 -23.76 57.30 16.39
CA ASN A 207 -22.37 56.95 16.11
C ASN A 207 -21.37 57.78 16.89
N ARG A 208 -21.61 59.07 17.06
CA ARG A 208 -20.73 59.91 17.87
C ARG A 208 -20.69 59.45 19.33
N ILE A 209 -21.85 59.24 19.90
CA ILE A 209 -21.97 58.78 21.27
C ILE A 209 -21.24 57.46 21.53
N ILE A 210 -21.45 56.48 20.64
CA ILE A 210 -20.80 55.20 20.76
C ILE A 210 -19.31 55.32 20.48
N ALA A 211 -18.96 55.91 19.34
CA ALA A 211 -17.55 55.90 18.92
C ALA A 211 -16.66 56.71 19.81
N GLU A 212 -17.21 57.77 20.41
CA GLU A 212 -16.41 58.65 21.25
C GLU A 212 -16.52 58.31 22.76
N SER A 213 -17.29 57.27 23.11
CA SER A 213 -17.41 56.80 24.50
C SER A 213 -17.88 57.95 25.37
N ILE A 214 -18.90 58.65 24.91
CA ILE A 214 -19.45 59.80 25.59
C ILE A 214 -20.31 59.33 26.76
N SER A 215 -20.16 59.98 27.92
CA SER A 215 -21.05 59.75 29.05
C SER A 215 -22.18 60.74 28.89
N LEU A 216 -23.40 60.24 28.79
CA LEU A 216 -24.55 61.08 28.65
C LEU A 216 -25.21 61.39 30.01
N PRO A 217 -26.01 62.47 30.05
CA PRO A 217 -26.76 62.87 31.22
C PRO A 217 -28.11 62.24 31.25
N GLU A 218 -28.53 61.88 32.46
CA GLU A 218 -29.84 61.27 32.66
C GLU A 218 -30.93 62.29 32.48
N ILE A 219 -32.06 61.84 31.98
CA ILE A 219 -33.26 62.63 31.91
C ILE A 219 -33.84 62.66 33.34
N PRO A 220 -33.92 63.86 33.97
CA PRO A 220 -34.42 63.91 35.34
C PRO A 220 -35.83 63.36 35.45
N ALA A 221 -36.15 62.81 36.62
CA ALA A 221 -37.44 62.18 36.82
C ALA A 221 -38.64 63.11 36.53
N ASP A 222 -38.52 64.40 36.83
CA ASP A 222 -39.64 65.32 36.67
C ASP A 222 -39.90 65.63 35.19
N VAL A 223 -38.87 65.52 34.36
CA VAL A 223 -39.08 65.55 32.91
C VAL A 223 -39.81 64.28 32.43
N LEU A 224 -39.37 63.12 32.91
CA LEU A 224 -39.94 61.86 32.47
C LEU A 224 -41.39 61.81 32.82
N ALA A 225 -41.74 62.41 33.96
CA ALA A 225 -43.13 62.41 34.44
C ALA A 225 -44.10 63.03 33.46
N ARG A 226 -43.61 63.88 32.56
CA ARG A 226 -44.47 64.46 31.55
C ARG A 226 -44.98 63.41 30.58
N TYR A 227 -44.34 62.25 30.55
CA TYR A 227 -44.66 61.19 29.56
C TYR A 227 -44.97 59.90 30.30
N PRO A 228 -46.15 59.84 30.92
CA PRO A 228 -46.45 58.70 31.79
C PRO A 228 -46.56 57.34 31.08
N ALA A 229 -46.96 57.34 29.79
CA ALA A 229 -47.02 56.09 29.01
C ALA A 229 -45.64 55.44 28.91
N VAL A 230 -44.61 56.25 28.65
CA VAL A 230 -43.24 55.78 28.61
C VAL A 230 -42.74 55.38 29.99
N VAL A 231 -43.06 56.18 31.01
CA VAL A 231 -42.66 55.85 32.41
C VAL A 231 -43.20 54.49 32.85
N GLU A 232 -44.44 54.19 32.48
CA GLU A 232 -45.04 52.89 32.78
C GLU A 232 -44.29 51.76 32.10
N ALA A 233 -43.92 51.96 30.83
CA ALA A 233 -43.13 50.96 30.13
C ALA A 233 -41.82 50.68 30.85
N ILE A 234 -41.11 51.74 31.21
CA ILE A 234 -39.80 51.62 31.85
C ILE A 234 -39.88 50.97 33.24
N GLU A 235 -40.85 51.42 34.05
CA GLU A 235 -41.08 50.81 35.36
C GLU A 235 -41.38 49.29 35.27
N THR A 236 -42.14 48.89 34.25
CA THR A 236 -42.46 47.51 34.03
C THR A 236 -41.16 46.76 33.71
N LEU A 237 -40.37 47.30 32.79
CA LEU A 237 -39.11 46.66 32.44
C LEU A 237 -38.24 46.47 33.65
N GLU A 238 -38.14 47.50 34.47
CA GLU A 238 -37.33 47.44 35.67
C GLU A 238 -37.85 46.43 36.69
N ALA A 239 -39.17 46.35 36.81
CA ALA A 239 -39.81 45.36 37.69
C ALA A 239 -39.54 43.95 37.18
N GLU A 240 -39.43 43.79 35.86
CA GLU A 240 -39.15 42.49 35.25
C GLU A 240 -37.67 42.14 35.24
N GLY A 241 -36.84 42.95 35.89
CA GLY A 241 -35.42 42.60 36.09
C GLY A 241 -34.46 43.24 35.09
N PHE A 242 -34.93 44.27 34.37
CA PHE A 242 -34.10 44.95 33.38
C PHE A 242 -33.87 46.42 33.75
N PRO A 243 -32.73 46.74 34.35
CA PRO A 243 -32.49 48.16 34.59
C PRO A 243 -32.45 49.00 33.30
N ILE A 244 -33.04 50.19 33.38
CA ILE A 244 -33.12 51.12 32.25
C ILE A 244 -32.42 52.42 32.59
N PHE A 245 -31.59 52.87 31.66
CA PHE A 245 -31.00 54.19 31.74
C PHE A 245 -31.66 55.04 30.66
N ALA A 246 -32.23 56.18 31.03
CA ALA A 246 -32.83 57.09 30.07
C ALA A 246 -31.94 58.32 30.01
N TYR A 247 -31.30 58.52 28.86
CA TYR A 247 -30.37 59.57 28.65
C TYR A 247 -30.84 60.62 27.63
N ASP A 248 -30.40 61.87 27.84
CA ASP A 248 -30.50 62.91 26.84
C ASP A 248 -29.28 62.80 25.95
N GLY A 249 -29.52 62.56 24.66
CA GLY A 249 -28.41 62.48 23.69
C GLY A 249 -28.25 63.67 22.76
N SER A 250 -28.75 64.82 23.18
CA SER A 250 -28.65 66.09 22.39
C SER A 250 -27.26 66.67 22.37
N LEU A 251 -26.37 66.15 23.19
CA LEU A 251 -24.97 66.66 23.28
C LEU A 251 -24.94 68.17 23.55
N GLY A 252 -25.65 68.55 24.61
CA GLY A 252 -25.68 69.93 25.02
C GLY A 252 -26.76 70.72 24.35
N GLY A 253 -27.83 70.07 23.95
CA GLY A 253 -28.95 70.76 23.29
C GLY A 253 -28.79 70.99 21.79
N GLN A 254 -27.79 70.38 21.16
CA GLN A 254 -27.61 70.57 19.71
C GLN A 254 -28.54 69.75 18.83
N TYR A 255 -28.85 68.52 19.25
CA TYR A 255 -29.52 67.59 18.34
C TYR A 255 -30.70 66.96 19.02
N PRO A 256 -31.79 66.70 18.27
CA PRO A 256 -33.01 66.19 18.85
C PRO A 256 -32.99 64.67 19.06
N VAL A 257 -32.09 64.21 19.94
CA VAL A 257 -31.79 62.80 20.11
C VAL A 257 -31.86 62.34 21.57
N ILE A 258 -32.48 61.20 21.75
CA ILE A 258 -32.56 60.47 23.02
C ILE A 258 -31.85 59.12 22.88
N CYS A 259 -31.25 58.68 23.99
CA CYS A 259 -30.67 57.34 24.13
C CYS A 259 -31.26 56.64 25.33
N VAL A 260 -31.79 55.41 25.11
CA VAL A 260 -32.24 54.57 26.23
C VAL A 260 -31.46 53.24 26.25
N VAL A 261 -30.86 52.92 27.37
CA VAL A 261 -30.10 51.69 27.50
C VAL A 261 -30.75 50.69 28.46
N LEU A 262 -30.86 49.44 28.00
CA LEU A 262 -31.32 48.33 28.84
C LEU A 262 -30.13 47.45 29.28
N PHE A 263 -30.13 47.08 30.55
CA PHE A 263 -29.16 46.10 31.08
C PHE A 263 -29.90 44.77 31.25
N ASN A 264 -29.22 43.68 30.97
CA ASN A 264 -29.73 42.34 31.32
C ASN A 264 -28.79 41.68 32.29
N PRO A 265 -29.04 41.89 33.59
CA PRO A 265 -28.17 41.34 34.62
C PRO A 265 -27.95 39.81 34.52
N ALA A 266 -28.91 39.08 33.94
CA ALA A 266 -28.77 37.62 33.81
C ALA A 266 -27.57 37.23 32.95
N ASN A 267 -27.09 38.16 32.16
CA ASN A 267 -26.09 37.97 31.16
C ASN A 267 -24.88 38.85 31.24
N GLY A 268 -25.03 39.92 32.00
CA GLY A 268 -24.05 40.99 32.03
C GLY A 268 -23.96 41.85 30.77
N THR A 269 -25.06 41.97 30.02
CA THR A 269 -25.06 42.63 28.74
C THR A 269 -25.86 43.94 28.77
N CYS A 270 -25.62 44.78 27.77
CA CYS A 270 -26.44 45.99 27.58
C CYS A 270 -26.88 46.10 26.15
N PHE A 271 -27.91 46.91 25.96
CA PHE A 271 -28.50 47.16 24.66
C PHE A 271 -28.90 48.64 24.63
N ALA A 272 -28.17 49.42 23.83
CA ALA A 272 -28.41 50.87 23.68
C ALA A 272 -29.31 51.14 22.45
N SER A 273 -30.43 51.82 22.69
CA SER A 273 -31.34 52.24 21.65
C SER A 273 -31.31 53.76 21.54
N PHE A 274 -31.60 54.24 20.34
CA PHE A 274 -31.51 55.67 20.02
C PHE A 274 -32.70 56.09 19.18
N GLY A 275 -33.11 57.35 19.35
CA GLY A 275 -34.34 57.86 18.73
C GLY A 275 -34.29 59.37 18.61
N ALA A 276 -34.96 59.88 17.59
CA ALA A 276 -34.90 61.30 17.34
C ALA A 276 -36.16 61.83 16.75
N HIS A 277 -36.50 63.04 17.20
CA HIS A 277 -37.63 63.81 16.71
C HIS A 277 -37.55 65.22 17.33
N PRO A 278 -38.12 66.24 16.66
CA PRO A 278 -38.13 67.60 17.22
C PRO A 278 -38.88 67.71 18.55
N ASP A 279 -39.94 66.94 18.71
CA ASP A 279 -40.63 66.77 19.98
C ASP A 279 -39.95 65.77 20.93
N PHE A 280 -39.51 66.27 22.10
CA PHE A 280 -38.72 65.50 23.07
C PHE A 280 -39.44 64.20 23.48
N GLY A 281 -40.74 64.27 23.73
CA GLY A 281 -41.55 63.10 24.08
C GLY A 281 -41.66 62.07 22.94
N VAL A 282 -41.83 62.54 21.72
CA VAL A 282 -41.89 61.62 20.57
C VAL A 282 -40.55 60.87 20.40
N ALA A 283 -39.46 61.59 20.59
CA ALA A 283 -38.11 61.05 20.48
C ALA A 283 -37.83 59.99 21.55
N LEU A 284 -38.23 60.30 22.77
CA LEU A 284 -38.12 59.41 23.89
C LEU A 284 -38.95 58.13 23.67
N GLU A 285 -40.20 58.28 23.30
CA GLU A 285 -41.04 57.17 23.02
C GLU A 285 -40.46 56.26 21.92
N ARG A 286 -40.09 56.82 20.76
CA ARG A 286 -39.48 56.05 19.65
C ARG A 286 -38.34 55.22 20.15
N THR A 287 -37.55 55.78 21.07
CA THR A 287 -36.33 55.13 21.51
C THR A 287 -36.66 53.84 22.28
N VAL A 288 -37.69 53.91 23.10
CA VAL A 288 -38.16 52.80 23.89
C VAL A 288 -38.88 51.77 23.05
N THR A 289 -39.72 52.22 22.17
CA THR A 289 -40.44 51.35 21.30
C THR A 289 -39.51 50.60 20.27
N GLU A 290 -38.41 51.23 19.90
CA GLU A 290 -37.40 50.62 19.04
C GLU A 290 -36.71 49.50 19.80
N LEU A 291 -36.38 49.79 21.05
CA LEU A 291 -35.73 48.84 21.94
C LEU A 291 -36.40 47.46 21.92
N LEU A 292 -37.72 47.46 22.03
CA LEU A 292 -38.48 46.23 22.18
C LEU A 292 -39.13 45.74 20.88
N GLN A 293 -38.88 46.42 19.76
CA GLN A 293 -39.43 45.98 18.50
C GLN A 293 -39.08 44.54 18.15
N GLY A 294 -40.12 43.72 18.06
CA GLY A 294 -39.96 42.35 17.65
C GLY A 294 -39.37 41.49 18.75
N ARG A 295 -39.33 42.00 19.98
CA ARG A 295 -38.75 41.29 21.11
C ARG A 295 -39.74 41.19 22.28
N GLY A 296 -40.03 39.99 22.73
CA GLY A 296 -40.65 39.80 24.04
C GLY A 296 -39.59 39.95 25.11
N LEU A 297 -40.03 39.89 26.36
CA LEU A 297 -39.11 39.95 27.52
C LEU A 297 -38.13 38.76 27.64
N LYS A 298 -38.40 37.68 26.92
CA LYS A 298 -37.47 36.54 26.84
C LYS A 298 -36.49 36.61 25.66
N ASP A 299 -36.57 37.65 24.83
CA ASP A 299 -35.70 37.79 23.67
C ASP A 299 -34.61 38.89 23.83
N LEU A 300 -34.27 39.22 25.07
CA LEU A 300 -33.31 40.28 25.39
C LEU A 300 -31.93 39.71 25.75
N ASP A 301 -31.61 38.57 25.15
CA ASP A 301 -30.46 37.76 25.56
C ASP A 301 -29.36 37.72 24.51
N VAL A 302 -29.47 38.54 23.45
CA VAL A 302 -28.56 38.46 22.30
C VAL A 302 -27.56 39.62 22.21
N PHE A 303 -27.42 40.38 23.30
CA PHE A 303 -26.56 41.56 23.27
C PHE A 303 -25.21 41.29 23.88
N THR A 304 -24.42 42.34 24.10
CA THR A 304 -23.02 42.16 24.47
C THR A 304 -22.70 42.95 25.75
N PRO A 305 -21.74 42.45 26.51
CA PRO A 305 -21.33 43.22 27.63
C PRO A 305 -20.67 44.54 27.22
N PRO A 306 -20.78 45.56 28.06
CA PRO A 306 -19.97 46.76 27.83
C PRO A 306 -18.49 46.49 27.93
N THR A 307 -17.68 47.44 27.48
CA THR A 307 -16.24 47.24 27.44
C THR A 307 -15.53 48.54 27.84
N PHE A 308 -14.27 48.41 28.21
CA PHE A 308 -13.36 49.54 28.40
C PHE A 308 -12.42 49.76 27.20
N ASP A 309 -12.47 48.90 26.19
CA ASP A 309 -11.61 49.01 25.05
C ASP A 309 -12.10 50.12 24.11
N ASP A 310 -11.47 51.29 24.20
CA ASP A 310 -11.90 52.48 23.47
C ASP A 310 -11.81 52.26 21.95
N GLU A 311 -10.76 51.60 21.49
CA GLU A 311 -10.47 51.50 20.05
C GLU A 311 -11.49 50.62 19.37
N GLU A 312 -11.85 49.52 20.01
CA GLU A 312 -12.79 48.57 19.43
C GLU A 312 -14.19 49.12 19.33
N VAL A 313 -14.55 49.98 20.25
CA VAL A 313 -15.83 50.66 20.21
C VAL A 313 -15.92 51.66 19.06
N ALA A 314 -14.79 52.30 18.75
CA ALA A 314 -14.73 53.32 17.72
C ALA A 314 -14.59 52.71 16.35
N GLU A 315 -14.14 51.47 16.29
CA GLU A 315 -13.97 50.77 15.01
C GLU A 315 -15.23 50.90 14.18
N HIS A 316 -15.07 51.27 12.91
CA HIS A 316 -16.23 51.48 12.08
C HIS A 316 -17.08 50.21 11.93
N THR A 317 -16.44 49.04 11.95
CA THR A 317 -17.19 47.77 11.87
C THR A 317 -18.10 47.61 13.08
N ASN A 318 -17.67 48.10 14.24
CA ASN A 318 -18.54 48.09 15.40
C ASN A 318 -19.79 48.96 15.20
N LEU A 319 -19.60 50.12 14.59
CA LEU A 319 -20.73 51.02 14.29
C LEU A 319 -21.62 50.42 13.19
N GLU A 320 -21.02 49.73 12.24
CA GLU A 320 -21.83 49.06 11.24
C GLU A 320 -22.69 47.98 11.88
N THR A 321 -22.10 47.19 12.77
CA THR A 321 -22.84 46.16 13.48
C THR A 321 -24.00 46.79 14.19
N HIS A 322 -23.74 47.87 14.94
CA HIS A 322 -24.83 48.57 15.63
C HIS A 322 -25.95 48.97 14.69
N PHE A 323 -25.60 49.38 13.48
CA PHE A 323 -26.64 49.69 12.50
C PHE A 323 -27.43 48.44 12.11
N ILE A 324 -26.72 47.34 11.88
CA ILE A 324 -27.35 46.12 11.40
C ILE A 324 -28.23 45.46 12.46
N ASP A 325 -27.74 45.27 13.69
CA ASP A 325 -28.57 44.62 14.73
C ASP A 325 -28.39 45.12 16.18
N SER A 326 -27.82 46.31 16.33
CA SER A 326 -27.57 46.91 17.65
C SER A 326 -26.76 46.07 18.67
N SER A 327 -26.16 44.96 18.22
CA SER A 327 -25.42 44.05 19.09
C SER A 327 -23.92 44.41 19.11
N GLY A 328 -23.58 45.64 18.80
CA GLY A 328 -22.20 46.09 18.84
C GLY A 328 -21.80 46.43 20.27
N LEU A 329 -20.52 46.75 20.42
CA LEU A 329 -19.94 47.10 21.71
C LEU A 329 -20.30 48.53 22.12
N ILE A 330 -20.53 48.69 23.43
CA ILE A 330 -20.79 49.97 24.08
C ILE A 330 -19.77 50.16 25.19
N SER A 331 -19.20 51.35 25.31
CA SER A 331 -18.27 51.67 26.36
C SER A 331 -18.99 51.77 27.68
N TRP A 332 -18.32 51.28 28.72
CA TRP A 332 -18.73 51.51 30.09
C TRP A 332 -18.88 53.00 30.40
N ASP A 333 -18.10 53.83 29.71
CA ASP A 333 -18.13 55.27 29.97
C ASP A 333 -19.49 55.90 29.73
N LEU A 334 -20.34 55.25 28.93
CA LEU A 334 -21.67 55.76 28.73
C LEU A 334 -22.41 55.88 30.06
N PHE A 335 -22.05 55.00 30.99
CA PHE A 335 -22.79 54.86 32.24
C PHE A 335 -22.10 55.51 33.43
N LYS A 336 -21.06 56.28 33.16
CA LYS A 336 -20.41 57.07 34.20
C LYS A 336 -21.36 58.00 34.95
N GLN A 337 -21.03 58.21 36.24
CA GLN A 337 -21.79 59.11 37.09
C GLN A 337 -21.80 60.52 36.51
N ASP A 338 -20.62 61.04 36.17
CA ASP A 338 -20.50 62.37 35.57
C ASP A 338 -20.72 62.31 34.05
N ALA A 339 -21.67 63.11 33.58
CA ALA A 339 -21.96 63.23 32.18
C ALA A 339 -20.99 64.21 31.53
N ASP A 340 -20.75 64.05 30.22
CA ASP A 340 -19.86 64.95 29.51
C ASP A 340 -20.62 66.17 28.95
N TYR A 341 -21.93 66.16 29.04
CA TYR A 341 -22.75 67.30 28.69
C TYR A 341 -23.83 67.40 29.75
N PRO A 342 -24.27 68.64 30.08
CA PRO A 342 -25.36 68.71 31.03
C PRO A 342 -26.66 68.32 30.33
N PHE A 343 -27.62 67.85 31.10
CA PHE A 343 -28.95 67.65 30.57
C PHE A 343 -29.53 68.95 30.01
N VAL A 344 -30.24 68.87 28.90
CA VAL A 344 -30.99 70.02 28.36
C VAL A 344 -32.40 69.58 28.01
N ASP A 345 -33.40 70.26 28.57
CA ASP A 345 -34.79 69.92 28.32
C ASP A 345 -35.16 70.53 26.99
N TRP A 346 -34.69 69.91 25.90
CA TRP A 346 -34.75 70.53 24.59
C TRP A 346 -36.13 70.36 23.94
N ASN A 347 -36.39 71.22 22.97
CA ASN A 347 -37.63 71.24 22.24
C ASN A 347 -37.41 71.96 20.91
N PHE A 348 -37.71 71.29 19.79
CA PHE A 348 -37.59 71.85 18.46
C PHE A 348 -38.94 71.71 17.76
N SER A 349 -40.00 71.46 18.52
CA SER A 349 -41.27 71.06 17.96
C SER A 349 -42.06 72.23 17.38
N GLY A 350 -43.09 71.86 16.62
CA GLY A 350 -44.03 72.79 15.98
C GLY A 350 -44.85 72.02 14.96
N THR A 351 -45.31 72.71 13.92
CA THR A 351 -45.99 71.98 12.82
C THR A 351 -44.92 71.24 12.04
N THR A 352 -45.34 70.34 11.17
CA THR A 352 -44.38 69.58 10.36
C THR A 352 -43.60 70.52 9.44
N GLU A 353 -44.29 71.50 8.89
CA GLU A 353 -43.60 72.55 8.14
C GLU A 353 -42.51 73.26 8.93
N GLU A 354 -42.85 73.70 10.13
CA GLU A 354 -41.86 74.43 10.96
C GLU A 354 -40.74 73.47 11.35
N GLU A 355 -41.12 72.23 11.66
CA GLU A 355 -40.12 71.23 12.05
C GLU A 355 -39.11 70.96 10.94
N PHE A 356 -39.57 70.88 9.71
CA PHE A 356 -38.67 70.71 8.58
C PHE A 356 -37.67 71.85 8.47
N ALA A 357 -38.16 73.08 8.56
CA ALA A 357 -37.28 74.26 8.50
C ALA A 357 -36.33 74.27 9.70
N THR A 358 -36.83 73.96 10.88
CA THR A 358 -35.96 73.94 12.06
C THR A 358 -34.80 72.94 11.89
N LEU A 359 -35.09 71.75 11.35
CA LEU A 359 -34.05 70.72 11.19
C LEU A 359 -33.07 71.07 10.08
N MET A 360 -33.59 71.65 9.00
CA MET A 360 -32.70 72.12 7.92
C MET A 360 -31.74 73.21 8.41
N ALA A 361 -32.20 74.04 9.33
CA ALA A 361 -31.35 75.08 9.93
C ALA A 361 -30.14 74.45 10.66
N ILE A 362 -30.35 73.31 11.31
CA ILE A 362 -29.23 72.59 11.98
C ILE A 362 -28.24 72.08 10.95
N PHE A 363 -28.71 71.48 9.85
CA PHE A 363 -27.79 71.09 8.80
C PHE A 363 -27.07 72.27 8.17
N ASN A 364 -27.80 73.38 7.92
CA ASN A 364 -27.17 74.59 7.40
C ASN A 364 -26.04 75.03 8.34
N LYS A 365 -26.31 75.07 9.64
CA LYS A 365 -25.28 75.40 10.61
C LYS A 365 -24.09 74.44 10.66
N GLU A 366 -24.33 73.16 10.37
CA GLU A 366 -23.23 72.18 10.25
C GLU A 366 -22.45 72.38 8.98
N ASP A 367 -22.96 73.23 8.11
CA ASP A 367 -22.40 73.38 6.78
C ASP A 367 -22.43 72.02 6.04
N LYS A 368 -23.56 71.35 6.10
CA LYS A 368 -23.70 70.05 5.45
C LYS A 368 -24.86 70.10 4.46
N GLU A 369 -24.54 69.94 3.18
CA GLU A 369 -25.55 69.98 2.15
C GLU A 369 -26.49 68.81 2.36
N VAL A 370 -27.76 69.04 2.04
CA VAL A 370 -28.80 68.00 2.12
C VAL A 370 -29.35 67.73 0.73
N TYR A 371 -29.41 66.45 0.34
CA TYR A 371 -29.98 66.07 -0.92
C TYR A 371 -31.24 65.21 -0.70
N ILE A 372 -32.35 65.56 -1.36
CA ILE A 372 -33.63 64.82 -1.16
C ILE A 372 -34.24 64.36 -2.48
N ALA A 373 -34.48 63.04 -2.58
CA ALA A 373 -35.27 62.49 -3.70
C ALA A 373 -36.68 62.27 -3.20
N ASP A 374 -37.65 62.72 -3.97
CA ASP A 374 -39.04 62.56 -3.65
C ASP A 374 -39.63 61.48 -4.51
N TYR A 375 -40.57 60.73 -3.95
CA TYR A 375 -41.24 59.64 -4.66
C TYR A 375 -42.69 59.73 -4.30
N GLU A 376 -43.54 59.73 -5.31
CA GLU A 376 -45.00 59.72 -5.10
C GLU A 376 -45.69 58.72 -6.03
N HIS A 377 -44.91 57.90 -6.73
CA HIS A 377 -45.44 56.97 -7.71
C HIS A 377 -46.28 55.81 -7.14
N LEU A 378 -46.20 55.59 -5.85
CA LEU A 378 -47.05 54.61 -5.22
C LEU A 378 -48.24 55.20 -4.52
N GLY A 379 -48.50 56.49 -4.75
CA GLY A 379 -49.68 57.17 -4.14
C GLY A 379 -49.52 57.59 -2.68
N VAL A 380 -48.30 57.46 -2.17
CA VAL A 380 -47.97 57.88 -0.84
C VAL A 380 -46.67 58.64 -0.99
N TYR A 381 -46.52 59.73 -0.26
CA TYR A 381 -45.26 60.41 -0.31
C TYR A 381 -44.16 59.58 0.40
N ALA A 382 -43.04 59.44 -0.28
CA ALA A 382 -41.84 58.91 0.32
C ALA A 382 -40.66 59.74 -0.12
N CYS A 383 -39.57 59.67 0.64
CA CYS A 383 -38.33 60.36 0.27
C CYS A 383 -37.14 59.57 0.67
N ARG A 384 -36.00 59.98 0.13
CA ARG A 384 -34.74 59.47 0.50
C ARG A 384 -33.79 60.63 0.60
N ILE A 385 -33.21 60.81 1.79
CA ILE A 385 -32.38 61.94 2.10
C ILE A 385 -30.93 61.53 2.36
N ILE A 386 -30.01 62.15 1.64
CA ILE A 386 -28.56 61.93 1.82
C ILE A 386 -27.94 63.21 2.35
N VAL A 387 -27.14 63.08 3.39
CA VAL A 387 -26.37 64.19 3.92
C VAL A 387 -24.91 63.73 4.04
N PRO A 388 -24.14 63.87 2.97
CA PRO A 388 -22.75 63.34 2.99
C PRO A 388 -21.96 63.91 4.15
N GLY A 389 -21.34 63.05 4.95
CA GLY A 389 -20.64 63.44 6.14
C GLY A 389 -21.47 63.36 7.38
N MET A 390 -22.76 63.03 7.24
CA MET A 390 -23.61 62.83 8.42
C MET A 390 -24.48 61.57 8.33
N SER A 391 -25.15 61.36 7.21
CA SER A 391 -26.05 60.24 7.07
C SER A 391 -25.38 58.93 6.59
N ASP A 392 -24.10 58.98 6.24
CA ASP A 392 -23.39 57.79 5.76
C ASP A 392 -23.40 56.71 6.85
N ILE A 393 -23.64 55.48 6.44
CA ILE A 393 -23.50 54.35 7.33
C ILE A 393 -22.16 53.68 7.19
N TYR A 394 -21.63 53.64 5.96
CA TYR A 394 -20.36 53.00 5.68
C TYR A 394 -19.39 54.04 5.14
N PRO A 395 -18.09 53.86 5.38
CA PRO A 395 -17.15 54.87 4.94
C PRO A 395 -16.86 54.78 3.45
N ALA A 396 -16.49 55.91 2.86
CA ALA A 396 -16.38 55.98 1.40
C ALA A 396 -15.33 55.03 0.88
N GLU A 397 -14.32 54.69 1.71
CA GLU A 397 -13.30 53.72 1.28
C GLU A 397 -13.92 52.37 0.87
N ASP A 398 -15.12 52.07 1.37
CA ASP A 398 -15.80 50.83 1.02
C ASP A 398 -16.15 50.75 -0.45
N LEU A 399 -16.26 51.89 -1.12
CA LEU A 399 -16.48 51.89 -2.56
C LEU A 399 -15.38 51.14 -3.27
N TRP A 400 -14.16 51.20 -2.71
CA TRP A 400 -13.01 50.40 -3.18
C TRP A 400 -12.88 49.02 -2.54
N LEU A 401 -13.10 48.95 -1.23
CA LEU A 401 -12.78 47.75 -0.46
C LEU A 401 -13.95 46.75 -0.21
N ALA A 402 -15.18 47.22 -0.21
CA ALA A 402 -16.34 46.38 0.10
C ALA A 402 -17.53 46.81 -0.75
N ASN A 403 -17.33 46.85 -2.05
CA ASN A 403 -18.38 47.27 -2.95
C ASN A 403 -19.31 46.12 -3.30
N ASN A 404 -20.61 46.29 -3.08
CA ASN A 404 -21.54 45.20 -3.32
C ASN A 404 -21.72 44.80 -4.79
N SER A 405 -21.08 45.49 -5.72
CA SER A 405 -21.12 45.08 -7.13
C SER A 405 -19.76 44.55 -7.60
N MET A 406 -18.84 44.45 -6.66
CA MET A 406 -17.53 43.83 -6.92
C MET A 406 -17.47 42.50 -7.63
N GLY A 407 -18.47 41.66 -7.48
CA GLY A 407 -18.44 40.35 -8.12
C GLY A 407 -19.34 40.18 -9.31
N SER A 408 -19.90 41.28 -9.79
CA SER A 408 -20.79 41.23 -10.93
C SER A 408 -20.11 40.63 -12.15
N HIS A 409 -18.87 41.00 -12.38
CA HIS A 409 -18.17 40.55 -13.58
C HIS A 409 -17.95 39.02 -13.60
N LEU A 410 -18.04 38.37 -12.43
CA LEU A 410 -17.91 36.91 -12.34
C LEU A 410 -19.26 36.18 -12.40
N ARG A 411 -20.36 36.91 -12.41
CA ARG A 411 -21.67 36.29 -12.28
C ARG A 411 -21.91 35.27 -13.39
N GLU A 412 -21.79 35.71 -14.64
CA GLU A 412 -22.05 34.82 -15.78
C GLU A 412 -21.24 33.53 -15.68
N THR A 413 -19.95 33.68 -15.41
CA THR A 413 -19.03 32.56 -15.30
C THR A 413 -19.45 31.58 -14.21
N ILE A 414 -19.76 32.09 -13.03
CA ILE A 414 -20.09 31.21 -11.92
C ILE A 414 -21.42 30.52 -12.14
N LEU A 415 -22.41 31.25 -12.63
CA LEU A 415 -23.71 30.67 -12.90
C LEU A 415 -23.67 29.61 -13.99
N SER A 416 -22.65 29.66 -14.86
CA SER A 416 -22.52 28.66 -15.92
C SER A 416 -21.85 27.35 -15.45
N LEU A 417 -21.33 27.29 -14.22
CA LEU A 417 -20.51 26.15 -13.81
C LEU A 417 -21.25 24.84 -13.78
N PRO A 418 -22.46 24.79 -13.24
CA PRO A 418 -23.19 23.55 -13.33
C PRO A 418 -23.44 23.14 -14.78
N GLY A 419 -23.01 21.95 -15.15
CA GLY A 419 -23.14 21.50 -16.54
C GLY A 419 -22.06 22.02 -17.48
N SER A 420 -21.15 22.83 -16.96
CA SER A 420 -20.04 23.34 -17.75
C SER A 420 -19.16 22.14 -18.07
N GLU A 421 -18.43 22.24 -19.16
CA GLU A 421 -17.58 21.16 -19.62
C GLU A 421 -16.25 21.71 -20.08
N TRP A 422 -15.65 22.55 -19.24
CA TRP A 422 -14.37 23.16 -19.55
C TRP A 422 -13.27 22.15 -19.42
N GLU A 423 -12.09 22.56 -19.84
CA GLU A 423 -10.86 21.84 -19.52
C GLU A 423 -10.57 22.00 -18.02
N LYS A 424 -9.99 20.96 -17.44
CA LYS A 424 -9.59 20.98 -16.06
C LYS A 424 -8.87 22.24 -15.63
N GLU A 425 -7.92 22.67 -16.45
CA GLU A 425 -7.09 23.82 -16.11
C GLU A 425 -7.92 25.11 -15.94
N ASP A 426 -9.02 25.23 -16.68
CA ASP A 426 -9.89 26.42 -16.56
C ASP A 426 -10.59 26.50 -15.19
N TYR A 427 -10.96 25.33 -14.67
CA TYR A 427 -11.50 25.28 -13.32
C TYR A 427 -10.46 25.69 -12.28
N LEU A 428 -9.25 25.19 -12.40
CA LEU A 428 -8.20 25.52 -11.43
C LEU A 428 -7.77 26.97 -11.55
N ASN A 429 -7.78 27.49 -12.76
CA ASN A 429 -7.47 28.90 -13.01
C ASN A 429 -8.46 29.80 -12.34
N LEU A 430 -9.73 29.43 -12.36
CA LEU A 430 -10.73 30.23 -11.69
C LEU A 430 -10.50 30.29 -10.18
N ILE A 431 -10.01 29.20 -9.58
CA ILE A 431 -9.58 29.27 -8.17
C ILE A 431 -8.54 30.37 -7.95
N GLU A 432 -7.51 30.40 -8.79
CA GLU A 432 -6.46 31.39 -8.67
C GLU A 432 -7.01 32.80 -8.86
N GLN A 433 -7.95 32.95 -9.80
CA GLN A 433 -8.57 34.26 -10.07
C GLN A 433 -9.31 34.75 -8.84
N LEU A 434 -10.06 33.87 -8.18
CA LEU A 434 -10.75 34.25 -6.96
C LEU A 434 -9.77 34.69 -5.86
N ASP A 435 -8.65 33.98 -5.73
CA ASP A 435 -7.63 34.35 -4.73
C ASP A 435 -6.99 35.67 -5.06
N GLU A 436 -6.56 35.81 -6.30
CA GLU A 436 -5.94 37.07 -6.76
C GLU A 436 -6.87 38.27 -6.70
N GLU A 437 -8.15 38.08 -6.94
CA GLU A 437 -9.09 39.19 -6.75
C GLU A 437 -9.43 39.45 -5.28
N GLY A 438 -8.97 38.55 -4.40
CA GLY A 438 -8.98 38.79 -2.97
C GLY A 438 -10.32 38.63 -2.29
N PHE A 439 -11.20 37.79 -2.85
CA PHE A 439 -12.47 37.54 -2.19
C PHE A 439 -12.25 36.72 -0.93
N ASP A 440 -12.96 37.07 0.14
CA ASP A 440 -12.97 36.31 1.35
C ASP A 440 -13.65 34.96 1.10
N ASP A 441 -13.03 33.90 1.61
CA ASP A 441 -13.52 32.56 1.49
C ASP A 441 -14.88 32.42 2.12
N PHE A 442 -15.14 33.21 3.16
CA PHE A 442 -16.40 33.18 3.88
C PHE A 442 -17.55 33.89 3.17
N THR A 443 -17.27 34.62 2.12
CA THR A 443 -18.34 35.33 1.44
C THR A 443 -19.34 34.36 0.81
N ARG A 444 -20.62 34.64 1.01
CA ARG A 444 -21.69 33.91 0.37
C ARG A 444 -21.76 34.30 -1.10
N VAL A 445 -21.65 33.32 -1.97
CA VAL A 445 -21.74 33.52 -3.42
C VAL A 445 -23.07 34.18 -3.77
N ARG A 446 -24.15 33.78 -3.12
CA ARG A 446 -25.45 34.38 -3.42
C ARG A 446 -25.52 35.90 -3.07
N GLU A 447 -24.80 36.33 -2.03
CA GLU A 447 -24.73 37.75 -1.69
C GLU A 447 -23.82 38.48 -2.66
N LEU A 448 -22.68 37.90 -2.92
CA LEU A 448 -21.75 38.45 -3.94
C LEU A 448 -22.40 38.67 -5.30
N LEU A 449 -23.31 37.79 -5.71
CA LEU A 449 -23.89 37.84 -7.04
C LEU A 449 -25.31 38.36 -7.04
N GLY A 450 -25.90 38.58 -5.85
CA GLY A 450 -27.21 39.15 -5.73
C GLY A 450 -28.31 38.19 -6.13
N LEU A 451 -28.27 36.98 -5.57
CA LEU A 451 -29.24 35.92 -5.91
C LEU A 451 -30.15 35.58 -4.74
N ALA A 452 -31.43 35.69 -5.00
CA ALA A 452 -32.46 35.18 -4.14
C ALA A 452 -32.67 33.67 -4.48
N THR A 453 -31.84 32.84 -3.87
CA THR A 453 -31.73 31.43 -4.21
C THR A 453 -32.86 30.59 -3.71
N GLY A 454 -33.50 31.06 -2.63
CA GLY A 454 -34.41 30.20 -1.87
C GLY A 454 -33.55 29.31 -1.00
N SER A 455 -34.18 28.53 -0.13
CA SER A 455 -33.47 27.80 0.94
C SER A 455 -33.26 26.32 0.64
N ASP A 456 -33.76 25.88 -0.51
CA ASP A 456 -33.80 24.46 -0.81
C ASP A 456 -32.88 24.09 -1.94
N ASN A 457 -31.67 24.63 -1.97
CA ASN A 457 -30.65 24.17 -2.93
C ASN A 457 -29.32 24.63 -2.41
N GLY A 458 -28.25 24.17 -3.05
CA GLY A 458 -26.92 24.39 -2.56
C GLY A 458 -26.38 25.79 -2.74
N TRP A 459 -27.01 26.56 -3.60
CA TRP A 459 -26.60 27.97 -3.77
C TRP A 459 -26.89 28.77 -2.52
N TYR A 460 -27.87 28.33 -1.76
CA TYR A 460 -28.29 29.05 -0.56
C TYR A 460 -27.17 29.24 0.44
N THR A 461 -26.35 28.20 0.58
CA THR A 461 -25.31 28.13 1.61
C THR A 461 -23.91 28.19 1.04
N LEU A 462 -23.82 28.31 -0.28
CA LEU A 462 -22.53 28.26 -0.95
C LEU A 462 -21.64 29.47 -0.64
N ARG A 463 -20.47 29.21 -0.06
CA ARG A 463 -19.46 30.22 0.16
C ARG A 463 -18.26 29.99 -0.76
N ILE A 464 -17.45 31.04 -0.92
CA ILE A 464 -16.33 31.00 -1.85
C ILE A 464 -15.47 29.78 -1.58
N GLY A 465 -15.21 29.51 -0.31
CA GLY A 465 -14.41 28.35 0.07
C GLY A 465 -14.96 27.05 -0.48
N GLU A 466 -16.28 26.87 -0.41
CA GLU A 466 -16.93 25.70 -0.93
C GLU A 466 -16.86 25.67 -2.45
N LEU A 467 -17.03 26.84 -3.08
CA LEU A 467 -16.89 26.92 -4.54
C LEU A 467 -15.49 26.47 -4.97
N LYS A 468 -14.49 26.83 -4.20
CA LYS A 468 -13.13 26.35 -4.46
C LYS A 468 -13.03 24.81 -4.37
N ALA A 469 -13.74 24.21 -3.42
CA ALA A 469 -13.77 22.76 -3.34
C ALA A 469 -14.35 22.17 -4.62
N MET A 470 -15.41 22.78 -5.11
CA MET A 470 -16.09 22.27 -6.29
C MET A 470 -15.23 22.44 -7.54
N LEU A 471 -14.61 23.60 -7.68
CA LEU A 471 -13.69 23.82 -8.78
C LEU A 471 -12.48 22.92 -8.75
N ALA A 472 -11.96 22.62 -7.57
CA ALA A 472 -10.82 21.69 -7.41
C ALA A 472 -11.20 20.31 -7.90
N LEU A 473 -12.41 19.88 -7.54
CA LEU A 473 -12.91 18.59 -8.03
C LEU A 473 -13.08 18.56 -9.59
N ALA A 474 -13.77 19.56 -10.13
CA ALA A 474 -13.99 19.69 -11.56
C ALA A 474 -12.66 19.79 -12.30
N GLY A 475 -11.69 20.44 -11.66
CA GLY A 475 -10.35 20.57 -12.20
C GLY A 475 -9.39 19.42 -11.91
N GLY A 476 -9.86 18.39 -11.22
CA GLY A 476 -9.01 17.21 -10.95
C GLY A 476 -7.95 17.33 -9.89
N ASP A 477 -7.98 18.37 -9.08
CA ASP A 477 -6.98 18.53 -8.00
C ASP A 477 -7.52 18.08 -6.63
N LEU A 478 -7.31 16.81 -6.31
CA LEU A 478 -7.93 16.17 -5.16
C LEU A 478 -7.30 16.57 -3.87
N GLU A 479 -6.11 17.11 -3.91
CA GLU A 479 -5.50 17.68 -2.69
C GLU A 479 -6.18 18.98 -2.32
N GLN A 480 -6.30 19.90 -3.28
CA GLN A 480 -7.03 21.15 -3.03
C GLN A 480 -8.49 20.83 -2.71
N ALA A 481 -9.05 19.82 -3.38
CA ALA A 481 -10.45 19.45 -3.07
C ALA A 481 -10.64 19.09 -1.60
N LEU A 482 -9.68 18.34 -1.06
CA LEU A 482 -9.75 17.92 0.32
C LEU A 482 -9.66 19.13 1.26
N VAL A 483 -8.69 19.98 1.03
CA VAL A 483 -8.50 21.15 1.87
C VAL A 483 -9.81 21.92 1.98
N TRP A 484 -10.44 22.18 0.84
CA TRP A 484 -11.62 23.06 0.83
C TRP A 484 -12.88 22.33 1.18
N THR A 485 -12.88 21.01 1.02
CA THR A 485 -13.99 20.21 1.51
C THR A 485 -13.99 20.18 3.04
N GLU A 486 -12.82 20.11 3.66
CA GLU A 486 -12.75 20.15 5.13
C GLU A 486 -13.14 21.52 5.67
N TRP A 487 -12.60 22.56 5.05
CA TRP A 487 -13.05 23.94 5.32
C TRP A 487 -14.57 24.05 5.23
N THR A 488 -15.14 23.49 4.17
CA THR A 488 -16.59 23.60 3.94
C THR A 488 -17.36 23.03 5.13
N MET A 489 -16.97 21.84 5.57
CA MET A 489 -17.68 21.18 6.69
C MET A 489 -17.42 21.85 8.01
N GLU A 490 -16.18 22.27 8.24
CA GLU A 490 -15.84 23.01 9.42
C GLU A 490 -16.69 24.26 9.60
N PHE A 491 -16.91 25.00 8.54
CA PHE A 491 -17.62 26.29 8.65
C PHE A 491 -19.06 26.34 8.09
N ASN A 492 -19.60 25.22 7.59
CA ASN A 492 -20.98 25.22 7.05
C ASN A 492 -21.86 24.04 7.36
N SER A 493 -21.30 22.92 7.79
CA SER A 493 -22.12 21.72 7.99
C SER A 493 -23.35 22.03 8.81
N SER A 494 -23.21 22.92 9.80
CA SER A 494 -24.32 23.28 10.69
C SER A 494 -25.58 23.82 9.96
N VAL A 495 -25.39 24.53 8.86
CA VAL A 495 -26.51 25.11 8.12
C VAL A 495 -26.93 24.31 6.88
N PHE A 496 -26.18 23.30 6.50
CA PHE A 496 -26.64 22.40 5.42
C PHE A 496 -27.88 21.61 5.80
N SER A 497 -28.70 21.28 4.81
CA SER A 497 -29.79 20.32 5.02
C SER A 497 -29.14 18.98 5.37
N PRO A 498 -29.89 18.11 6.04
CA PRO A 498 -29.33 16.78 6.34
C PRO A 498 -28.75 16.08 5.10
N GLU A 499 -29.43 16.18 3.97
CA GLU A 499 -29.03 15.49 2.75
C GLU A 499 -27.68 16.04 2.28
N ARG A 500 -27.52 17.36 2.38
CA ARG A 500 -26.32 17.99 1.90
C ARG A 500 -25.14 17.73 2.84
N ALA A 501 -25.41 17.71 4.13
CA ALA A 501 -24.40 17.42 5.09
C ALA A 501 -23.91 16.00 4.91
N ASN A 502 -24.84 15.09 4.70
CA ASN A 502 -24.49 13.72 4.49
C ASN A 502 -23.59 13.57 3.27
N TYR A 503 -23.94 14.27 2.21
CA TYR A 503 -23.15 14.23 0.95
C TYR A 503 -21.73 14.66 1.27
N TYR A 504 -21.56 15.67 2.13
CA TYR A 504 -20.23 16.20 2.42
C TYR A 504 -19.41 15.34 3.36
N ARG A 505 -20.03 14.66 4.32
CA ARG A 505 -19.34 13.61 5.07
C ARG A 505 -18.85 12.50 4.14
N CYS A 506 -19.70 12.07 3.23
CA CYS A 506 -19.33 11.06 2.23
C CYS A 506 -18.16 11.49 1.38
N LEU A 507 -18.28 12.67 0.78
CA LEU A 507 -17.23 13.19 -0.10
C LEU A 507 -15.91 13.31 0.63
N GLN A 508 -15.92 13.90 1.84
CA GLN A 508 -14.73 14.03 2.61
C GLN A 508 -14.13 12.65 2.93
N THR A 509 -14.95 11.69 3.33
CA THR A 509 -14.44 10.31 3.52
C THR A 509 -13.71 9.79 2.25
N LEU A 510 -14.30 10.01 1.09
CA LEU A 510 -13.69 9.51 -0.17
C LEU A 510 -12.41 10.26 -0.50
N LEU A 511 -12.36 11.55 -0.20
CA LEU A 511 -11.19 12.31 -0.50
C LEU A 511 -10.07 11.93 0.47
N LEU A 512 -10.39 11.65 1.72
CA LEU A 512 -9.39 11.12 2.65
C LEU A 512 -8.86 9.76 2.15
N LEU A 513 -9.78 8.90 1.70
CA LEU A 513 -9.40 7.57 1.20
C LEU A 513 -8.46 7.68 0.01
N ALA A 514 -8.69 8.67 -0.85
CA ALA A 514 -7.87 8.88 -2.03
C ALA A 514 -6.40 9.21 -1.66
N GLN A 515 -6.18 9.74 -0.46
CA GLN A 515 -4.83 9.98 0.05
C GLN A 515 -4.20 8.75 0.69
N GLU A 516 -4.96 7.70 0.85
CA GLU A 516 -4.43 6.44 1.46
C GLU A 516 -3.89 5.46 0.39
N GLU A 517 -2.62 5.59 0.10
CA GLU A 517 -1.98 4.85 -0.99
C GLU A 517 -2.02 3.34 -0.76
N ASP A 518 -1.99 2.90 0.49
CA ASP A 518 -2.00 1.47 0.76
C ASP A 518 -3.37 0.87 0.99
N ARG A 519 -4.43 1.58 0.63
CA ARG A 519 -5.76 1.03 0.87
C ARG A 519 -6.53 0.91 -0.41
N GLN A 520 -7.33 -0.14 -0.49
CA GLN A 520 -8.14 -0.41 -1.67
C GLN A 520 -9.58 0.00 -1.48
N PRO A 521 -10.03 0.99 -2.26
CA PRO A 521 -11.36 1.50 -2.16
C PRO A 521 -12.49 0.49 -2.16
N LEU A 522 -12.37 -0.57 -2.94
CA LEU A 522 -13.45 -1.57 -2.99
C LEU A 522 -13.65 -2.30 -1.64
N GLN A 523 -12.62 -2.38 -0.83
CA GLN A 523 -12.76 -2.99 0.49
C GLN A 523 -13.78 -2.23 1.37
N TYR A 524 -13.97 -0.91 1.13
CA TYR A 524 -14.78 -0.04 1.99
C TYR A 524 -16.15 0.30 1.45
N LEU A 525 -16.43 -0.09 0.21
CA LEU A 525 -17.62 0.38 -0.50
C LEU A 525 -18.92 0.02 0.18
N ASN A 526 -19.03 -1.23 0.63
CA ASN A 526 -20.25 -1.67 1.28
C ASN A 526 -20.49 -0.85 2.56
N ALA A 527 -19.42 -0.60 3.30
CA ALA A 527 -19.50 0.20 4.52
C ALA A 527 -19.92 1.63 4.18
N PHE A 528 -19.34 2.18 3.12
CA PHE A 528 -19.71 3.54 2.65
C PHE A 528 -21.16 3.63 2.23
N VAL A 529 -21.67 2.61 1.55
CA VAL A 529 -23.07 2.60 1.14
C VAL A 529 -23.99 2.51 2.36
N ARG A 530 -23.60 1.73 3.37
CA ARG A 530 -24.45 1.60 4.59
C ARG A 530 -24.39 2.88 5.44
N MET A 531 -23.25 3.55 5.47
CA MET A 531 -23.16 4.83 6.24
C MET A 531 -23.85 6.00 5.52
N TYR A 532 -23.56 6.17 4.22
CA TYR A 532 -23.96 7.37 3.47
C TYR A 532 -25.12 7.20 2.48
N GLY A 533 -25.53 6.00 2.19
CA GLY A 533 -26.57 5.73 1.19
C GLY A 533 -25.92 5.61 -0.17
N ALA A 534 -26.52 4.82 -1.05
CA ALA A 534 -26.03 4.67 -2.45
C ALA A 534 -26.01 5.96 -3.22
N ASP A 535 -27.05 6.78 -3.07
CA ASP A 535 -27.11 8.03 -3.83
C ASP A 535 -25.92 8.94 -3.54
N ALA A 536 -25.62 9.16 -2.27
CA ALA A 536 -24.50 10.02 -1.87
C ALA A 536 -23.17 9.46 -2.31
N VAL A 537 -23.01 8.15 -2.22
CA VAL A 537 -21.77 7.54 -2.67
C VAL A 537 -21.61 7.78 -4.17
N GLU A 538 -22.72 7.63 -4.89
CA GLU A 538 -22.75 7.87 -6.34
C GLU A 538 -22.47 9.31 -6.70
N ALA A 539 -23.15 10.24 -6.04
CA ALA A 539 -22.91 11.68 -6.29
C ALA A 539 -21.49 12.12 -5.94
N ALA A 540 -20.97 11.66 -4.80
CA ALA A 540 -19.61 11.99 -4.37
C ALA A 540 -18.56 11.44 -5.31
N SER A 541 -18.75 10.23 -5.82
CA SER A 541 -17.80 9.66 -6.78
C SER A 541 -17.87 10.42 -8.09
N ALA A 542 -19.07 10.78 -8.51
CA ALA A 542 -19.24 11.56 -9.70
C ALA A 542 -18.55 12.92 -9.55
N ALA A 543 -18.52 13.46 -8.34
CA ALA A 543 -17.82 14.73 -8.10
C ALA A 543 -16.30 14.53 -8.22
N MET A 544 -15.81 13.40 -7.72
CA MET A 544 -14.39 13.10 -7.69
C MET A 544 -13.82 12.73 -9.04
N SER A 545 -14.65 12.21 -9.92
CA SER A 545 -14.27 11.97 -11.32
C SER A 545 -14.21 13.27 -12.14
N GLY A 546 -14.83 14.33 -11.62
CA GLY A 546 -14.83 15.64 -12.30
C GLY A 546 -16.08 15.85 -13.13
N GLU A 547 -16.99 14.90 -13.07
CA GLU A 547 -18.13 14.89 -13.97
C GLU A 547 -19.32 15.69 -13.49
N ALA A 548 -19.51 15.72 -12.18
CA ALA A 548 -20.60 16.49 -11.61
C ALA A 548 -20.11 17.06 -10.26
N ALA A 549 -19.21 18.03 -10.34
CA ALA A 549 -18.55 18.56 -9.17
C ALA A 549 -19.38 19.58 -8.42
N PHE A 550 -20.39 20.13 -9.08
CA PHE A 550 -21.14 21.24 -8.55
C PHE A 550 -22.43 20.74 -7.92
N TYR A 551 -22.25 19.88 -6.92
CA TYR A 551 -23.36 19.16 -6.36
C TYR A 551 -24.40 20.05 -5.69
N GLY A 552 -25.66 19.85 -6.08
CA GLY A 552 -26.78 20.59 -5.55
C GLY A 552 -26.87 22.00 -6.11
N LEU A 553 -26.01 22.36 -7.07
CA LEU A 553 -26.15 23.62 -7.76
C LEU A 553 -26.82 23.40 -9.10
N GLN A 554 -28.09 23.79 -9.20
CA GLN A 554 -28.79 23.71 -10.49
C GLN A 554 -28.27 24.81 -11.40
N PRO A 555 -28.36 24.58 -12.73
CA PRO A 555 -27.99 25.62 -13.70
C PRO A 555 -28.85 26.87 -13.51
N VAL A 556 -28.28 28.04 -13.76
CA VAL A 556 -29.02 29.31 -13.58
C VAL A 556 -28.98 30.15 -14.84
N ASP A 557 -30.15 30.42 -15.38
CA ASP A 557 -30.28 31.31 -16.54
C ASP A 557 -30.15 32.78 -16.12
N SER A 558 -30.11 33.66 -17.12
CA SER A 558 -29.83 35.05 -16.90
C SER A 558 -31.03 35.84 -16.38
N ASP A 559 -32.22 35.25 -16.31
CA ASP A 559 -33.38 35.87 -15.66
C ASP A 559 -33.75 35.14 -14.36
N LEU A 560 -32.85 34.27 -13.91
CA LEU A 560 -32.96 33.55 -12.65
C LEU A 560 -34.21 32.70 -12.51
N HIS A 561 -34.65 32.09 -13.63
CA HIS A 561 -35.85 31.21 -13.62
C HIS A 561 -35.63 29.99 -12.75
N ALA A 562 -34.38 29.56 -12.62
CA ALA A 562 -34.06 28.42 -11.77
C ALA A 562 -34.37 28.66 -10.29
N PHE A 563 -34.55 29.92 -9.88
CA PHE A 563 -34.83 30.23 -8.47
C PHE A 563 -36.25 30.74 -8.33
N ALA A 564 -37.09 29.95 -7.73
CA ALA A 564 -38.48 30.34 -7.52
C ALA A 564 -38.55 31.62 -6.66
N ALA A 565 -37.68 31.70 -5.67
CA ALA A 565 -37.70 32.84 -4.76
C ALA A 565 -37.36 34.13 -5.53
N HIS A 566 -36.39 34.05 -6.43
CA HIS A 566 -36.00 35.18 -7.21
C HIS A 566 -37.10 35.58 -8.20
N GLN A 567 -37.80 34.59 -8.77
CA GLN A 567 -38.96 34.87 -9.59
C GLN A 567 -40.04 35.59 -8.81
N SER A 568 -40.30 35.18 -7.58
CA SER A 568 -41.25 35.90 -6.74
C SER A 568 -40.82 37.37 -6.45
N LEU A 569 -39.52 37.59 -6.38
CA LEU A 569 -38.95 38.92 -6.22
C LEU A 569 -39.18 39.76 -7.47
N LEU A 570 -38.91 39.19 -8.65
CA LEU A 570 -39.10 39.94 -9.88
C LEU A 570 -40.56 40.27 -10.10
N LYS A 571 -41.47 39.39 -9.72
CA LYS A 571 -42.90 39.65 -9.90
C LYS A 571 -43.28 40.80 -9.01
N ALA A 572 -42.71 40.86 -7.81
CA ALA A 572 -42.96 41.99 -6.93
C ALA A 572 -42.41 43.27 -7.55
N TYR A 573 -41.23 43.20 -8.18
CA TYR A 573 -40.62 44.36 -8.79
C TYR A 573 -41.44 44.87 -9.97
N GLU A 574 -41.92 43.95 -10.82
CA GLU A 574 -42.80 44.32 -11.94
C GLU A 574 -44.04 45.10 -11.51
N LYS A 575 -44.61 44.77 -10.35
CA LYS A 575 -45.70 45.59 -9.83
C LYS A 575 -45.30 47.05 -9.62
N LEU A 576 -44.06 47.25 -9.20
CA LEU A 576 -43.50 48.60 -9.00
C LEU A 576 -43.12 49.25 -10.33
N GLN A 577 -42.54 48.48 -11.24
CA GLN A 577 -42.27 49.01 -12.59
C GLN A 577 -43.52 49.56 -13.26
N ARG A 578 -44.63 48.84 -13.14
CA ARG A 578 -45.88 49.28 -13.77
C ARG A 578 -46.32 50.60 -13.16
N ALA A 579 -46.33 50.66 -11.83
CA ALA A 579 -46.65 51.89 -11.12
C ALA A 579 -45.75 53.08 -11.54
N LYS A 580 -44.46 52.83 -11.72
CA LYS A 580 -43.55 53.89 -12.13
C LYS A 580 -43.90 54.40 -13.50
N ALA A 581 -44.08 53.47 -14.45
CA ALA A 581 -44.36 53.85 -15.82
C ALA A 581 -45.63 54.69 -15.87
N ALA A 582 -46.63 54.29 -15.11
CA ALA A 582 -47.91 54.97 -15.10
C ALA A 582 -47.86 56.35 -14.44
N PHE A 583 -47.01 56.52 -13.43
CA PHE A 583 -46.92 57.83 -12.79
C PHE A 583 -46.19 58.87 -13.67
N THR B 2 -42.93 -18.47 39.02
CA THR B 2 -42.25 -18.53 37.69
C THR B 2 -40.71 -18.52 37.87
N GLN B 3 -40.05 -19.29 37.05
CA GLN B 3 -38.66 -19.46 37.22
C GLN B 3 -38.07 -19.47 35.86
N THR B 4 -37.18 -18.52 35.61
CA THR B 4 -36.65 -18.32 34.28
C THR B 4 -35.16 -18.52 34.34
N PHE B 5 -34.70 -19.51 33.58
CA PHE B 5 -33.31 -19.92 33.58
C PHE B 5 -32.72 -19.54 32.26
N ILE B 6 -31.78 -18.62 32.28
CA ILE B 6 -31.17 -18.09 31.08
C ILE B 6 -29.77 -18.67 30.94
N PRO B 7 -29.27 -18.75 29.72
CA PRO B 7 -28.07 -19.51 29.50
C PRO B 7 -26.95 -18.91 30.32
N GLY B 8 -26.22 -19.72 31.08
CA GLY B 8 -24.97 -19.26 31.74
C GLY B 8 -25.12 -18.88 33.21
N LYS B 9 -26.35 -18.80 33.69
CA LYS B 9 -26.62 -18.49 35.07
C LYS B 9 -26.93 -19.72 35.91
N ASP B 10 -26.35 -19.79 37.12
CA ASP B 10 -26.56 -20.91 38.05
C ASP B 10 -27.79 -20.74 38.96
N ALA B 11 -28.70 -19.83 38.60
CA ALA B 11 -29.95 -19.69 39.33
C ALA B 11 -31.00 -18.98 38.46
N ALA B 12 -32.26 -19.01 38.89
CA ALA B 12 -33.33 -18.42 38.16
C ALA B 12 -33.32 -16.91 38.40
N LEU B 13 -33.73 -16.15 37.39
CA LEU B 13 -33.77 -14.71 37.53
C LEU B 13 -34.52 -14.26 38.75
N GLU B 14 -35.69 -14.86 38.99
CA GLU B 14 -36.59 -14.38 40.04
C GLU B 14 -35.97 -14.62 41.41
N ASP B 15 -35.20 -15.71 41.51
CA ASP B 15 -34.50 -16.10 42.75
C ASP B 15 -33.36 -15.11 43.03
N SER B 16 -32.57 -14.82 42.01
CA SER B 16 -31.51 -13.82 42.14
C SER B 16 -32.08 -12.47 42.58
N ILE B 17 -33.20 -12.06 41.97
CA ILE B 17 -33.73 -10.75 42.23
C ILE B 17 -34.16 -10.68 43.67
N ALA B 18 -34.97 -11.65 44.10
CA ALA B 18 -35.54 -11.62 45.44
C ALA B 18 -34.40 -11.66 46.46
N ARG B 19 -33.41 -12.50 46.19
CA ARG B 19 -32.27 -12.68 47.10
C ARG B 19 -31.44 -11.41 47.24
N PHE B 20 -31.09 -10.82 46.10
CA PHE B 20 -30.34 -9.57 46.11
C PHE B 20 -31.12 -8.43 46.76
N GLN B 21 -32.40 -8.30 46.44
CA GLN B 21 -33.24 -7.26 47.05
C GLN B 21 -33.28 -7.40 48.57
N GLN B 22 -33.53 -8.61 49.04
CA GLN B 22 -33.59 -8.88 50.49
C GLN B 22 -32.26 -8.56 51.18
N LYS B 23 -31.16 -8.98 50.59
CA LYS B 23 -29.84 -8.72 51.21
C LYS B 23 -29.50 -7.23 51.27
N LEU B 24 -29.80 -6.49 50.21
CA LEU B 24 -29.54 -5.04 50.22
C LEU B 24 -30.26 -4.39 51.40
N SER B 25 -31.53 -4.74 51.53
CA SER B 25 -32.34 -4.22 52.59
C SER B 25 -31.73 -4.57 53.96
N ASP B 26 -31.33 -5.84 54.13
CA ASP B 26 -30.70 -6.30 55.38
C ASP B 26 -29.44 -5.52 55.74
N LEU B 27 -28.64 -5.20 54.72
CA LEU B 27 -27.42 -4.45 54.92
C LEU B 27 -27.69 -2.98 55.22
N GLY B 28 -28.93 -2.55 55.04
CA GLY B 28 -29.33 -1.17 55.36
C GLY B 28 -29.37 -0.25 54.14
N PHE B 29 -29.38 -0.85 52.94
CA PHE B 29 -29.48 -0.07 51.70
C PHE B 29 -30.92 -0.04 51.17
N GLN B 30 -31.34 1.17 50.81
CA GLN B 30 -32.64 1.43 50.20
C GLN B 30 -32.40 1.81 48.75
N ILE B 31 -32.59 0.85 47.86
CA ILE B 31 -32.27 1.02 46.49
C ILE B 31 -33.58 1.19 45.72
N GLU B 32 -33.63 2.16 44.84
CA GLU B 32 -34.82 2.35 44.00
C GLU B 32 -34.46 2.13 42.51
N GLU B 33 -35.40 1.58 41.75
CA GLU B 33 -35.31 1.55 40.33
C GLU B 33 -35.77 2.90 39.80
N ALA B 34 -34.91 3.62 39.10
CA ALA B 34 -35.19 5.03 38.73
C ALA B 34 -35.73 5.17 37.34
N SER B 35 -35.28 4.35 36.41
CA SER B 35 -35.79 4.48 35.03
C SER B 35 -35.56 3.21 34.28
N TRP B 36 -36.46 2.91 33.36
CA TRP B 36 -36.49 1.67 32.63
C TRP B 36 -36.51 1.96 31.15
N LEU B 37 -35.81 1.17 30.34
CA LEU B 37 -35.86 1.34 28.90
C LEU B 37 -35.99 -0.01 28.23
N ASN B 38 -36.70 0.01 27.11
CA ASN B 38 -36.93 -1.16 26.29
C ASN B 38 -37.01 -0.69 24.85
N PRO B 39 -35.87 -0.21 24.33
CA PRO B 39 -35.88 0.54 23.06
C PRO B 39 -36.15 -0.31 21.81
N VAL B 40 -35.79 -1.59 21.86
CA VAL B 40 -36.18 -2.53 20.79
C VAL B 40 -36.54 -3.87 21.42
N PRO B 41 -37.19 -4.77 20.62
CA PRO B 41 -37.53 -6.07 21.20
C PRO B 41 -36.31 -6.83 21.75
N ASN B 42 -36.48 -7.41 22.93
CA ASN B 42 -35.46 -8.26 23.55
C ASN B 42 -34.22 -7.48 24.02
N VAL B 43 -34.39 -6.18 24.28
CA VAL B 43 -33.32 -5.35 24.88
C VAL B 43 -33.89 -4.44 25.93
N TRP B 44 -33.43 -4.62 27.17
CA TRP B 44 -33.86 -3.84 28.34
C TRP B 44 -32.68 -3.25 29.07
N SER B 45 -32.94 -2.16 29.77
CA SER B 45 -31.97 -1.57 30.68
C SER B 45 -32.71 -0.89 31.80
N VAL B 46 -32.05 -0.71 32.92
CA VAL B 46 -32.64 -0.07 34.11
C VAL B 46 -31.53 0.60 34.87
N HIS B 47 -31.86 1.68 35.55
CA HIS B 47 -30.92 2.43 36.37
C HIS B 47 -31.38 2.30 37.80
N ILE B 48 -30.49 1.88 38.70
CA ILE B 48 -30.87 1.75 40.10
C ILE B 48 -29.93 2.60 40.94
N ARG B 49 -30.41 3.08 42.09
CA ARG B 49 -29.61 3.98 42.87
C ARG B 49 -29.97 3.92 44.34
N ASP B 50 -29.03 4.37 45.15
CA ASP B 50 -29.22 4.45 46.61
C ASP B 50 -30.01 5.72 46.92
N LYS B 51 -31.20 5.58 47.46
CA LYS B 51 -32.00 6.73 47.85
C LYS B 51 -31.30 7.64 48.82
N GLU B 52 -30.32 7.13 49.56
CA GLU B 52 -29.65 7.96 50.57
C GLU B 52 -28.26 8.37 50.16
N CYS B 53 -27.82 7.99 48.96
CA CYS B 53 -26.52 8.43 48.48
C CYS B 53 -26.52 8.53 46.97
N ALA B 54 -26.50 9.77 46.47
CA ALA B 54 -26.59 10.07 45.06
C ALA B 54 -25.41 9.55 44.27
N LEU B 55 -24.27 9.32 44.94
CA LEU B 55 -23.07 8.85 44.26
C LEU B 55 -23.07 7.36 43.97
N CYS B 56 -24.07 6.64 44.45
CA CYS B 56 -24.08 5.20 44.35
C CYS B 56 -25.25 4.76 43.46
N PHE B 57 -24.91 4.23 42.29
CA PHE B 57 -25.88 3.71 41.39
C PHE B 57 -25.22 2.76 40.47
N THR B 58 -26.02 1.91 39.83
CA THR B 58 -25.53 1.07 38.77
C THR B 58 -26.63 0.99 37.71
N ASN B 59 -26.31 0.30 36.61
CA ASN B 59 -27.21 0.08 35.55
C ASN B 59 -27.26 -1.39 35.19
N GLY B 60 -28.43 -1.81 34.77
CA GLY B 60 -28.67 -3.17 34.36
C GLY B 60 -28.92 -3.26 32.89
N LYS B 61 -28.70 -4.44 32.34
CA LYS B 61 -28.98 -4.71 30.95
C LYS B 61 -29.33 -6.16 30.79
N GLY B 62 -30.08 -6.48 29.74
CA GLY B 62 -30.48 -7.88 29.46
C GLY B 62 -31.57 -8.01 28.42
N ALA B 63 -31.92 -9.25 28.10
CA ALA B 63 -32.86 -9.53 27.05
C ALA B 63 -34.32 -9.53 27.52
N THR B 64 -34.53 -9.37 28.83
CA THR B 64 -35.87 -9.25 29.41
C THR B 64 -35.77 -8.31 30.58
N LYS B 65 -36.91 -7.86 31.05
CA LYS B 65 -36.96 -6.89 32.12
C LYS B 65 -36.32 -7.49 33.37
N LYS B 66 -36.74 -8.71 33.74
CA LYS B 66 -36.09 -9.44 34.83
C LYS B 66 -34.58 -9.56 34.71
N ALA B 67 -34.10 -10.00 33.56
CA ALA B 67 -32.66 -10.15 33.37
C ALA B 67 -31.93 -8.83 33.62
N ALA B 68 -32.54 -7.71 33.20
CA ALA B 68 -31.92 -6.40 33.38
C ALA B 68 -31.90 -6.01 34.83
N LEU B 69 -32.97 -6.34 35.55
CA LEU B 69 -33.02 -5.99 36.96
C LEU B 69 -31.97 -6.86 37.74
N ALA B 70 -31.86 -8.14 37.38
CA ALA B 70 -30.88 -9.00 38.04
C ALA B 70 -29.44 -8.51 37.78
N SER B 71 -29.23 -8.04 36.55
CA SER B 71 -27.98 -7.43 36.15
C SER B 71 -27.69 -6.18 36.97
N ALA B 72 -28.67 -5.32 37.15
CA ALA B 72 -28.42 -4.05 37.88
C ALA B 72 -28.00 -4.36 39.30
N LEU B 73 -28.76 -5.27 39.92
CA LEU B 73 -28.56 -5.67 41.30
C LEU B 73 -27.24 -6.43 41.49
N GLY B 74 -26.88 -7.25 40.50
CA GLY B 74 -25.64 -7.96 40.51
C GLY B 74 -24.50 -6.99 40.46
N GLU B 75 -24.61 -5.99 39.58
CA GLU B 75 -23.59 -4.94 39.47
C GLU B 75 -23.53 -4.14 40.75
N TYR B 76 -24.67 -3.91 41.38
CA TYR B 76 -24.69 -3.22 42.66
C TYR B 76 -23.84 -4.01 43.70
N PHE B 77 -24.01 -5.34 43.79
CA PHE B 77 -23.22 -6.14 44.73
C PHE B 77 -21.73 -6.18 44.37
N GLU B 78 -21.44 -6.19 43.07
CA GLU B 78 -20.12 -6.16 42.58
C GLU B 78 -19.37 -4.87 42.99
N ARG B 79 -20.04 -3.74 42.84
CA ARG B 79 -19.46 -2.48 43.18
C ARG B 79 -19.42 -2.27 44.73
N LEU B 80 -20.45 -2.70 45.43
CA LEU B 80 -20.40 -2.61 46.88
C LEU B 80 -19.24 -3.48 47.43
N SER B 81 -19.13 -4.72 46.95
CA SER B 81 -18.19 -5.68 47.54
C SER B 81 -16.75 -5.21 47.35
N THR B 82 -16.50 -4.51 46.23
CA THR B 82 -15.16 -4.09 45.86
C THR B 82 -14.89 -2.68 46.33
N ASN B 83 -15.82 -2.12 47.11
CA ASN B 83 -15.76 -0.71 47.50
C ASN B 83 -15.63 0.27 46.34
N TYR B 84 -16.07 -0.12 45.15
CA TYR B 84 -15.76 0.69 43.95
C TYR B 84 -16.46 2.08 43.89
N PHE B 85 -17.64 2.21 44.49
CA PHE B 85 -18.35 3.49 44.58
C PHE B 85 -17.50 4.53 45.27
N PHE B 86 -16.53 4.09 46.05
CA PHE B 86 -15.76 5.05 46.90
C PHE B 86 -14.41 5.33 46.32
N ALA B 87 -14.10 4.67 45.20
CA ALA B 87 -12.75 4.62 44.68
C ALA B 87 -12.15 5.95 44.33
N ASP B 88 -12.99 6.95 44.00
CA ASP B 88 -12.49 8.23 43.56
C ASP B 88 -12.53 9.28 44.67
N PHE B 89 -12.71 8.83 45.92
CA PHE B 89 -12.87 9.73 47.08
C PHE B 89 -11.97 9.45 48.25
N TRP B 90 -11.55 10.51 48.91
CA TRP B 90 -10.83 10.41 50.17
C TRP B 90 -11.90 10.22 51.19
N LEU B 91 -11.67 9.28 52.11
CA LEU B 91 -12.72 8.88 53.06
C LEU B 91 -12.60 9.54 54.42
N GLY B 92 -11.66 10.48 54.55
CA GLY B 92 -11.53 11.29 55.78
C GLY B 92 -10.56 10.75 56.84
N GLU B 93 -10.28 11.57 57.82
CA GLU B 93 -9.28 11.27 58.84
C GLU B 93 -9.68 10.10 59.75
N THR B 94 -10.94 10.07 60.17
CA THR B 94 -11.40 9.02 61.01
C THR B 94 -11.24 7.64 60.34
N ILE B 95 -11.81 7.47 59.17
CA ILE B 95 -11.66 6.21 58.42
C ILE B 95 -10.19 5.91 58.18
N ALA B 96 -9.41 6.93 57.87
CA ALA B 96 -7.98 6.73 57.59
C ALA B 96 -7.20 6.09 58.75
N ASN B 97 -7.61 6.42 59.99
CA ASN B 97 -6.89 5.99 61.18
C ASN B 97 -7.58 4.87 61.91
N GLY B 98 -8.69 4.40 61.37
CA GLY B 98 -9.49 3.37 62.01
C GLY B 98 -8.94 1.96 61.80
N PRO B 99 -9.73 0.94 62.22
CA PRO B 99 -9.18 -0.41 62.35
C PRO B 99 -8.70 -0.92 60.98
N PHE B 100 -9.56 -0.74 59.98
CA PHE B 100 -9.21 -1.02 58.58
C PHE B 100 -9.93 -0.04 57.66
N VAL B 101 -9.27 0.33 56.56
CA VAL B 101 -9.82 1.28 55.60
C VAL B 101 -10.63 0.58 54.52
N HIS B 102 -9.99 -0.40 53.86
CA HIS B 102 -10.61 -1.18 52.79
C HIS B 102 -11.22 -2.53 53.24
N TYR B 103 -10.39 -3.40 53.82
CA TYR B 103 -10.82 -4.70 54.31
C TYR B 103 -10.02 -5.12 55.56
N PRO B 104 -10.65 -5.92 56.44
CA PRO B 104 -9.97 -6.38 57.67
C PRO B 104 -8.71 -7.16 57.35
N ASN B 105 -8.70 -7.84 56.22
CA ASN B 105 -7.54 -8.63 55.82
C ASN B 105 -6.55 -7.90 54.93
N GLU B 106 -6.68 -6.58 54.84
CA GLU B 106 -5.69 -5.74 54.17
C GLU B 106 -4.41 -5.70 55.00
N LYS B 107 -3.32 -5.28 54.39
CA LYS B 107 -2.02 -5.23 55.08
C LYS B 107 -1.33 -3.93 54.77
N TRP B 108 -0.76 -3.31 55.81
CA TRP B 108 -0.11 -2.02 55.70
C TRP B 108 1.37 -2.21 55.77
N PHE B 109 2.07 -1.63 54.80
CA PHE B 109 3.53 -1.72 54.65
C PHE B 109 4.12 -0.35 54.82
N PRO B 110 4.76 -0.09 55.98
CA PRO B 110 5.33 1.25 56.20
C PRO B 110 6.39 1.65 55.18
N LEU B 111 6.51 2.94 54.95
CA LEU B 111 7.51 3.43 54.03
C LEU B 111 8.95 3.16 54.55
N THR B 112 9.86 2.86 53.63
CA THR B 112 11.26 2.61 53.96
C THR B 112 12.05 3.90 53.87
N GLU B 113 13.24 3.89 54.47
CA GLU B 113 14.11 5.08 54.54
C GLU B 113 14.66 5.53 53.16
N ASN B 114 15.07 4.57 52.32
CA ASN B 114 15.37 4.88 50.91
C ASN B 114 14.12 5.00 49.99
N ASP B 115 12.93 4.86 50.56
CA ASP B 115 11.67 4.97 49.85
C ASP B 115 11.57 3.98 48.68
N ASP B 116 12.12 2.79 48.85
CA ASP B 116 11.86 1.67 47.97
C ASP B 116 10.48 1.13 48.28
N VAL B 117 9.99 0.27 47.40
CA VAL B 117 8.72 -0.40 47.63
C VAL B 117 8.99 -1.55 48.58
N PRO B 118 8.35 -1.57 49.76
CA PRO B 118 8.60 -2.64 50.72
C PRO B 118 8.55 -4.03 50.11
N GLU B 119 9.33 -4.94 50.68
CA GLU B 119 9.57 -6.25 50.04
C GLU B 119 8.34 -7.18 50.00
N GLY B 120 7.49 -7.16 51.01
CA GLY B 120 6.35 -8.09 51.05
C GLY B 120 5.18 -7.76 50.10
N LEU B 121 5.32 -6.67 49.32
CA LEU B 121 4.29 -6.27 48.38
C LEU B 121 4.60 -6.92 47.01
N LEU B 122 3.56 -7.25 46.25
CA LEU B 122 3.71 -7.72 44.90
C LEU B 122 4.43 -9.07 44.87
N ASP B 123 5.01 -9.42 43.71
CA ASP B 123 5.80 -10.61 43.53
C ASP B 123 6.71 -10.27 42.33
N ASP B 124 7.54 -11.20 41.90
CA ASP B 124 8.63 -10.82 40.95
C ASP B 124 8.06 -10.40 39.60
N ARG B 125 7.08 -11.16 39.10
CA ARG B 125 6.49 -10.89 37.78
C ARG B 125 5.74 -9.57 37.75
N LEU B 126 4.94 -9.33 38.79
CA LEU B 126 4.32 -8.02 39.03
C LEU B 126 5.29 -6.83 39.10
N ARG B 127 6.34 -6.94 39.90
CA ARG B 127 7.42 -5.91 39.89
C ARG B 127 8.04 -5.63 38.53
N ALA B 128 8.35 -6.69 37.80
CA ALA B 128 8.89 -6.52 36.45
C ALA B 128 7.86 -5.89 35.47
N PHE B 129 6.56 -6.18 35.66
CA PHE B 129 5.55 -5.64 34.78
C PHE B 129 5.20 -4.17 35.05
N TYR B 130 4.95 -3.79 36.32
CA TYR B 130 4.71 -2.39 36.68
C TYR B 130 5.94 -1.48 36.68
N ASP B 131 7.11 -2.05 36.97
CA ASP B 131 8.29 -1.24 37.19
C ASP B 131 9.54 -1.81 36.52
N PRO B 132 9.51 -1.93 35.18
CA PRO B 132 10.66 -2.53 34.49
C PRO B 132 11.98 -1.77 34.76
N GLU B 133 11.90 -0.43 34.94
CA GLU B 133 13.02 0.50 35.30
C GLU B 133 13.54 0.47 36.73
N ASN B 134 12.80 -0.19 37.60
CA ASN B 134 13.06 -0.14 39.02
C ASN B 134 13.01 1.31 39.61
N GLU B 135 12.09 2.13 39.10
CA GLU B 135 11.94 3.54 39.53
C GLU B 135 10.69 3.82 40.39
N LEU B 136 10.00 2.78 40.82
CA LEU B 136 8.87 2.93 41.72
C LEU B 136 9.38 3.28 43.12
N THR B 137 8.77 4.29 43.74
CA THR B 137 8.97 4.56 45.16
C THR B 137 7.74 4.17 45.98
N GLY B 138 7.93 3.96 47.29
CA GLY B 138 6.83 3.64 48.16
C GLY B 138 5.83 4.76 48.33
N SER B 139 6.30 6.01 48.39
CA SER B 139 5.45 7.15 48.74
C SER B 139 4.49 7.56 47.62
N MET B 140 4.70 7.02 46.43
CA MET B 140 3.79 7.20 45.33
C MET B 140 2.61 6.24 45.40
N LEU B 141 2.68 5.23 46.27
CA LEU B 141 1.66 4.19 46.26
C LEU B 141 0.71 4.25 47.44
N ILE B 142 0.55 5.43 48.00
CA ILE B 142 -0.40 5.64 49.10
C ILE B 142 -1.80 5.71 48.53
N ASP B 143 -2.71 4.90 49.06
CA ASP B 143 -4.07 4.82 48.54
C ASP B 143 -4.81 6.15 48.71
N LEU B 144 -5.59 6.50 47.69
CA LEU B 144 -6.45 7.72 47.71
C LEU B 144 -7.40 7.76 48.90
N GLN B 145 -7.99 6.61 49.25
CA GLN B 145 -9.03 6.59 50.27
C GLN B 145 -8.55 7.03 51.67
N SER B 146 -7.34 6.61 52.05
CA SER B 146 -6.77 6.89 53.35
C SER B 146 -5.95 8.12 53.28
N GLY B 147 -5.14 8.22 52.24
CA GLY B 147 -4.13 9.26 52.20
C GLY B 147 -3.13 9.20 53.35
N ASN B 148 -2.98 8.04 53.97
CA ASN B 148 -2.28 7.93 55.24
C ASN B 148 -0.86 7.48 55.05
N GLU B 149 -0.03 8.40 54.68
CA GLU B 149 1.40 8.11 54.40
C GLU B 149 2.14 7.53 55.60
N ASP B 150 1.83 8.02 56.81
CA ASP B 150 2.45 7.50 58.03
C ASP B 150 2.11 6.03 58.26
N ARG B 151 0.86 5.66 58.02
CA ARG B 151 0.48 4.23 58.15
C ARG B 151 1.08 3.39 57.01
N GLY B 152 1.35 4.02 55.87
CA GLY B 152 2.07 3.38 54.76
C GLY B 152 1.19 2.95 53.57
N ILE B 153 1.71 1.98 52.82
CA ILE B 153 1.09 1.47 51.63
C ILE B 153 0.13 0.35 51.97
N CYS B 154 -1.13 0.55 51.62
CA CYS B 154 -2.14 -0.45 51.89
C CYS B 154 -2.18 -1.42 50.74
N GLY B 155 -1.96 -2.71 51.04
CA GLY B 155 -2.01 -3.75 50.05
C GLY B 155 -3.20 -4.63 50.26
N LEU B 156 -3.86 -5.05 49.18
CA LEU B 156 -5.02 -5.97 49.27
C LEU B 156 -4.59 -7.37 48.88
N PRO B 157 -5.14 -8.39 49.52
CA PRO B 157 -4.74 -9.74 49.23
C PRO B 157 -5.47 -10.31 48.03
N PHE B 158 -4.72 -10.86 47.10
CA PHE B 158 -5.27 -11.61 45.98
C PHE B 158 -4.63 -12.97 45.96
N THR B 159 -5.41 -13.97 45.56
CA THR B 159 -4.89 -15.32 45.44
C THR B 159 -4.34 -15.57 44.03
N ARG B 160 -3.04 -15.74 43.93
CA ARG B 160 -2.39 -16.14 42.68
C ARG B 160 -2.81 -17.54 42.30
N GLN B 161 -3.38 -17.72 41.12
CA GLN B 161 -4.09 -18.97 40.82
C GLN B 161 -3.17 -20.17 40.55
N SER B 162 -2.01 -19.94 39.96
CA SER B 162 -1.12 -21.01 39.59
C SER B 162 -0.64 -21.84 40.82
N ASP B 163 -0.36 -21.18 41.94
CA ASP B 163 0.11 -21.87 43.16
C ASP B 163 -0.68 -21.58 44.43
N ASN B 164 -1.82 -20.91 44.31
CA ASN B 164 -2.69 -20.57 45.43
C ASN B 164 -2.12 -19.72 46.58
N GLN B 165 -1.10 -18.96 46.25
CA GLN B 165 -0.46 -18.06 47.19
C GLN B 165 -1.13 -16.66 47.26
N THR B 166 -1.29 -16.14 48.48
CA THR B 166 -1.72 -14.78 48.71
C THR B 166 -0.63 -13.77 48.34
N VAL B 167 -1.01 -12.77 47.54
CA VAL B 167 -0.08 -11.72 47.08
C VAL B 167 -0.77 -10.41 47.39
N TYR B 168 -0.02 -9.47 47.94
CA TYR B 168 -0.58 -8.18 48.33
C TYR B 168 -0.29 -7.18 47.24
N ILE B 169 -1.35 -6.60 46.69
CA ILE B 169 -1.21 -5.62 45.62
C ILE B 169 -1.71 -4.32 46.19
N PRO B 170 -0.90 -3.26 46.15
CA PRO B 170 -1.30 -1.97 46.68
C PRO B 170 -2.61 -1.50 46.07
N MET B 171 -3.50 -0.98 46.92
CA MET B 171 -4.75 -0.38 46.50
C MET B 171 -4.50 0.66 45.41
N ASN B 172 -3.44 1.42 45.58
CA ASN B 172 -3.09 2.44 44.64
C ASN B 172 -2.89 1.91 43.22
N ILE B 173 -2.27 0.76 43.10
CA ILE B 173 -2.03 0.18 41.77
C ILE B 173 -3.30 -0.37 41.19
N ILE B 174 -4.10 -1.01 42.03
CA ILE B 174 -5.37 -1.56 41.60
C ILE B 174 -6.31 -0.46 41.10
N GLY B 175 -6.47 0.57 41.91
CA GLY B 175 -7.32 1.69 41.63
C GLY B 175 -6.94 2.44 40.39
N ASN B 176 -5.65 2.69 40.19
CA ASN B 176 -5.23 3.45 39.05
C ASN B 176 -5.23 2.64 37.73
N LEU B 177 -4.88 1.35 37.78
CA LEU B 177 -4.64 0.62 36.56
C LEU B 177 -5.75 -0.30 36.09
N TYR B 178 -6.55 -0.80 37.02
CA TYR B 178 -7.62 -1.77 36.69
C TYR B 178 -9.04 -1.24 36.86
N VAL B 179 -9.19 -0.18 37.63
CA VAL B 179 -10.48 0.44 37.88
C VAL B 179 -11.51 -0.66 38.06
N SER B 180 -12.62 -0.59 37.35
CA SER B 180 -13.72 -1.57 37.51
C SER B 180 -13.62 -2.78 36.57
N ASN B 181 -12.50 -2.93 35.85
CA ASN B 181 -12.38 -4.04 34.92
C ASN B 181 -12.02 -5.33 35.68
N GLY B 182 -12.75 -6.40 35.36
CA GLY B 182 -12.50 -7.69 35.99
C GLY B 182 -13.19 -7.89 37.35
N MET B 183 -14.08 -6.98 37.76
CA MET B 183 -14.91 -7.23 38.95
C MET B 183 -16.10 -8.05 38.51
N SER B 184 -16.77 -8.70 39.46
CA SER B 184 -17.97 -9.48 39.16
C SER B 184 -18.67 -9.85 40.44
N ALA B 185 -19.99 -10.04 40.36
CA ALA B 185 -20.79 -10.72 41.38
C ALA B 185 -21.68 -11.78 40.73
N GLY B 186 -22.23 -12.68 41.53
CA GLY B 186 -22.98 -13.79 40.97
C GLY B 186 -23.75 -14.61 41.96
N ASN B 187 -24.59 -15.49 41.41
CA ASN B 187 -25.32 -16.46 42.21
C ASN B 187 -24.37 -17.47 42.88
N THR B 188 -23.28 -17.81 42.19
CA THR B 188 -22.30 -18.72 42.68
C THR B 188 -20.89 -18.23 42.34
N ARG B 189 -19.93 -18.80 43.04
CA ARG B 189 -18.52 -18.48 42.89
C ARG B 189 -18.05 -18.63 41.44
N ASN B 190 -18.35 -19.76 40.81
CA ASN B 190 -17.89 -19.95 39.43
C ASN B 190 -18.68 -19.13 38.40
N GLU B 191 -19.97 -18.91 38.59
CA GLU B 191 -20.75 -18.07 37.66
C GLU B 191 -20.12 -16.66 37.62
N ALA B 192 -19.83 -16.12 38.81
CA ALA B 192 -19.24 -14.81 38.96
C ALA B 192 -17.85 -14.77 38.35
N ARG B 193 -17.06 -15.79 38.63
CA ARG B 193 -15.71 -15.83 38.11
C ARG B 193 -15.66 -15.92 36.58
N VAL B 194 -16.60 -16.68 36.02
CA VAL B 194 -16.67 -16.83 34.57
C VAL B 194 -17.04 -15.47 33.97
N GLN B 195 -17.95 -14.75 34.61
CA GLN B 195 -18.33 -13.40 34.12
C GLN B 195 -17.13 -12.43 34.18
N GLY B 196 -16.39 -12.48 35.28
CA GLY B 196 -15.19 -11.63 35.46
C GLY B 196 -14.07 -11.96 34.52
N LEU B 197 -13.79 -13.24 34.33
CA LEU B 197 -12.77 -13.62 33.39
C LEU B 197 -13.19 -13.23 31.95
N SER B 198 -14.46 -13.44 31.63
CA SER B 198 -14.99 -13.09 30.32
C SER B 198 -14.85 -11.57 30.09
N GLU B 199 -15.08 -10.80 31.14
CA GLU B 199 -14.91 -9.33 31.04
C GLU B 199 -13.51 -8.96 30.69
N VAL B 200 -12.54 -9.68 31.28
CA VAL B 200 -11.13 -9.45 30.97
C VAL B 200 -10.88 -9.74 29.49
N PHE B 201 -11.46 -10.81 28.99
CA PHE B 201 -11.31 -11.12 27.56
C PHE B 201 -11.96 -10.02 26.72
N GLU B 202 -13.16 -9.61 27.07
CA GLU B 202 -13.91 -8.54 26.33
C GLU B 202 -13.02 -7.35 26.12
N ARG B 203 -12.49 -6.83 27.22
CA ARG B 203 -11.74 -5.55 27.14
C ARG B 203 -10.37 -5.71 26.53
N TYR B 204 -9.74 -6.82 26.78
CA TYR B 204 -8.41 -7.07 26.21
C TYR B 204 -8.50 -7.24 24.69
N VAL B 205 -9.47 -8.03 24.25
CA VAL B 205 -9.62 -8.32 22.85
C VAL B 205 -10.17 -7.07 22.13
N LYS B 206 -11.07 -6.37 22.79
CA LYS B 206 -11.55 -5.07 22.30
C LYS B 206 -10.39 -4.16 22.00
N ASN B 207 -9.48 -4.03 22.97
CA ASN B 207 -8.33 -3.15 22.74
C ASN B 207 -7.44 -3.59 21.56
N ARG B 208 -7.23 -4.89 21.40
CA ARG B 208 -6.47 -5.38 20.25
C ARG B 208 -7.17 -5.04 18.92
N ILE B 209 -8.47 -5.30 18.85
CA ILE B 209 -9.26 -5.08 17.65
C ILE B 209 -9.23 -3.62 17.25
N ILE B 210 -9.44 -2.75 18.20
CA ILE B 210 -9.42 -1.33 17.94
C ILE B 210 -8.00 -0.87 17.63
N ALA B 211 -7.05 -1.17 18.52
CA ALA B 211 -5.70 -0.59 18.38
C ALA B 211 -4.98 -1.06 17.15
N GLU B 212 -5.26 -2.27 16.71
CA GLU B 212 -4.57 -2.87 15.58
C GLU B 212 -5.34 -2.71 14.26
N SER B 213 -6.51 -2.07 14.31
CA SER B 213 -7.32 -1.79 13.11
C SER B 213 -7.61 -3.10 12.40
N ILE B 214 -8.03 -4.09 13.17
CA ILE B 214 -8.34 -5.41 12.64
C ILE B 214 -9.69 -5.40 11.91
N SER B 215 -9.75 -6.01 10.73
CA SER B 215 -10.98 -6.27 10.07
C SER B 215 -11.49 -7.60 10.55
N LEU B 216 -12.68 -7.59 11.15
CA LEU B 216 -13.31 -8.80 11.65
C LEU B 216 -14.24 -9.43 10.62
N PRO B 217 -14.48 -10.75 10.78
CA PRO B 217 -15.40 -11.48 9.96
C PRO B 217 -16.83 -11.40 10.48
N GLU B 218 -17.76 -11.32 9.55
CA GLU B 218 -19.17 -11.25 9.89
C GLU B 218 -19.66 -12.59 10.38
N ILE B 219 -20.60 -12.55 11.29
CA ILE B 219 -21.29 -13.72 11.74
C ILE B 219 -22.32 -14.07 10.65
N PRO B 220 -22.18 -15.24 9.99
CA PRO B 220 -23.09 -15.57 8.90
C PRO B 220 -24.51 -15.56 9.37
N ALA B 221 -25.43 -15.23 8.47
CA ALA B 221 -26.85 -15.17 8.79
C ALA B 221 -27.43 -16.46 9.40
N ASP B 222 -26.96 -17.60 8.96
CA ASP B 222 -27.51 -18.88 9.46
C ASP B 222 -27.05 -19.17 10.91
N VAL B 223 -25.89 -18.65 11.30
CA VAL B 223 -25.51 -18.68 12.72
C VAL B 223 -26.39 -17.73 13.54
N LEU B 224 -26.61 -16.51 13.05
CA LEU B 224 -27.44 -15.53 13.78
C LEU B 224 -28.85 -16.05 13.98
N ALA B 225 -29.36 -16.80 13.01
CA ALA B 225 -30.72 -17.36 13.08
C ALA B 225 -30.93 -18.26 14.29
N ARG B 226 -29.85 -18.82 14.85
CA ARG B 226 -29.96 -19.61 16.09
C ARG B 226 -30.42 -18.77 17.27
N TYR B 227 -30.32 -17.44 17.17
CA TYR B 227 -30.62 -16.51 18.25
C TYR B 227 -31.64 -15.50 17.81
N PRO B 228 -32.91 -15.91 17.71
CA PRO B 228 -33.91 -15.06 17.08
C PRO B 228 -34.25 -13.82 17.88
N ALA B 229 -34.11 -13.86 19.21
CA ALA B 229 -34.35 -12.69 20.06
C ALA B 229 -33.38 -11.55 19.72
N VAL B 230 -32.10 -11.89 19.55
CA VAL B 230 -31.09 -10.94 19.09
C VAL B 230 -31.33 -10.48 17.63
N VAL B 231 -31.68 -11.41 16.74
CA VAL B 231 -32.00 -11.07 15.33
C VAL B 231 -33.16 -10.09 15.23
N GLU B 232 -34.16 -10.25 16.07
CA GLU B 232 -35.27 -9.30 16.11
C GLU B 232 -34.79 -7.90 16.53
N ALA B 233 -33.93 -7.85 17.53
CA ALA B 233 -33.42 -6.55 18.03
C ALA B 233 -32.66 -5.85 16.92
N ILE B 234 -31.82 -6.59 16.24
CA ILE B 234 -31.01 -6.04 15.14
C ILE B 234 -31.91 -5.57 13.98
N GLU B 235 -32.85 -6.38 13.56
CA GLU B 235 -33.75 -6.02 12.46
C GLU B 235 -34.53 -4.75 12.76
N THR B 236 -34.94 -4.59 14.01
CA THR B 236 -35.65 -3.42 14.44
C THR B 236 -34.73 -2.22 14.32
N LEU B 237 -33.51 -2.33 14.86
CA LEU B 237 -32.54 -1.24 14.75
C LEU B 237 -32.32 -0.85 13.28
N GLU B 238 -32.18 -1.83 12.42
CA GLU B 238 -31.97 -1.55 11.00
C GLU B 238 -33.17 -0.90 10.32
N ALA B 239 -34.38 -1.31 10.73
CA ALA B 239 -35.59 -0.72 10.22
C ALA B 239 -35.72 0.72 10.70
N GLU B 240 -35.23 1.00 11.90
CA GLU B 240 -35.25 2.35 12.47
C GLU B 240 -34.10 3.25 11.94
N GLY B 241 -33.34 2.78 10.98
CA GLY B 241 -32.35 3.61 10.33
C GLY B 241 -30.95 3.48 10.86
N PHE B 242 -30.67 2.38 11.59
CA PHE B 242 -29.31 2.14 12.14
C PHE B 242 -28.69 0.83 11.60
N PRO B 243 -27.79 0.91 10.59
CA PRO B 243 -27.17 -0.29 10.12
C PRO B 243 -26.34 -0.97 11.23
N ILE B 244 -26.41 -2.31 11.29
CA ILE B 244 -25.71 -3.11 12.28
C ILE B 244 -24.75 -4.11 11.65
N PHE B 245 -23.53 -4.17 12.18
CA PHE B 245 -22.53 -5.14 11.73
C PHE B 245 -22.29 -6.09 12.87
N ALA B 246 -22.51 -7.38 12.65
CA ALA B 246 -22.35 -8.37 13.74
C ALA B 246 -21.14 -9.20 13.43
N TYR B 247 -20.09 -9.04 14.23
CA TYR B 247 -18.80 -9.60 13.94
C TYR B 247 -18.39 -10.65 14.98
N ASP B 248 -17.63 -11.64 14.52
CA ASP B 248 -16.95 -12.57 15.40
C ASP B 248 -15.64 -11.93 15.80
N GLY B 249 -15.45 -11.67 17.08
CA GLY B 249 -14.20 -11.10 17.57
C GLY B 249 -13.22 -12.09 18.27
N SER B 250 -13.37 -13.37 17.97
CA SER B 250 -12.54 -14.38 18.57
C SER B 250 -11.09 -14.38 18.07
N LEU B 251 -10.84 -13.63 17.01
CA LEU B 251 -9.55 -13.63 16.35
C LEU B 251 -9.07 -15.04 15.99
N GLY B 252 -9.91 -15.75 15.26
CA GLY B 252 -9.57 -17.09 14.76
C GLY B 252 -9.93 -18.19 15.72
N GLY B 253 -10.95 -17.94 16.53
CA GLY B 253 -11.37 -18.93 17.51
C GLY B 253 -10.61 -18.95 18.83
N GLN B 254 -9.71 -17.98 19.08
CA GLN B 254 -8.92 -17.98 20.31
C GLN B 254 -9.71 -17.47 21.54
N TYR B 255 -10.56 -16.44 21.38
CA TYR B 255 -11.16 -15.79 22.53
C TYR B 255 -12.66 -15.72 22.40
N PRO B 256 -13.38 -15.77 23.50
CA PRO B 256 -14.85 -15.89 23.44
C PRO B 256 -15.53 -14.51 23.35
N VAL B 257 -15.24 -13.81 22.26
CA VAL B 257 -15.56 -12.40 22.13
C VAL B 257 -16.35 -12.12 20.87
N ILE B 258 -17.40 -11.34 21.06
CA ILE B 258 -18.22 -10.80 19.94
C ILE B 258 -18.10 -9.27 19.86
N CYS B 259 -18.16 -8.74 18.63
CA CYS B 259 -18.22 -7.31 18.40
C CYS B 259 -19.43 -6.96 17.57
N VAL B 260 -20.23 -6.02 18.05
CA VAL B 260 -21.33 -5.48 17.26
C VAL B 260 -21.17 -3.97 17.06
N VAL B 261 -21.27 -3.53 15.80
CA VAL B 261 -21.15 -2.12 15.49
C VAL B 261 -22.43 -1.51 14.90
N LEU B 262 -22.82 -0.36 15.45
CA LEU B 262 -23.95 0.40 14.97
C LEU B 262 -23.45 1.62 14.18
N PHE B 263 -24.12 1.92 13.08
CA PHE B 263 -23.88 3.15 12.30
C PHE B 263 -25.03 4.06 12.54
N ASN B 264 -24.76 5.37 12.60
CA ASN B 264 -25.80 6.35 12.58
C ASN B 264 -25.65 7.25 11.38
N PRO B 265 -26.35 6.92 10.31
CA PRO B 265 -26.20 7.67 9.05
C PRO B 265 -26.55 9.15 9.20
N ALA B 266 -27.36 9.49 10.19
CA ALA B 266 -27.76 10.88 10.38
C ALA B 266 -26.60 11.77 10.75
N ASN B 267 -25.51 11.20 11.27
CA ASN B 267 -24.35 12.01 11.61
C ASN B 267 -23.01 11.38 11.23
N GLY B 268 -23.02 10.29 10.45
CA GLY B 268 -21.79 9.70 9.92
C GLY B 268 -20.93 8.98 10.94
N THR B 269 -21.55 8.51 12.04
CA THR B 269 -20.78 7.99 13.18
C THR B 269 -20.99 6.52 13.35
N CYS B 270 -20.10 5.91 14.11
CA CYS B 270 -20.26 4.49 14.47
C CYS B 270 -20.05 4.30 15.94
N PHE B 271 -20.57 3.21 16.45
CA PHE B 271 -20.45 2.87 17.84
C PHE B 271 -20.20 1.35 17.89
N ALA B 272 -19.00 0.96 18.30
CA ALA B 272 -18.60 -0.46 18.44
C ALA B 272 -18.76 -0.96 19.89
N SER B 273 -19.57 -2.01 20.03
CA SER B 273 -19.80 -2.64 21.29
C SER B 273 -19.17 -4.03 21.28
N PHE B 274 -18.79 -4.49 22.47
CA PHE B 274 -18.08 -5.73 22.63
C PHE B 274 -18.64 -6.50 23.79
N GLY B 275 -18.56 -7.82 23.70
CA GLY B 275 -19.10 -8.71 24.73
C GLY B 275 -18.40 -10.04 24.72
N ALA B 276 -18.39 -10.68 25.87
CA ALA B 276 -17.73 -11.97 25.98
C ALA B 276 -18.41 -12.92 26.90
N HIS B 277 -18.40 -14.21 26.52
CA HIS B 277 -18.89 -15.32 27.34
C HIS B 277 -18.55 -16.62 26.64
N PRO B 278 -18.34 -17.71 27.39
CA PRO B 278 -18.01 -18.99 26.77
C PRO B 278 -19.07 -19.50 25.80
N ASP B 279 -20.33 -19.23 26.12
CA ASP B 279 -21.44 -19.44 25.21
C ASP B 279 -21.60 -18.31 24.16
N PHE B 280 -21.52 -18.69 22.89
CA PHE B 280 -21.52 -17.78 21.75
C PHE B 280 -22.75 -16.88 21.76
N GLY B 281 -23.92 -17.46 22.02
CA GLY B 281 -25.16 -16.70 22.05
C GLY B 281 -25.27 -15.74 23.22
N VAL B 282 -24.76 -16.14 24.39
CA VAL B 282 -24.75 -15.22 25.55
C VAL B 282 -23.83 -13.98 25.25
N ALA B 283 -22.68 -14.24 24.62
CA ALA B 283 -21.75 -13.23 24.28
C ALA B 283 -22.37 -12.24 23.29
N LEU B 284 -23.06 -12.78 22.30
CA LEU B 284 -23.70 -12.01 21.24
C LEU B 284 -24.78 -11.11 21.80
N GLU B 285 -25.64 -11.69 22.61
CA GLU B 285 -26.64 -10.94 23.32
C GLU B 285 -26.07 -9.82 24.16
N ARG B 286 -25.10 -10.11 25.04
CA ARG B 286 -24.50 -9.07 25.92
C ARG B 286 -24.00 -7.89 25.11
N THR B 287 -23.43 -8.19 23.95
CA THR B 287 -22.86 -7.18 23.15
C THR B 287 -23.93 -6.19 22.68
N VAL B 288 -25.09 -6.72 22.28
CA VAL B 288 -26.20 -5.92 21.78
C VAL B 288 -26.86 -5.17 22.93
N THR B 289 -27.05 -5.84 24.06
CA THR B 289 -27.74 -5.18 25.21
C THR B 289 -26.85 -4.08 25.80
N GLU B 290 -25.53 -4.23 25.67
CA GLU B 290 -24.57 -3.21 26.15
C GLU B 290 -24.73 -1.99 25.28
N LEU B 291 -24.79 -2.22 23.99
CA LEU B 291 -24.96 -1.16 22.95
C LEU B 291 -26.02 -0.16 23.31
N LEU B 292 -27.17 -0.64 23.72
CA LEU B 292 -28.32 0.18 23.98
C LEU B 292 -28.55 0.50 25.45
N GLN B 293 -27.67 0.04 26.33
CA GLN B 293 -27.85 0.34 27.75
C GLN B 293 -27.98 1.80 28.04
N GLY B 294 -29.13 2.16 28.59
CA GLY B 294 -29.35 3.51 29.04
C GLY B 294 -29.60 4.44 27.84
N ARG B 295 -29.86 3.88 26.66
CA ARG B 295 -30.06 4.68 25.46
C ARG B 295 -31.35 4.29 24.78
N GLY B 296 -32.23 5.26 24.54
CA GLY B 296 -33.30 5.10 23.57
C GLY B 296 -32.73 5.25 22.16
N LEU B 297 -33.59 5.04 21.17
CA LEU B 297 -33.23 5.26 19.77
C LEU B 297 -32.89 6.74 19.39
N LYS B 298 -33.24 7.70 20.24
CA LYS B 298 -32.85 9.11 20.05
C LYS B 298 -31.54 9.50 20.75
N ASP B 299 -30.90 8.54 21.47
CA ASP B 299 -29.68 8.87 22.23
C ASP B 299 -28.41 8.29 21.60
N LEU B 300 -28.47 8.03 20.30
CA LEU B 300 -27.38 7.37 19.56
C LEU B 300 -26.56 8.38 18.76
N ASP B 301 -26.50 9.61 19.28
CA ASP B 301 -26.01 10.76 18.53
C ASP B 301 -24.69 11.29 19.09
N VAL B 302 -24.08 10.57 20.03
CA VAL B 302 -22.89 11.09 20.75
C VAL B 302 -21.58 10.38 20.34
N PHE B 303 -21.59 9.61 19.26
CA PHE B 303 -20.42 8.86 18.84
C PHE B 303 -19.59 9.55 17.77
N THR B 304 -18.62 8.85 17.19
CA THR B 304 -17.58 9.47 16.40
C THR B 304 -17.48 8.82 15.03
N PRO B 305 -17.15 9.60 14.01
CA PRO B 305 -16.95 8.96 12.70
C PRO B 305 -15.75 8.04 12.71
N PRO B 306 -15.77 7.00 11.88
CA PRO B 306 -14.58 6.21 11.73
C PRO B 306 -13.47 7.01 11.09
N THR B 307 -12.25 6.48 11.13
CA THR B 307 -11.08 7.18 10.65
C THR B 307 -10.13 6.23 9.92
N PHE B 308 -9.25 6.82 9.11
CA PHE B 308 -8.15 6.09 8.45
C PHE B 308 -6.83 6.30 9.18
N ASP B 309 -6.84 7.13 10.23
CA ASP B 309 -5.63 7.46 10.93
C ASP B 309 -5.31 6.35 11.90
N ASP B 310 -4.41 5.49 11.51
CA ASP B 310 -4.15 4.31 12.38
C ASP B 310 -3.47 4.64 13.71
N GLU B 311 -2.64 5.67 13.74
CA GLU B 311 -1.84 5.95 14.93
C GLU B 311 -2.75 6.47 16.02
N GLU B 312 -3.70 7.30 15.63
CA GLU B 312 -4.62 7.90 16.58
C GLU B 312 -5.55 6.87 17.22
N VAL B 313 -5.87 5.85 16.45
CA VAL B 313 -6.73 4.77 16.91
C VAL B 313 -6.00 3.89 17.93
N ALA B 314 -4.69 3.75 17.74
CA ALA B 314 -3.85 2.93 18.62
C ALA B 314 -3.47 3.68 19.90
N GLU B 315 -3.52 5.01 19.88
CA GLU B 315 -3.16 5.83 21.05
C GLU B 315 -3.86 5.30 22.30
N HIS B 316 -3.11 5.10 23.38
CA HIS B 316 -3.72 4.54 24.58
C HIS B 316 -4.85 5.41 25.12
N THR B 317 -4.76 6.70 24.93
CA THR B 317 -5.84 7.60 25.37
C THR B 317 -7.12 7.28 24.60
N ASN B 318 -7.01 6.89 23.33
CA ASN B 318 -8.20 6.51 22.57
C ASN B 318 -8.85 5.25 23.14
N LEU B 319 -8.00 4.30 23.58
CA LEU B 319 -8.50 3.09 24.24
C LEU B 319 -9.09 3.39 25.62
N GLU B 320 -8.51 4.33 26.33
CA GLU B 320 -9.09 4.73 27.58
C GLU B 320 -10.47 5.34 27.37
N THR B 321 -10.59 6.23 26.37
CA THR B 321 -11.86 6.87 26.06
C THR B 321 -12.90 5.83 25.73
N HIS B 322 -12.53 4.87 24.90
CA HIS B 322 -13.44 3.75 24.68
C HIS B 322 -13.89 3.04 25.95
N PHE B 323 -12.99 2.91 26.94
CA PHE B 323 -13.40 2.27 28.18
C PHE B 323 -14.39 3.12 28.92
N ILE B 324 -14.09 4.41 28.98
CA ILE B 324 -14.93 5.35 29.73
C ILE B 324 -16.33 5.54 29.12
N ASP B 325 -16.41 5.81 27.82
CA ASP B 325 -17.75 6.02 27.20
C ASP B 325 -17.93 5.52 25.75
N SER B 326 -17.07 4.61 25.32
CA SER B 326 -17.13 4.04 23.96
C SER B 326 -17.13 5.04 22.78
N SER B 327 -16.87 6.32 23.05
CA SER B 327 -16.91 7.38 22.03
C SER B 327 -15.53 7.59 21.42
N GLY B 328 -14.66 6.60 21.49
CA GLY B 328 -13.36 6.72 20.90
C GLY B 328 -13.43 6.51 19.40
N LEU B 329 -12.29 6.67 18.76
CA LEU B 329 -12.13 6.40 17.35
C LEU B 329 -12.05 4.91 17.02
N ILE B 330 -12.63 4.56 15.87
CA ILE B 330 -12.61 3.23 15.27
C ILE B 330 -12.09 3.36 13.83
N SER B 331 -11.22 2.47 13.43
CA SER B 331 -10.71 2.41 12.06
C SER B 331 -11.76 1.93 11.10
N TRP B 332 -11.79 2.58 9.94
CA TRP B 332 -12.60 2.12 8.79
C TRP B 332 -12.25 0.65 8.47
N ASP B 333 -11.01 0.24 8.74
CA ASP B 333 -10.59 -1.16 8.45
C ASP B 333 -11.39 -2.22 9.14
N LEU B 334 -12.07 -1.88 10.22
CA LEU B 334 -12.93 -2.84 10.85
C LEU B 334 -14.00 -3.34 9.91
N PHE B 335 -14.43 -2.46 9.01
CA PHE B 335 -15.57 -2.70 8.16
C PHE B 335 -15.16 -3.11 6.74
N LYS B 336 -13.88 -3.44 6.54
CA LYS B 336 -13.43 -4.00 5.28
C LYS B 336 -14.15 -5.28 4.89
N GLN B 337 -14.26 -5.47 3.58
CA GLN B 337 -14.89 -6.67 3.03
C GLN B 337 -14.14 -7.91 3.48
N ASP B 338 -12.83 -7.92 3.30
CA ASP B 338 -12.00 -9.04 3.67
C ASP B 338 -11.59 -8.94 5.13
N ALA B 339 -11.87 -10.01 5.86
CA ALA B 339 -11.57 -10.11 7.29
C ALA B 339 -10.16 -10.58 7.44
N ASP B 340 -9.54 -10.20 8.55
CA ASP B 340 -8.16 -10.64 8.82
C ASP B 340 -8.13 -12.01 9.51
N TYR B 341 -9.28 -12.53 9.92
CA TYR B 341 -9.43 -13.87 10.47
C TYR B 341 -10.68 -14.45 9.86
N PRO B 342 -10.71 -15.76 9.64
CA PRO B 342 -11.96 -16.32 9.18
C PRO B 342 -12.94 -16.45 10.33
N PHE B 343 -14.23 -16.45 10.01
CA PHE B 343 -15.24 -16.66 11.00
C PHE B 343 -15.04 -18.01 11.65
N VAL B 344 -15.23 -18.10 12.96
CA VAL B 344 -15.25 -19.39 13.62
C VAL B 344 -16.52 -19.46 14.45
N ASP B 345 -17.30 -20.50 14.27
CA ASP B 345 -18.52 -20.72 15.06
C ASP B 345 -18.10 -21.34 16.39
N TRP B 346 -17.53 -20.52 17.26
CA TRP B 346 -16.83 -21.02 18.44
C TRP B 346 -17.81 -21.35 19.57
N ASN B 347 -17.30 -22.16 20.49
CA ASN B 347 -18.06 -22.60 21.66
C ASN B 347 -17.08 -23.07 22.74
N PHE B 348 -17.18 -22.48 23.94
CA PHE B 348 -16.35 -22.84 25.08
C PHE B 348 -17.28 -23.13 26.23
N SER B 349 -18.55 -23.36 25.92
CA SER B 349 -19.57 -23.48 26.96
C SER B 349 -19.56 -24.85 27.68
N GLY B 350 -20.25 -24.85 28.82
CA GLY B 350 -20.38 -26.01 29.71
C GLY B 350 -20.94 -25.54 31.04
N THR B 351 -20.65 -26.25 32.13
CA THR B 351 -21.15 -25.84 33.43
C THR B 351 -20.28 -24.69 33.79
N THR B 352 -20.70 -23.99 34.81
CA THR B 352 -19.95 -22.82 35.27
C THR B 352 -18.52 -23.25 35.80
N GLU B 353 -18.45 -24.43 36.43
CA GLU B 353 -17.19 -25.05 36.82
C GLU B 353 -16.30 -25.36 35.62
N GLU B 354 -16.85 -26.02 34.61
CA GLU B 354 -16.07 -26.29 33.43
C GLU B 354 -15.63 -25.00 32.74
N GLU B 355 -16.54 -24.01 32.70
CA GLU B 355 -16.25 -22.77 31.99
C GLU B 355 -15.08 -22.09 32.66
N PHE B 356 -15.05 -22.08 33.99
CA PHE B 356 -13.93 -21.46 34.70
C PHE B 356 -12.61 -22.08 34.33
N ALA B 357 -12.57 -23.41 34.30
CA ALA B 357 -11.35 -24.15 33.93
C ALA B 357 -11.01 -23.90 32.50
N THR B 358 -12.01 -23.92 31.62
CA THR B 358 -11.74 -23.62 30.18
C THR B 358 -11.13 -22.23 29.94
N LEU B 359 -11.60 -21.22 30.69
CA LEU B 359 -11.07 -19.86 30.54
C LEU B 359 -9.69 -19.71 31.18
N MET B 360 -9.47 -20.36 32.33
CA MET B 360 -8.12 -20.38 32.94
C MET B 360 -7.09 -21.05 32.03
N ALA B 361 -7.51 -22.07 31.29
CA ALA B 361 -6.60 -22.72 30.30
C ALA B 361 -6.11 -21.76 29.23
N ILE B 362 -6.98 -20.84 28.80
CA ILE B 362 -6.57 -19.80 27.86
C ILE B 362 -5.55 -18.83 28.48
N PHE B 363 -5.81 -18.35 29.69
CA PHE B 363 -4.77 -17.53 30.38
C PHE B 363 -3.48 -18.32 30.56
N ASN B 364 -3.57 -19.60 30.97
CA ASN B 364 -2.36 -20.42 31.15
C ASN B 364 -1.59 -20.43 29.84
N LYS B 365 -2.27 -20.71 28.75
CA LYS B 365 -1.63 -20.70 27.41
C LYS B 365 -1.02 -19.33 27.01
N GLU B 366 -1.62 -18.21 27.45
CA GLU B 366 -1.04 -16.87 27.23
C GLU B 366 0.15 -16.64 28.15
N ASP B 367 0.36 -17.54 29.10
CA ASP B 367 1.40 -17.40 30.10
C ASP B 367 1.15 -16.12 30.89
N LYS B 368 -0.09 -15.93 31.30
CA LYS B 368 -0.47 -14.76 32.04
C LYS B 368 -1.04 -15.19 33.37
N GLU B 369 -0.34 -14.82 34.44
CA GLU B 369 -0.81 -15.14 35.78
C GLU B 369 -2.13 -14.44 36.08
N VAL B 370 -2.99 -15.11 36.82
CA VAL B 370 -4.29 -14.61 37.19
C VAL B 370 -4.36 -14.48 38.70
N TYR B 371 -4.78 -13.30 39.18
CA TYR B 371 -4.91 -13.05 40.63
C TYR B 371 -6.36 -12.75 40.95
N ILE B 372 -6.93 -13.48 41.90
CA ILE B 372 -8.34 -13.33 42.26
C ILE B 372 -8.52 -13.03 43.76
N ALA B 373 -9.24 -11.97 44.04
CA ALA B 373 -9.73 -11.68 45.41
C ALA B 373 -11.20 -12.06 45.47
N ASP B 374 -11.57 -12.81 46.50
CA ASP B 374 -12.94 -13.23 46.74
C ASP B 374 -13.54 -12.44 47.86
N TYR B 375 -14.82 -12.11 47.72
CA TYR B 375 -15.54 -11.30 48.67
C TYR B 375 -16.88 -11.97 48.87
N GLU B 376 -17.24 -12.23 50.14
CA GLU B 376 -18.54 -12.81 50.47
C GLU B 376 -19.14 -12.12 51.67
N HIS B 377 -18.56 -10.99 52.07
CA HIS B 377 -19.00 -10.29 53.28
C HIS B 377 -20.34 -9.61 53.17
N LEU B 378 -20.83 -9.42 51.94
CA LEU B 378 -22.16 -8.87 51.78
C LEU B 378 -23.23 -9.95 51.54
N GLY B 379 -22.89 -11.23 51.75
CA GLY B 379 -23.83 -12.32 51.57
C GLY B 379 -24.10 -12.70 50.12
N VAL B 380 -23.29 -12.17 49.19
CA VAL B 380 -23.30 -12.55 47.80
C VAL B 380 -21.88 -12.71 47.34
N TYR B 381 -21.61 -13.69 46.49
CA TYR B 381 -20.22 -13.85 46.06
C TYR B 381 -19.87 -12.74 45.08
N ALA B 382 -18.74 -12.10 45.32
CA ALA B 382 -18.18 -11.18 44.39
C ALA B 382 -16.70 -11.46 44.31
N CYS B 383 -16.10 -11.04 43.21
CA CYS B 383 -14.66 -11.19 43.01
C CYS B 383 -14.07 -10.04 42.23
N ARG B 384 -12.75 -9.95 42.27
CA ARG B 384 -12.02 -8.97 41.54
C ARG B 384 -10.81 -9.66 41.01
N ILE B 385 -10.68 -9.66 39.69
CA ILE B 385 -9.66 -10.43 39.00
C ILE B 385 -8.69 -9.52 38.26
N ILE B 386 -7.41 -9.63 38.57
CA ILE B 386 -6.37 -8.91 37.88
C ILE B 386 -5.56 -9.91 37.04
N VAL B 387 -5.33 -9.56 35.78
CA VAL B 387 -4.42 -10.31 34.92
C VAL B 387 -3.40 -9.33 34.30
N PRO B 388 -2.30 -9.08 34.99
CA PRO B 388 -1.35 -8.07 34.51
C PRO B 388 -0.88 -8.37 33.10
N GLY B 389 -0.99 -7.39 32.21
CA GLY B 389 -0.68 -7.57 30.79
C GLY B 389 -1.90 -8.01 29.97
N MET B 390 -3.05 -8.20 30.61
CA MET B 390 -4.30 -8.38 29.86
C MET B 390 -5.50 -7.52 30.37
N SER B 391 -5.71 -7.49 31.68
CA SER B 391 -6.85 -6.78 32.24
C SER B 391 -6.60 -5.30 32.52
N ASP B 392 -5.38 -4.81 32.30
CA ASP B 392 -5.08 -3.40 32.60
C ASP B 392 -5.91 -2.50 31.72
N ILE B 393 -6.42 -1.43 32.29
CA ILE B 393 -7.09 -0.37 31.53
C ILE B 393 -6.20 0.84 31.26
N TYR B 394 -5.34 1.18 32.19
CA TYR B 394 -4.38 2.25 32.02
C TYR B 394 -2.94 1.71 32.09
N PRO B 395 -1.98 2.41 31.43
CA PRO B 395 -0.65 1.81 31.39
C PRO B 395 0.07 2.07 32.70
N ALA B 396 1.02 1.22 33.02
CA ALA B 396 1.76 1.35 34.27
C ALA B 396 2.50 2.68 34.43
N GLU B 397 2.89 3.32 33.33
CA GLU B 397 3.53 4.63 33.44
C GLU B 397 2.60 5.66 34.15
N ASP B 398 1.29 5.42 34.14
CA ASP B 398 0.37 6.31 34.81
C ASP B 398 0.60 6.36 36.32
N LEU B 399 1.22 5.34 36.89
CA LEU B 399 1.56 5.37 38.30
C LEU B 399 2.46 6.56 38.60
N TRP B 400 3.30 6.94 37.66
CA TRP B 400 4.13 8.14 37.74
C TRP B 400 3.44 9.39 37.22
N LEU B 401 2.72 9.28 36.12
CA LEU B 401 2.26 10.46 35.36
C LEU B 401 0.83 10.89 35.68
N ALA B 402 -0.03 9.98 36.10
CA ALA B 402 -1.45 10.27 36.25
C ALA B 402 -1.98 9.51 37.43
N ASN B 403 -1.29 9.63 38.58
CA ASN B 403 -1.69 8.90 39.74
C ASN B 403 -2.79 9.60 40.50
N ASN B 404 -3.88 8.90 40.79
CA ASN B 404 -5.02 9.56 41.45
C ASN B 404 -4.78 10.01 42.90
N SER B 405 -3.63 9.68 43.49
CA SER B 405 -3.33 10.14 44.85
C SER B 405 -2.22 11.21 44.80
N MET B 406 -1.79 11.56 43.59
CA MET B 406 -0.84 12.65 43.40
C MET B 406 -1.05 13.98 44.14
N GLY B 407 -2.27 14.36 44.45
CA GLY B 407 -2.54 15.61 45.13
C GLY B 407 -2.94 15.50 46.57
N SER B 408 -2.81 14.31 47.13
CA SER B 408 -3.10 14.08 48.53
C SER B 408 -2.32 15.02 49.42
N HIS B 409 -1.05 15.21 49.12
CA HIS B 409 -0.14 15.99 50.01
C HIS B 409 -0.54 17.45 50.09
N LEU B 410 -1.33 17.92 49.13
CA LEU B 410 -1.83 19.30 49.11
C LEU B 410 -3.22 19.44 49.69
N ARG B 411 -3.87 18.34 50.05
CA ARG B 411 -5.24 18.40 50.49
C ARG B 411 -5.40 19.34 51.68
N GLU B 412 -4.67 19.08 52.74
CA GLU B 412 -4.85 19.86 54.00
C GLU B 412 -4.65 21.38 53.75
N THR B 413 -3.61 21.73 53.02
CA THR B 413 -3.36 23.11 52.63
C THR B 413 -4.50 23.76 51.86
N ILE B 414 -5.01 23.07 50.87
CA ILE B 414 -6.03 23.65 50.00
C ILE B 414 -7.34 23.80 50.74
N LEU B 415 -7.70 22.79 51.51
CA LEU B 415 -8.93 22.84 52.31
C LEU B 415 -8.89 23.89 53.39
N SER B 416 -7.69 24.33 53.77
CA SER B 416 -7.54 25.41 54.78
C SER B 416 -7.63 26.82 54.21
N LEU B 417 -7.67 26.97 52.89
CA LEU B 417 -7.62 28.30 52.29
C LEU B 417 -8.78 29.22 52.64
N PRO B 418 -10.01 28.74 52.61
CA PRO B 418 -11.09 29.60 53.06
C PRO B 418 -10.91 30.00 54.52
N GLY B 419 -10.86 31.31 54.79
CA GLY B 419 -10.61 31.80 56.16
C GLY B 419 -9.15 31.81 56.57
N SER B 420 -8.27 31.35 55.68
CA SER B 420 -6.86 31.40 55.95
C SER B 420 -6.44 32.88 56.00
N GLU B 421 -5.36 33.18 56.71
CA GLU B 421 -4.88 34.56 56.85
C GLU B 421 -3.37 34.58 56.73
N TRP B 422 -2.87 33.94 55.67
CA TRP B 422 -1.43 33.90 55.43
C TRP B 422 -0.92 35.26 54.96
N GLU B 423 0.40 35.35 54.87
CA GLU B 423 1.04 36.43 54.19
C GLU B 423 0.78 36.28 52.69
N LYS B 424 0.64 37.43 52.01
CA LYS B 424 0.42 37.46 50.58
C LYS B 424 1.36 36.53 49.82
N GLU B 425 2.64 36.54 50.19
CA GLU B 425 3.63 35.77 49.43
C GLU B 425 3.36 34.28 49.49
N ASP B 426 2.76 33.82 50.58
CA ASP B 426 2.45 32.40 50.72
C ASP B 426 1.43 31.97 49.67
N TYR B 427 0.44 32.84 49.45
CA TYR B 427 -0.58 32.57 48.45
C TYR B 427 0.07 32.49 47.07
N LEU B 428 0.94 33.43 46.76
CA LEU B 428 1.62 33.43 45.45
C LEU B 428 2.58 32.28 45.27
N ASN B 429 3.24 31.89 46.36
CA ASN B 429 4.12 30.73 46.37
C ASN B 429 3.39 29.47 46.04
N LEU B 430 2.20 29.30 46.60
CA LEU B 430 1.39 28.14 46.30
C LEU B 430 1.04 28.06 44.81
N ILE B 431 0.81 29.20 44.16
CA ILE B 431 0.65 29.18 42.67
C ILE B 431 1.85 28.53 41.99
N GLU B 432 3.03 28.97 42.38
CA GLU B 432 4.26 28.43 41.81
C GLU B 432 4.40 26.95 42.09
N GLN B 433 4.02 26.54 43.29
CA GLN B 433 4.13 25.13 43.69
C GLN B 433 3.24 24.28 42.79
N LEU B 434 2.01 24.75 42.54
CA LEU B 434 1.10 24.05 41.64
C LEU B 434 1.68 23.92 40.22
N ASP B 435 2.31 24.98 39.72
CA ASP B 435 2.95 24.95 38.41
C ASP B 435 4.11 24.00 38.38
N GLU B 436 5.00 24.14 39.35
CA GLU B 436 6.18 23.27 39.44
C GLU B 436 5.84 21.81 39.64
N GLU B 437 4.77 21.52 40.36
CA GLU B 437 4.36 20.12 40.47
C GLU B 437 3.65 19.64 39.21
N GLY B 438 3.34 20.55 38.30
CA GLY B 438 2.87 20.17 36.97
C GLY B 438 1.41 19.74 36.89
N PHE B 439 0.55 20.25 37.76
CA PHE B 439 -0.87 19.97 37.66
C PHE B 439 -1.46 20.72 36.47
N ASP B 440 -2.31 20.04 35.71
CA ASP B 440 -3.07 20.64 34.65
C ASP B 440 -4.07 21.65 35.25
N ASP B 441 -4.13 22.84 34.63
CA ASP B 441 -5.04 23.89 35.05
C ASP B 441 -6.50 23.46 34.97
N PHE B 442 -6.80 22.51 34.08
CA PHE B 442 -8.15 22.01 33.89
C PHE B 442 -8.58 21.00 34.94
N THR B 443 -7.65 20.51 35.75
CA THR B 443 -8.01 19.48 36.70
C THR B 443 -8.99 20.04 37.72
N ARG B 444 -10.04 19.28 37.97
CA ARG B 444 -10.98 19.59 39.04
C ARG B 444 -10.32 19.32 40.40
N VAL B 445 -10.28 20.34 41.23
CA VAL B 445 -9.72 20.21 42.57
C VAL B 445 -10.44 19.10 43.32
N ARG B 446 -11.75 19.01 43.18
CA ARG B 446 -12.48 17.98 43.88
C ARG B 446 -12.09 16.57 43.48
N GLU B 447 -11.72 16.38 42.22
CA GLU B 447 -11.26 15.05 41.78
C GLU B 447 -9.83 14.81 42.28
N LEU B 448 -8.98 15.83 42.16
CA LEU B 448 -7.63 15.78 42.68
C LEU B 448 -7.55 15.44 44.15
N LEU B 449 -8.53 15.91 44.91
CA LEU B 449 -8.50 15.71 46.36
C LEU B 449 -9.49 14.65 46.85
N GLY B 450 -10.34 14.17 45.96
CA GLY B 450 -11.29 13.11 46.32
C GLY B 450 -12.43 13.58 47.17
N LEU B 451 -13.08 14.67 46.75
CA LEU B 451 -14.16 15.29 47.50
C LEU B 451 -15.48 15.17 46.82
N ALA B 452 -16.46 14.62 47.54
CA ALA B 452 -17.83 14.60 47.13
C ALA B 452 -18.46 15.89 47.62
N THR B 453 -18.30 16.93 46.81
CA THR B 453 -18.64 18.32 47.25
C THR B 453 -20.12 18.60 47.28
N GLY B 454 -20.89 17.85 46.51
CA GLY B 454 -22.27 18.23 46.21
C GLY B 454 -22.22 19.30 45.12
N SER B 455 -23.39 19.68 44.62
CA SER B 455 -23.46 20.56 43.44
C SER B 455 -23.70 22.03 43.77
N ASP B 456 -23.86 22.36 45.05
CA ASP B 456 -24.36 23.65 45.45
C ASP B 456 -23.28 24.45 46.21
N ASN B 457 -22.06 24.44 45.71
CA ASN B 457 -21.02 25.31 46.24
C ASN B 457 -19.95 25.39 45.22
N GLY B 458 -19.00 26.28 45.43
CA GLY B 458 -17.97 26.55 44.47
C GLY B 458 -16.92 25.47 44.32
N TRP B 459 -16.81 24.57 45.30
CA TRP B 459 -15.85 23.47 45.19
C TRP B 459 -16.25 22.51 44.10
N TYR B 460 -17.54 22.46 43.80
CA TYR B 460 -18.06 21.54 42.78
C TYR B 460 -17.42 21.75 41.43
N THR B 461 -17.19 23.02 41.08
CA THR B 461 -16.75 23.40 39.74
C THR B 461 -15.33 23.92 39.74
N LEU B 462 -14.72 23.97 40.91
CA LEU B 462 -13.40 24.56 41.04
C LEU B 462 -12.29 23.79 40.34
N ARG B 463 -11.64 24.44 39.39
CA ARG B 463 -10.46 23.87 38.71
C ARG B 463 -9.21 24.59 39.17
N ILE B 464 -8.07 23.96 38.91
CA ILE B 464 -6.79 24.50 39.30
C ILE B 464 -6.66 25.94 38.82
N GLY B 465 -6.99 26.19 37.55
CA GLY B 465 -6.90 27.53 36.98
C GLY B 465 -7.65 28.54 37.83
N GLU B 466 -8.84 28.17 38.31
CA GLU B 466 -9.67 29.07 39.11
C GLU B 466 -9.06 29.22 40.47
N LEU B 467 -8.47 28.15 41.01
CA LEU B 467 -7.79 28.26 42.27
C LEU B 467 -6.66 29.28 42.18
N LYS B 468 -5.93 29.28 41.07
CA LYS B 468 -4.86 30.21 40.85
C LYS B 468 -5.41 31.64 40.84
N ALA B 469 -6.58 31.84 40.27
CA ALA B 469 -7.19 33.17 40.32
C ALA B 469 -7.41 33.61 41.77
N MET B 470 -7.91 32.69 42.59
CA MET B 470 -8.25 32.98 43.97
C MET B 470 -6.97 33.26 44.77
N LEU B 471 -5.95 32.47 44.56
CA LEU B 471 -4.67 32.68 45.23
C LEU B 471 -4.01 33.99 44.80
N ALA B 472 -4.16 34.36 43.53
CA ALA B 472 -3.61 35.60 43.03
C ALA B 472 -4.26 36.76 43.77
N LEU B 473 -5.57 36.69 43.93
CA LEU B 473 -6.32 37.72 44.62
C LEU B 473 -5.91 37.82 46.09
N ALA B 474 -5.92 36.69 46.78
CA ALA B 474 -5.48 36.62 48.17
C ALA B 474 -4.05 37.12 48.34
N GLY B 475 -3.21 36.85 47.33
CA GLY B 475 -1.82 37.26 47.33
C GLY B 475 -1.56 38.64 46.81
N GLY B 476 -2.60 39.34 46.40
CA GLY B 476 -2.48 40.73 45.92
C GLY B 476 -1.89 40.95 44.54
N ASP B 477 -1.81 39.91 43.72
CA ASP B 477 -1.32 40.04 42.35
C ASP B 477 -2.51 40.14 41.36
N LEU B 478 -2.94 41.37 41.10
CA LEU B 478 -4.13 41.60 40.27
C LEU B 478 -3.94 41.34 38.79
N GLU B 479 -2.69 41.31 38.32
CA GLU B 479 -2.45 40.94 36.94
C GLU B 479 -2.63 39.43 36.74
N GLN B 480 -2.00 38.61 37.60
CA GLN B 480 -2.27 37.19 37.58
C GLN B 480 -3.74 36.90 37.86
N ALA B 481 -4.35 37.64 38.77
CA ALA B 481 -5.77 37.42 39.05
C ALA B 481 -6.61 37.58 37.80
N LEU B 482 -6.29 38.60 36.99
CA LEU B 482 -7.05 38.84 35.77
C LEU B 482 -6.88 37.70 34.77
N VAL B 483 -5.64 37.30 34.54
CA VAL B 483 -5.34 36.20 33.61
C VAL B 483 -6.20 34.98 33.96
N TRP B 484 -6.24 34.60 35.24
CA TRP B 484 -6.87 33.35 35.64
C TRP B 484 -8.35 33.50 35.87
N THR B 485 -8.78 34.72 36.13
CA THR B 485 -10.19 35.00 36.14
C THR B 485 -10.79 34.91 34.71
N GLU B 486 -10.04 35.36 33.70
CA GLU B 486 -10.54 35.23 32.32
C GLU B 486 -10.58 33.78 31.90
N TRP B 487 -9.51 33.07 32.21
CA TRP B 487 -9.46 31.63 32.00
C TRP B 487 -10.68 30.96 32.63
N THR B 488 -10.98 31.35 33.87
CA THR B 488 -12.06 30.71 34.61
C THR B 488 -13.35 30.85 33.85
N MET B 489 -13.65 32.07 33.41
CA MET B 489 -14.89 32.31 32.70
C MET B 489 -14.94 31.67 31.32
N GLU B 490 -13.83 31.74 30.61
CA GLU B 490 -13.71 31.10 29.33
C GLU B 490 -14.03 29.61 29.39
N PHE B 491 -13.51 28.92 30.41
CA PHE B 491 -13.65 27.47 30.48
C PHE B 491 -14.64 26.91 31.53
N ASN B 492 -15.32 27.77 32.29
CA ASN B 492 -16.26 27.29 33.32
C ASN B 492 -17.59 28.02 33.43
N SER B 493 -17.72 29.23 32.89
CA SER B 493 -18.94 29.98 33.12
C SER B 493 -20.16 29.13 32.82
N SER B 494 -20.07 28.27 31.81
CA SER B 494 -21.22 27.45 31.38
C SER B 494 -21.78 26.54 32.48
N VAL B 495 -20.91 26.06 33.38
CA VAL B 495 -21.35 25.17 34.45
C VAL B 495 -21.59 25.86 35.81
N PHE B 496 -21.22 27.12 35.95
CA PHE B 496 -21.53 27.88 37.18
C PHE B 496 -23.04 28.12 37.34
N SER B 497 -23.50 28.19 38.58
CA SER B 497 -24.85 28.62 38.82
C SER B 497 -24.94 30.07 38.35
N PRO B 498 -26.16 30.56 38.08
CA PRO B 498 -26.29 31.97 37.68
C PRO B 498 -25.61 32.94 38.66
N GLU B 499 -25.73 32.68 39.95
CA GLU B 499 -25.18 33.56 40.98
C GLU B 499 -23.69 33.58 40.88
N ARG B 500 -23.08 32.41 40.68
CA ARG B 500 -21.65 32.32 40.60
C ARG B 500 -21.09 32.89 39.30
N ALA B 501 -21.81 32.68 38.20
CA ALA B 501 -21.42 33.29 36.92
C ALA B 501 -21.49 34.81 37.02
N ASN B 502 -22.54 35.30 37.64
CA ASN B 502 -22.70 36.73 37.79
C ASN B 502 -21.57 37.32 38.62
N TYR B 503 -21.18 36.63 39.68
CA TYR B 503 -20.05 37.06 40.51
C TYR B 503 -18.82 37.19 39.68
N TYR B 504 -18.59 36.23 38.79
CA TYR B 504 -17.38 36.24 37.99
C TYR B 504 -17.37 37.31 36.88
N ARG B 505 -18.53 37.60 36.28
CA ARG B 505 -18.60 38.73 35.38
C ARG B 505 -18.24 40.02 36.12
N CYS B 506 -18.79 40.18 37.31
CA CYS B 506 -18.50 41.32 38.14
C CYS B 506 -17.03 41.44 38.46
N LEU B 507 -16.44 40.37 38.99
CA LEU B 507 -15.05 40.36 39.36
C LEU B 507 -14.16 40.68 38.18
N GLN B 508 -14.42 40.05 37.04
CA GLN B 508 -13.64 40.34 35.84
C GLN B 508 -13.76 41.80 35.42
N THR B 509 -14.97 42.34 35.40
CA THR B 509 -15.13 43.75 35.10
C THR B 509 -14.24 44.60 36.04
N LEU B 510 -14.22 44.28 37.34
CA LEU B 510 -13.44 45.07 38.32
C LEU B 510 -11.96 44.92 38.09
N LEU B 511 -11.54 43.73 37.72
CA LEU B 511 -10.13 43.53 37.46
C LEU B 511 -9.67 44.23 36.19
N LEU B 512 -10.52 44.24 35.17
CA LEU B 512 -10.23 45.02 33.92
C LEU B 512 -10.13 46.51 34.26
N LEU B 513 -11.08 46.99 35.05
CA LEU B 513 -11.06 48.37 35.50
C LEU B 513 -9.76 48.73 36.24
N ALA B 514 -9.28 47.84 37.08
CA ALA B 514 -8.04 48.08 37.83
C ALA B 514 -6.82 48.30 36.94
N GLN B 515 -6.84 47.75 35.72
CA GLN B 515 -5.81 47.98 34.72
C GLN B 515 -6.03 49.26 33.91
N GLU B 516 -7.16 49.93 34.09
CA GLU B 516 -7.40 51.21 33.42
C GLU B 516 -6.86 52.38 34.27
N GLU B 517 -5.62 52.76 34.01
CA GLU B 517 -4.94 53.81 34.79
C GLU B 517 -5.66 55.15 34.71
N ASP B 518 -6.29 55.46 33.59
CA ASP B 518 -6.94 56.78 33.42
C ASP B 518 -8.43 56.80 33.73
N ARG B 519 -8.94 55.80 34.45
CA ARG B 519 -10.34 55.78 34.79
C ARG B 519 -10.55 55.71 36.30
N GLN B 520 -11.60 56.36 36.76
CA GLN B 520 -11.89 56.47 38.18
C GLN B 520 -13.03 55.51 38.56
N PRO B 521 -12.72 54.48 39.36
CA PRO B 521 -13.70 53.48 39.76
C PRO B 521 -15.02 54.00 40.30
N LEU B 522 -15.03 55.12 41.03
CA LEU B 522 -16.31 55.63 41.59
C LEU B 522 -17.26 56.05 40.47
N GLN B 523 -16.71 56.43 39.32
CA GLN B 523 -17.57 56.85 38.20
C GLN B 523 -18.47 55.72 37.70
N TYR B 524 -18.04 54.46 37.92
CA TYR B 524 -18.76 53.26 37.39
C TYR B 524 -19.58 52.47 38.38
N LEU B 525 -19.49 52.82 39.67
CA LEU B 525 -20.06 52.04 40.73
C LEU B 525 -21.55 51.85 40.61
N ASN B 526 -22.28 52.91 40.29
CA ASN B 526 -23.74 52.80 40.18
C ASN B 526 -24.09 51.84 39.06
N ALA B 527 -23.37 51.95 37.96
CA ALA B 527 -23.60 51.10 36.80
C ALA B 527 -23.30 49.63 37.18
N PHE B 528 -22.17 49.41 37.87
CA PHE B 528 -21.82 48.08 38.34
C PHE B 528 -22.91 47.50 39.26
N VAL B 529 -23.48 48.32 40.15
CA VAL B 529 -24.50 47.85 41.05
C VAL B 529 -25.76 47.48 40.27
N ARG B 530 -26.11 48.27 39.26
CA ARG B 530 -27.29 47.95 38.48
C ARG B 530 -27.08 46.71 37.63
N MET B 531 -25.88 46.49 37.13
CA MET B 531 -25.63 45.30 36.27
C MET B 531 -25.53 44.03 37.12
N TYR B 532 -24.74 44.07 38.19
CA TYR B 532 -24.31 42.87 38.93
C TYR B 532 -24.97 42.67 40.30
N GLY B 533 -25.66 43.70 40.81
CA GLY B 533 -26.29 43.62 42.14
C GLY B 533 -25.28 44.04 43.17
N ALA B 534 -25.76 44.61 44.27
CA ALA B 534 -24.88 45.10 45.36
C ALA B 534 -24.08 43.99 45.98
N ASP B 535 -24.71 42.83 46.17
CA ASP B 535 -24.00 41.69 46.83
C ASP B 535 -22.75 41.25 46.08
N ALA B 536 -22.87 41.06 44.77
CA ALA B 536 -21.74 40.68 43.94
C ALA B 536 -20.68 41.75 43.88
N VAL B 537 -21.09 43.01 43.79
CA VAL B 537 -20.08 44.09 43.79
C VAL B 537 -19.31 44.11 45.12
N GLU B 538 -20.04 43.91 46.21
CA GLU B 538 -19.45 43.79 47.55
C GLU B 538 -18.49 42.58 47.62
N ALA B 539 -18.97 41.41 47.20
CA ALA B 539 -18.10 40.20 47.28
C ALA B 539 -16.85 40.30 46.41
N ALA B 540 -17.04 40.82 45.21
CA ALA B 540 -15.92 40.96 44.27
C ALA B 540 -14.88 41.94 44.79
N SER B 541 -15.31 43.03 45.41
CA SER B 541 -14.37 44.03 45.95
C SER B 541 -13.65 43.44 47.12
N ALA B 542 -14.37 42.69 47.94
CA ALA B 542 -13.73 41.95 49.04
C ALA B 542 -12.70 40.94 48.55
N ALA B 543 -12.94 40.33 47.37
CA ALA B 543 -11.94 39.44 46.80
C ALA B 543 -10.70 40.17 46.31
N MET B 544 -10.93 41.34 45.70
CA MET B 544 -9.83 42.19 45.19
C MET B 544 -8.98 42.88 46.23
N SER B 545 -9.54 43.16 47.40
CA SER B 545 -8.76 43.62 48.54
C SER B 545 -7.89 42.52 49.16
N GLY B 546 -8.21 41.27 48.87
CA GLY B 546 -7.45 40.13 49.42
C GLY B 546 -8.09 39.57 50.67
N GLU B 547 -9.24 40.11 51.05
CA GLU B 547 -9.87 39.78 52.32
C GLU B 547 -10.72 38.51 52.27
N ALA B 548 -11.39 38.28 51.14
CA ALA B 548 -12.25 37.11 50.97
C ALA B 548 -12.13 36.64 49.52
N ALA B 549 -10.97 36.08 49.19
CA ALA B 549 -10.65 35.72 47.83
C ALA B 549 -11.25 34.39 47.41
N PHE B 550 -11.65 33.56 48.36
CA PHE B 550 -12.06 32.17 48.08
C PHE B 550 -13.57 32.07 48.03
N TYR B 551 -14.13 32.86 47.11
CA TYR B 551 -15.55 33.08 47.04
C TYR B 551 -16.33 31.78 46.78
N GLY B 552 -17.32 31.52 47.62
CA GLY B 552 -18.15 30.35 47.52
C GLY B 552 -17.51 29.05 48.03
N LEU B 553 -16.28 29.14 48.55
CA LEU B 553 -15.63 27.96 49.08
C LEU B 553 -15.76 27.97 50.59
N GLN B 554 -16.63 27.12 51.13
CA GLN B 554 -16.77 27.01 52.56
C GLN B 554 -15.57 26.26 53.14
N PRO B 555 -15.21 26.54 54.41
CA PRO B 555 -14.14 25.81 55.09
C PRO B 555 -14.46 24.32 55.18
N VAL B 556 -13.45 23.48 55.06
CA VAL B 556 -13.67 22.02 55.05
C VAL B 556 -12.82 21.33 56.11
N ASP B 557 -13.48 20.63 57.02
CA ASP B 557 -12.82 19.86 58.08
C ASP B 557 -12.30 18.55 57.53
N SER B 558 -11.56 17.83 58.34
CA SER B 558 -10.85 16.65 57.90
C SER B 558 -11.75 15.44 57.81
N ASP B 559 -13.00 15.53 58.27
CA ASP B 559 -13.97 14.43 58.02
C ASP B 559 -15.03 14.83 56.98
N LEU B 560 -14.77 15.94 56.30
CA LEU B 560 -15.65 16.50 55.26
C LEU B 560 -17.10 16.77 55.70
N HIS B 561 -17.30 17.23 56.94
CA HIS B 561 -18.63 17.58 57.44
C HIS B 561 -19.27 18.71 56.64
N ALA B 562 -18.44 19.60 56.11
CA ALA B 562 -18.93 20.70 55.31
C ALA B 562 -19.63 20.26 54.01
N PHE B 563 -19.44 19.00 53.59
CA PHE B 563 -20.09 18.49 52.40
C PHE B 563 -21.14 17.43 52.75
N ALA B 564 -22.41 17.78 52.59
CA ALA B 564 -23.49 16.89 52.89
C ALA B 564 -23.40 15.64 52.01
N ALA B 565 -23.01 15.83 50.76
CA ALA B 565 -22.90 14.72 49.83
C ALA B 565 -21.83 13.72 50.29
N HIS B 566 -20.69 14.25 50.73
CA HIS B 566 -19.61 13.40 51.22
C HIS B 566 -20.03 12.66 52.53
N GLN B 567 -20.81 13.34 53.39
CA GLN B 567 -21.38 12.69 54.58
C GLN B 567 -22.25 11.54 54.19
N SER B 568 -23.07 11.70 53.17
CA SER B 568 -23.93 10.62 52.71
C SER B 568 -23.12 9.45 52.17
N LEU B 569 -21.95 9.76 51.57
CA LEU B 569 -21.03 8.77 51.09
C LEU B 569 -20.40 7.98 52.27
N LEU B 570 -19.97 8.70 53.31
CA LEU B 570 -19.39 8.05 54.47
C LEU B 570 -20.42 7.18 55.21
N LYS B 571 -21.68 7.61 55.25
CA LYS B 571 -22.72 6.80 55.90
C LYS B 571 -22.95 5.52 55.12
N ALA B 572 -22.90 5.61 53.80
CA ALA B 572 -22.98 4.43 52.98
C ALA B 572 -21.79 3.51 53.26
N TYR B 573 -20.59 4.09 53.41
CA TYR B 573 -19.41 3.28 53.65
C TYR B 573 -19.49 2.54 54.97
N GLU B 574 -19.89 3.25 56.01
CA GLU B 574 -20.07 2.66 57.33
C GLU B 574 -20.95 1.42 57.30
N LYS B 575 -21.99 1.41 56.48
CA LYS B 575 -22.80 0.20 56.35
C LYS B 575 -21.94 -0.98 55.94
N LEU B 576 -20.97 -0.71 55.07
CA LEU B 576 -20.10 -1.73 54.55
C LEU B 576 -19.04 -2.09 55.58
N GLN B 577 -18.52 -1.09 56.27
CA GLN B 577 -17.57 -1.38 57.31
C GLN B 577 -18.17 -2.35 58.35
N ARG B 578 -19.41 -2.12 58.74
CA ARG B 578 -20.02 -2.98 59.73
C ARG B 578 -20.08 -4.41 59.22
N ALA B 579 -20.57 -4.56 57.97
CA ALA B 579 -20.65 -5.86 57.32
C ALA B 579 -19.29 -6.57 57.28
N LYS B 580 -18.25 -5.82 56.96
CA LYS B 580 -16.93 -6.38 56.92
C LYS B 580 -16.48 -6.91 58.31
N ALA B 581 -16.68 -6.07 59.33
CA ALA B 581 -16.26 -6.39 60.68
C ALA B 581 -16.96 -7.64 61.11
N ALA B 582 -18.25 -7.73 60.81
CA ALA B 582 -19.00 -8.91 61.21
C ALA B 582 -18.58 -10.17 60.44
N PHE B 583 -18.32 -10.07 59.14
CA PHE B 583 -17.88 -11.25 58.40
C PHE B 583 -16.48 -11.82 58.79
N TRP B 584 -15.54 -10.95 59.12
CA TRP B 584 -14.16 -11.39 59.41
C TRP B 584 -13.90 -11.70 60.91
N ALA C 12 -61.43 -22.47 -56.02
CA ALA C 12 -60.67 -21.55 -56.94
C ALA C 12 -59.77 -20.62 -56.15
N LEU C 13 -58.58 -20.38 -56.70
CA LEU C 13 -57.60 -19.56 -55.99
C LEU C 13 -58.14 -18.20 -55.61
N GLU C 14 -58.85 -17.56 -56.54
CA GLU C 14 -59.32 -16.19 -56.34
C GLU C 14 -60.40 -16.13 -55.24
N ASP C 15 -61.19 -17.20 -55.15
CA ASP C 15 -62.26 -17.35 -54.15
C ASP C 15 -61.63 -17.50 -52.76
N SER C 16 -60.64 -18.39 -52.65
CA SER C 16 -59.93 -18.56 -51.39
C SER C 16 -59.28 -17.26 -50.91
N ILE C 17 -58.64 -16.56 -51.84
CA ILE C 17 -57.95 -15.33 -51.51
C ILE C 17 -58.94 -14.30 -50.97
N ALA C 18 -60.00 -14.06 -51.73
CA ALA C 18 -60.97 -13.01 -51.35
C ALA C 18 -61.62 -13.35 -50.02
N ARG C 19 -61.96 -14.62 -49.86
CA ARG C 19 -62.59 -15.11 -48.66
C ARG C 19 -61.66 -14.94 -47.43
N PHE C 20 -60.43 -15.42 -47.55
CA PHE C 20 -59.47 -15.34 -46.43
C PHE C 20 -59.14 -13.90 -46.09
N GLN C 21 -58.95 -13.06 -47.11
CA GLN C 21 -58.71 -11.64 -46.89
C GLN C 21 -59.85 -10.97 -46.14
N GLN C 22 -61.08 -11.22 -46.59
CA GLN C 22 -62.25 -10.64 -45.95
C GLN C 22 -62.39 -11.08 -44.49
N LYS C 23 -62.20 -12.37 -44.25
CA LYS C 23 -62.33 -12.89 -42.88
C LYS C 23 -61.25 -12.30 -41.93
N LEU C 24 -60.01 -12.17 -42.40
CA LEU C 24 -58.95 -11.62 -41.54
C LEU C 24 -59.29 -10.21 -41.11
N SER C 25 -59.72 -9.43 -42.08
CA SER C 25 -60.20 -8.08 -41.82
C SER C 25 -61.37 -8.07 -40.82
N ASP C 26 -62.36 -8.94 -41.00
CA ASP C 26 -63.49 -9.05 -40.06
C ASP C 26 -63.05 -9.35 -38.64
N LEU C 27 -62.05 -10.21 -38.50
CA LEU C 27 -61.56 -10.61 -37.19
C LEU C 27 -60.76 -9.52 -36.52
N GLY C 28 -60.43 -8.49 -37.29
CA GLY C 28 -59.67 -7.36 -36.78
C GLY C 28 -58.19 -7.42 -37.07
N PHE C 29 -57.79 -8.28 -38.03
CA PHE C 29 -56.38 -8.39 -38.42
C PHE C 29 -56.11 -7.59 -39.69
N GLN C 30 -55.02 -6.81 -39.64
CA GLN C 30 -54.52 -6.03 -40.75
C GLN C 30 -53.22 -6.67 -41.24
N ILE C 31 -53.33 -7.43 -42.30
CA ILE C 31 -52.24 -8.25 -42.79
C ILE C 31 -51.71 -7.63 -44.05
N GLU C 32 -50.38 -7.50 -44.14
CA GLU C 32 -49.76 -6.91 -45.32
C GLU C 32 -48.86 -7.92 -45.98
N GLU C 33 -48.79 -7.87 -47.30
CA GLU C 33 -47.84 -8.67 -48.09
C GLU C 33 -46.56 -7.87 -48.08
N ALA C 34 -45.50 -8.45 -47.56
CA ALA C 34 -44.26 -7.69 -47.31
C ALA C 34 -43.23 -7.87 -48.41
N SER C 35 -43.14 -9.05 -49.00
CA SER C 35 -42.17 -9.26 -50.07
C SER C 35 -42.59 -10.44 -50.90
N TRP C 36 -42.27 -10.38 -52.18
CA TRP C 36 -42.67 -11.35 -53.19
C TRP C 36 -41.44 -11.85 -53.90
N LEU C 37 -41.39 -13.13 -54.20
CA LEU C 37 -40.30 -13.67 -54.98
C LEU C 37 -40.84 -14.57 -56.07
N ASN C 38 -40.13 -14.57 -57.19
CA ASN C 38 -40.43 -15.43 -58.32
C ASN C 38 -39.07 -15.78 -58.96
N PRO C 39 -38.26 -16.57 -58.24
CA PRO C 39 -36.85 -16.77 -58.60
C PRO C 39 -36.63 -17.62 -59.85
N VAL C 40 -37.55 -18.54 -60.15
CA VAL C 40 -37.53 -19.28 -61.41
C VAL C 40 -38.95 -19.44 -61.95
N PRO C 41 -39.10 -19.85 -63.25
CA PRO C 41 -40.45 -20.00 -63.79
C PRO C 41 -41.28 -21.04 -63.02
N ASN C 42 -42.53 -20.66 -62.73
CA ASN C 42 -43.48 -21.54 -62.01
C ASN C 42 -43.14 -21.79 -60.52
N VAL C 43 -42.39 -20.87 -59.90
CA VAL C 43 -42.12 -20.90 -58.48
C VAL C 43 -42.26 -19.51 -57.89
N TRP C 44 -43.21 -19.37 -56.96
CA TRP C 44 -43.47 -18.12 -56.26
C TRP C 44 -43.42 -18.30 -54.75
N SER C 45 -43.21 -17.20 -54.05
CA SER C 45 -43.32 -17.15 -52.61
C SER C 45 -43.65 -15.75 -52.21
N VAL C 46 -44.20 -15.60 -51.01
CA VAL C 46 -44.57 -14.31 -50.47
C VAL C 46 -44.52 -14.41 -48.95
N HIS C 47 -44.27 -13.27 -48.32
CA HIS C 47 -44.22 -13.18 -46.85
C HIS C 47 -45.33 -12.26 -46.44
N ILE C 48 -46.14 -12.68 -45.48
CA ILE C 48 -47.25 -11.84 -45.01
C ILE C 48 -47.13 -11.70 -43.50
N ARG C 49 -47.56 -10.56 -42.96
CA ARG C 49 -47.39 -10.27 -41.56
C ARG C 49 -48.43 -9.31 -41.03
N ASP C 50 -48.59 -9.36 -39.70
CA ASP C 50 -49.56 -8.55 -39.01
C ASP C 50 -48.93 -7.21 -38.80
N LYS C 51 -49.52 -6.17 -39.40
CA LYS C 51 -49.03 -4.81 -39.22
C LYS C 51 -48.98 -4.38 -37.76
N GLU C 52 -49.77 -5.01 -36.90
CA GLU C 52 -49.82 -4.60 -35.49
C GLU C 52 -49.12 -5.60 -34.56
N CYS C 53 -48.53 -6.65 -35.11
CA CYS C 53 -47.78 -7.58 -34.28
C CYS C 53 -46.67 -8.22 -35.09
N ALA C 54 -45.45 -7.84 -34.75
CA ALA C 54 -44.27 -8.27 -35.47
C ALA C 54 -44.03 -9.77 -35.37
N LEU C 55 -44.57 -10.39 -34.32
CA LEU C 55 -44.34 -11.82 -34.07
C LEU C 55 -45.24 -12.73 -34.89
N CYS C 56 -46.18 -12.13 -35.63
CA CYS C 56 -47.16 -12.90 -36.37
C CYS C 56 -46.99 -12.73 -37.88
N PHE C 57 -46.54 -13.79 -38.53
CA PHE C 57 -46.31 -13.78 -39.96
C PHE C 57 -46.29 -15.21 -40.45
N THR C 58 -46.52 -15.36 -41.74
CA THR C 58 -46.38 -16.67 -42.37
C THR C 58 -45.80 -16.44 -43.74
N ASN C 59 -45.53 -17.55 -44.44
CA ASN C 59 -45.04 -17.48 -45.80
C ASN C 59 -45.84 -18.38 -46.72
N GLY C 60 -45.96 -17.93 -47.96
CA GLY C 60 -46.69 -18.64 -48.97
C GLY C 60 -45.75 -19.22 -49.99
N LYS C 61 -46.19 -20.26 -50.67
CA LYS C 61 -45.47 -20.84 -51.78
C LYS C 61 -46.45 -21.44 -52.79
N GLY C 62 -46.01 -21.55 -54.02
CA GLY C 62 -46.87 -22.10 -55.07
C GLY C 62 -46.31 -21.88 -56.47
N ALA C 63 -47.01 -22.44 -57.45
CA ALA C 63 -46.53 -22.41 -58.82
C ALA C 63 -46.95 -21.12 -59.55
N THR C 64 -47.80 -20.31 -58.91
CA THR C 64 -48.25 -19.03 -59.47
C THR C 64 -48.33 -18.07 -58.33
N LYS C 65 -48.45 -16.79 -58.65
CA LYS C 65 -48.53 -15.76 -57.64
C LYS C 65 -49.76 -15.98 -56.77
N LYS C 66 -50.92 -16.16 -57.40
CA LYS C 66 -52.16 -16.44 -56.67
C LYS C 66 -52.04 -17.64 -55.74
N ALA C 67 -51.53 -18.76 -56.25
CA ALA C 67 -51.37 -19.94 -55.44
C ALA C 67 -50.49 -19.67 -54.22
N ALA C 68 -49.46 -18.84 -54.36
CA ALA C 68 -48.59 -18.51 -53.24
C ALA C 68 -49.31 -17.63 -52.22
N LEU C 69 -50.14 -16.69 -52.69
CA LEU C 69 -50.87 -15.84 -51.77
C LEU C 69 -51.92 -16.65 -51.03
N ALA C 70 -52.61 -17.54 -51.72
CA ALA C 70 -53.57 -18.41 -51.06
C ALA C 70 -52.90 -19.31 -49.99
N SER C 71 -51.72 -19.79 -50.33
CA SER C 71 -50.91 -20.56 -49.39
C SER C 71 -50.50 -19.76 -48.14
N ALA C 72 -50.07 -18.53 -48.33
CA ALA C 72 -49.69 -17.68 -47.20
C ALA C 72 -50.85 -17.48 -46.26
N LEU C 73 -52.00 -17.13 -46.85
CA LEU C 73 -53.23 -16.82 -46.12
C LEU C 73 -53.81 -18.05 -45.46
N GLY C 74 -53.71 -19.18 -46.14
CA GLY C 74 -54.12 -20.45 -45.57
C GLY C 74 -53.27 -20.80 -44.36
N GLU C 75 -51.96 -20.61 -44.48
CA GLU C 75 -51.06 -20.85 -43.36
C GLU C 75 -51.39 -19.89 -42.22
N TYR C 76 -51.77 -18.68 -42.56
CA TYR C 76 -52.11 -17.69 -41.56
C TYR C 76 -53.31 -18.20 -40.76
N PHE C 77 -54.32 -18.74 -41.45
CA PHE C 77 -55.48 -19.28 -40.72
C PHE C 77 -55.12 -20.53 -39.93
N GLU C 78 -54.23 -21.33 -40.46
CA GLU C 78 -53.76 -22.52 -39.77
C GLU C 78 -53.10 -22.15 -38.42
N ARG C 79 -52.25 -21.15 -38.45
CA ARG C 79 -51.47 -20.78 -37.26
C ARG C 79 -52.31 -19.96 -36.29
N LEU C 80 -53.19 -19.12 -36.81
CA LEU C 80 -54.16 -18.45 -35.94
C LEU C 80 -55.07 -19.46 -35.24
N SER C 81 -55.64 -20.39 -35.99
CA SER C 81 -56.65 -21.30 -35.42
C SER C 81 -56.08 -22.18 -34.34
N THR C 82 -54.80 -22.52 -34.48
CA THR C 82 -54.13 -23.44 -33.53
C THR C 82 -53.43 -22.69 -32.42
N ASN C 83 -53.59 -21.37 -32.40
CA ASN C 83 -52.86 -20.49 -31.50
C ASN C 83 -51.32 -20.59 -31.63
N TYR C 84 -50.80 -21.00 -32.79
CA TYR C 84 -49.40 -21.40 -32.86
C TYR C 84 -48.42 -20.23 -32.75
N PHE C 85 -48.85 -19.03 -33.19
CA PHE C 85 -48.03 -17.84 -33.02
C PHE C 85 -47.69 -17.58 -31.57
N PHE C 86 -48.48 -18.11 -30.66
CA PHE C 86 -48.34 -17.81 -29.25
C PHE C 86 -47.68 -18.93 -28.48
N ALA C 87 -47.36 -20.01 -29.19
CA ALA C 87 -46.88 -21.25 -28.58
C ALA C 87 -45.59 -21.16 -27.78
N ASP C 88 -44.76 -20.19 -28.08
CA ASP C 88 -43.45 -20.10 -27.39
C ASP C 88 -43.47 -19.00 -26.33
N PHE C 89 -44.67 -18.50 -26.00
CA PHE C 89 -44.81 -17.40 -25.05
C PHE C 89 -45.75 -17.65 -23.87
N TRP C 90 -45.39 -17.09 -22.72
CA TRP C 90 -46.28 -17.06 -21.56
C TRP C 90 -47.24 -15.93 -21.87
N LEU C 91 -48.52 -16.14 -21.62
CA LEU C 91 -49.52 -15.15 -21.98
C LEU C 91 -49.98 -14.27 -20.81
N GLY C 92 -49.30 -14.39 -19.66
CA GLY C 92 -49.57 -13.48 -18.54
C GLY C 92 -50.60 -13.93 -17.53
N GLU C 93 -50.68 -13.22 -16.40
CA GLU C 93 -51.49 -13.63 -15.25
C GLU C 93 -53.01 -13.55 -15.54
N THR C 94 -53.43 -12.47 -16.17
CA THR C 94 -54.82 -12.30 -16.51
C THR C 94 -55.28 -13.47 -17.37
N ILE C 95 -54.61 -13.70 -18.51
CA ILE C 95 -55.01 -14.79 -19.40
C ILE C 95 -54.96 -16.11 -18.66
N ALA C 96 -53.94 -16.30 -17.84
CA ALA C 96 -53.77 -17.54 -17.11
C ALA C 96 -54.96 -17.86 -16.18
N ASN C 97 -55.59 -16.84 -15.61
CA ASN C 97 -56.68 -17.03 -14.65
C ASN C 97 -58.07 -16.77 -15.22
N GLY C 98 -58.14 -16.48 -16.51
CA GLY C 98 -59.40 -16.12 -17.18
C GLY C 98 -60.26 -17.34 -17.51
N PRO C 99 -61.41 -17.09 -18.14
CA PRO C 99 -62.38 -18.16 -18.44
C PRO C 99 -61.73 -19.37 -19.14
N PHE C 100 -61.01 -19.11 -20.22
CA PHE C 100 -60.22 -20.15 -20.91
C PHE C 100 -58.93 -19.59 -21.50
N VAL C 101 -57.86 -20.39 -21.49
CA VAL C 101 -56.53 -19.95 -21.98
C VAL C 101 -56.38 -20.24 -23.48
N HIS C 102 -56.60 -21.51 -23.84
CA HIS C 102 -56.46 -21.97 -25.22
C HIS C 102 -57.76 -22.02 -26.00
N TYR C 103 -58.71 -22.80 -25.50
CA TYR C 103 -60.04 -22.93 -26.12
C TYR C 103 -61.13 -23.08 -25.05
N PRO C 104 -62.35 -22.59 -25.34
CA PRO C 104 -63.47 -22.83 -24.40
C PRO C 104 -63.69 -24.33 -24.07
N ASN C 105 -63.43 -25.20 -25.06
CA ASN C 105 -63.45 -26.66 -25.20
C ASN C 105 -62.42 -27.36 -24.32
N GLU C 106 -61.45 -26.61 -23.80
CA GLU C 106 -60.34 -27.20 -23.09
C GLU C 106 -60.78 -27.71 -21.72
N LYS C 107 -60.00 -28.61 -21.12
CA LYS C 107 -60.34 -29.18 -19.84
C LYS C 107 -59.13 -29.16 -18.93
N TRP C 108 -59.34 -28.78 -17.67
CA TRP C 108 -58.28 -28.60 -16.70
C TRP C 108 -58.35 -29.71 -15.72
N PHE C 109 -57.22 -30.39 -15.52
CA PHE C 109 -57.10 -31.53 -14.64
C PHE C 109 -56.16 -31.17 -13.50
N PRO C 110 -56.70 -30.92 -12.31
CA PRO C 110 -55.84 -30.56 -11.18
C PRO C 110 -54.79 -31.62 -10.79
N LEU C 111 -53.68 -31.17 -10.24
CA LEU C 111 -52.63 -32.07 -9.85
C LEU C 111 -53.06 -32.96 -8.69
N THR C 112 -52.60 -34.20 -8.72
CA THR C 112 -52.91 -35.17 -7.69
C THR C 112 -51.85 -35.12 -6.60
N GLU C 113 -52.19 -35.71 -5.46
CA GLU C 113 -51.29 -35.71 -4.28
C GLU C 113 -50.00 -36.50 -4.51
N ASN C 114 -50.11 -37.68 -5.09
CA ASN C 114 -48.91 -38.42 -5.49
C ASN C 114 -48.27 -37.91 -6.80
N ASP C 115 -48.85 -36.85 -7.38
CA ASP C 115 -48.36 -36.22 -8.61
C ASP C 115 -48.29 -37.20 -9.78
N ASP C 116 -49.25 -38.11 -9.84
CA ASP C 116 -49.47 -38.91 -11.03
C ASP C 116 -50.18 -38.05 -12.05
N VAL C 117 -50.23 -38.55 -13.27
CA VAL C 117 -50.96 -37.87 -14.32
C VAL C 117 -52.42 -38.22 -14.15
N PRO C 118 -53.28 -37.21 -13.95
CA PRO C 118 -54.71 -37.48 -13.73
C PRO C 118 -55.32 -38.44 -14.76
N GLU C 119 -56.34 -39.20 -14.33
CA GLU C 119 -56.83 -40.38 -15.09
C GLU C 119 -57.58 -40.01 -16.38
N GLY C 120 -58.29 -38.89 -16.40
CA GLY C 120 -59.02 -38.50 -17.62
C GLY C 120 -58.22 -37.94 -18.80
N LEU C 121 -56.89 -37.91 -18.66
CA LEU C 121 -56.01 -37.40 -19.71
C LEU C 121 -55.52 -38.56 -20.53
N LEU C 122 -55.32 -38.32 -21.83
CA LEU C 122 -54.70 -39.31 -22.72
C LEU C 122 -55.60 -40.54 -22.93
N ASP C 123 -55.01 -41.66 -23.33
CA ASP C 123 -55.68 -42.96 -23.36
C ASP C 123 -54.57 -44.00 -23.16
N ASP C 124 -54.90 -45.29 -23.19
CA ASP C 124 -53.90 -46.32 -22.84
C ASP C 124 -52.73 -46.35 -23.79
N ARG C 125 -53.02 -46.27 -25.10
CA ARG C 125 -51.96 -46.32 -26.12
C ARG C 125 -51.01 -45.13 -26.04
N LEU C 126 -51.60 -43.94 -25.92
CA LEU C 126 -50.83 -42.71 -25.67
C LEU C 126 -49.95 -42.80 -24.42
N ARG C 127 -50.51 -43.20 -23.27
CA ARG C 127 -49.69 -43.44 -22.07
C ARG C 127 -48.51 -44.37 -22.30
N ALA C 128 -48.76 -45.48 -22.97
CA ALA C 128 -47.70 -46.44 -23.26
C ALA C 128 -46.64 -45.86 -24.23
N PHE C 129 -47.06 -45.01 -25.16
CA PHE C 129 -46.12 -44.40 -26.09
C PHE C 129 -45.27 -43.29 -25.44
N TYR C 130 -45.88 -42.34 -24.73
CA TYR C 130 -45.12 -41.24 -24.11
C TYR C 130 -44.34 -41.70 -22.89
N ASP C 131 -44.89 -42.69 -22.17
CA ASP C 131 -44.40 -43.01 -20.84
C ASP C 131 -44.31 -44.50 -20.60
N PRO C 132 -43.51 -45.20 -21.42
CA PRO C 132 -43.42 -46.64 -21.28
C PRO C 132 -43.00 -47.08 -19.88
N GLU C 133 -42.15 -46.31 -19.21
CA GLU C 133 -41.67 -46.65 -17.87
C GLU C 133 -42.56 -46.15 -16.74
N ASN C 134 -43.67 -45.50 -17.04
CA ASN C 134 -44.57 -44.94 -16.01
C ASN C 134 -43.93 -43.90 -15.07
N GLU C 135 -43.05 -43.06 -15.60
CA GLU C 135 -42.37 -42.06 -14.81
C GLU C 135 -42.88 -40.63 -14.99
N LEU C 136 -43.98 -40.46 -15.71
CA LEU C 136 -44.53 -39.12 -15.96
C LEU C 136 -45.22 -38.63 -14.72
N THR C 137 -44.94 -37.39 -14.35
CA THR C 137 -45.67 -36.72 -13.28
C THR C 137 -46.59 -35.64 -13.86
N GLY C 138 -47.60 -35.25 -13.10
CA GLY C 138 -48.50 -34.22 -13.52
C GLY C 138 -47.88 -32.81 -13.60
N SER C 139 -47.00 -32.51 -12.66
CA SER C 139 -46.47 -31.16 -12.52
C SER C 139 -45.49 -30.79 -13.64
N MET C 140 -45.03 -31.77 -14.40
CA MET C 140 -44.15 -31.52 -15.53
C MET C 140 -44.98 -31.25 -16.81
N LEU C 141 -46.31 -31.32 -16.72
CA LEU C 141 -47.15 -31.11 -17.90
C LEU C 141 -47.99 -29.85 -17.90
N ILE C 142 -47.53 -28.85 -17.16
CA ILE C 142 -48.21 -27.55 -17.13
C ILE C 142 -47.87 -26.80 -18.39
N ASP C 143 -48.89 -26.31 -19.07
CA ASP C 143 -48.72 -25.60 -20.31
C ASP C 143 -47.93 -24.28 -20.14
N LEU C 144 -47.05 -23.99 -21.10
CA LEU C 144 -46.24 -22.77 -21.11
C LEU C 144 -47.08 -21.52 -21.06
N GLN C 145 -48.19 -21.51 -21.79
CA GLN C 145 -48.97 -20.28 -21.99
C GLN C 145 -49.59 -19.76 -20.68
N SER C 146 -50.03 -20.67 -19.82
CA SER C 146 -50.70 -20.32 -18.56
C SER C 146 -49.70 -20.32 -17.43
N GLY C 147 -48.86 -21.33 -17.42
CA GLY C 147 -47.97 -21.54 -16.29
C GLY C 147 -48.70 -21.76 -14.99
N ASN C 148 -49.97 -22.15 -15.08
CA ASN C 148 -50.86 -22.11 -13.92
C ASN C 148 -50.95 -23.48 -13.26
N GLU C 149 -49.94 -23.79 -12.45
CA GLU C 149 -49.86 -25.07 -11.77
C GLU C 149 -51.11 -25.32 -10.88
N ASP C 150 -51.60 -24.29 -10.20
CA ASP C 150 -52.77 -24.45 -9.31
C ASP C 150 -54.01 -24.84 -10.07
N ARG C 151 -54.23 -24.24 -11.25
CA ARG C 151 -55.35 -24.63 -12.11
C ARG C 151 -55.13 -26.02 -12.77
N GLY C 152 -53.87 -26.43 -12.93
CA GLY C 152 -53.54 -27.80 -13.29
C GLY C 152 -53.13 -27.97 -14.75
N ILE C 153 -53.29 -29.19 -15.24
CA ILE C 153 -52.88 -29.59 -16.58
C ILE C 153 -53.98 -29.31 -17.56
N CYS C 154 -53.71 -28.44 -18.52
CA CYS C 154 -54.68 -28.09 -19.52
C CYS C 154 -54.57 -29.12 -20.65
N GLY C 155 -55.69 -29.79 -20.92
CA GLY C 155 -55.78 -30.78 -21.98
C GLY C 155 -56.68 -30.25 -23.08
N LEU C 156 -56.30 -30.49 -24.34
CA LEU C 156 -57.09 -30.10 -25.48
C LEU C 156 -57.79 -31.32 -26.06
N PRO C 157 -59.04 -31.14 -26.52
CA PRO C 157 -59.80 -32.27 -27.05
C PRO C 157 -59.43 -32.60 -28.47
N PHE C 158 -59.11 -33.85 -28.70
CA PHE C 158 -58.92 -34.38 -30.04
C PHE C 158 -59.88 -35.55 -30.27
N THR C 159 -60.35 -35.71 -31.50
CA THR C 159 -61.17 -36.85 -31.85
C THR C 159 -60.33 -38.01 -32.37
N ARG C 160 -60.28 -39.08 -31.58
CA ARG C 160 -59.67 -40.35 -32.00
C ARG C 160 -60.46 -40.92 -33.16
N GLN C 161 -59.80 -41.16 -34.28
CA GLN C 161 -60.53 -41.49 -35.52
C GLN C 161 -61.16 -42.89 -35.59
N SER C 162 -60.52 -43.88 -34.96
CA SER C 162 -60.97 -45.24 -35.04
C SER C 162 -62.38 -45.41 -34.44
N ASP C 163 -62.64 -44.72 -33.32
CA ASP C 163 -63.95 -44.84 -32.64
C ASP C 163 -64.67 -43.52 -32.37
N ASN C 164 -64.20 -42.42 -32.94
CA ASN C 164 -64.83 -41.09 -32.79
C ASN C 164 -64.90 -40.52 -31.36
N GLN C 165 -64.05 -41.01 -30.44
CA GLN C 165 -64.05 -40.56 -29.03
C GLN C 165 -63.13 -39.34 -28.81
N THR C 166 -63.62 -38.40 -28.01
CA THR C 166 -62.84 -37.29 -27.57
C THR C 166 -61.80 -37.71 -26.57
N VAL C 167 -60.56 -37.29 -26.82
CA VAL C 167 -59.42 -37.64 -25.96
C VAL C 167 -58.73 -36.31 -25.64
N TYR C 168 -58.36 -36.12 -24.38
CA TYR C 168 -57.71 -34.87 -23.97
C TYR C 168 -56.22 -35.09 -23.89
N ILE C 169 -55.50 -34.30 -24.67
CA ILE C 169 -54.05 -34.40 -24.72
C ILE C 169 -53.54 -33.09 -24.15
N PRO C 170 -52.67 -33.15 -23.13
CA PRO C 170 -52.12 -31.96 -22.53
C PRO C 170 -51.45 -31.04 -23.54
N MET C 171 -51.71 -29.73 -23.45
CA MET C 171 -51.07 -28.72 -24.30
C MET C 171 -49.57 -28.86 -24.24
N ASN C 172 -49.05 -29.13 -23.06
CA ASN C 172 -47.62 -29.33 -22.87
C ASN C 172 -47.00 -30.43 -23.74
N ILE C 173 -47.72 -31.54 -23.90
CA ILE C 173 -47.24 -32.63 -24.73
C ILE C 173 -47.33 -32.25 -26.22
N ILE C 174 -48.43 -31.61 -26.60
CA ILE C 174 -48.63 -31.20 -27.97
C ILE C 174 -47.54 -30.22 -28.37
N GLY C 175 -47.39 -29.18 -27.57
CA GLY C 175 -46.44 -28.12 -27.81
C GLY C 175 -44.99 -28.58 -27.89
N ASN C 176 -44.60 -29.49 -27.02
CA ASN C 176 -43.23 -29.96 -27.03
C ASN C 176 -42.92 -30.96 -28.13
N LEU C 177 -43.88 -31.82 -28.46
CA LEU C 177 -43.55 -32.96 -29.30
C LEU C 177 -43.94 -32.80 -30.76
N TYR C 178 -45.00 -32.05 -31.01
CA TYR C 178 -45.59 -31.96 -32.36
C TYR C 178 -45.41 -30.60 -33.00
N VAL C 179 -45.18 -29.59 -32.17
CA VAL C 179 -45.03 -28.22 -32.66
C VAL C 179 -46.02 -27.93 -33.79
N SER C 180 -45.57 -27.42 -34.94
CA SER C 180 -46.48 -27.09 -36.05
C SER C 180 -46.73 -28.23 -37.03
N ASN C 181 -46.23 -29.43 -36.74
CA ASN C 181 -46.37 -30.55 -37.69
C ASN C 181 -47.80 -31.09 -37.61
N GLY C 182 -48.43 -31.19 -38.78
CA GLY C 182 -49.74 -31.80 -38.86
C GLY C 182 -50.86 -30.82 -38.71
N MET C 183 -50.56 -29.51 -38.71
CA MET C 183 -51.63 -28.49 -38.71
C MET C 183 -51.98 -28.27 -40.13
N SER C 184 -53.14 -27.68 -40.36
CA SER C 184 -53.60 -27.38 -41.70
C SER C 184 -54.83 -26.49 -41.64
N ALA C 185 -55.03 -25.71 -42.69
CA ALA C 185 -56.29 -25.02 -42.95
C ALA C 185 -56.67 -25.25 -44.41
N GLY C 186 -57.91 -24.93 -44.77
CA GLY C 186 -58.36 -25.21 -46.12
C GLY C 186 -59.70 -24.62 -46.49
N ASN C 187 -60.03 -24.75 -47.76
CA ASN C 187 -61.35 -24.37 -48.28
C ASN C 187 -62.45 -25.28 -47.78
N THR C 188 -62.12 -26.55 -47.57
CA THR C 188 -63.03 -27.51 -46.97
C THR C 188 -62.33 -28.39 -45.94
N ARG C 189 -63.13 -29.07 -45.14
CA ARG C 189 -62.68 -29.96 -44.11
C ARG C 189 -61.74 -31.03 -44.66
N ASN C 190 -62.13 -31.67 -45.76
CA ASN C 190 -61.29 -32.75 -46.31
C ASN C 190 -60.05 -32.28 -47.07
N GLU C 191 -60.14 -31.17 -47.79
CA GLU C 191 -58.96 -30.58 -48.41
C GLU C 191 -57.88 -30.32 -47.34
N ALA C 192 -58.29 -29.69 -46.23
CA ALA C 192 -57.40 -29.36 -45.14
C ALA C 192 -56.83 -30.62 -44.51
N ARG C 193 -57.69 -31.59 -44.27
CA ARG C 193 -57.27 -32.81 -43.61
C ARG C 193 -56.31 -33.62 -44.48
N VAL C 194 -56.54 -33.61 -45.79
CA VAL C 194 -55.63 -34.28 -46.72
C VAL C 194 -54.23 -33.61 -46.68
N GLN C 195 -54.20 -32.28 -46.66
CA GLN C 195 -52.93 -31.54 -46.56
C GLN C 195 -52.21 -31.89 -45.25
N GLY C 196 -52.95 -31.92 -44.15
CA GLY C 196 -52.37 -32.21 -42.86
C GLY C 196 -51.87 -33.64 -42.75
N LEU C 197 -52.65 -34.60 -43.26
CA LEU C 197 -52.21 -35.99 -43.22
C LEU C 197 -50.99 -36.16 -44.12
N SER C 198 -50.98 -35.48 -45.25
CA SER C 198 -49.84 -35.55 -46.17
C SER C 198 -48.59 -34.97 -45.53
N GLU C 199 -48.75 -33.89 -44.76
CA GLU C 199 -47.64 -33.29 -44.06
C GLU C 199 -47.02 -34.33 -43.11
N VAL C 200 -47.87 -35.10 -42.44
CA VAL C 200 -47.39 -36.10 -41.52
C VAL C 200 -46.56 -37.10 -42.28
N PHE C 201 -47.03 -37.48 -43.47
CA PHE C 201 -46.24 -38.43 -44.28
C PHE C 201 -44.91 -37.79 -44.71
N GLU C 202 -44.96 -36.56 -45.21
CA GLU C 202 -43.75 -35.79 -45.57
C GLU C 202 -42.65 -35.87 -44.49
N ARG C 203 -42.97 -35.47 -43.28
CA ARG C 203 -41.97 -35.38 -42.23
C ARG C 203 -41.56 -36.74 -41.69
N TYR C 204 -42.51 -37.67 -41.60
CA TYR C 204 -42.20 -39.03 -41.11
C TYR C 204 -41.27 -39.73 -42.10
N VAL C 205 -41.57 -39.61 -43.38
CA VAL C 205 -40.79 -40.32 -44.39
C VAL C 205 -39.44 -39.61 -44.59
N LYS C 206 -39.49 -38.28 -44.57
CA LYS C 206 -38.26 -37.46 -44.59
C LYS C 206 -37.30 -37.95 -43.51
N ASN C 207 -37.79 -38.08 -42.29
CA ASN C 207 -36.91 -38.56 -41.21
C ASN C 207 -36.34 -39.96 -41.46
N ARG C 208 -37.14 -40.87 -42.01
CA ARG C 208 -36.63 -42.19 -42.32
C ARG C 208 -35.55 -42.13 -43.41
N ILE C 209 -35.81 -41.38 -44.46
CA ILE C 209 -34.87 -41.23 -45.56
C ILE C 209 -33.52 -40.66 -45.10
N ILE C 210 -33.57 -39.60 -44.30
CA ILE C 210 -32.37 -38.97 -43.81
C ILE C 210 -31.70 -39.89 -42.79
N ALA C 211 -32.42 -40.33 -41.79
CA ALA C 211 -31.81 -41.05 -40.67
C ALA C 211 -31.22 -42.37 -41.07
N GLU C 212 -31.82 -43.01 -42.07
CA GLU C 212 -31.40 -44.35 -42.46
C GLU C 212 -30.45 -44.32 -43.68
N SER C 213 -30.13 -43.12 -44.18
CA SER C 213 -29.18 -42.94 -45.29
C SER C 213 -29.63 -43.73 -46.51
N ILE C 214 -30.90 -43.60 -46.83
CA ILE C 214 -31.52 -44.35 -47.89
C ILE C 214 -31.12 -43.71 -49.22
N SER C 215 -30.75 -44.55 -50.19
CA SER C 215 -30.55 -44.08 -51.55
C SER C 215 -31.89 -44.18 -52.26
N LEU C 216 -32.39 -43.06 -52.75
CA LEU C 216 -33.66 -43.04 -53.41
C LEU C 216 -33.50 -43.18 -54.90
N PRO C 217 -34.55 -43.66 -55.56
CA PRO C 217 -34.59 -43.76 -57.01
C PRO C 217 -35.01 -42.44 -57.67
N GLU C 218 -34.37 -42.16 -58.79
CA GLU C 218 -34.72 -40.99 -59.57
C GLU C 218 -36.06 -41.14 -60.24
N ILE C 219 -36.75 -40.02 -60.37
CA ILE C 219 -37.97 -39.97 -61.14
C ILE C 219 -37.54 -39.93 -62.61
N PRO C 220 -37.90 -40.96 -63.40
CA PRO C 220 -37.51 -40.98 -64.82
C PRO C 220 -37.97 -39.76 -65.58
N ALA C 221 -37.19 -39.36 -66.58
CA ALA C 221 -37.49 -38.16 -67.35
C ALA C 221 -38.89 -38.16 -68.00
N ASP C 222 -39.38 -39.32 -68.41
CA ASP C 222 -40.70 -39.38 -69.07
C ASP C 222 -41.84 -39.15 -68.08
N VAL C 223 -41.62 -39.48 -66.82
CA VAL C 223 -42.57 -39.14 -65.78
C VAL C 223 -42.56 -37.64 -65.50
N LEU C 224 -41.35 -37.07 -65.38
CA LEU C 224 -41.21 -35.63 -65.13
C LEU C 224 -41.88 -34.80 -66.23
N ALA C 225 -41.80 -35.30 -67.46
CA ALA C 225 -42.36 -34.61 -68.63
C ALA C 225 -43.86 -34.37 -68.49
N ARG C 226 -44.54 -35.17 -67.68
CA ARG C 226 -45.97 -34.95 -67.44
C ARG C 226 -46.22 -33.62 -66.72
N TYR C 227 -45.17 -33.03 -66.13
CA TYR C 227 -45.30 -31.82 -65.31
C TYR C 227 -44.35 -30.77 -65.81
N PRO C 228 -44.69 -30.16 -66.96
CA PRO C 228 -43.72 -29.25 -67.60
C PRO C 228 -43.40 -28.00 -66.78
N ALA C 229 -44.33 -27.51 -65.96
CA ALA C 229 -44.10 -26.29 -65.18
C ALA C 229 -42.97 -26.52 -64.17
N VAL C 230 -42.99 -27.69 -63.54
CA VAL C 230 -41.91 -28.12 -62.66
C VAL C 230 -40.59 -28.36 -63.43
N VAL C 231 -40.67 -29.02 -64.59
CA VAL C 231 -39.48 -29.27 -65.43
C VAL C 231 -38.77 -27.97 -65.82
N GLU C 232 -39.56 -26.95 -66.14
CA GLU C 232 -39.01 -25.64 -66.49
C GLU C 232 -38.26 -25.03 -65.28
N ALA C 233 -38.85 -25.17 -64.08
CA ALA C 233 -38.23 -24.63 -62.87
C ALA C 233 -36.88 -25.32 -62.65
N ILE C 234 -36.87 -26.64 -62.76
CA ILE C 234 -35.66 -27.41 -62.57
C ILE C 234 -34.57 -27.09 -63.60
N GLU C 235 -34.94 -27.06 -64.87
CA GLU C 235 -34.00 -26.72 -65.94
C GLU C 235 -33.38 -25.34 -65.73
N THR C 236 -34.18 -24.39 -65.27
CA THR C 236 -33.70 -23.05 -64.99
C THR C 236 -32.67 -23.10 -63.87
N LEU C 237 -33.01 -23.78 -62.79
CA LEU C 237 -32.08 -23.93 -61.68
C LEU C 237 -30.77 -24.52 -62.14
N GLU C 238 -30.85 -25.56 -62.96
CA GLU C 238 -29.64 -26.21 -63.46
C GLU C 238 -28.83 -25.29 -64.36
N ALA C 239 -29.51 -24.49 -65.17
CA ALA C 239 -28.84 -23.52 -66.03
C ALA C 239 -28.17 -22.43 -65.23
N GLU C 240 -28.74 -22.10 -64.07
CA GLU C 240 -28.15 -21.10 -63.17
C GLU C 240 -27.02 -21.65 -62.29
N GLY C 241 -26.62 -22.90 -62.49
CA GLY C 241 -25.50 -23.48 -61.77
C GLY C 241 -25.86 -24.33 -60.57
N PHE C 242 -27.12 -24.77 -60.45
CA PHE C 242 -27.58 -25.60 -59.33
C PHE C 242 -28.07 -26.97 -59.77
N PRO C 243 -27.23 -28.00 -59.64
CA PRO C 243 -27.74 -29.33 -60.01
C PRO C 243 -28.90 -29.78 -59.14
N ILE C 244 -29.89 -30.43 -59.75
CA ILE C 244 -31.09 -30.91 -59.07
C ILE C 244 -31.21 -32.42 -59.21
N PHE C 245 -31.52 -33.08 -58.11
CA PHE C 245 -31.88 -34.48 -58.12
C PHE C 245 -33.36 -34.59 -57.78
N ALA C 246 -34.15 -35.25 -58.62
CA ALA C 246 -35.58 -35.42 -58.35
C ALA C 246 -35.83 -36.89 -58.05
N TYR C 247 -36.19 -37.17 -56.79
CA TYR C 247 -36.30 -38.54 -56.29
C TYR C 247 -37.74 -38.91 -55.91
N ASP C 248 -38.08 -40.18 -56.09
CA ASP C 248 -39.30 -40.74 -55.56
C ASP C 248 -38.98 -41.16 -54.14
N GLY C 249 -39.67 -40.58 -53.17
CA GLY C 249 -39.53 -40.96 -51.77
C GLY C 249 -40.59 -41.86 -51.18
N SER C 250 -41.30 -42.59 -52.03
CA SER C 250 -42.41 -43.44 -51.57
C SER C 250 -41.94 -44.71 -50.86
N LEU C 251 -40.66 -44.99 -50.96
CA LEU C 251 -40.09 -46.18 -50.39
C LEU C 251 -40.80 -47.43 -50.88
N GLY C 252 -40.85 -47.55 -52.21
CA GLY C 252 -41.43 -48.71 -52.84
C GLY C 252 -42.92 -48.60 -53.02
N GLY C 253 -43.42 -47.37 -53.15
CA GLY C 253 -44.84 -47.14 -53.39
C GLY C 253 -45.72 -47.09 -52.13
N GLN C 254 -45.13 -47.10 -50.94
CA GLN C 254 -45.90 -47.10 -49.70
C GLN C 254 -46.47 -45.72 -49.36
N TYR C 255 -45.70 -44.65 -49.59
CA TYR C 255 -46.10 -43.33 -49.06
C TYR C 255 -46.08 -42.29 -50.16
N PRO C 256 -46.98 -41.33 -50.11
CA PRO C 256 -47.11 -40.32 -51.18
C PRO C 256 -46.09 -39.16 -51.05
N VAL C 257 -44.80 -39.50 -51.14
CA VAL C 257 -43.74 -38.57 -50.81
C VAL C 257 -42.71 -38.43 -51.93
N ILE C 258 -42.34 -37.18 -52.19
CA ILE C 258 -41.29 -36.81 -53.16
C ILE C 258 -40.13 -36.10 -52.44
N CYS C 259 -38.91 -36.32 -52.93
CA CYS C 259 -37.70 -35.65 -52.42
C CYS C 259 -36.94 -35.00 -53.53
N VAL C 260 -36.65 -33.72 -53.39
CA VAL C 260 -35.87 -33.01 -54.39
C VAL C 260 -34.65 -32.39 -53.71
N VAL C 261 -33.48 -32.66 -54.26
CA VAL C 261 -32.27 -32.13 -53.69
C VAL C 261 -31.58 -31.16 -54.63
N LEU C 262 -31.16 -30.02 -54.08
CA LEU C 262 -30.33 -29.04 -54.78
C LEU C 262 -28.87 -29.12 -54.31
N PHE C 263 -27.94 -29.02 -55.26
CA PHE C 263 -26.52 -28.86 -54.95
C PHE C 263 -26.15 -27.42 -55.22
N ASN C 264 -25.27 -26.88 -54.40
CA ASN C 264 -24.64 -25.61 -54.69
C ASN C 264 -23.15 -25.79 -54.83
N PRO C 265 -22.67 -25.97 -56.08
CA PRO C 265 -21.23 -26.24 -56.32
C PRO C 265 -20.32 -25.12 -55.80
N ALA C 266 -20.84 -23.91 -55.69
CA ALA C 266 -20.05 -22.78 -55.24
C ALA C 266 -19.58 -22.92 -53.80
N ASN C 267 -20.20 -23.81 -53.03
CA ASN C 267 -19.75 -24.05 -51.65
C ASN C 267 -19.80 -25.51 -51.20
N GLY C 268 -20.04 -26.43 -52.13
CA GLY C 268 -20.03 -27.86 -51.84
C GLY C 268 -21.17 -28.39 -50.99
N THR C 269 -22.30 -27.70 -50.98
CA THR C 269 -23.42 -28.03 -50.09
C THR C 269 -24.60 -28.62 -50.85
N CYS C 270 -25.50 -29.24 -50.10
CA CYS C 270 -26.76 -29.71 -50.62
C CYS C 270 -27.89 -29.28 -49.72
N PHE C 271 -29.08 -29.28 -50.30
CA PHE C 271 -30.30 -28.89 -49.62
C PHE C 271 -31.42 -29.82 -50.10
N ALA C 272 -31.86 -30.70 -49.20
CA ALA C 272 -32.90 -31.68 -49.51
C ALA C 272 -34.27 -31.15 -49.07
N SER C 273 -35.18 -31.10 -50.01
CA SER C 273 -36.56 -30.71 -49.76
C SER C 273 -37.47 -31.91 -49.96
N PHE C 274 -38.58 -31.89 -49.25
CA PHE C 274 -39.52 -33.02 -49.22
C PHE C 274 -40.94 -32.49 -49.32
N GLY C 275 -41.80 -33.28 -49.92
CA GLY C 275 -43.19 -32.89 -50.15
C GLY C 275 -44.09 -34.09 -50.33
N ALA C 276 -45.35 -33.93 -49.97
CA ALA C 276 -46.27 -35.04 -50.01
C ALA C 276 -47.67 -34.63 -50.38
N HIS C 277 -48.30 -35.50 -51.15
CA HIS C 277 -49.69 -35.35 -51.53
C HIS C 277 -50.11 -36.63 -52.26
N PRO C 278 -51.42 -36.98 -52.22
CA PRO C 278 -51.89 -38.17 -52.95
C PRO C 278 -51.64 -38.10 -54.45
N ASP C 279 -51.76 -36.91 -55.02
CA ASP C 279 -51.40 -36.63 -56.40
C ASP C 279 -49.87 -36.44 -56.56
N PHE C 280 -49.27 -37.31 -57.36
CA PHE C 280 -47.82 -37.33 -57.61
C PHE C 280 -47.30 -35.97 -58.06
N GLY C 281 -47.99 -35.34 -58.99
CA GLY C 281 -47.61 -34.02 -59.48
C GLY C 281 -47.71 -32.91 -58.47
N VAL C 282 -48.75 -32.93 -57.64
CA VAL C 282 -48.89 -31.92 -56.58
C VAL C 282 -47.76 -32.05 -55.54
N ALA C 283 -47.42 -33.30 -55.20
CA ALA C 283 -46.34 -33.62 -54.29
C ALA C 283 -44.97 -33.14 -54.82
N LEU C 284 -44.73 -33.42 -56.10
CA LEU C 284 -43.52 -33.00 -56.77
C LEU C 284 -43.39 -31.47 -56.83
N GLU C 285 -44.47 -30.80 -57.26
CA GLU C 285 -44.49 -29.36 -57.26
C GLU C 285 -44.22 -28.75 -55.86
N ARG C 286 -44.97 -29.18 -54.84
CA ARG C 286 -44.75 -28.69 -53.45
C ARG C 286 -43.30 -28.77 -53.04
N THR C 287 -42.64 -29.85 -53.44
CA THR C 287 -41.30 -30.12 -52.98
C THR C 287 -40.38 -29.05 -53.52
N VAL C 288 -40.63 -28.65 -54.78
CA VAL C 288 -39.79 -27.69 -55.48
C VAL C 288 -40.10 -26.28 -54.99
N THR C 289 -41.38 -25.96 -54.79
CA THR C 289 -41.73 -24.62 -54.34
C THR C 289 -41.27 -24.40 -52.87
N GLU C 290 -41.19 -25.47 -52.09
CA GLU C 290 -40.71 -25.39 -50.71
C GLU C 290 -39.23 -25.03 -50.73
N LEU C 291 -38.50 -25.71 -51.60
CA LEU C 291 -37.07 -25.51 -51.80
C LEU C 291 -36.71 -24.04 -51.89
N LEU C 292 -37.45 -23.30 -52.69
CA LEU C 292 -37.12 -21.90 -52.97
C LEU C 292 -37.95 -20.89 -52.18
N GLN C 293 -38.79 -21.35 -51.27
CA GLN C 293 -39.58 -20.42 -50.47
C GLN C 293 -38.76 -19.39 -49.69
N GLY C 294 -38.95 -18.14 -50.06
CA GLY C 294 -38.32 -17.05 -49.37
C GLY C 294 -36.85 -16.93 -49.76
N ARG C 295 -36.44 -17.60 -50.85
CA ARG C 295 -35.06 -17.60 -51.29
C ARG C 295 -34.95 -17.21 -52.75
N GLY C 296 -34.17 -16.17 -53.03
CA GLY C 296 -33.72 -15.92 -54.40
C GLY C 296 -32.54 -16.84 -54.70
N LEU C 297 -32.08 -16.80 -55.95
CA LEU C 297 -30.96 -17.62 -56.40
C LEU C 297 -29.63 -17.26 -55.70
N LYS C 298 -29.57 -16.11 -55.04
CA LYS C 298 -28.44 -15.67 -54.21
C LYS C 298 -28.49 -16.17 -52.75
N ASP C 299 -29.59 -16.77 -52.34
CA ASP C 299 -29.81 -17.11 -50.93
C ASP C 299 -29.71 -18.62 -50.66
N LEU C 300 -29.02 -19.33 -51.55
CA LEU C 300 -28.88 -20.78 -51.48
C LEU C 300 -27.51 -21.18 -50.90
N ASP C 301 -27.00 -20.31 -50.02
CA ASP C 301 -25.63 -20.40 -49.53
C ASP C 301 -25.54 -20.81 -48.05
N VAL C 302 -26.66 -21.19 -47.43
CA VAL C 302 -26.70 -21.44 -45.97
C VAL C 302 -26.81 -22.93 -45.57
N PHE C 303 -26.58 -23.82 -46.52
CA PHE C 303 -26.73 -25.26 -46.24
C PHE C 303 -25.41 -25.96 -45.91
N THR C 304 -25.41 -27.29 -45.93
CA THR C 304 -24.32 -28.08 -45.41
C THR C 304 -23.83 -29.12 -46.41
N PRO C 305 -22.54 -29.43 -46.37
CA PRO C 305 -22.06 -30.49 -47.26
C PRO C 305 -22.60 -31.84 -46.85
N PRO C 306 -22.78 -32.75 -47.81
CA PRO C 306 -23.13 -34.14 -47.44
C PRO C 306 -22.02 -34.79 -46.65
N THR C 307 -22.35 -35.92 -46.03
CA THR C 307 -21.40 -36.59 -45.15
C THR C 307 -21.51 -38.11 -45.32
N PHE C 308 -20.47 -38.80 -44.88
CA PHE C 308 -20.45 -40.25 -44.79
C PHE C 308 -20.71 -40.73 -43.37
N ASP C 309 -20.82 -39.82 -42.41
CA ASP C 309 -20.97 -40.20 -41.01
C ASP C 309 -22.41 -40.63 -40.77
N ASP C 310 -22.66 -41.94 -40.76
CA ASP C 310 -23.99 -42.52 -40.61
C ASP C 310 -24.65 -42.10 -39.28
N GLU C 311 -23.87 -42.11 -38.20
CA GLU C 311 -24.41 -41.92 -36.86
C GLU C 311 -24.88 -40.50 -36.65
N GLU C 312 -24.10 -39.55 -37.10
CA GLU C 312 -24.45 -38.13 -37.00
C GLU C 312 -25.68 -37.74 -37.80
N VAL C 313 -25.88 -38.40 -38.93
CA VAL C 313 -27.07 -38.18 -39.76
C VAL C 313 -28.36 -38.72 -39.10
N ALA C 314 -28.22 -39.81 -38.35
CA ALA C 314 -29.31 -40.44 -37.64
C ALA C 314 -29.63 -39.77 -36.31
N GLU C 315 -28.68 -39.04 -35.75
CA GLU C 315 -28.89 -38.32 -34.49
C GLU C 315 -30.20 -37.53 -34.52
N HIS C 316 -31.01 -37.66 -33.47
CA HIS C 316 -32.30 -36.99 -33.48
C HIS C 316 -32.18 -35.47 -33.57
N THR C 317 -31.11 -34.93 -33.00
CA THR C 317 -30.83 -33.50 -33.07
C THR C 317 -30.62 -33.04 -34.55
N ASN C 318 -30.01 -33.90 -35.35
CA ASN C 318 -29.90 -33.62 -36.77
C ASN C 318 -31.26 -33.56 -37.45
N LEU C 319 -32.14 -34.49 -37.09
CA LEU C 319 -33.52 -34.48 -37.64
C LEU C 319 -34.32 -33.30 -37.15
N GLU C 320 -34.06 -32.88 -35.91
CA GLU C 320 -34.73 -31.69 -35.41
C GLU C 320 -34.27 -30.43 -36.16
N THR C 321 -32.97 -30.32 -36.40
CA THR C 321 -32.42 -29.21 -37.18
C THR C 321 -33.08 -29.19 -38.55
N HIS C 322 -33.15 -30.34 -39.20
CA HIS C 322 -33.82 -30.38 -40.52
C HIS C 322 -35.23 -29.85 -40.45
N PHE C 323 -35.92 -30.12 -39.35
CA PHE C 323 -37.29 -29.61 -39.24
C PHE C 323 -37.27 -28.11 -39.12
N ILE C 324 -36.37 -27.61 -38.30
CA ILE C 324 -36.32 -26.18 -38.03
C ILE C 324 -35.90 -25.37 -39.25
N ASP C 325 -34.81 -25.74 -39.93
CA ASP C 325 -34.33 -24.94 -41.09
C ASP C 325 -33.70 -25.72 -42.25
N SER C 326 -33.96 -27.02 -42.30
CA SER C 326 -33.44 -27.89 -43.36
C SER C 326 -31.90 -27.89 -43.55
N SER C 327 -31.15 -27.28 -42.62
CA SER C 327 -29.70 -27.15 -42.73
C SER C 327 -29.00 -28.31 -42.04
N GLY C 328 -29.68 -29.44 -41.87
CA GLY C 328 -29.06 -30.58 -41.22
C GLY C 328 -28.17 -31.32 -42.19
N LEU C 329 -27.53 -32.36 -41.68
CA LEU C 329 -26.72 -33.24 -42.48
C LEU C 329 -27.52 -34.24 -43.29
N ILE C 330 -27.03 -34.50 -44.51
CA ILE C 330 -27.55 -35.47 -45.42
C ILE C 330 -26.45 -36.43 -45.85
N SER C 331 -26.74 -37.73 -45.88
CA SER C 331 -25.76 -38.71 -46.29
C SER C 331 -25.49 -38.61 -47.77
N TRP C 332 -24.22 -38.76 -48.15
CA TRP C 332 -23.84 -39.02 -49.55
C TRP C 332 -24.61 -40.19 -50.16
N ASP C 333 -24.97 -41.19 -49.34
CA ASP C 333 -25.69 -42.37 -49.85
C ASP C 333 -27.01 -42.01 -50.54
N LEU C 334 -27.60 -40.88 -50.20
CA LEU C 334 -28.83 -40.48 -50.88
C LEU C 334 -28.62 -40.43 -52.38
N PHE C 335 -27.38 -40.12 -52.78
CA PHE C 335 -27.06 -39.80 -54.17
C PHE C 335 -26.39 -40.94 -54.89
N LYS C 336 -26.36 -42.11 -54.26
CA LYS C 336 -25.80 -43.28 -54.89
C LYS C 336 -26.49 -43.58 -56.19
N GLN C 337 -25.71 -44.18 -57.09
CA GLN C 337 -26.22 -44.63 -58.39
C GLN C 337 -27.34 -45.63 -58.22
N ASP C 338 -27.10 -46.66 -57.40
CA ASP C 338 -28.12 -47.67 -57.11
C ASP C 338 -29.05 -47.22 -55.98
N ALA C 339 -30.35 -47.22 -56.28
CA ALA C 339 -31.40 -46.92 -55.29
C ALA C 339 -31.70 -48.15 -54.41
N ASP C 340 -32.16 -47.91 -53.19
CA ASP C 340 -32.54 -48.99 -52.28
C ASP C 340 -34.00 -49.43 -52.50
N TYR C 341 -34.77 -48.68 -53.28
CA TYR C 341 -36.11 -49.05 -53.67
C TYR C 341 -36.22 -48.75 -55.15
N PRO C 342 -37.02 -49.52 -55.89
CA PRO C 342 -37.22 -49.14 -57.28
C PRO C 342 -38.19 -47.98 -57.36
N PHE C 343 -38.08 -47.20 -58.42
CA PHE C 343 -39.03 -46.17 -58.67
C PHE C 343 -40.43 -46.75 -58.78
N VAL C 344 -41.42 -46.07 -58.24
CA VAL C 344 -42.82 -46.43 -58.47
C VAL C 344 -43.58 -45.19 -58.90
N ASP C 345 -44.27 -45.26 -60.04
CA ASP C 345 -45.04 -44.14 -60.53
C ASP C 345 -46.37 -44.15 -59.79
N TRP C 346 -46.33 -43.72 -58.53
CA TRP C 346 -47.45 -43.92 -57.63
C TRP C 346 -48.55 -42.87 -57.85
N ASN C 347 -49.74 -43.21 -57.36
CA ASN C 347 -50.91 -42.36 -57.44
C ASN C 347 -51.91 -42.81 -56.37
N PHE C 348 -52.32 -41.87 -55.50
CA PHE C 348 -53.34 -42.11 -54.48
C PHE C 348 -54.44 -41.08 -54.65
N SER C 349 -54.50 -40.44 -55.82
CA SER C 349 -55.36 -39.27 -55.99
C SER C 349 -56.84 -39.63 -56.21
N GLY C 350 -57.67 -38.59 -56.10
CA GLY C 350 -59.11 -38.67 -56.25
C GLY C 350 -59.71 -37.38 -55.72
N THR C 351 -60.93 -37.47 -55.24
CA THR C 351 -61.59 -36.37 -54.60
C THR C 351 -60.96 -36.16 -53.25
N THR C 352 -61.17 -34.98 -52.64
CA THR C 352 -60.61 -34.79 -51.29
C THR C 352 -61.18 -35.77 -50.26
N GLU C 353 -62.47 -36.06 -50.39
CA GLU C 353 -63.09 -37.12 -49.62
C GLU C 353 -62.42 -38.49 -49.81
N GLU C 354 -62.19 -38.88 -51.05
CA GLU C 354 -61.56 -40.17 -51.31
C GLU C 354 -60.12 -40.15 -50.81
N GLU C 355 -59.45 -39.02 -51.02
CA GLU C 355 -58.05 -38.88 -50.61
C GLU C 355 -57.91 -39.03 -49.10
N PHE C 356 -58.84 -38.43 -48.34
CA PHE C 356 -58.81 -38.58 -46.91
C PHE C 356 -58.91 -40.04 -46.50
N ALA C 357 -59.83 -40.76 -47.12
CA ALA C 357 -60.03 -42.17 -46.78
C ALA C 357 -58.79 -42.94 -47.19
N THR C 358 -58.26 -42.64 -48.38
CA THR C 358 -57.08 -43.38 -48.86
C THR C 358 -55.88 -43.23 -47.89
N LEU C 359 -55.69 -42.02 -47.38
CA LEU C 359 -54.59 -41.76 -46.46
C LEU C 359 -54.84 -42.36 -45.08
N MET C 360 -56.09 -42.30 -44.59
CA MET C 360 -56.43 -42.99 -43.34
C MET C 360 -56.20 -44.50 -43.42
N ALA C 361 -56.44 -45.09 -44.59
CA ALA C 361 -56.19 -46.53 -44.80
C ALA C 361 -54.70 -46.88 -44.59
N ILE C 362 -53.81 -45.98 -44.99
CA ILE C 362 -52.38 -46.21 -44.77
C ILE C 362 -52.09 -46.19 -43.27
N PHE C 363 -52.61 -45.19 -42.55
CA PHE C 363 -52.39 -45.14 -41.10
C PHE C 363 -53.00 -46.36 -40.42
N ASN C 364 -54.20 -46.75 -40.83
CA ASN C 364 -54.83 -47.98 -40.32
C ASN C 364 -53.85 -49.16 -40.53
N LYS C 365 -53.33 -49.31 -41.74
CA LYS C 365 -52.37 -50.38 -42.04
C LYS C 365 -51.06 -50.32 -41.21
N GLU C 366 -50.62 -49.11 -40.86
CA GLU C 366 -49.46 -48.93 -39.96
C GLU C 366 -49.84 -49.24 -38.52
N ASP C 367 -51.13 -49.42 -38.25
CA ASP C 367 -51.63 -49.63 -36.91
C ASP C 367 -51.29 -48.42 -36.07
N LYS C 368 -51.54 -47.26 -36.61
CA LYS C 368 -51.23 -46.01 -35.92
C LYS C 368 -52.49 -45.20 -35.78
N GLU C 369 -52.91 -45.00 -34.54
CA GLU C 369 -54.08 -44.22 -34.26
C GLU C 369 -53.86 -42.77 -34.73
N VAL C 370 -54.94 -42.15 -35.21
CA VAL C 370 -54.91 -40.77 -35.66
C VAL C 370 -55.86 -39.95 -34.81
N TYR C 371 -55.39 -38.82 -34.28
CA TYR C 371 -56.21 -37.92 -33.48
C TYR C 371 -56.33 -36.56 -34.19
N ILE C 372 -57.54 -36.07 -34.36
CA ILE C 372 -57.77 -34.80 -35.07
C ILE C 372 -58.60 -33.82 -34.24
N ALA C 373 -58.07 -32.61 -34.04
CA ALA C 373 -58.82 -31.50 -33.48
C ALA C 373 -59.26 -30.60 -34.60
N ASP C 374 -60.54 -30.25 -34.62
CA ASP C 374 -61.13 -29.39 -35.67
C ASP C 374 -61.34 -28.00 -35.10
N TYR C 375 -61.14 -26.99 -35.92
CA TYR C 375 -61.29 -25.60 -35.51
C TYR C 375 -62.01 -24.89 -36.63
N GLU C 376 -63.07 -24.19 -36.30
CA GLU C 376 -63.83 -23.42 -37.29
C GLU C 376 -64.17 -22.06 -36.76
N HIS C 377 -63.65 -21.71 -35.58
CA HIS C 377 -64.04 -20.48 -34.90
C HIS C 377 -63.58 -19.20 -35.60
N LEU C 378 -62.67 -19.33 -36.55
CA LEU C 378 -62.24 -18.16 -37.31
C LEU C 378 -62.92 -18.09 -38.66
N GLY C 379 -63.95 -18.91 -38.88
CA GLY C 379 -64.69 -18.90 -40.15
C GLY C 379 -64.00 -19.60 -41.31
N VAL C 380 -62.92 -20.33 -41.01
CA VAL C 380 -62.22 -21.15 -41.98
C VAL C 380 -61.91 -22.46 -41.31
N TYR C 381 -62.00 -23.56 -42.05
CA TYR C 381 -61.71 -24.83 -41.41
C TYR C 381 -60.20 -24.94 -41.19
N ALA C 382 -59.82 -25.31 -39.98
CA ALA C 382 -58.45 -25.68 -39.66
C ALA C 382 -58.48 -26.92 -38.80
N CYS C 383 -57.38 -27.66 -38.80
CA CYS C 383 -57.25 -28.83 -38.00
C CYS C 383 -55.83 -29.00 -37.51
N ARG C 384 -55.69 -29.88 -36.53
CA ARG C 384 -54.41 -30.26 -36.01
C ARG C 384 -54.45 -31.75 -35.74
N ILE C 385 -53.54 -32.46 -36.40
CA ILE C 385 -53.53 -33.92 -36.45
C ILE C 385 -52.31 -34.48 -35.78
N ILE C 386 -52.52 -35.34 -34.80
CA ILE C 386 -51.45 -36.04 -34.10
C ILE C 386 -51.53 -37.52 -34.44
N VAL C 387 -50.39 -38.09 -34.85
CA VAL C 387 -50.27 -39.52 -35.03
C VAL C 387 -49.07 -40.03 -34.23
N PRO C 388 -49.29 -40.37 -32.97
CA PRO C 388 -48.15 -40.75 -32.12
C PRO C 388 -47.37 -41.89 -32.69
N GLY C 389 -46.04 -41.72 -32.78
CA GLY C 389 -45.20 -42.70 -33.44
C GLY C 389 -45.01 -42.45 -34.94
N MET C 390 -45.66 -41.40 -35.48
CA MET C 390 -45.36 -40.95 -36.85
C MET C 390 -45.17 -39.43 -36.99
N SER C 391 -46.05 -38.64 -36.39
CA SER C 391 -46.03 -37.19 -36.58
C SER C 391 -45.16 -36.47 -35.57
N ASP C 392 -44.57 -37.19 -34.63
CA ASP C 392 -43.74 -36.57 -33.61
C ASP C 392 -42.52 -35.92 -34.25
N ILE C 393 -42.17 -34.72 -33.81
CA ILE C 393 -40.95 -34.05 -34.25
C ILE C 393 -39.84 -34.24 -33.22
N TYR C 394 -40.19 -34.25 -31.94
CA TYR C 394 -39.22 -34.46 -30.87
C TYR C 394 -39.54 -35.75 -30.15
N PRO C 395 -38.52 -36.45 -29.63
CA PRO C 395 -38.81 -37.69 -28.90
C PRO C 395 -39.43 -37.47 -27.52
N ALA C 396 -40.19 -38.44 -27.03
CA ALA C 396 -40.95 -38.27 -25.82
C ALA C 396 -40.05 -38.04 -24.62
N GLU C 397 -38.82 -38.52 -24.67
CA GLU C 397 -37.88 -38.25 -23.58
C GLU C 397 -37.69 -36.73 -23.33
N ASP C 398 -37.96 -35.91 -24.35
CA ASP C 398 -37.84 -34.46 -24.21
C ASP C 398 -38.82 -33.90 -23.19
N LEU C 399 -39.91 -34.62 -22.91
CA LEU C 399 -40.83 -34.18 -21.86
C LEU C 399 -40.12 -34.07 -20.54
N TRP C 400 -39.13 -34.93 -20.32
CA TRP C 400 -38.25 -34.88 -19.14
C TRP C 400 -37.03 -34.00 -19.33
N LEU C 401 -36.42 -34.06 -20.50
CA LEU C 401 -35.08 -33.47 -20.72
C LEU C 401 -35.06 -32.06 -21.35
N ALA C 402 -36.07 -31.72 -22.13
CA ALA C 402 -36.10 -30.45 -22.87
C ALA C 402 -37.51 -29.93 -22.93
N ASN C 403 -38.14 -29.81 -21.77
CA ASN C 403 -39.52 -29.34 -21.71
C ASN C 403 -39.59 -27.82 -21.77
N ASN C 404 -40.36 -27.23 -22.68
CA ASN C 404 -40.42 -25.79 -22.78
C ASN C 404 -41.08 -25.06 -21.62
N SER C 405 -41.62 -25.78 -20.65
CA SER C 405 -42.23 -25.13 -19.48
C SER C 405 -41.37 -25.39 -18.27
N MET C 406 -40.27 -26.11 -18.49
CA MET C 406 -39.23 -26.27 -17.52
C MET C 406 -38.79 -24.76 -17.49
N GLY C 407 -38.85 -24.15 -16.34
CA GLY C 407 -38.44 -22.72 -16.21
C GLY C 407 -39.56 -21.79 -15.76
N SER C 408 -40.79 -22.22 -15.94
CA SER C 408 -41.95 -21.48 -15.48
C SER C 408 -41.87 -21.14 -14.00
N HIS C 409 -41.44 -22.10 -13.21
CA HIS C 409 -41.40 -21.92 -11.76
C HIS C 409 -40.44 -20.81 -11.32
N LEU C 410 -39.48 -20.47 -12.17
CA LEU C 410 -38.53 -19.42 -11.85
C LEU C 410 -38.93 -18.07 -12.40
N ARG C 411 -40.03 -18.00 -13.16
CA ARG C 411 -40.37 -16.77 -13.87
C ARG C 411 -40.51 -15.60 -12.88
N GLU C 412 -41.37 -15.76 -11.91
CA GLU C 412 -41.68 -14.69 -10.99
C GLU C 412 -40.42 -14.18 -10.31
N THR C 413 -39.60 -15.10 -9.81
CA THR C 413 -38.33 -14.75 -9.21
C THR C 413 -37.44 -13.91 -10.15
N ILE C 414 -37.28 -14.37 -11.39
CA ILE C 414 -36.32 -13.73 -12.29
C ILE C 414 -36.83 -12.37 -12.70
N LEU C 415 -38.10 -12.27 -13.02
CA LEU C 415 -38.70 -11.00 -13.39
C LEU C 415 -38.68 -9.97 -12.27
N SER C 416 -38.56 -10.42 -11.02
CA SER C 416 -38.49 -9.51 -9.87
C SER C 416 -37.09 -8.97 -9.61
N LEU C 417 -36.07 -9.49 -10.29
CA LEU C 417 -34.67 -9.16 -9.95
C LEU C 417 -34.31 -7.68 -10.13
N PRO C 418 -34.74 -7.05 -11.23
CA PRO C 418 -34.51 -5.60 -11.31
C PRO C 418 -35.23 -4.84 -10.20
N GLY C 419 -34.48 -4.08 -9.42
CA GLY C 419 -35.08 -3.37 -8.26
C GLY C 419 -35.25 -4.24 -7.01
N SER C 420 -34.89 -5.52 -7.10
CA SER C 420 -34.94 -6.41 -5.95
C SER C 420 -33.90 -5.91 -4.96
N GLU C 421 -34.10 -6.22 -3.67
CA GLU C 421 -33.20 -5.78 -2.61
C GLU C 421 -32.98 -6.90 -1.64
N TRP C 422 -32.66 -8.08 -2.17
CA TRP C 422 -32.42 -9.24 -1.32
C TRP C 422 -31.08 -9.10 -0.62
N GLU C 423 -30.84 -10.01 0.29
CA GLU C 423 -29.50 -10.21 0.84
C GLU C 423 -28.59 -10.82 -0.23
N LYS C 424 -27.32 -10.44 -0.17
CA LYS C 424 -26.33 -10.93 -1.10
C LYS C 424 -26.39 -12.44 -1.30
N GLU C 425 -26.54 -13.18 -0.20
CA GLU C 425 -26.51 -14.65 -0.29
C GLU C 425 -27.65 -15.20 -1.11
N ASP C 426 -28.78 -14.51 -1.13
CA ASP C 426 -29.91 -14.95 -1.93
C ASP C 426 -29.61 -14.90 -3.45
N TYR C 427 -28.89 -13.85 -3.85
CA TYR C 427 -28.45 -13.75 -5.22
C TYR C 427 -27.49 -14.88 -5.58
N LEU C 428 -26.51 -15.15 -4.73
CA LEU C 428 -25.54 -16.22 -4.98
C LEU C 428 -26.21 -17.60 -4.95
N ASN C 429 -27.18 -17.76 -4.07
CA ASN C 429 -27.94 -19.02 -3.99
C ASN C 429 -28.69 -19.31 -5.26
N LEU C 430 -29.27 -18.28 -5.86
CA LEU C 430 -29.96 -18.44 -7.12
C LEU C 430 -28.99 -18.93 -8.23
N ILE C 431 -27.74 -18.47 -8.24
CA ILE C 431 -26.76 -19.02 -9.16
C ILE C 431 -26.63 -20.55 -9.00
N GLU C 432 -26.48 -20.99 -7.76
CA GLU C 432 -26.37 -22.42 -7.47
C GLU C 432 -27.64 -23.16 -7.91
N GLN C 433 -28.81 -22.54 -7.70
CA GLN C 433 -30.08 -23.17 -8.06
C GLN C 433 -30.16 -23.38 -9.58
N LEU C 434 -29.76 -22.38 -10.35
CA LEU C 434 -29.70 -22.52 -11.80
C LEU C 434 -28.75 -23.67 -12.21
N ASP C 435 -27.60 -23.79 -11.56
CA ASP C 435 -26.65 -24.85 -11.87
C ASP C 435 -27.23 -26.22 -11.54
N GLU C 436 -27.71 -26.36 -10.31
CA GLU C 436 -28.27 -27.61 -9.83
C GLU C 436 -29.50 -28.01 -10.65
N GLU C 437 -30.28 -27.07 -11.14
CA GLU C 437 -31.38 -27.45 -12.02
C GLU C 437 -30.93 -27.75 -13.44
N GLY C 438 -29.67 -27.48 -13.74
CA GLY C 438 -29.05 -27.94 -14.95
C GLY C 438 -29.38 -27.17 -16.20
N PHE C 439 -29.70 -25.89 -16.06
CA PHE C 439 -29.95 -25.06 -17.25
C PHE C 439 -28.62 -24.78 -17.97
N ASP C 440 -28.66 -24.86 -19.29
CA ASP C 440 -27.53 -24.50 -20.11
C ASP C 440 -27.30 -22.99 -20.01
N ASP C 441 -26.03 -22.61 -19.87
CA ASP C 441 -25.63 -21.21 -19.79
C ASP C 441 -25.99 -20.44 -21.02
N PHE C 442 -26.06 -21.13 -22.15
CA PHE C 442 -26.44 -20.51 -23.41
C PHE C 442 -27.91 -20.27 -23.61
N THR C 443 -28.76 -20.83 -22.76
CA THR C 443 -30.20 -20.64 -22.95
C THR C 443 -30.59 -19.16 -22.80
N ARG C 444 -31.43 -18.69 -23.73
CA ARG C 444 -32.00 -17.36 -23.64
C ARG C 444 -33.09 -17.35 -22.57
N VAL C 445 -32.94 -16.45 -21.62
CA VAL C 445 -33.92 -16.30 -20.54
C VAL C 445 -35.28 -15.97 -21.11
N ARG C 446 -35.35 -15.15 -22.15
CA ARG C 446 -36.65 -14.85 -22.75
C ARG C 446 -37.36 -16.06 -23.36
N GLU C 447 -36.60 -17.02 -23.88
CA GLU C 447 -37.18 -18.24 -24.41
C GLU C 447 -37.61 -19.16 -23.27
N LEU C 448 -36.74 -19.32 -22.29
CA LEU C 448 -37.02 -20.09 -21.10
C LEU C 448 -38.29 -19.62 -20.38
N LEU C 449 -38.54 -18.31 -20.37
CA LEU C 449 -39.69 -17.76 -19.64
C LEU C 449 -40.85 -17.37 -20.54
N GLY C 450 -40.66 -17.48 -21.85
CA GLY C 450 -41.72 -17.18 -22.79
C GLY C 450 -42.06 -15.70 -22.90
N LEU C 451 -41.02 -14.86 -23.09
CA LEU C 451 -41.18 -13.42 -23.16
C LEU C 451 -40.90 -12.86 -24.53
N ALA C 452 -41.85 -12.08 -25.04
CA ALA C 452 -41.69 -11.28 -26.21
C ALA C 452 -41.15 -9.90 -25.79
N THR C 453 -39.83 -9.84 -25.63
CA THR C 453 -39.15 -8.71 -24.98
C THR C 453 -39.07 -7.49 -25.87
N GLY C 454 -39.15 -7.69 -27.18
CA GLY C 454 -38.78 -6.65 -28.12
C GLY C 454 -37.27 -6.63 -28.20
N SER C 455 -36.75 -5.81 -29.09
CA SER C 455 -35.34 -5.82 -29.40
C SER C 455 -34.52 -4.73 -28.70
N ASP C 456 -35.18 -3.87 -27.95
CA ASP C 456 -34.56 -2.67 -27.47
C ASP C 456 -34.41 -2.67 -25.96
N ASN C 457 -33.99 -3.79 -25.40
CA ASN C 457 -33.62 -3.82 -23.99
C ASN C 457 -32.78 -5.04 -23.78
N GLY C 458 -32.22 -5.17 -22.59
CA GLY C 458 -31.30 -6.23 -22.28
C GLY C 458 -31.87 -7.62 -22.12
N TRP C 459 -33.19 -7.71 -21.93
CA TRP C 459 -33.84 -9.01 -21.82
C TRP C 459 -33.81 -9.74 -23.18
N TYR C 460 -33.77 -8.98 -24.26
CA TYR C 460 -33.72 -9.53 -25.61
C TYR C 460 -32.58 -10.49 -25.84
N THR C 461 -31.39 -10.16 -25.32
CA THR C 461 -30.17 -10.91 -25.53
C THR C 461 -29.69 -11.66 -24.32
N LEU C 462 -30.42 -11.56 -23.21
CA LEU C 462 -29.98 -12.14 -21.95
C LEU C 462 -29.96 -13.64 -21.90
N ARG C 463 -28.79 -14.21 -21.66
CA ARG C 463 -28.65 -15.65 -21.48
C ARG C 463 -28.34 -15.99 -20.05
N ILE C 464 -28.54 -17.24 -19.69
CA ILE C 464 -28.31 -17.69 -18.33
C ILE C 464 -26.94 -17.27 -17.83
N GLY C 465 -25.92 -17.45 -18.65
CA GLY C 465 -24.54 -17.09 -18.29
C GLY C 465 -24.46 -15.65 -17.86
N GLU C 466 -25.15 -14.76 -18.60
CA GLU C 466 -25.12 -13.35 -18.30
C GLU C 466 -25.90 -13.11 -17.01
N LEU C 467 -27.00 -13.83 -16.81
CA LEU C 467 -27.78 -13.68 -15.60
C LEU C 467 -26.92 -14.01 -14.42
N LYS C 468 -26.08 -15.03 -14.57
CA LYS C 468 -25.16 -15.37 -13.52
C LYS C 468 -24.21 -14.21 -13.23
N ALA C 469 -23.76 -13.51 -14.26
CA ALA C 469 -22.86 -12.37 -14.04
C ALA C 469 -23.56 -11.33 -13.19
N MET C 470 -24.83 -11.11 -13.49
CA MET C 470 -25.61 -10.07 -12.81
C MET C 470 -25.87 -10.46 -11.38
N LEU C 471 -26.26 -11.70 -11.17
CA LEU C 471 -26.43 -12.20 -9.81
C LEU C 471 -25.14 -12.17 -8.99
N ALA C 472 -24.02 -12.44 -9.63
CA ALA C 472 -22.74 -12.43 -8.91
C ALA C 472 -22.47 -11.02 -8.40
N LEU C 473 -22.72 -10.05 -9.25
CA LEU C 473 -22.54 -8.65 -8.90
C LEU C 473 -23.47 -8.21 -7.77
N ALA C 474 -24.76 -8.49 -7.94
CA ALA C 474 -25.73 -8.22 -6.90
C ALA C 474 -25.37 -8.91 -5.59
N GLY C 475 -24.80 -10.11 -5.70
CA GLY C 475 -24.40 -10.91 -4.54
C GLY C 475 -23.00 -10.63 -4.01
N GLY C 476 -22.30 -9.68 -4.64
CA GLY C 476 -20.98 -9.26 -4.16
C GLY C 476 -19.82 -10.17 -4.45
N ASP C 477 -20.00 -11.16 -5.35
CA ASP C 477 -18.92 -12.09 -5.67
C ASP C 477 -18.22 -11.66 -6.97
N LEU C 478 -17.18 -10.84 -6.84
CA LEU C 478 -16.56 -10.22 -8.02
C LEU C 478 -15.72 -11.18 -8.83
N GLU C 479 -15.32 -12.30 -8.25
CA GLU C 479 -14.59 -13.34 -9.01
C GLU C 479 -15.54 -14.05 -9.96
N GLN C 480 -16.68 -14.52 -9.45
CA GLN C 480 -17.70 -15.10 -10.31
C GLN C 480 -18.23 -14.05 -11.28
N ALA C 481 -18.39 -12.81 -10.85
CA ALA C 481 -18.81 -11.75 -11.76
C ALA C 481 -17.88 -11.63 -12.96
N LEU C 482 -16.57 -11.70 -12.73
CA LEU C 482 -15.59 -11.59 -13.80
C LEU C 482 -15.71 -12.76 -14.76
N VAL C 483 -15.71 -13.97 -14.22
CA VAL C 483 -15.83 -15.15 -15.06
C VAL C 483 -17.00 -15.00 -16.03
N TRP C 484 -18.18 -14.64 -15.52
CA TRP C 484 -19.40 -14.65 -16.31
C TRP C 484 -19.60 -13.40 -17.12
N THR C 485 -18.95 -12.33 -16.70
CA THR C 485 -18.84 -11.17 -17.54
C THR C 485 -17.97 -11.43 -18.80
N GLU C 486 -16.89 -12.16 -18.65
CA GLU C 486 -16.06 -12.49 -19.80
C GLU C 486 -16.82 -13.43 -20.74
N TRP C 487 -17.45 -14.43 -20.16
CA TRP C 487 -18.31 -15.33 -20.91
C TRP C 487 -19.33 -14.52 -21.70
N THR C 488 -19.95 -13.55 -21.03
CA THR C 488 -21.00 -12.77 -21.65
C THR C 488 -20.46 -12.11 -22.91
N MET C 489 -19.28 -11.52 -22.82
CA MET C 489 -18.72 -10.79 -23.96
C MET C 489 -18.24 -11.70 -25.05
N GLU C 490 -17.62 -12.79 -24.65
CA GLU C 490 -17.17 -13.81 -25.59
C GLU C 490 -18.31 -14.34 -26.46
N PHE C 491 -19.48 -14.58 -25.87
CA PHE C 491 -20.57 -15.20 -26.59
C PHE C 491 -21.77 -14.29 -26.95
N ASN C 492 -21.73 -13.00 -26.60
CA ASN C 492 -22.86 -12.11 -26.91
C ASN C 492 -22.53 -10.71 -27.41
N SER C 493 -21.31 -10.24 -27.22
CA SER C 493 -21.00 -8.86 -27.58
C SER C 493 -21.48 -8.55 -28.99
N SER C 494 -21.36 -9.51 -29.89
CA SER C 494 -21.72 -9.31 -31.30
C SER C 494 -23.17 -8.88 -31.51
N VAL C 495 -24.08 -9.33 -30.64
CA VAL C 495 -25.51 -9.00 -30.78
C VAL C 495 -25.97 -7.86 -29.86
N PHE C 496 -25.14 -7.40 -28.95
CA PHE C 496 -25.50 -6.25 -28.12
C PHE C 496 -25.57 -4.96 -28.95
N SER C 497 -26.42 -4.02 -28.53
CA SER C 497 -26.40 -2.69 -29.11
C SER C 497 -25.06 -2.05 -28.73
N PRO C 498 -24.64 -1.00 -29.46
CA PRO C 498 -23.34 -0.36 -29.14
C PRO C 498 -23.27 0.10 -27.70
N GLU C 499 -24.40 0.59 -27.17
CA GLU C 499 -24.44 1.09 -25.79
C GLU C 499 -24.20 -0.04 -24.81
N ARG C 500 -24.83 -1.18 -25.07
CA ARG C 500 -24.75 -2.31 -24.17
C ARG C 500 -23.38 -3.00 -24.25
N ALA C 501 -22.82 -3.08 -25.45
CA ALA C 501 -21.50 -3.58 -25.61
C ALA C 501 -20.49 -2.70 -24.87
N ASN C 502 -20.65 -1.39 -25.00
CA ASN C 502 -19.73 -0.46 -24.37
C ASN C 502 -19.76 -0.61 -22.87
N TYR C 503 -20.97 -0.77 -22.34
CA TYR C 503 -21.15 -0.97 -20.91
C TYR C 503 -20.38 -2.19 -20.47
N TYR C 504 -20.42 -3.25 -21.28
CA TYR C 504 -19.76 -4.50 -20.88
C TYR C 504 -18.23 -4.40 -20.97
N ARG C 505 -17.70 -3.67 -21.94
CA ARG C 505 -16.23 -3.48 -21.99
C ARG C 505 -15.80 -2.74 -20.73
N CYS C 506 -16.59 -1.74 -20.36
CA CYS C 506 -16.32 -0.97 -19.16
C CYS C 506 -16.35 -1.82 -17.91
N LEU C 507 -17.43 -2.55 -17.75
CA LEU C 507 -17.63 -3.40 -16.58
C LEU C 507 -16.50 -4.41 -16.47
N GLN C 508 -16.18 -5.08 -17.57
CA GLN C 508 -15.08 -6.02 -17.57
C GLN C 508 -13.76 -5.36 -17.19
N THR C 509 -13.46 -4.20 -17.77
CA THR C 509 -12.26 -3.46 -17.37
C THR C 509 -12.24 -3.22 -15.83
N LEU C 510 -13.37 -2.81 -15.27
CA LEU C 510 -13.44 -2.54 -13.82
C LEU C 510 -13.26 -3.81 -12.97
N LEU C 511 -13.83 -4.91 -13.44
CA LEU C 511 -13.70 -6.17 -12.71
C LEU C 511 -12.28 -6.70 -12.81
N LEU C 512 -11.61 -6.51 -13.94
CA LEU C 512 -10.18 -6.85 -14.04
C LEU C 512 -9.35 -6.01 -13.08
N LEU C 513 -9.64 -4.72 -13.06
CA LEU C 513 -8.94 -3.78 -12.16
C LEU C 513 -9.11 -4.16 -10.69
N ALA C 514 -10.28 -4.64 -10.34
CA ALA C 514 -10.56 -5.09 -8.98
C ALA C 514 -9.64 -6.21 -8.53
N GLN C 515 -9.16 -7.01 -9.48
CA GLN C 515 -8.24 -8.11 -9.18
C GLN C 515 -6.80 -7.63 -9.10
N GLU C 516 -6.52 -6.39 -9.46
CA GLU C 516 -5.15 -5.85 -9.44
C GLU C 516 -4.84 -5.23 -8.08
N GLU C 517 -4.26 -6.04 -7.19
CA GLU C 517 -4.08 -5.63 -5.79
C GLU C 517 -3.14 -4.44 -5.66
N ASP C 518 -2.18 -4.33 -6.57
CA ASP C 518 -1.20 -3.25 -6.48
C ASP C 518 -1.51 -2.04 -7.33
N ARG C 519 -2.76 -1.88 -7.77
CA ARG C 519 -3.12 -0.71 -8.57
C ARG C 519 -4.22 0.09 -7.93
N GLN C 520 -4.14 1.41 -8.09
CA GLN C 520 -5.11 2.34 -7.47
C GLN C 520 -6.12 2.82 -8.48
N PRO C 521 -7.39 2.47 -8.28
CA PRO C 521 -8.43 2.79 -9.24
C PRO C 521 -8.50 4.25 -9.64
N LEU C 522 -8.23 5.18 -8.73
CA LEU C 522 -8.35 6.63 -9.07
C LEU C 522 -7.31 7.03 -10.10
N GLN C 523 -6.18 6.33 -10.16
CA GLN C 523 -5.21 6.61 -11.22
C GLN C 523 -5.78 6.43 -12.66
N TYR C 524 -6.81 5.59 -12.82
CA TYR C 524 -7.32 5.22 -14.16
C TYR C 524 -8.63 5.86 -14.56
N LEU C 525 -9.26 6.55 -13.62
CA LEU C 525 -10.64 7.00 -13.78
C LEU C 525 -10.83 7.92 -14.97
N ASN C 526 -9.93 8.87 -15.16
CA ASN C 526 -10.05 9.82 -16.24
C ASN C 526 -9.96 9.06 -17.53
N ALA C 527 -9.07 8.09 -17.59
CA ALA C 527 -8.87 7.30 -18.80
C ALA C 527 -10.16 6.47 -19.07
N PHE C 528 -10.71 5.87 -18.02
CA PHE C 528 -11.95 5.11 -18.14
C PHE C 528 -13.08 5.97 -18.65
N VAL C 529 -13.16 7.21 -18.15
CA VAL C 529 -14.24 8.13 -18.57
C VAL C 529 -14.08 8.51 -20.03
N ARG C 530 -12.84 8.70 -20.46
CA ARG C 530 -12.60 9.04 -21.88
C ARG C 530 -12.86 7.86 -22.80
N MET C 531 -12.54 6.64 -22.37
CA MET C 531 -12.79 5.46 -23.19
C MET C 531 -14.27 5.08 -23.25
N TYR C 532 -14.94 5.03 -22.09
CA TYR C 532 -16.26 4.45 -21.96
C TYR C 532 -17.42 5.42 -21.81
N GLY C 533 -17.13 6.67 -21.53
CA GLY C 533 -18.15 7.65 -21.21
C GLY C 533 -18.49 7.61 -19.71
N ALA C 534 -18.90 8.74 -19.18
CA ALA C 534 -19.24 8.86 -17.74
C ALA C 534 -20.41 7.96 -17.37
N ASP C 535 -21.43 7.89 -18.23
CA ASP C 535 -22.63 7.09 -17.94
C ASP C 535 -22.29 5.63 -17.72
N ALA C 536 -21.51 5.05 -18.62
CA ALA C 536 -21.09 3.66 -18.48
C ALA C 536 -20.19 3.42 -17.27
N VAL C 537 -19.29 4.32 -17.00
CA VAL C 537 -18.47 4.17 -15.79
C VAL C 537 -19.36 4.22 -14.53
N GLU C 538 -20.32 5.15 -14.50
CA GLU C 538 -21.30 5.27 -13.41
C GLU C 538 -22.12 3.99 -13.28
N ALA C 539 -22.67 3.49 -14.40
CA ALA C 539 -23.52 2.28 -14.35
C ALA C 539 -22.74 1.04 -13.92
N ALA C 540 -21.54 0.91 -14.46
CA ALA C 540 -20.72 -0.23 -14.15
C ALA C 540 -20.32 -0.23 -12.68
N SER C 541 -20.01 0.93 -12.13
CA SER C 541 -19.60 1.00 -10.72
C SER C 541 -20.82 0.71 -9.84
N ALA C 542 -21.99 1.21 -10.25
CA ALA C 542 -23.22 0.90 -9.56
C ALA C 542 -23.49 -0.63 -9.59
N ALA C 543 -23.12 -1.31 -10.68
CA ALA C 543 -23.30 -2.76 -10.76
C ALA C 543 -22.33 -3.46 -9.80
N MET C 544 -21.10 -2.95 -9.72
CA MET C 544 -20.08 -3.53 -8.87
C MET C 544 -20.29 -3.35 -7.38
N SER C 545 -20.97 -2.27 -7.00
CA SER C 545 -21.36 -2.06 -5.62
C SER C 545 -22.53 -2.96 -5.20
N GLY C 546 -23.24 -3.52 -6.18
CA GLY C 546 -24.37 -4.39 -5.92
C GLY C 546 -25.72 -3.67 -5.98
N GLU C 547 -25.69 -2.38 -6.32
CA GLU C 547 -26.86 -1.54 -6.22
C GLU C 547 -27.75 -1.57 -7.46
N ALA C 548 -27.15 -1.74 -8.63
CA ALA C 548 -27.91 -1.83 -9.86
C ALA C 548 -27.22 -2.83 -10.78
N ALA C 549 -27.28 -4.09 -10.40
CA ALA C 549 -26.53 -5.14 -11.09
C ALA C 549 -27.22 -5.61 -12.38
N PHE C 550 -28.51 -5.32 -12.53
CA PHE C 550 -29.31 -5.87 -13.59
C PHE C 550 -29.45 -4.89 -14.73
N TYR C 551 -28.29 -4.50 -15.25
CA TYR C 551 -28.20 -3.38 -16.16
C TYR C 551 -28.99 -3.62 -17.46
N GLY C 552 -29.83 -2.66 -17.80
CA GLY C 552 -30.65 -2.71 -18.99
C GLY C 552 -31.85 -3.63 -18.86
N LEU C 553 -32.08 -4.20 -17.68
CA LEU C 553 -33.27 -5.02 -17.46
C LEU C 553 -34.29 -4.22 -16.71
N GLN C 554 -35.34 -3.79 -17.39
CA GLN C 554 -36.42 -3.10 -16.74
C GLN C 554 -37.22 -4.09 -15.92
N PRO C 555 -37.84 -3.61 -14.83
CA PRO C 555 -38.80 -4.42 -14.10
C PRO C 555 -39.96 -4.92 -14.96
N VAL C 556 -40.44 -6.14 -14.70
CA VAL C 556 -41.51 -6.73 -15.52
C VAL C 556 -42.66 -7.18 -14.63
N ASP C 557 -43.84 -6.63 -14.91
CA ASP C 557 -45.05 -7.02 -14.23
C ASP C 557 -45.58 -8.33 -14.76
N SER C 558 -46.60 -8.86 -14.09
CA SER C 558 -47.12 -10.19 -14.40
C SER C 558 -48.05 -10.21 -15.63
N ASP C 559 -48.39 -9.06 -16.21
CA ASP C 559 -49.05 -9.03 -17.52
C ASP C 559 -48.12 -8.50 -18.64
N LEU C 560 -46.82 -8.38 -18.33
CA LEU C 560 -45.78 -7.98 -19.28
C LEU C 560 -45.99 -6.64 -19.92
N HIS C 561 -46.50 -5.68 -19.15
CA HIS C 561 -46.73 -4.31 -19.64
C HIS C 561 -45.43 -3.63 -19.96
N ALA C 562 -44.36 -4.04 -19.30
CA ALA C 562 -43.03 -3.51 -19.59
C ALA C 562 -42.54 -3.81 -21.02
N PHE C 563 -43.13 -4.78 -21.71
CA PHE C 563 -42.70 -5.17 -23.05
C PHE C 563 -43.77 -4.79 -24.05
N ALA C 564 -43.50 -3.76 -24.85
CA ALA C 564 -44.45 -3.32 -25.87
C ALA C 564 -44.75 -4.44 -26.87
N ALA C 565 -43.72 -5.21 -27.22
CA ALA C 565 -43.87 -6.31 -28.17
C ALA C 565 -44.85 -7.36 -27.62
N HIS C 566 -44.71 -7.66 -26.34
CA HIS C 566 -45.56 -8.66 -25.71
C HIS C 566 -47.02 -8.14 -25.61
N GLN C 567 -47.18 -6.85 -25.35
CA GLN C 567 -48.51 -6.23 -25.36
C GLN C 567 -49.14 -6.37 -26.73
N SER C 568 -48.36 -6.16 -27.79
CA SER C 568 -48.88 -6.34 -29.13
C SER C 568 -49.32 -7.79 -29.38
N LEU C 569 -48.62 -8.73 -28.77
CA LEU C 569 -48.93 -10.16 -28.87
C LEU C 569 -50.24 -10.45 -28.15
N LEU C 570 -50.40 -9.91 -26.96
CA LEU C 570 -51.61 -10.13 -26.20
C LEU C 570 -52.83 -9.51 -26.91
N LYS C 571 -52.66 -8.35 -27.53
CA LYS C 571 -53.77 -7.71 -28.25
C LYS C 571 -54.18 -8.58 -29.43
N ALA C 572 -53.20 -9.21 -30.08
CA ALA C 572 -53.50 -10.13 -31.15
C ALA C 572 -54.25 -11.34 -30.59
N TYR C 573 -53.84 -11.81 -29.42
CA TYR C 573 -54.47 -12.97 -28.82
C TYR C 573 -55.93 -12.67 -28.46
N GLU C 574 -56.18 -11.50 -27.87
CA GLU C 574 -57.51 -11.11 -27.48
C GLU C 574 -58.46 -11.15 -28.69
N LYS C 575 -57.98 -10.80 -29.86
CA LYS C 575 -58.83 -10.87 -31.04
C LYS C 575 -59.32 -12.30 -31.28
N LEU C 576 -58.45 -13.25 -30.98
CA LEU C 576 -58.79 -14.67 -31.08
C LEU C 576 -59.67 -15.14 -29.93
N GLN C 577 -59.39 -14.68 -28.71
CA GLN C 577 -60.24 -15.00 -27.58
C GLN C 577 -61.70 -14.58 -27.82
N ARG C 578 -61.89 -13.38 -28.34
CA ARG C 578 -63.23 -12.92 -28.65
C ARG C 578 -63.90 -13.86 -29.66
N ALA C 579 -63.21 -14.16 -30.75
CA ALA C 579 -63.72 -15.07 -31.77
C ALA C 579 -64.09 -16.43 -31.18
N LYS C 580 -63.25 -16.93 -30.27
CA LYS C 580 -63.57 -18.20 -29.64
C LYS C 580 -64.95 -18.10 -28.92
N ALA C 581 -65.28 -16.92 -28.39
CA ALA C 581 -66.60 -16.64 -27.78
C ALA C 581 -67.64 -16.05 -28.76
N THR D 2 6.89 29.17 -55.69
CA THR D 2 6.65 29.08 -54.22
C THR D 2 7.62 28.15 -53.57
N GLN D 3 8.06 28.54 -52.38
CA GLN D 3 9.08 27.83 -51.73
C GLN D 3 8.67 27.74 -50.31
N THR D 4 8.54 26.53 -49.81
CA THR D 4 8.02 26.29 -48.51
C THR D 4 9.11 25.61 -47.71
N PHE D 5 9.53 26.25 -46.63
CA PHE D 5 10.59 25.75 -45.77
C PHE D 5 10.00 25.38 -44.44
N ILE D 6 10.07 24.09 -44.10
CA ILE D 6 9.44 23.58 -42.91
C ILE D 6 10.55 23.23 -41.94
N PRO D 7 10.23 23.23 -40.66
CA PRO D 7 11.30 23.25 -39.65
C PRO D 7 12.65 22.55 -39.81
N GLY D 8 12.72 21.26 -39.94
CA GLY D 8 14.05 20.60 -39.86
C GLY D 8 14.66 20.18 -41.19
N LYS D 9 14.14 20.77 -42.26
CA LYS D 9 14.58 20.45 -43.60
C LYS D 9 15.56 21.44 -44.23
N ASP D 10 16.60 20.91 -44.89
CA ASP D 10 17.62 21.71 -45.55
C ASP D 10 17.30 22.10 -46.99
N ALA D 11 16.03 22.00 -47.38
CA ALA D 11 15.62 22.46 -48.71
C ALA D 11 14.11 22.69 -48.71
N ALA D 12 13.62 23.39 -49.72
CA ALA D 12 12.22 23.69 -49.84
C ALA D 12 11.48 22.46 -50.33
N LEU D 13 10.24 22.31 -49.89
CA LEU D 13 9.44 21.15 -50.27
C LEU D 13 9.34 21.00 -51.78
N GLU D 14 9.12 22.12 -52.50
CA GLU D 14 8.90 22.03 -53.96
C GLU D 14 10.18 21.63 -54.73
N ASP D 15 11.33 21.99 -54.16
CA ASP D 15 12.66 21.62 -54.68
C ASP D 15 12.90 20.13 -54.50
N SER D 16 12.67 19.63 -53.30
CA SER D 16 12.81 18.19 -53.02
C SER D 16 11.90 17.36 -53.93
N ILE D 17 10.65 17.82 -54.08
CA ILE D 17 9.69 17.09 -54.91
C ILE D 17 10.18 16.99 -56.36
N ALA D 18 10.52 18.14 -56.95
CA ALA D 18 10.89 18.20 -58.36
C ALA D 18 12.17 17.39 -58.59
N ARG D 19 13.11 17.52 -57.67
CA ARG D 19 14.34 16.79 -57.73
C ARG D 19 14.16 15.27 -57.66
N PHE D 20 13.44 14.81 -56.63
CA PHE D 20 13.16 13.37 -56.47
C PHE D 20 12.36 12.79 -57.64
N GLN D 21 11.34 13.50 -58.09
CA GLN D 21 10.56 13.07 -59.25
C GLN D 21 11.44 12.92 -60.49
N GLN D 22 12.28 13.92 -60.77
CA GLN D 22 13.16 13.87 -61.94
C GLN D 22 14.12 12.69 -61.86
N LYS D 23 14.73 12.50 -60.70
CA LYS D 23 15.71 11.40 -60.54
C LYS D 23 15.06 10.02 -60.72
N LEU D 24 13.85 9.82 -60.19
CA LEU D 24 13.19 8.52 -60.31
C LEU D 24 12.97 8.20 -61.76
N SER D 25 12.47 9.19 -62.48
CA SER D 25 12.26 9.08 -63.90
C SER D 25 13.57 8.77 -64.64
N ASP D 26 14.65 9.47 -64.32
CA ASP D 26 15.98 9.19 -64.91
C ASP D 26 16.46 7.77 -64.66
N LEU D 27 16.21 7.26 -63.47
CA LEU D 27 16.63 5.91 -63.12
C LEU D 27 15.79 4.85 -63.82
N GLY D 28 14.69 5.27 -64.44
CA GLY D 28 13.81 4.36 -65.16
C GLY D 28 12.60 3.92 -64.36
N PHE D 29 12.30 4.63 -63.27
CA PHE D 29 11.13 4.29 -62.46
C PHE D 29 9.96 5.19 -62.82
N GLN D 30 8.80 4.57 -63.00
CA GLN D 30 7.55 5.25 -63.25
C GLN D 30 6.69 5.10 -61.99
N ILE D 31 6.66 6.16 -61.20
CA ILE D 31 6.00 6.11 -59.91
C ILE D 31 4.70 6.90 -60.00
N GLU D 32 3.61 6.34 -59.48
CA GLU D 32 2.32 7.03 -59.50
C GLU D 32 1.85 7.28 -58.07
N GLU D 33 1.16 8.40 -57.87
CA GLU D 33 0.50 8.69 -56.63
C GLU D 33 -0.86 8.00 -56.70
N ALA D 34 -1.15 7.08 -55.79
CA ALA D 34 -2.31 6.19 -55.92
C ALA D 34 -3.47 6.65 -55.10
N SER D 35 -3.23 7.23 -53.92
CA SER D 35 -4.33 7.71 -53.13
C SER D 35 -3.84 8.72 -52.15
N TRP D 36 -4.72 9.69 -51.85
CA TRP D 36 -4.39 10.85 -51.04
C TRP D 36 -5.39 10.92 -49.91
N LEU D 37 -4.93 11.27 -48.72
CA LEU D 37 -5.85 11.46 -47.61
C LEU D 37 -5.53 12.74 -46.87
N ASN D 38 -6.58 13.37 -46.34
CA ASN D 38 -6.48 14.59 -45.55
C ASN D 38 -7.60 14.56 -44.53
N PRO D 39 -7.47 13.65 -43.55
CA PRO D 39 -8.62 13.25 -42.73
C PRO D 39 -8.97 14.31 -41.69
N VAL D 40 -7.99 15.10 -41.27
CA VAL D 40 -8.24 16.24 -40.40
C VAL D 40 -7.34 17.41 -40.84
N PRO D 41 -7.64 18.62 -40.35
CA PRO D 41 -6.79 19.74 -40.73
C PRO D 41 -5.32 19.51 -40.35
N ASN D 42 -4.43 19.82 -41.31
CA ASN D 42 -2.99 19.79 -41.11
C ASN D 42 -2.43 18.37 -40.99
N VAL D 43 -3.16 17.39 -41.54
CA VAL D 43 -2.67 16.01 -41.59
C VAL D 43 -2.96 15.43 -42.97
N TRP D 44 -1.89 15.08 -43.70
CA TRP D 44 -1.97 14.50 -45.02
C TRP D 44 -1.22 13.16 -45.07
N SER D 45 -1.62 12.32 -46.01
CA SER D 45 -0.87 11.12 -46.34
C SER D 45 -1.11 10.80 -47.81
N VAL D 46 -0.19 10.06 -48.40
CA VAL D 46 -0.27 9.66 -49.80
C VAL D 46 0.44 8.31 -49.94
N HIS D 47 -0.02 7.51 -50.90
CA HIS D 47 0.55 6.21 -51.19
C HIS D 47 1.10 6.33 -52.58
N ILE D 48 2.37 5.93 -52.76
CA ILE D 48 2.98 5.97 -54.09
C ILE D 48 3.53 4.58 -54.42
N ARG D 49 3.57 4.24 -55.69
CA ARG D 49 3.94 2.90 -56.08
C ARG D 49 4.52 2.87 -57.48
N ASP D 50 5.25 1.80 -57.73
CA ASP D 50 5.89 1.57 -59.03
C ASP D 50 4.85 0.96 -59.96
N LYS D 51 4.52 1.67 -61.05
CA LYS D 51 3.57 1.16 -62.02
C LYS D 51 3.98 -0.17 -62.62
N GLU D 52 5.26 -0.47 -62.59
CA GLU D 52 5.74 -1.73 -63.17
C GLU D 52 6.16 -2.77 -62.14
N CYS D 53 5.99 -2.47 -60.86
CA CYS D 53 6.22 -3.50 -59.83
C CYS D 53 5.32 -3.27 -58.63
N ALA D 54 4.36 -4.16 -58.45
CA ALA D 54 3.36 -4.07 -57.41
C ALA D 54 3.96 -4.14 -56.00
N LEU D 55 5.16 -4.75 -55.88
CA LEU D 55 5.77 -5.00 -54.58
C LEU D 55 6.51 -3.76 -54.07
N CYS D 56 6.58 -2.71 -54.89
CA CYS D 56 7.35 -1.54 -54.54
C CYS D 56 6.47 -0.33 -54.38
N PHE D 57 6.38 0.14 -53.14
CA PHE D 57 5.55 1.27 -52.82
C PHE D 57 6.02 1.86 -51.49
N THR D 58 5.68 3.12 -51.30
CA THR D 58 6.06 3.84 -50.12
C THR D 58 4.81 4.61 -49.69
N ASN D 59 4.77 5.10 -48.46
CA ASN D 59 3.73 6.04 -48.04
C ASN D 59 4.34 7.32 -47.51
N GLY D 60 3.64 8.43 -47.75
CA GLY D 60 4.08 9.72 -47.26
C GLY D 60 3.16 10.21 -46.15
N LYS D 61 3.68 11.14 -45.35
CA LYS D 61 2.91 11.81 -44.30
C LYS D 61 3.48 13.19 -44.03
N GLY D 62 2.63 14.06 -43.52
CA GLY D 62 3.03 15.44 -43.31
C GLY D 62 1.88 16.40 -43.05
N ALA D 63 2.23 17.64 -42.74
CA ALA D 63 1.23 18.60 -42.28
C ALA D 63 0.64 19.37 -43.44
N THR D 64 1.18 19.17 -44.65
CA THR D 64 0.60 19.72 -45.86
C THR D 64 0.71 18.66 -46.95
N LYS D 65 -0.01 18.88 -48.04
CA LYS D 65 0.03 17.94 -49.15
C LYS D 65 1.47 17.81 -49.68
N LYS D 66 2.12 18.94 -49.96
CA LYS D 66 3.52 18.91 -50.40
C LYS D 66 4.43 18.14 -49.46
N ALA D 67 4.32 18.39 -48.17
CA ALA D 67 5.18 17.73 -47.22
C ALA D 67 4.98 16.24 -47.29
N ALA D 68 3.75 15.81 -47.51
CA ALA D 68 3.46 14.37 -47.55
C ALA D 68 4.05 13.76 -48.82
N LEU D 69 4.00 14.49 -49.91
CA LEU D 69 4.54 13.95 -51.17
C LEU D 69 6.05 13.87 -51.10
N ALA D 70 6.68 14.86 -50.49
CA ALA D 70 8.12 14.83 -50.30
C ALA D 70 8.52 13.67 -49.42
N SER D 71 7.74 13.44 -48.38
CA SER D 71 7.95 12.31 -47.49
C SER D 71 7.87 10.99 -48.24
N ALA D 72 6.87 10.85 -49.08
CA ALA D 72 6.65 9.57 -49.78
C ALA D 72 7.84 9.27 -50.67
N LEU D 73 8.23 10.29 -51.42
CA LEU D 73 9.33 10.21 -52.37
C LEU D 73 10.67 10.02 -51.67
N GLY D 74 10.84 10.65 -50.51
CA GLY D 74 12.03 10.48 -49.69
C GLY D 74 12.10 9.07 -49.20
N GLU D 75 10.97 8.53 -48.70
CA GLU D 75 10.93 7.13 -48.27
C GLU D 75 11.21 6.19 -49.46
N TYR D 76 10.72 6.57 -50.64
CA TYR D 76 11.00 5.79 -51.88
C TYR D 76 12.52 5.71 -52.12
N PHE D 77 13.24 6.84 -51.97
CA PHE D 77 14.70 6.82 -52.15
C PHE D 77 15.43 6.09 -51.05
N GLU D 78 14.91 6.20 -49.84
CA GLU D 78 15.42 5.45 -48.72
C GLU D 78 15.33 3.93 -48.95
N ARG D 79 14.19 3.45 -49.41
CA ARG D 79 13.99 2.00 -49.57
C ARG D 79 14.70 1.49 -50.85
N LEU D 80 14.73 2.31 -51.91
CA LEU D 80 15.49 1.95 -53.11
C LEU D 80 16.99 1.86 -52.80
N SER D 81 17.53 2.86 -52.10
CA SER D 81 18.97 2.90 -51.84
C SER D 81 19.45 1.75 -51.00
N THR D 82 18.60 1.29 -50.09
CA THR D 82 18.97 0.24 -49.15
C THR D 82 18.60 -1.15 -49.66
N ASN D 83 18.09 -1.22 -50.90
CA ASN D 83 17.50 -2.43 -51.45
C ASN D 83 16.35 -3.04 -50.65
N TYR D 84 15.66 -2.24 -49.83
CA TYR D 84 14.75 -2.82 -48.80
C TYR D 84 13.49 -3.47 -49.38
N PHE D 85 13.04 -2.98 -50.53
CA PHE D 85 11.91 -3.62 -51.24
C PHE D 85 12.18 -5.09 -51.55
N PHE D 86 13.46 -5.46 -51.63
CA PHE D 86 13.83 -6.80 -52.06
C PHE D 86 14.23 -7.70 -50.90
N ALA D 87 14.13 -7.16 -49.68
CA ALA D 87 14.67 -7.80 -48.49
C ALA D 87 14.06 -9.10 -48.11
N ASP D 88 12.81 -9.34 -48.53
CA ASP D 88 12.15 -10.55 -48.14
C ASP D 88 12.14 -11.58 -49.26
N PHE D 89 12.95 -11.36 -50.29
CA PHE D 89 12.94 -12.23 -51.49
C PHE D 89 14.29 -12.76 -51.91
N TRP D 90 14.29 -13.99 -52.41
CA TRP D 90 15.45 -14.58 -53.05
C TRP D 90 15.45 -13.96 -54.43
N LEU D 91 16.63 -13.56 -54.89
CA LEU D 91 16.75 -12.85 -56.15
C LEU D 91 17.18 -13.69 -57.34
N GLY D 92 17.25 -15.00 -57.15
CA GLY D 92 17.51 -15.94 -58.24
C GLY D 92 18.96 -16.26 -58.51
N GLU D 93 19.17 -17.27 -59.35
CA GLU D 93 20.50 -17.84 -59.56
C GLU D 93 21.45 -16.88 -60.28
N THR D 94 20.95 -16.21 -61.30
CA THR D 94 21.76 -15.28 -62.05
C THR D 94 22.28 -14.18 -61.12
N ILE D 95 21.38 -13.50 -60.40
CA ILE D 95 21.80 -12.44 -59.44
C ILE D 95 22.76 -13.01 -58.38
N ALA D 96 22.47 -14.21 -57.90
CA ALA D 96 23.30 -14.83 -56.88
C ALA D 96 24.74 -15.05 -57.28
N ASN D 97 24.97 -15.30 -58.57
CA ASN D 97 26.31 -15.60 -59.07
C ASN D 97 26.94 -14.47 -59.85
N GLY D 98 26.24 -13.34 -59.94
CA GLY D 98 26.73 -12.19 -60.70
C GLY D 98 27.79 -11.40 -59.98
N PRO D 99 28.27 -10.34 -60.63
CA PRO D 99 29.39 -9.55 -60.10
C PRO D 99 29.18 -9.15 -58.63
N PHE D 100 28.02 -8.56 -58.33
CA PHE D 100 27.64 -8.23 -56.95
C PHE D 100 26.14 -8.43 -56.76
N VAL D 101 25.74 -8.86 -55.57
CA VAL D 101 24.33 -9.03 -55.26
C VAL D 101 23.71 -7.73 -54.70
N HIS D 102 24.30 -7.21 -53.63
CA HIS D 102 23.78 -6.03 -52.92
C HIS D 102 24.42 -4.74 -53.36
N TYR D 103 25.75 -4.65 -53.20
CA TYR D 103 26.51 -3.45 -53.59
C TYR D 103 27.89 -3.85 -54.11
N PRO D 104 28.45 -3.04 -55.03
CA PRO D 104 29.79 -3.34 -55.56
C PRO D 104 30.84 -3.39 -54.47
N ASN D 105 30.66 -2.61 -53.41
CA ASN D 105 31.62 -2.59 -52.29
C ASN D 105 31.30 -3.54 -51.17
N GLU D 106 30.41 -4.48 -51.43
CA GLU D 106 30.15 -5.59 -50.48
C GLU D 106 31.38 -6.50 -50.45
N LYS D 107 31.49 -7.31 -49.42
CA LYS D 107 32.58 -8.25 -49.31
C LYS D 107 32.06 -9.63 -48.96
N TRP D 108 32.57 -10.64 -49.65
CA TRP D 108 32.18 -12.04 -49.44
C TRP D 108 33.23 -12.79 -48.66
N PHE D 109 32.79 -13.45 -47.59
CA PHE D 109 33.67 -14.17 -46.67
C PHE D 109 33.34 -15.66 -46.72
N PRO D 110 34.22 -16.47 -47.35
CA PRO D 110 33.91 -17.90 -47.50
C PRO D 110 33.81 -18.65 -46.21
N LEU D 111 33.01 -19.69 -46.20
CA LEU D 111 32.79 -20.48 -44.99
C LEU D 111 34.08 -21.21 -44.61
N THR D 112 34.33 -21.29 -43.31
CA THR D 112 35.53 -21.93 -42.78
C THR D 112 35.21 -23.40 -42.54
N GLU D 113 36.27 -24.19 -42.38
CA GLU D 113 36.15 -25.64 -42.17
C GLU D 113 35.48 -26.03 -40.86
N ASN D 114 35.85 -25.37 -39.76
CA ASN D 114 35.10 -25.53 -38.49
C ASN D 114 33.76 -24.75 -38.43
N ASP D 115 33.42 -24.05 -39.52
CA ASP D 115 32.20 -23.27 -39.61
C ASP D 115 32.08 -22.20 -38.51
N ASP D 116 33.21 -21.61 -38.14
CA ASP D 116 33.21 -20.39 -37.36
C ASP D 116 32.86 -19.23 -38.25
N VAL D 117 32.56 -18.10 -37.62
CA VAL D 117 32.31 -16.88 -38.36
C VAL D 117 33.66 -16.31 -38.76
N PRO D 118 33.93 -16.21 -40.06
CA PRO D 118 35.20 -15.62 -40.51
C PRO D 118 35.62 -14.34 -39.80
N GLU D 119 36.94 -14.15 -39.69
CA GLU D 119 37.53 -13.15 -38.77
C GLU D 119 37.29 -11.71 -39.17
N GLY D 120 37.31 -11.42 -40.47
CA GLY D 120 37.14 -10.05 -40.94
C GLY D 120 35.72 -9.46 -40.85
N LEU D 121 34.77 -10.24 -40.33
CA LEU D 121 33.38 -9.78 -40.17
C LEU D 121 33.19 -9.18 -38.78
N LEU D 122 32.33 -8.17 -38.68
CA LEU D 122 31.95 -7.60 -37.38
C LEU D 122 33.13 -6.90 -36.70
N ASP D 123 33.04 -6.72 -35.38
CA ASP D 123 34.15 -6.26 -34.54
C ASP D 123 33.88 -6.86 -33.15
N ASP D 124 34.72 -6.57 -32.17
CA ASP D 124 34.65 -7.30 -30.90
C ASP D 124 33.35 -7.03 -30.15
N ARG D 125 32.92 -5.77 -30.12
CA ARG D 125 31.69 -5.37 -29.42
C ARG D 125 30.44 -5.98 -30.06
N LEU D 126 30.36 -5.92 -31.39
CA LEU D 126 29.32 -6.60 -32.17
C LEU D 126 29.28 -8.10 -31.92
N ARG D 127 30.41 -8.78 -31.98
CA ARG D 127 30.45 -10.21 -31.61
C ARG D 127 29.89 -10.51 -30.23
N ALA D 128 30.31 -9.71 -29.25
CA ALA D 128 29.86 -9.91 -27.89
C ALA D 128 28.36 -9.64 -27.74
N PHE D 129 27.83 -8.71 -28.52
CA PHE D 129 26.39 -8.38 -28.46
C PHE D 129 25.52 -9.42 -29.17
N TYR D 130 25.85 -9.83 -30.40
CA TYR D 130 25.06 -10.85 -31.11
C TYR D 130 25.26 -12.24 -30.57
N ASP D 131 26.48 -12.53 -30.09
CA ASP D 131 26.89 -13.89 -29.82
C ASP D 131 27.68 -13.98 -28.52
N PRO D 132 27.05 -13.57 -27.41
CA PRO D 132 27.74 -13.67 -26.13
C PRO D 132 28.31 -15.07 -25.78
N GLU D 133 27.61 -16.14 -26.15
CA GLU D 133 28.06 -17.51 -25.88
C GLU D 133 29.01 -18.10 -26.92
N ASN D 134 29.36 -17.35 -27.97
CA ASN D 134 30.21 -17.86 -29.05
C ASN D 134 29.65 -19.06 -29.83
N GLU D 135 28.33 -19.09 -30.04
CA GLU D 135 27.67 -20.24 -30.71
C GLU D 135 27.24 -19.95 -32.16
N LEU D 136 27.64 -18.80 -32.70
CA LEU D 136 27.30 -18.44 -34.07
C LEU D 136 28.16 -19.25 -35.01
N THR D 137 27.54 -19.82 -36.03
CA THR D 137 28.27 -20.44 -37.14
C THR D 137 28.14 -19.60 -38.40
N GLY D 138 29.06 -19.81 -39.33
CA GLY D 138 29.07 -19.05 -40.58
C GLY D 138 27.90 -19.38 -41.49
N SER D 139 27.53 -20.66 -41.52
CA SER D 139 26.53 -21.15 -42.47
C SER D 139 25.12 -20.69 -42.15
N MET D 140 24.91 -20.15 -40.95
CA MET D 140 23.63 -19.55 -40.56
C MET D 140 23.49 -18.13 -41.03
N LEU D 141 24.57 -17.54 -41.54
CA LEU D 141 24.56 -16.12 -41.91
C LEU D 141 24.60 -15.86 -43.41
N ILE D 142 24.13 -16.83 -44.19
CA ILE D 142 24.01 -16.64 -45.64
C ILE D 142 22.79 -15.76 -45.94
N ASP D 143 23.02 -14.69 -46.69
CA ASP D 143 21.96 -13.73 -47.01
C ASP D 143 20.82 -14.37 -47.84
N LEU D 144 19.58 -13.97 -47.50
CA LEU D 144 18.38 -14.48 -48.17
C LEU D 144 18.43 -14.25 -49.69
N GLN D 145 18.94 -13.08 -50.07
CA GLN D 145 18.80 -12.64 -51.45
C GLN D 145 19.60 -13.55 -52.41
N SER D 146 20.76 -14.01 -51.97
CA SER D 146 21.66 -14.79 -52.79
C SER D 146 21.43 -16.24 -52.54
N GLY D 147 21.32 -16.59 -51.27
CA GLY D 147 21.28 -17.98 -50.88
C GLY D 147 22.51 -18.73 -51.30
N ASN D 148 23.60 -18.00 -51.54
CA ASN D 148 24.78 -18.59 -52.13
C ASN D 148 25.81 -18.99 -51.06
N GLU D 149 25.58 -20.15 -50.46
CA GLU D 149 26.48 -20.70 -49.44
C GLU D 149 27.94 -20.85 -49.94
N ASP D 150 28.13 -21.29 -51.19
CA ASP D 150 29.46 -21.51 -51.75
C ASP D 150 30.24 -20.21 -51.84
N ARG D 151 29.57 -19.14 -52.24
CA ARG D 151 30.21 -17.84 -52.29
C ARG D 151 30.44 -17.29 -50.88
N GLY D 152 29.63 -17.72 -49.92
CA GLY D 152 29.86 -17.39 -48.52
C GLY D 152 28.95 -16.30 -47.93
N ILE D 153 29.42 -15.69 -46.86
CA ILE D 153 28.70 -14.69 -46.12
C ILE D 153 28.95 -13.33 -46.73
N CYS D 154 27.88 -12.69 -47.18
CA CYS D 154 27.97 -11.35 -47.74
C CYS D 154 27.85 -10.28 -46.62
N GLY D 155 28.90 -9.46 -46.50
CA GLY D 155 28.98 -8.44 -45.46
C GLY D 155 28.91 -7.10 -46.11
N LEU D 156 28.19 -6.17 -45.49
CA LEU D 156 28.07 -4.83 -46.04
C LEU D 156 28.93 -3.89 -45.20
N PRO D 157 29.57 -2.90 -45.86
CA PRO D 157 30.40 -1.98 -45.15
C PRO D 157 29.60 -0.87 -44.44
N PHE D 158 29.86 -0.72 -43.14
CA PHE D 158 29.37 0.41 -42.37
C PHE D 158 30.56 1.15 -41.75
N THR D 159 30.43 2.46 -41.63
CA THR D 159 31.43 3.26 -40.96
C THR D 159 31.11 3.41 -39.46
N ARG D 160 31.94 2.78 -38.63
CA ARG D 160 31.91 2.98 -37.19
C ARG D 160 32.27 4.44 -36.86
N GLN D 161 31.39 5.12 -36.15
CA GLN D 161 31.50 6.58 -36.02
C GLN D 161 32.62 7.03 -35.08
N SER D 162 32.89 6.27 -34.03
CA SER D 162 33.84 6.70 -33.03
C SER D 162 35.26 6.90 -33.64
N ASP D 163 35.67 5.99 -34.54
CA ASP D 163 37.00 6.04 -35.13
C ASP D 163 37.05 6.04 -36.65
N ASN D 164 35.90 6.20 -37.31
CA ASN D 164 35.80 6.21 -38.77
C ASN D 164 36.21 4.93 -39.52
N GLN D 165 36.20 3.80 -38.84
CA GLN D 165 36.62 2.55 -39.44
C GLN D 165 35.46 1.80 -40.15
N THR D 166 35.75 1.25 -41.33
CA THR D 166 34.85 0.38 -42.04
C THR D 166 34.74 -0.98 -41.35
N VAL D 167 33.49 -1.40 -41.10
CA VAL D 167 33.18 -2.67 -40.44
C VAL D 167 32.17 -3.38 -41.35
N TYR D 168 32.37 -4.67 -41.57
CA TYR D 168 31.49 -5.44 -42.42
C TYR D 168 30.52 -6.17 -41.55
N ILE D 169 29.24 -5.89 -41.78
CA ILE D 169 28.17 -6.57 -41.03
C ILE D 169 27.42 -7.44 -42.04
N PRO D 170 27.29 -8.74 -41.75
CA PRO D 170 26.57 -9.63 -42.65
C PRO D 170 25.17 -9.11 -42.97
N MET D 171 24.79 -9.15 -44.24
CA MET D 171 23.44 -8.82 -44.68
C MET D 171 22.40 -9.58 -43.83
N ASN D 172 22.69 -10.84 -43.57
CA ASN D 172 21.78 -11.67 -42.80
C ASN D 172 21.44 -11.10 -41.45
N ILE D 173 22.43 -10.52 -40.77
CA ILE D 173 22.21 -9.97 -39.43
C ILE D 173 21.45 -8.66 -39.56
N ILE D 174 21.81 -7.84 -40.54
CA ILE D 174 21.12 -6.60 -40.78
C ILE D 174 19.64 -6.83 -41.08
N GLY D 175 19.40 -7.74 -42.01
CA GLY D 175 18.04 -8.06 -42.49
C GLY D 175 17.14 -8.65 -41.43
N ASN D 176 17.67 -9.54 -40.60
CA ASN D 176 16.88 -10.15 -39.57
C ASN D 176 16.63 -9.24 -38.35
N LEU D 177 17.59 -8.42 -37.97
CA LEU D 177 17.53 -7.74 -36.70
C LEU D 177 17.12 -6.27 -36.76
N TYR D 178 17.43 -5.60 -37.85
CA TYR D 178 17.20 -4.16 -37.97
C TYR D 178 16.13 -3.78 -38.99
N VAL D 179 15.84 -4.69 -39.90
CA VAL D 179 14.82 -4.47 -40.93
C VAL D 179 14.92 -3.03 -41.42
N SER D 180 13.83 -2.27 -41.43
CA SER D 180 13.86 -0.91 -41.96
C SER D 180 14.10 0.16 -40.91
N ASN D 181 14.45 -0.23 -39.69
CA ASN D 181 14.68 0.74 -38.65
C ASN D 181 16.03 1.43 -38.81
N GLY D 182 16.02 2.76 -38.78
CA GLY D 182 17.25 3.51 -38.90
C GLY D 182 17.68 3.88 -40.32
N MET D 183 16.83 3.64 -41.32
CA MET D 183 17.17 4.02 -42.69
C MET D 183 16.66 5.41 -42.81
N SER D 184 17.15 6.12 -43.82
CA SER D 184 16.74 7.46 -44.07
C SER D 184 17.27 7.92 -45.42
N ALA D 185 16.57 8.87 -46.03
CA ALA D 185 17.04 9.65 -47.16
C ALA D 185 16.78 11.12 -46.88
N GLY D 186 17.38 11.99 -47.66
CA GLY D 186 17.23 13.41 -47.41
C GLY D 186 17.80 14.31 -48.49
N ASN D 187 17.52 15.61 -48.33
CA ASN D 187 18.07 16.63 -49.18
C ASN D 187 19.59 16.79 -48.99
N THR D 188 20.06 16.55 -47.77
CA THR D 188 21.46 16.55 -47.46
C THR D 188 21.81 15.42 -46.55
N ARG D 189 23.10 15.16 -46.46
CA ARG D 189 23.67 14.13 -45.62
C ARG D 189 23.19 14.27 -44.17
N ASN D 190 23.30 15.46 -43.58
CA ASN D 190 22.99 15.61 -42.16
C ASN D 190 21.49 15.64 -41.88
N GLU D 191 20.68 16.19 -42.80
CA GLU D 191 19.23 16.17 -42.65
C GLU D 191 18.78 14.70 -42.57
N ALA D 192 19.31 13.87 -43.46
CA ALA D 192 18.97 12.45 -43.53
C ALA D 192 19.43 11.76 -42.28
N ARG D 193 20.66 12.04 -41.87
CA ARG D 193 21.25 11.36 -40.73
C ARG D 193 20.52 11.72 -39.44
N VAL D 194 20.06 12.96 -39.33
CA VAL D 194 19.30 13.40 -38.15
C VAL D 194 17.93 12.66 -38.10
N GLN D 195 17.29 12.52 -39.26
CA GLN D 195 16.05 11.76 -39.33
C GLN D 195 16.26 10.32 -38.91
N GLY D 196 17.32 9.69 -39.41
CA GLY D 196 17.62 8.30 -39.09
C GLY D 196 17.97 8.08 -37.66
N LEU D 197 18.79 8.98 -37.09
CA LEU D 197 19.16 8.85 -35.69
C LEU D 197 17.91 9.08 -34.79
N SER D 198 17.07 10.05 -35.17
CA SER D 198 15.82 10.29 -34.47
C SER D 198 14.91 9.06 -34.51
N GLU D 199 14.88 8.37 -35.66
CA GLU D 199 14.07 7.15 -35.79
C GLU D 199 14.52 6.11 -34.82
N VAL D 200 15.83 6.01 -34.65
CA VAL D 200 16.39 5.05 -33.67
C VAL D 200 15.88 5.42 -32.26
N PHE D 201 15.85 6.69 -31.95
CA PHE D 201 15.38 7.10 -30.62
C PHE D 201 13.89 6.79 -30.50
N GLU D 202 13.12 7.11 -31.54
CA GLU D 202 11.67 6.80 -31.56
C GLU D 202 11.39 5.39 -31.16
N ARG D 203 11.98 4.46 -31.86
CA ARG D 203 11.67 3.06 -31.67
C ARG D 203 12.28 2.47 -30.40
N TYR D 204 13.48 2.92 -30.03
CA TYR D 204 14.10 2.48 -28.78
C TYR D 204 13.29 2.96 -27.56
N VAL D 205 12.91 4.22 -27.57
CA VAL D 205 12.19 4.80 -26.45
C VAL D 205 10.73 4.27 -26.43
N LYS D 206 10.11 4.18 -27.61
CA LYS D 206 8.82 3.51 -27.75
C LYS D 206 8.82 2.14 -27.07
N ASN D 207 9.80 1.30 -27.40
CA ASN D 207 9.87 -0.01 -26.73
C ASN D 207 9.99 0.07 -25.20
N ARG D 208 10.77 1.00 -24.69
CA ARG D 208 10.94 1.15 -23.23
C ARG D 208 9.61 1.55 -22.60
N ILE D 209 8.97 2.53 -23.21
CA ILE D 209 7.68 3.02 -22.72
C ILE D 209 6.64 1.90 -22.66
N ILE D 210 6.52 1.15 -23.75
CA ILE D 210 5.52 0.07 -23.83
C ILE D 210 5.92 -1.05 -22.91
N ALA D 211 7.15 -1.54 -23.07
CA ALA D 211 7.57 -2.71 -22.33
C ALA D 211 7.55 -2.52 -20.83
N GLU D 212 7.84 -1.32 -20.38
CA GLU D 212 8.02 -1.07 -18.94
C GLU D 212 6.73 -0.48 -18.33
N SER D 213 5.68 -0.30 -19.15
CA SER D 213 4.38 0.19 -18.68
C SER D 213 4.53 1.53 -18.00
N ILE D 214 5.27 2.41 -18.65
CA ILE D 214 5.61 3.71 -18.08
C ILE D 214 4.40 4.61 -18.22
N SER D 215 4.08 5.37 -17.15
CA SER D 215 3.12 6.43 -17.24
C SER D 215 3.84 7.66 -17.64
N LEU D 216 3.45 8.22 -18.79
CA LEU D 216 4.04 9.45 -19.27
C LEU D 216 3.31 10.68 -18.82
N PRO D 217 4.01 11.83 -18.81
CA PRO D 217 3.42 13.13 -18.50
C PRO D 217 2.80 13.80 -19.71
N GLU D 218 1.68 14.46 -19.48
CA GLU D 218 0.98 15.19 -20.54
C GLU D 218 1.71 16.45 -20.90
N ILE D 219 1.65 16.81 -22.17
CA ILE D 219 2.20 18.04 -22.66
C ILE D 219 1.21 19.13 -22.27
N PRO D 220 1.63 20.12 -21.46
CA PRO D 220 0.66 21.12 -20.96
C PRO D 220 0.07 21.88 -22.08
N ALA D 221 -1.15 22.33 -21.91
CA ALA D 221 -1.86 23.04 -22.97
C ALA D 221 -1.13 24.27 -23.51
N ASP D 222 -0.40 24.99 -22.63
CA ASP D 222 0.31 26.19 -23.07
C ASP D 222 1.53 25.86 -23.96
N VAL D 223 2.10 24.67 -23.78
CA VAL D 223 3.12 24.20 -24.71
C VAL D 223 2.51 23.83 -26.06
N LEU D 224 1.38 23.13 -26.02
CA LEU D 224 0.70 22.70 -27.26
C LEU D 224 0.30 23.89 -28.08
N ALA D 225 -0.08 24.97 -27.40
CA ALA D 225 -0.55 26.19 -28.08
C ALA D 225 0.52 26.78 -29.02
N ARG D 226 1.80 26.46 -28.77
CA ARG D 226 2.85 26.93 -29.66
C ARG D 226 2.72 26.31 -31.05
N TYR D 227 1.95 25.24 -31.17
CA TYR D 227 1.84 24.48 -32.44
C TYR D 227 0.39 24.35 -32.82
N PRO D 228 -0.19 25.46 -33.29
CA PRO D 228 -1.61 25.48 -33.55
C PRO D 228 -2.09 24.51 -34.64
N ALA D 229 -1.26 24.21 -35.62
CA ALA D 229 -1.66 23.31 -36.70
C ALA D 229 -1.94 21.91 -36.12
N VAL D 230 -1.08 21.45 -35.23
CA VAL D 230 -1.27 20.21 -34.53
C VAL D 230 -2.48 20.26 -33.59
N VAL D 231 -2.63 21.37 -32.85
CA VAL D 231 -3.79 21.56 -31.93
C VAL D 231 -5.12 21.48 -32.68
N GLU D 232 -5.19 22.07 -33.86
CA GLU D 232 -6.36 21.95 -34.71
C GLU D 232 -6.66 20.48 -35.10
N ALA D 233 -5.61 19.74 -35.45
CA ALA D 233 -5.79 18.32 -35.82
C ALA D 233 -6.37 17.53 -34.64
N ILE D 234 -5.78 17.72 -33.48
CA ILE D 234 -6.22 17.03 -32.28
C ILE D 234 -7.65 17.39 -31.89
N GLU D 235 -7.97 18.68 -31.90
CA GLU D 235 -9.32 19.13 -31.57
C GLU D 235 -10.38 18.55 -32.51
N THR D 236 -10.04 18.48 -33.79
CA THR D 236 -10.91 17.85 -34.78
C THR D 236 -11.13 16.36 -34.46
N LEU D 237 -10.04 15.64 -34.19
CA LEU D 237 -10.15 14.24 -33.77
C LEU D 237 -11.06 14.06 -32.58
N GLU D 238 -10.88 14.91 -31.56
CA GLU D 238 -11.71 14.83 -30.38
C GLU D 238 -13.16 15.13 -30.64
N ALA D 239 -13.42 16.11 -31.50
CA ALA D 239 -14.77 16.46 -31.88
C ALA D 239 -15.42 15.32 -32.64
N GLU D 240 -14.62 14.56 -33.37
CA GLU D 240 -15.12 13.41 -34.14
C GLU D 240 -15.29 12.16 -33.30
N GLY D 241 -15.07 12.25 -32.00
CA GLY D 241 -15.30 11.14 -31.09
C GLY D 241 -14.07 10.33 -30.70
N PHE D 242 -12.87 10.87 -30.93
CA PHE D 242 -11.64 10.15 -30.63
C PHE D 242 -10.81 10.91 -29.59
N PRO D 243 -10.85 10.48 -28.33
CA PRO D 243 -10.03 11.18 -27.35
C PRO D 243 -8.53 11.01 -27.67
N ILE D 244 -7.79 12.09 -27.47
CA ILE D 244 -6.34 12.11 -27.71
C ILE D 244 -5.58 12.41 -26.44
N PHE D 245 -4.53 11.64 -26.19
CA PHE D 245 -3.56 11.94 -25.12
C PHE D 245 -2.24 12.34 -25.74
N ALA D 246 -1.73 13.53 -25.40
CA ALA D 246 -0.45 14.03 -25.97
C ALA D 246 0.57 14.03 -24.87
N TYR D 247 1.55 13.15 -24.98
CA TYR D 247 2.51 12.87 -23.92
C TYR D 247 3.95 13.25 -24.34
N ASP D 248 4.73 13.66 -23.35
CA ASP D 248 6.19 13.86 -23.52
C ASP D 248 6.82 12.55 -23.25
N GLY D 249 7.48 11.97 -24.27
CA GLY D 249 8.16 10.68 -24.08
C GLY D 249 9.67 10.75 -23.88
N SER D 250 10.17 11.90 -23.44
CA SER D 250 11.61 12.12 -23.27
C SER D 250 12.18 11.39 -22.09
N LEU D 251 11.32 10.84 -21.26
CA LEU D 251 11.72 10.18 -20.05
C LEU D 251 12.65 11.09 -19.20
N GLY D 252 12.16 12.28 -18.88
CA GLY D 252 12.85 13.20 -18.01
C GLY D 252 13.83 14.07 -18.76
N GLY D 253 13.54 14.34 -20.03
CA GLY D 253 14.37 15.20 -20.84
C GLY D 253 15.56 14.51 -21.49
N GLN D 254 15.66 13.19 -21.43
CA GLN D 254 16.79 12.48 -22.02
C GLN D 254 16.73 12.32 -23.53
N TYR D 255 15.53 12.05 -24.06
CA TYR D 255 15.43 11.69 -25.48
C TYR D 255 14.45 12.55 -26.19
N PRO D 256 14.72 12.89 -27.44
CA PRO D 256 13.82 13.75 -28.19
C PRO D 256 12.55 13.02 -28.77
N VAL D 257 11.71 12.50 -27.89
CA VAL D 257 10.60 11.64 -28.26
C VAL D 257 9.26 12.14 -27.71
N ILE D 258 8.24 12.07 -28.59
CA ILE D 258 6.83 12.35 -28.27
C ILE D 258 5.96 11.12 -28.48
N CYS D 259 4.94 10.95 -27.63
CA CYS D 259 3.92 9.87 -27.73
C CYS D 259 2.54 10.46 -27.75
N VAL D 260 1.77 10.12 -28.77
CA VAL D 260 0.37 10.53 -28.88
C VAL D 260 -0.55 9.31 -29.00
N VAL D 261 -1.53 9.23 -28.11
CA VAL D 261 -2.42 8.08 -28.07
C VAL D 261 -3.82 8.48 -28.45
N LEU D 262 -4.43 7.68 -29.32
CA LEU D 262 -5.86 7.82 -29.70
C LEU D 262 -6.69 6.71 -29.07
N PHE D 263 -7.88 7.07 -28.57
CA PHE D 263 -8.86 6.12 -28.05
C PHE D 263 -9.96 6.05 -29.04
N ASN D 264 -10.49 4.86 -29.24
CA ASN D 264 -11.68 4.69 -30.02
C ASN D 264 -12.78 4.10 -29.13
N PRO D 265 -13.63 4.96 -28.56
CA PRO D 265 -14.67 4.50 -27.63
C PRO D 265 -15.60 3.49 -28.29
N ALA D 266 -15.75 3.53 -29.60
CA ALA D 266 -16.73 2.67 -30.30
C ALA D 266 -16.33 1.21 -30.20
N ASN D 267 -15.08 0.92 -29.85
CA ASN D 267 -14.66 -0.49 -29.65
C ASN D 267 -13.70 -0.70 -28.49
N GLY D 268 -13.47 0.34 -27.68
CA GLY D 268 -12.71 0.19 -26.45
C GLY D 268 -11.20 0.03 -26.67
N THR D 269 -10.69 0.54 -27.79
CA THR D 269 -9.31 0.29 -28.17
C THR D 269 -8.48 1.55 -28.10
N CYS D 270 -7.17 1.36 -28.07
CA CYS D 270 -6.26 2.50 -28.16
C CYS D 270 -5.22 2.24 -29.22
N PHE D 271 -4.60 3.33 -29.67
CA PHE D 271 -3.54 3.28 -30.66
C PHE D 271 -2.48 4.33 -30.26
N ALA D 272 -1.31 3.83 -29.85
CA ALA D 272 -0.19 4.70 -29.41
C ALA D 272 0.80 4.93 -30.57
N SER D 273 1.00 6.20 -30.91
CA SER D 273 1.93 6.60 -31.94
C SER D 273 3.10 7.31 -31.26
N PHE D 274 4.25 7.21 -31.91
CA PHE D 274 5.50 7.73 -31.40
C PHE D 274 6.26 8.45 -32.52
N GLY D 275 7.02 9.47 -32.12
CA GLY D 275 7.74 10.29 -33.08
C GLY D 275 8.92 10.96 -32.39
N ALA D 276 9.93 11.27 -33.19
CA ALA D 276 11.14 11.86 -32.63
C ALA D 276 11.83 12.82 -33.58
N HIS D 277 12.38 13.88 -32.99
CA HIS D 277 13.18 14.86 -33.70
C HIS D 277 13.78 15.80 -32.64
N PRO D 278 14.94 16.40 -32.94
CA PRO D 278 15.52 17.38 -32.01
C PRO D 278 14.60 18.58 -31.69
N ASP D 279 13.87 19.05 -32.70
CA ASP D 279 12.84 20.05 -32.52
C ASP D 279 11.52 19.45 -31.97
N PHE D 280 11.11 19.94 -30.79
CA PHE D 280 9.93 19.43 -30.06
C PHE D 280 8.66 19.45 -30.92
N GLY D 281 8.43 20.53 -31.64
CA GLY D 281 7.30 20.67 -32.51
C GLY D 281 7.31 19.73 -33.70
N VAL D 282 8.48 19.51 -34.28
CA VAL D 282 8.59 18.59 -35.41
C VAL D 282 8.25 17.17 -34.95
N ALA D 283 8.74 16.82 -33.77
CA ALA D 283 8.54 15.50 -33.19
C ALA D 283 7.06 15.28 -32.92
N LEU D 284 6.42 16.30 -32.37
CA LEU D 284 5.03 16.24 -32.03
C LEU D 284 4.21 16.05 -33.28
N GLU D 285 4.47 16.88 -34.27
CA GLU D 285 3.78 16.79 -35.53
C GLU D 285 3.92 15.41 -36.17
N ARG D 286 5.15 14.88 -36.28
CA ARG D 286 5.39 13.56 -36.84
C ARG D 286 4.55 12.52 -36.17
N THR D 287 4.42 12.64 -34.87
CA THR D 287 3.73 11.64 -34.10
C THR D 287 2.22 11.58 -34.50
N VAL D 288 1.63 12.74 -34.76
CA VAL D 288 0.23 12.86 -35.10
C VAL D 288 0.00 12.45 -36.54
N THR D 289 0.90 12.84 -37.40
CA THR D 289 0.80 12.55 -38.81
C THR D 289 1.01 11.05 -39.09
N GLU D 290 1.83 10.40 -38.26
CA GLU D 290 2.05 8.97 -38.34
C GLU D 290 0.76 8.25 -37.96
N LEU D 291 0.14 8.70 -36.88
CA LEU D 291 -1.11 8.15 -36.36
C LEU D 291 -2.16 7.92 -37.45
N LEU D 292 -2.34 8.93 -38.28
CA LEU D 292 -3.37 8.90 -39.30
C LEU D 292 -2.87 8.54 -40.69
N GLN D 293 -1.60 8.21 -40.83
CA GLN D 293 -1.09 7.80 -42.15
C GLN D 293 -1.85 6.65 -42.77
N GLY D 294 -2.45 6.94 -43.91
CA GLY D 294 -3.14 5.92 -44.68
C GLY D 294 -4.48 5.56 -44.05
N ARG D 295 -4.96 6.37 -43.11
CA ARG D 295 -6.19 6.11 -42.40
C ARG D 295 -7.14 7.29 -42.44
N GLY D 296 -8.34 7.07 -42.97
CA GLY D 296 -9.43 8.02 -42.72
C GLY D 296 -9.97 7.81 -41.31
N LEU D 297 -10.94 8.64 -40.94
CA LEU D 297 -11.59 8.55 -39.64
C LEU D 297 -12.44 7.27 -39.46
N LYS D 298 -12.76 6.57 -40.56
CA LYS D 298 -13.45 5.27 -40.52
C LYS D 298 -12.47 4.04 -40.44
N ASP D 299 -11.15 4.27 -40.47
CA ASP D 299 -10.18 3.17 -40.49
C ASP D 299 -9.41 3.04 -39.17
N LEU D 300 -10.01 3.50 -38.08
CA LEU D 300 -9.36 3.49 -36.73
C LEU D 300 -9.89 2.34 -35.85
N ASP D 301 -10.28 1.25 -36.51
CA ASP D 301 -11.07 0.21 -35.90
C ASP D 301 -10.30 -1.09 -35.77
N VAL D 302 -8.99 -1.05 -36.04
CA VAL D 302 -8.16 -2.28 -36.07
C VAL D 302 -7.22 -2.45 -34.90
N PHE D 303 -7.40 -1.66 -33.84
CA PHE D 303 -6.46 -1.68 -32.72
C PHE D 303 -6.94 -2.52 -31.56
N THR D 304 -6.28 -2.40 -30.41
CA THR D 304 -6.46 -3.33 -29.33
C THR D 304 -6.79 -2.62 -28.01
N PRO D 305 -7.63 -3.24 -27.16
CA PRO D 305 -7.86 -2.60 -25.88
C PRO D 305 -6.61 -2.58 -25.01
N PRO D 306 -6.51 -1.60 -24.11
CA PRO D 306 -5.38 -1.64 -23.17
C PRO D 306 -5.52 -2.81 -22.23
N THR D 307 -4.47 -3.11 -21.51
CA THR D 307 -4.44 -4.27 -20.64
C THR D 307 -3.69 -3.94 -19.32
N PHE D 308 -3.95 -4.75 -18.30
CA PHE D 308 -3.24 -4.71 -17.05
C PHE D 308 -2.16 -5.77 -16.99
N ASP D 309 -2.07 -6.62 -18.02
CA ASP D 309 -1.12 -7.72 -17.99
C ASP D 309 0.26 -7.21 -18.32
N ASP D 310 1.08 -7.01 -17.29
CA ASP D 310 2.44 -6.45 -17.43
C ASP D 310 3.36 -7.31 -18.30
N GLU D 311 3.27 -8.62 -18.13
CA GLU D 311 4.20 -9.53 -18.77
C GLU D 311 3.97 -9.58 -20.27
N GLU D 312 2.71 -9.63 -20.67
CA GLU D 312 2.32 -9.74 -22.08
C GLU D 312 2.69 -8.47 -22.86
N VAL D 313 2.65 -7.33 -22.18
CA VAL D 313 3.04 -6.07 -22.79
C VAL D 313 4.57 -5.99 -23.02
N ALA D 314 5.34 -6.60 -22.12
CA ALA D 314 6.77 -6.61 -22.21
C ALA D 314 7.30 -7.67 -23.18
N GLU D 315 6.49 -8.68 -23.47
CA GLU D 315 6.89 -9.75 -24.39
C GLU D 315 7.47 -9.15 -25.65
N HIS D 316 8.64 -9.64 -26.07
CA HIS D 316 9.24 -9.12 -27.28
C HIS D 316 8.36 -9.24 -28.54
N THR D 317 7.54 -10.28 -28.61
CA THR D 317 6.61 -10.44 -29.74
C THR D 317 5.60 -9.29 -29.77
N ASN D 318 5.21 -8.80 -28.59
CA ASN D 318 4.31 -7.67 -28.53
C ASN D 318 4.95 -6.43 -29.10
N LEU D 319 6.22 -6.24 -28.79
CA LEU D 319 6.97 -5.12 -29.34
C LEU D 319 7.20 -5.26 -30.83
N GLU D 320 7.38 -6.49 -31.27
CA GLU D 320 7.55 -6.72 -32.72
C GLU D 320 6.23 -6.38 -33.46
N THR D 321 5.10 -6.80 -32.90
CA THR D 321 3.81 -6.50 -33.47
C THR D 321 3.67 -4.98 -33.56
N HIS D 322 4.00 -4.28 -32.49
CA HIS D 322 3.94 -2.80 -32.53
C HIS D 322 4.80 -2.20 -33.62
N PHE D 323 5.94 -2.78 -33.88
CA PHE D 323 6.74 -2.32 -35.02
C PHE D 323 6.02 -2.57 -36.35
N ILE D 324 5.49 -3.77 -36.52
CA ILE D 324 4.87 -4.16 -37.78
C ILE D 324 3.60 -3.40 -38.10
N ASP D 325 2.66 -3.31 -37.16
CA ASP D 325 1.39 -2.56 -37.44
C ASP D 325 0.79 -1.78 -36.26
N SER D 326 1.59 -1.50 -35.23
CA SER D 326 1.15 -0.75 -34.03
C SER D 326 -0.07 -1.31 -33.28
N SER D 327 -0.52 -2.53 -33.64
CA SER D 327 -1.73 -3.14 -33.05
C SER D 327 -1.38 -3.98 -31.84
N GLY D 328 -0.25 -3.70 -31.20
CA GLY D 328 0.14 -4.46 -30.04
C GLY D 328 -0.58 -3.97 -28.81
N LEU D 329 -0.36 -4.66 -27.71
CA LEU D 329 -0.88 -4.31 -26.44
C LEU D 329 -0.15 -3.12 -25.80
N ILE D 330 -0.95 -2.29 -25.12
CA ILE D 330 -0.48 -1.14 -24.36
C ILE D 330 -1.04 -1.27 -22.93
N SER D 331 -0.19 -1.01 -21.94
CA SER D 331 -0.64 -0.99 -20.55
C SER D 331 -1.55 0.19 -20.25
N TRP D 332 -2.59 -0.09 -19.49
CA TRP D 332 -3.41 0.98 -18.87
C TRP D 332 -2.55 1.97 -18.12
N ASP D 333 -1.43 1.53 -17.53
CA ASP D 333 -0.57 2.43 -16.77
C ASP D 333 -0.08 3.63 -17.56
N LEU D 334 -0.03 3.52 -18.89
CA LEU D 334 0.38 4.68 -19.69
C LEU D 334 -0.48 5.86 -19.38
N PHE D 335 -1.74 5.59 -19.05
CA PHE D 335 -2.77 6.62 -18.93
C PHE D 335 -3.07 6.99 -17.46
N LYS D 336 -2.23 6.53 -16.56
CA LYS D 336 -2.34 6.94 -15.15
C LYS D 336 -2.27 8.44 -14.95
N GLN D 337 -2.94 8.90 -13.91
CA GLN D 337 -2.97 10.31 -13.54
C GLN D 337 -1.57 10.80 -13.23
N ASP D 338 -0.86 10.05 -12.39
CA ASP D 338 0.51 10.38 -12.04
C ASP D 338 1.50 9.80 -13.05
N ALA D 339 2.34 10.69 -13.60
CA ALA D 339 3.39 10.32 -14.52
C ALA D 339 4.61 9.82 -13.76
N ASP D 340 5.41 8.97 -14.40
CA ASP D 340 6.64 8.44 -13.79
C ASP D 340 7.85 9.37 -14.05
N TYR D 341 7.66 10.40 -14.88
CA TYR D 341 8.65 11.42 -15.12
C TYR D 341 7.92 12.70 -15.21
N PRO D 342 8.54 13.80 -14.78
CA PRO D 342 7.86 15.05 -14.95
C PRO D 342 7.95 15.51 -16.40
N PHE D 343 7.01 16.33 -16.84
CA PHE D 343 7.11 16.90 -18.15
C PHE D 343 8.40 17.71 -18.26
N VAL D 344 9.08 17.65 -19.41
CA VAL D 344 10.18 18.56 -19.70
C VAL D 344 9.95 19.20 -21.05
N ASP D 345 10.00 20.52 -21.11
CA ASP D 345 9.81 21.25 -22.37
C ASP D 345 11.13 21.24 -23.13
N TRP D 346 11.46 20.09 -23.71
CA TRP D 346 12.81 19.85 -24.18
C TRP D 346 13.03 20.45 -25.56
N ASN D 347 14.31 20.63 -25.89
CA ASN D 347 14.77 21.21 -27.15
C ASN D 347 16.22 20.79 -27.40
N PHE D 348 16.47 20.14 -28.54
CA PHE D 348 17.81 19.75 -28.98
C PHE D 348 18.05 20.33 -30.38
N SER D 349 17.27 21.33 -30.76
CA SER D 349 17.28 21.79 -32.13
C SER D 349 18.47 22.72 -32.45
N GLY D 350 18.65 22.93 -33.76
CA GLY D 350 19.69 23.77 -34.30
C GLY D 350 19.76 23.49 -35.80
N THR D 351 20.94 23.65 -36.37
CA THR D 351 21.15 23.38 -37.77
C THR D 351 21.26 21.85 -37.90
N THR D 352 21.14 21.29 -39.11
CA THR D 352 21.21 19.83 -39.24
C THR D 352 22.58 19.30 -38.80
N GLU D 353 23.62 20.05 -39.12
CA GLU D 353 24.96 19.73 -38.63
C GLU D 353 25.03 19.70 -37.11
N GLU D 354 24.51 20.72 -36.46
CA GLU D 354 24.50 20.76 -34.97
C GLU D 354 23.64 19.67 -34.40
N GLU D 355 22.49 19.46 -35.06
CA GLU D 355 21.58 18.38 -34.60
C GLU D 355 22.27 17.02 -34.65
N PHE D 356 23.02 16.75 -35.72
CA PHE D 356 23.70 15.46 -35.84
C PHE D 356 24.66 15.25 -34.69
N ALA D 357 25.44 16.28 -34.40
CA ALA D 357 26.40 16.22 -33.29
C ALA D 357 25.68 16.09 -31.96
N THR D 358 24.61 16.86 -31.77
CA THR D 358 23.83 16.75 -30.51
C THR D 358 23.29 15.32 -30.26
N LEU D 359 22.78 14.67 -31.31
CA LEU D 359 22.24 13.30 -31.17
C LEU D 359 23.32 12.25 -30.99
N MET D 360 24.45 12.42 -31.71
CA MET D 360 25.62 11.53 -31.47
C MET D 360 26.16 11.64 -30.05
N ALA D 361 26.11 12.84 -29.47
CA ALA D 361 26.49 13.02 -28.04
C ALA D 361 25.64 12.18 -27.07
N ILE D 362 24.36 12.04 -27.38
CA ILE D 362 23.50 11.16 -26.58
C ILE D 362 23.95 9.71 -26.73
N PHE D 363 24.19 9.25 -27.95
CA PHE D 363 24.66 7.88 -28.11
C PHE D 363 26.00 7.67 -27.42
N ASN D 364 26.91 8.64 -27.57
CA ASN D 364 28.21 8.57 -26.88
C ASN D 364 27.98 8.39 -25.38
N LYS D 365 27.09 9.22 -24.80
CA LYS D 365 26.74 9.09 -23.36
C LYS D 365 26.10 7.74 -22.96
N GLU D 366 25.34 7.12 -23.87
CA GLU D 366 24.80 5.77 -23.63
C GLU D 366 25.91 4.72 -23.73
N ASP D 367 27.08 5.13 -24.21
CA ASP D 367 28.16 4.20 -24.53
C ASP D 367 27.67 3.19 -25.57
N LYS D 368 27.06 3.70 -26.64
CA LYS D 368 26.55 2.84 -27.70
C LYS D 368 27.18 3.25 -29.00
N GLU D 369 27.97 2.35 -29.58
CA GLU D 369 28.59 2.61 -30.87
C GLU D 369 27.52 2.77 -31.97
N VAL D 370 27.78 3.66 -32.91
CA VAL D 370 26.90 3.93 -34.03
C VAL D 370 27.61 3.58 -35.34
N TYR D 371 26.95 2.79 -36.18
CA TYR D 371 27.49 2.39 -37.48
C TYR D 371 26.61 2.94 -38.61
N ILE D 372 27.20 3.64 -39.57
CA ILE D 372 26.46 4.28 -40.64
C ILE D 372 27.00 3.87 -42.02
N ALA D 373 26.10 3.35 -42.87
CA ALA D 373 26.38 3.14 -44.28
C ALA D 373 25.76 4.28 -45.07
N ASP D 374 26.54 4.85 -45.97
CA ASP D 374 26.09 5.96 -46.80
C ASP D 374 25.86 5.44 -48.20
N TYR D 375 24.84 6.00 -48.88
CA TYR D 375 24.47 5.59 -50.23
C TYR D 375 24.13 6.84 -50.99
N GLU D 376 24.72 6.98 -52.17
CA GLU D 376 24.48 8.12 -53.01
C GLU D 376 24.32 7.70 -54.45
N HIS D 377 24.27 6.40 -54.71
CA HIS D 377 24.27 5.87 -56.08
C HIS D 377 23.00 6.16 -56.84
N LEU D 378 21.95 6.57 -56.15
CA LEU D 378 20.74 6.95 -56.83
C LEU D 378 20.58 8.45 -56.97
N GLY D 379 21.65 9.19 -56.69
CA GLY D 379 21.62 10.65 -56.85
C GLY D 379 20.93 11.41 -55.72
N VAL D 380 20.63 10.71 -54.62
CA VAL D 380 20.06 11.28 -53.43
C VAL D 380 20.76 10.65 -52.28
N TYR D 381 21.05 11.43 -51.25
CA TYR D 381 21.72 10.84 -50.11
C TYR D 381 20.73 9.94 -49.36
N ALA D 382 21.21 8.75 -49.02
CA ALA D 382 20.50 7.87 -48.15
C ALA D 382 21.50 7.22 -47.21
N CYS D 383 21.02 6.76 -46.05
CA CYS D 383 21.87 6.08 -45.09
C CYS D 383 21.11 5.02 -44.38
N ARG D 384 21.86 4.16 -43.72
CA ARG D 384 21.32 3.12 -42.91
C ARG D 384 22.19 3.06 -41.66
N ILE D 385 21.55 3.25 -40.50
CA ILE D 385 22.21 3.40 -39.23
C ILE D 385 21.87 2.26 -38.30
N ILE D 386 22.89 1.56 -37.81
CA ILE D 386 22.74 0.51 -36.84
C ILE D 386 23.36 0.98 -35.52
N VAL D 387 22.60 0.80 -34.43
CA VAL D 387 23.10 1.04 -33.08
C VAL D 387 22.81 -0.19 -32.26
N PRO D 388 23.73 -1.16 -32.26
CA PRO D 388 23.44 -2.39 -31.54
C PRO D 388 23.13 -2.13 -30.09
N GLY D 389 22.01 -2.68 -29.61
CA GLY D 389 21.55 -2.47 -28.25
C GLY D 389 20.62 -1.28 -28.12
N MET D 390 20.35 -0.60 -29.23
CA MET D 390 19.29 0.42 -29.25
C MET D 390 18.37 0.32 -30.48
N SER D 391 18.93 0.16 -31.68
CA SER D 391 18.13 0.18 -32.90
C SER D 391 17.59 -1.18 -33.31
N ASP D 392 17.91 -2.23 -32.57
CA ASP D 392 17.45 -3.56 -32.91
C ASP D 392 15.92 -3.65 -32.81
N ILE D 393 15.30 -4.31 -33.78
CA ILE D 393 13.87 -4.57 -33.72
C ILE D 393 13.58 -5.97 -33.25
N TYR D 394 14.44 -6.91 -33.59
CA TYR D 394 14.29 -8.28 -33.13
C TYR D 394 15.50 -8.66 -32.24
N PRO D 395 15.30 -9.58 -31.28
CA PRO D 395 16.46 -9.98 -30.47
C PRO D 395 17.44 -10.88 -31.22
N ALA D 396 18.72 -10.82 -30.81
CA ALA D 396 19.77 -11.58 -31.49
C ALA D 396 19.52 -13.09 -31.49
N GLU D 397 18.79 -13.60 -30.50
CA GLU D 397 18.48 -15.01 -30.45
C GLU D 397 17.68 -15.45 -31.73
N ASP D 398 17.01 -14.50 -32.41
CA ASP D 398 16.30 -14.79 -33.65
C ASP D 398 17.23 -15.23 -34.80
N LEU D 399 18.52 -14.87 -34.73
CA LEU D 399 19.49 -15.41 -35.67
C LEU D 399 19.50 -16.93 -35.65
N TRP D 400 19.23 -17.53 -34.50
CA TRP D 400 19.11 -18.98 -34.36
C TRP D 400 17.68 -19.47 -34.57
N LEU D 401 16.71 -18.75 -34.01
CA LEU D 401 15.35 -19.27 -33.86
C LEU D 401 14.38 -18.84 -34.97
N ALA D 402 14.60 -17.67 -35.57
CA ALA D 402 13.67 -17.12 -36.57
C ALA D 402 14.46 -16.44 -37.66
N ASN D 403 15.41 -17.16 -38.24
CA ASN D 403 16.24 -16.61 -39.29
C ASN D 403 15.54 -16.70 -40.65
N ASN D 404 15.41 -15.59 -41.34
CA ASN D 404 14.71 -15.58 -42.62
C ASN D 404 15.42 -16.35 -43.74
N SER D 405 16.64 -16.87 -43.51
CA SER D 405 17.32 -17.70 -44.51
C SER D 405 17.31 -19.16 -44.11
N MET D 406 16.68 -19.45 -43.00
CA MET D 406 16.52 -20.83 -42.53
C MET D 406 16.02 -21.89 -43.49
N GLY D 407 15.22 -21.52 -44.48
CA GLY D 407 14.71 -22.52 -45.42
C GLY D 407 15.36 -22.49 -46.79
N SER D 408 16.45 -21.74 -46.95
CA SER D 408 17.16 -21.63 -48.22
C SER D 408 17.62 -22.98 -48.72
N HIS D 409 18.10 -23.82 -47.82
CA HIS D 409 18.64 -25.11 -48.20
C HIS D 409 17.58 -26.06 -48.77
N LEU D 410 16.31 -25.81 -48.48
CA LEU D 410 15.21 -26.62 -49.01
C LEU D 410 14.61 -26.04 -50.29
N ARG D 411 15.06 -24.87 -50.72
CA ARG D 411 14.41 -24.20 -51.83
C ARG D 411 14.40 -25.10 -53.07
N GLU D 412 15.57 -25.55 -53.50
CA GLU D 412 15.70 -26.28 -54.76
C GLU D 412 14.83 -27.52 -54.74
N THR D 413 14.87 -28.25 -53.64
CA THR D 413 14.02 -29.41 -53.46
C THR D 413 12.53 -29.09 -53.61
N ILE D 414 12.07 -28.05 -52.93
CA ILE D 414 10.62 -27.77 -52.88
C ILE D 414 10.14 -27.28 -54.25
N LEU D 415 10.93 -26.42 -54.86
CA LEU D 415 10.60 -25.91 -56.19
C LEU D 415 10.62 -26.98 -57.28
N SER D 416 11.30 -28.10 -57.03
CA SER D 416 11.32 -29.23 -57.97
C SER D 416 10.14 -30.19 -57.83
N LEU D 417 9.32 -30.03 -56.79
CA LEU D 417 8.27 -31.00 -56.54
C LEU D 417 7.25 -31.13 -57.67
N PRO D 418 6.77 -30.00 -58.25
CA PRO D 418 5.80 -30.14 -59.35
C PRO D 418 6.47 -30.81 -60.55
N GLY D 419 5.91 -31.93 -60.99
CA GLY D 419 6.57 -32.73 -62.05
C GLY D 419 7.67 -33.67 -61.57
N SER D 420 7.96 -33.67 -60.27
CA SER D 420 8.93 -34.61 -59.71
C SER D 420 8.37 -36.03 -59.82
N GLU D 421 9.25 -37.02 -59.87
CA GLU D 421 8.87 -38.42 -60.01
C GLU D 421 9.65 -39.30 -59.07
N TRP D 422 9.74 -38.88 -57.81
CA TRP D 422 10.52 -39.62 -56.82
C TRP D 422 9.78 -40.85 -56.42
N GLU D 423 10.47 -41.70 -55.66
CA GLU D 423 9.84 -42.82 -55.01
C GLU D 423 8.97 -42.28 -53.87
N LYS D 424 7.86 -42.96 -53.66
CA LYS D 424 6.91 -42.59 -52.61
C LYS D 424 7.56 -42.28 -51.27
N GLU D 425 8.51 -43.12 -50.87
CA GLU D 425 9.21 -42.93 -49.60
C GLU D 425 9.95 -41.58 -49.50
N ASP D 426 10.44 -41.06 -50.61
CA ASP D 426 11.14 -39.80 -50.59
C ASP D 426 10.21 -38.65 -50.24
N TYR D 427 8.98 -38.73 -50.73
CA TYR D 427 7.98 -37.73 -50.43
C TYR D 427 7.63 -37.77 -48.94
N LEU D 428 7.43 -38.96 -48.40
CA LEU D 428 7.10 -39.11 -46.96
C LEU D 428 8.27 -38.72 -46.08
N ASN D 429 9.48 -39.00 -46.54
CA ASN D 429 10.69 -38.58 -45.82
C ASN D 429 10.78 -37.10 -45.69
N LEU D 430 10.45 -36.39 -46.77
CA LEU D 430 10.49 -34.93 -46.74
C LEU D 430 9.51 -34.37 -45.69
N ILE D 431 8.36 -35.01 -45.52
CA ILE D 431 7.45 -34.63 -44.41
C ILE D 431 8.16 -34.72 -43.03
N GLU D 432 8.83 -35.85 -42.77
CA GLU D 432 9.58 -36.03 -41.54
C GLU D 432 10.69 -34.98 -41.42
N GLN D 433 11.35 -34.66 -42.54
CA GLN D 433 12.43 -33.66 -42.51
C GLN D 433 11.90 -32.29 -42.09
N LEU D 434 10.76 -31.90 -42.64
CA LEU D 434 10.13 -30.64 -42.26
C LEU D 434 9.77 -30.61 -40.77
N ASP D 435 9.26 -31.72 -40.24
CA ASP D 435 8.93 -31.81 -38.82
C ASP D 435 10.17 -31.73 -37.96
N GLU D 436 11.16 -32.57 -38.27
CA GLU D 436 12.42 -32.62 -37.51
C GLU D 436 13.19 -31.29 -37.60
N GLU D 437 13.11 -30.56 -38.71
CA GLU D 437 13.70 -29.21 -38.73
C GLU D 437 12.86 -28.16 -38.03
N GLY D 438 11.64 -28.51 -37.64
CA GLY D 438 10.84 -27.71 -36.74
C GLY D 438 10.16 -26.51 -37.36
N PHE D 439 9.84 -26.58 -38.65
CA PHE D 439 9.09 -25.50 -39.28
C PHE D 439 7.64 -25.51 -38.79
N ASP D 440 7.11 -24.32 -38.51
CA ASP D 440 5.71 -24.19 -38.16
C ASP D 440 4.85 -24.52 -39.38
N ASP D 441 3.77 -25.27 -39.15
CA ASP D 441 2.85 -25.68 -40.19
C ASP D 441 2.18 -24.48 -40.84
N PHE D 442 2.03 -23.39 -40.09
CA PHE D 442 1.42 -22.18 -40.59
C PHE D 442 2.33 -21.32 -41.46
N THR D 443 3.62 -21.61 -41.50
CA THR D 443 4.52 -20.78 -42.26
C THR D 443 4.15 -20.86 -43.74
N ARG D 444 4.12 -19.71 -44.39
CA ARG D 444 3.97 -19.61 -45.81
C ARG D 444 5.27 -20.04 -46.51
N VAL D 445 5.16 -21.01 -47.39
CA VAL D 445 6.31 -21.49 -48.18
C VAL D 445 6.93 -20.35 -48.98
N ARG D 446 6.11 -19.47 -49.52
CA ARG D 446 6.66 -18.35 -50.29
C ARG D 446 7.51 -17.39 -49.46
N GLU D 447 7.14 -17.20 -48.20
CA GLU D 447 7.95 -16.35 -47.31
C GLU D 447 9.23 -17.08 -46.88
N LEU D 448 9.10 -18.34 -46.53
CA LEU D 448 10.22 -19.21 -46.22
C LEU D 448 11.25 -19.31 -47.34
N LEU D 449 10.80 -19.28 -48.60
CA LEU D 449 11.72 -19.39 -49.73
C LEU D 449 12.00 -18.07 -50.44
N GLY D 450 11.34 -17.00 -50.05
CA GLY D 450 11.55 -15.69 -50.63
C GLY D 450 11.03 -15.57 -52.06
N LEU D 451 9.76 -15.95 -52.27
CA LEU D 451 9.15 -15.94 -53.60
C LEU D 451 8.03 -14.91 -53.71
N ALA D 452 8.13 -14.07 -54.70
CA ALA D 452 7.08 -13.18 -55.14
C ALA D 452 6.19 -13.91 -56.15
N THR D 453 5.26 -14.68 -55.62
CA THR D 453 4.52 -15.69 -56.39
C THR D 453 3.44 -15.05 -57.26
N GLY D 454 3.01 -13.85 -56.89
CA GLY D 454 1.79 -13.28 -57.45
C GLY D 454 0.62 -13.91 -56.71
N SER D 455 -0.58 -13.42 -56.99
CA SER D 455 -1.79 -13.89 -56.25
C SER D 455 -2.62 -14.96 -56.97
N ASP D 456 -2.19 -15.38 -58.16
CA ASP D 456 -3.06 -16.21 -59.02
C ASP D 456 -2.53 -17.61 -59.24
N ASN D 457 -2.03 -18.24 -58.19
CA ASN D 457 -1.60 -19.62 -58.26
C ASN D 457 -1.54 -20.14 -56.84
N GLY D 458 -1.33 -21.44 -56.69
CA GLY D 458 -1.33 -22.08 -55.42
C GLY D 458 -0.15 -21.81 -54.51
N TRP D 459 0.96 -21.34 -55.07
CA TRP D 459 2.12 -20.97 -54.24
C TRP D 459 1.83 -19.79 -53.38
N TYR D 460 0.92 -18.94 -53.83
CA TYR D 460 0.59 -17.74 -53.09
C TYR D 460 0.12 -18.03 -51.67
N THR D 461 -0.66 -19.09 -51.50
CA THR D 461 -1.34 -19.37 -50.25
C THR D 461 -0.78 -20.59 -49.59
N LEU D 462 0.19 -21.21 -50.22
CA LEU D 462 0.72 -22.52 -49.74
C LEU D 462 1.44 -22.40 -48.40
N ARG D 463 0.89 -23.07 -47.39
CA ARG D 463 1.58 -23.20 -46.12
C ARG D 463 2.16 -24.60 -45.93
N ILE D 464 3.10 -24.69 -45.01
CA ILE D 464 3.81 -25.99 -44.73
C ILE D 464 2.81 -27.12 -44.54
N GLY D 465 1.75 -26.88 -43.75
CA GLY D 465 0.72 -27.87 -43.52
C GLY D 465 0.11 -28.39 -44.82
N GLU D 466 -0.12 -27.51 -45.77
CA GLU D 466 -0.66 -27.90 -47.08
C GLU D 466 0.37 -28.64 -47.88
N LEU D 467 1.63 -28.20 -47.81
CA LEU D 467 2.70 -28.91 -48.50
C LEU D 467 2.79 -30.36 -47.98
N LYS D 468 2.56 -30.55 -46.69
CA LYS D 468 2.51 -31.90 -46.12
C LYS D 468 1.37 -32.71 -46.72
N ALA D 469 0.23 -32.07 -46.96
CA ALA D 469 -0.88 -32.78 -47.58
C ALA D 469 -0.44 -33.29 -48.97
N MET D 470 0.24 -32.44 -49.70
CA MET D 470 0.64 -32.74 -51.06
C MET D 470 1.67 -33.85 -51.08
N LEU D 471 2.65 -33.77 -50.17
CA LEU D 471 3.65 -34.79 -50.04
C LEU D 471 3.08 -36.12 -49.61
N ALA D 472 2.06 -36.09 -48.76
CA ALA D 472 1.41 -37.31 -48.34
C ALA D 472 0.74 -37.99 -49.53
N LEU D 473 0.09 -37.19 -50.37
CA LEU D 473 -0.58 -37.73 -51.57
C LEU D 473 0.39 -38.31 -52.58
N ALA D 474 1.42 -37.54 -52.89
CA ALA D 474 2.51 -38.04 -53.73
C ALA D 474 3.16 -39.31 -53.17
N GLY D 475 3.28 -39.37 -51.85
CA GLY D 475 3.91 -40.49 -51.16
C GLY D 475 2.98 -41.64 -50.86
N GLY D 476 1.72 -41.52 -51.28
CA GLY D 476 0.76 -42.60 -51.10
C GLY D 476 0.26 -42.87 -49.69
N ASP D 477 0.46 -41.93 -48.77
CA ASP D 477 -0.11 -42.04 -47.43
C ASP D 477 -1.43 -41.25 -47.30
N LEU D 478 -2.53 -41.93 -47.58
CA LEU D 478 -3.84 -41.27 -47.61
C LEU D 478 -4.37 -40.86 -46.24
N GLU D 479 -3.84 -41.46 -45.18
CA GLU D 479 -4.27 -41.08 -43.82
C GLU D 479 -3.66 -39.72 -43.51
N GLN D 480 -2.35 -39.59 -43.72
CA GLN D 480 -1.70 -38.31 -43.51
C GLN D 480 -2.27 -37.28 -44.47
N ALA D 481 -2.57 -37.70 -45.70
CA ALA D 481 -3.15 -36.77 -46.67
C ALA D 481 -4.46 -36.17 -46.14
N LEU D 482 -5.28 -37.01 -45.52
CA LEU D 482 -6.57 -36.55 -44.99
C LEU D 482 -6.36 -35.56 -43.86
N VAL D 483 -5.52 -35.91 -42.90
CA VAL D 483 -5.25 -35.03 -41.77
C VAL D 483 -4.87 -33.63 -42.28
N TRP D 484 -3.94 -33.54 -43.25
CA TRP D 484 -3.39 -32.26 -43.64
C TRP D 484 -4.24 -31.57 -44.68
N THR D 485 -5.05 -32.34 -45.37
CA THR D 485 -6.07 -31.74 -46.22
C THR D 485 -7.17 -31.05 -45.39
N GLU D 486 -7.58 -31.65 -44.27
CA GLU D 486 -8.56 -31.00 -43.39
C GLU D 486 -7.98 -29.75 -42.75
N TRP D 487 -6.75 -29.86 -42.25
CA TRP D 487 -6.01 -28.71 -41.78
C TRP D 487 -5.99 -27.59 -42.83
N THR D 488 -5.70 -27.94 -44.08
CA THR D 488 -5.56 -26.97 -45.13
C THR D 488 -6.84 -26.20 -45.26
N MET D 489 -7.96 -26.91 -45.30
CA MET D 489 -9.24 -26.23 -45.47
C MET D 489 -9.67 -25.43 -44.24
N GLU D 490 -9.43 -26.00 -43.07
CA GLU D 490 -9.71 -25.30 -41.82
C GLU D 490 -9.01 -23.93 -41.75
N PHE D 491 -7.75 -23.87 -42.17
CA PHE D 491 -6.98 -22.66 -41.99
C PHE D 491 -6.67 -21.87 -43.25
N ASN D 492 -7.18 -22.29 -44.41
CA ASN D 492 -6.91 -21.58 -45.66
C ASN D 492 -8.05 -21.41 -46.64
N SER D 493 -9.11 -22.20 -46.54
CA SER D 493 -10.15 -22.14 -47.55
C SER D 493 -10.57 -20.71 -47.81
N SER D 494 -10.62 -19.89 -46.76
CA SER D 494 -11.09 -18.51 -46.87
C SER D 494 -10.30 -17.68 -47.87
N VAL D 495 -9.00 -17.96 -48.03
CA VAL D 495 -8.15 -17.16 -48.93
C VAL D 495 -7.89 -17.84 -50.29
N PHE D 496 -8.34 -19.06 -50.47
CA PHE D 496 -8.28 -19.71 -51.79
C PHE D 496 -9.23 -19.05 -52.80
N SER D 497 -8.87 -19.10 -54.07
CA SER D 497 -9.80 -18.72 -55.11
C SER D 497 -10.94 -19.75 -55.11
N PRO D 498 -12.08 -19.41 -55.72
CA PRO D 498 -13.21 -20.36 -55.74
C PRO D 498 -12.80 -21.69 -56.36
N GLU D 499 -11.99 -21.62 -57.40
CA GLU D 499 -11.62 -22.82 -58.11
C GLU D 499 -10.77 -23.72 -57.19
N ARG D 500 -9.86 -23.11 -56.45
CA ARG D 500 -8.95 -23.87 -55.59
C ARG D 500 -9.68 -24.40 -54.36
N ALA D 501 -10.62 -23.62 -53.83
CA ALA D 501 -11.45 -24.08 -52.72
C ALA D 501 -12.31 -25.26 -53.15
N ASN D 502 -12.87 -25.17 -54.35
CA ASN D 502 -13.68 -26.27 -54.88
C ASN D 502 -12.89 -27.55 -55.05
N TYR D 503 -11.68 -27.42 -55.58
CA TYR D 503 -10.75 -28.57 -55.69
C TYR D 503 -10.52 -29.23 -54.32
N TYR D 504 -10.32 -28.42 -53.29
CA TYR D 504 -10.06 -28.97 -51.95
C TYR D 504 -11.30 -29.62 -51.30
N ARG D 505 -12.49 -29.10 -51.57
CA ARG D 505 -13.69 -29.79 -51.08
C ARG D 505 -13.76 -31.17 -51.73
N CYS D 506 -13.52 -31.19 -53.04
CA CYS D 506 -13.55 -32.42 -53.78
C CYS D 506 -12.55 -33.41 -53.22
N LEU D 507 -11.30 -32.98 -53.09
CA LEU D 507 -10.24 -33.85 -52.63
C LEU D 507 -10.53 -34.39 -51.24
N GLN D 508 -10.97 -33.53 -50.34
CA GLN D 508 -11.35 -33.99 -49.00
C GLN D 508 -12.49 -35.02 -49.05
N THR D 509 -13.53 -34.76 -49.81
CA THR D 509 -14.58 -35.76 -49.98
C THR D 509 -14.01 -37.12 -50.41
N LEU D 510 -13.10 -37.11 -51.40
CA LEU D 510 -12.52 -38.35 -51.91
C LEU D 510 -11.63 -39.04 -50.90
N LEU D 511 -10.89 -38.27 -50.12
CA LEU D 511 -10.08 -38.85 -49.06
C LEU D 511 -10.93 -39.43 -47.94
N LEU D 512 -12.04 -38.77 -47.59
CA LEU D 512 -12.97 -39.34 -46.60
C LEU D 512 -13.56 -40.65 -47.13
N LEU D 513 -13.96 -40.64 -48.40
CA LEU D 513 -14.51 -41.84 -49.03
C LEU D 513 -13.52 -43.01 -49.00
N ALA D 514 -12.25 -42.71 -49.21
CA ALA D 514 -11.23 -43.75 -49.18
C ALA D 514 -11.15 -44.47 -47.83
N GLN D 515 -11.53 -43.79 -46.74
CA GLN D 515 -11.56 -44.39 -45.41
C GLN D 515 -12.85 -45.18 -45.16
N GLU D 516 -13.80 -45.12 -46.08
CA GLU D 516 -15.04 -45.86 -45.93
C GLU D 516 -14.89 -47.24 -46.56
N GLU D 517 -14.51 -48.21 -45.74
CA GLU D 517 -14.20 -49.56 -46.23
C GLU D 517 -15.40 -50.28 -46.85
N ASP D 518 -16.62 -50.03 -46.36
CA ASP D 518 -17.81 -50.70 -46.91
C ASP D 518 -18.55 -49.84 -47.96
N ARG D 519 -17.90 -48.85 -48.58
CA ARG D 519 -18.58 -48.07 -49.64
C ARG D 519 -17.85 -48.17 -50.96
N GLN D 520 -18.60 -48.18 -52.06
CA GLN D 520 -18.06 -48.34 -53.39
C GLN D 520 -18.00 -46.98 -54.10
N PRO D 521 -16.78 -46.48 -54.37
CA PRO D 521 -16.60 -45.19 -55.03
C PRO D 521 -17.42 -44.94 -56.30
N LEU D 522 -17.64 -45.97 -57.12
CA LEU D 522 -18.39 -45.73 -58.35
C LEU D 522 -19.82 -45.35 -58.08
N GLN D 523 -20.35 -45.77 -56.93
CA GLN D 523 -21.73 -45.40 -56.57
C GLN D 523 -21.92 -43.88 -56.46
N TYR D 524 -20.84 -43.13 -56.17
CA TYR D 524 -20.91 -41.70 -55.88
C TYR D 524 -20.44 -40.78 -56.98
N LEU D 525 -19.84 -41.37 -58.03
CA LEU D 525 -19.10 -40.58 -59.03
C LEU D 525 -19.95 -39.55 -59.73
N ASN D 526 -21.15 -39.92 -60.12
CA ASN D 526 -22.06 -38.97 -60.82
C ASN D 526 -22.36 -37.82 -59.92
N ALA D 527 -22.60 -38.11 -58.64
CA ALA D 527 -22.91 -37.06 -57.67
C ALA D 527 -21.69 -36.16 -57.49
N PHE D 528 -20.52 -36.75 -57.37
CA PHE D 528 -19.26 -35.98 -57.26
C PHE D 528 -19.04 -35.08 -58.47
N VAL D 529 -19.31 -35.58 -59.67
CA VAL D 529 -19.16 -34.75 -60.86
C VAL D 529 -20.15 -33.58 -60.87
N ARG D 530 -21.37 -33.82 -60.42
CA ARG D 530 -22.36 -32.74 -60.39
C ARG D 530 -22.04 -31.72 -59.31
N MET D 531 -21.50 -32.16 -58.17
CA MET D 531 -21.13 -31.21 -57.12
C MET D 531 -19.88 -30.38 -57.47
N TYR D 532 -18.82 -31.05 -57.89
CA TYR D 532 -17.49 -30.47 -57.98
C TYR D 532 -17.01 -30.16 -59.40
N GLY D 533 -17.70 -30.68 -60.42
CA GLY D 533 -17.26 -30.53 -61.82
C GLY D 533 -16.30 -31.65 -62.18
N ALA D 534 -16.30 -32.03 -63.46
CA ALA D 534 -15.43 -33.11 -63.95
C ALA D 534 -13.96 -32.79 -63.75
N ASP D 535 -13.58 -31.53 -64.00
CA ASP D 535 -12.17 -31.13 -63.88
C ASP D 535 -11.59 -31.38 -62.49
N ALA D 536 -12.32 -30.91 -61.48
CA ALA D 536 -11.91 -31.11 -60.08
C ALA D 536 -11.89 -32.58 -59.66
N VAL D 537 -12.88 -33.36 -60.09
CA VAL D 537 -12.87 -34.77 -59.79
C VAL D 537 -11.66 -35.44 -60.43
N GLU D 538 -11.38 -35.08 -61.67
CA GLU D 538 -10.21 -35.57 -62.37
C GLU D 538 -8.89 -35.18 -61.67
N ALA D 539 -8.74 -33.90 -61.35
CA ALA D 539 -7.50 -33.42 -60.68
C ALA D 539 -7.31 -34.02 -59.30
N ALA D 540 -8.40 -34.11 -58.54
CA ALA D 540 -8.36 -34.71 -57.22
C ALA D 540 -8.00 -36.21 -57.26
N SER D 541 -8.55 -36.94 -58.22
CA SER D 541 -8.22 -38.37 -58.34
C SER D 541 -6.77 -38.50 -58.74
N ALA D 542 -6.31 -37.63 -59.64
CA ALA D 542 -4.92 -37.66 -60.08
C ALA D 542 -4.01 -37.37 -58.88
N ALA D 543 -4.47 -36.55 -57.94
CA ALA D 543 -3.69 -36.29 -56.74
C ALA D 543 -3.64 -37.49 -55.83
N MET D 544 -4.76 -38.18 -55.72
CA MET D 544 -4.85 -39.38 -54.88
C MET D 544 -4.12 -40.59 -55.39
N SER D 545 -3.96 -40.70 -56.70
CA SER D 545 -3.15 -41.75 -57.29
C SER D 545 -1.66 -41.50 -57.10
N GLY D 546 -1.30 -40.26 -56.78
CA GLY D 546 0.08 -39.89 -56.57
C GLY D 546 0.71 -39.30 -57.82
N GLU D 547 -0.08 -39.14 -58.89
CA GLU D 547 0.44 -38.73 -60.19
C GLU D 547 0.59 -37.21 -60.36
N ALA D 548 -0.32 -36.44 -59.75
CA ALA D 548 -0.26 -34.99 -59.81
C ALA D 548 -0.71 -34.40 -58.47
N ALA D 549 0.12 -34.58 -57.45
CA ALA D 549 -0.26 -34.24 -56.10
C ALA D 549 -0.12 -32.75 -55.81
N PHE D 550 0.66 -32.05 -56.62
CA PHE D 550 1.03 -30.70 -56.33
C PHE D 550 0.13 -29.75 -57.11
N TYR D 551 -1.16 -29.86 -56.80
CA TYR D 551 -2.18 -29.16 -57.55
C TYR D 551 -2.08 -27.63 -57.48
N GLY D 552 -2.06 -27.01 -58.65
CA GLY D 552 -1.96 -25.55 -58.78
C GLY D 552 -0.58 -24.99 -58.54
N LEU D 553 0.39 -25.87 -58.34
CA LEU D 553 1.77 -25.41 -58.18
C LEU D 553 2.50 -25.66 -59.51
N GLN D 554 2.73 -24.59 -60.24
CA GLN D 554 3.50 -24.73 -61.44
C GLN D 554 4.97 -24.98 -61.08
N PRO D 555 5.72 -25.62 -61.99
CA PRO D 555 7.15 -25.74 -61.83
C PRO D 555 7.82 -24.38 -61.73
N VAL D 556 8.89 -24.29 -60.94
CA VAL D 556 9.60 -23.03 -60.80
C VAL D 556 11.08 -23.19 -61.12
N ASP D 557 11.55 -22.45 -62.12
CA ASP D 557 12.96 -22.43 -62.48
C ASP D 557 13.74 -21.55 -61.50
N SER D 558 15.07 -21.58 -61.65
CA SER D 558 15.96 -20.97 -60.67
C SER D 558 16.11 -19.48 -60.85
N ASP D 559 15.54 -18.90 -61.91
CA ASP D 559 15.41 -17.44 -62.01
C ASP D 559 13.95 -16.94 -61.86
N LEU D 560 13.10 -17.83 -61.39
CA LEU D 560 11.69 -17.54 -61.08
C LEU D 560 10.89 -16.96 -62.27
N HIS D 561 11.14 -17.48 -63.49
CA HIS D 561 10.38 -17.09 -64.70
C HIS D 561 8.94 -17.48 -64.55
N ALA D 562 8.68 -18.52 -63.78
CA ALA D 562 7.29 -18.97 -63.58
C ALA D 562 6.40 -17.97 -62.83
N PHE D 563 6.99 -16.98 -62.20
CA PHE D 563 6.25 -15.97 -61.47
C PHE D 563 6.42 -14.62 -62.14
N ALA D 564 5.33 -14.11 -62.72
CA ALA D 564 5.37 -12.81 -63.34
C ALA D 564 5.69 -11.72 -62.35
N ALA D 565 5.13 -11.83 -61.15
CA ALA D 565 5.38 -10.84 -60.11
C ALA D 565 6.85 -10.78 -59.73
N HIS D 566 7.46 -11.95 -59.62
CA HIS D 566 8.91 -12.02 -59.28
C HIS D 566 9.79 -11.48 -60.43
N GLN D 567 9.39 -11.74 -61.68
CA GLN D 567 10.06 -11.11 -62.83
C GLN D 567 10.01 -9.59 -62.77
N SER D 568 8.85 -9.04 -62.41
CA SER D 568 8.71 -7.58 -62.29
C SER D 568 9.61 -7.05 -61.18
N LEU D 569 9.80 -7.85 -60.13
CA LEU D 569 10.71 -7.50 -59.03
C LEU D 569 12.16 -7.49 -59.49
N LEU D 570 12.55 -8.50 -60.24
CA LEU D 570 13.93 -8.55 -60.76
C LEU D 570 14.23 -7.42 -61.74
N LYS D 571 13.25 -7.04 -62.56
CA LYS D 571 13.44 -5.98 -63.53
C LYS D 571 13.60 -4.64 -62.79
N ALA D 572 12.89 -4.47 -61.67
CA ALA D 572 13.11 -3.32 -60.82
C ALA D 572 14.51 -3.35 -60.24
N TYR D 573 14.96 -4.51 -59.79
CA TYR D 573 16.29 -4.64 -59.18
C TYR D 573 17.40 -4.29 -60.17
N GLU D 574 17.30 -4.81 -61.40
CA GLU D 574 18.26 -4.53 -62.43
C GLU D 574 18.43 -3.04 -62.64
N LYS D 575 17.37 -2.27 -62.55
CA LYS D 575 17.51 -0.82 -62.67
C LYS D 575 18.47 -0.27 -61.62
N LEU D 576 18.44 -0.87 -60.43
CA LEU D 576 19.29 -0.48 -59.34
C LEU D 576 20.68 -1.01 -59.53
N GLN D 577 20.79 -2.25 -59.99
CA GLN D 577 22.12 -2.79 -60.32
C GLN D 577 22.88 -1.91 -61.32
N ARG D 578 22.20 -1.45 -62.35
CA ARG D 578 22.84 -0.58 -63.34
C ARG D 578 23.34 0.71 -62.69
N ALA D 579 22.47 1.35 -61.90
CA ALA D 579 22.84 2.56 -61.16
C ALA D 579 24.04 2.33 -60.23
N LYS D 580 24.09 1.18 -59.56
CA LYS D 580 25.20 0.86 -58.69
C LYS D 580 26.50 0.75 -59.47
N ALA D 581 26.45 -0.02 -60.57
CA ALA D 581 27.63 -0.26 -61.40
C ALA D 581 28.16 1.07 -61.91
N ALA D 582 27.26 1.94 -62.37
CA ALA D 582 27.68 3.20 -62.90
C ALA D 582 28.30 4.14 -61.84
N PHE D 583 27.77 4.13 -60.61
CA PHE D 583 28.33 4.97 -59.56
C PHE D 583 29.75 4.53 -59.17
N THR E 4 56.69 -55.56 5.47
CA THR E 4 55.91 -55.59 4.17
C THR E 4 56.04 -54.30 3.32
N PHE E 5 56.79 -54.42 2.22
CA PHE E 5 57.10 -53.30 1.34
C PHE E 5 56.41 -53.52 0.02
N ILE E 6 55.53 -52.62 -0.32
CA ILE E 6 54.75 -52.75 -1.50
C ILE E 6 55.20 -51.75 -2.52
N PRO E 7 55.00 -52.06 -3.81
CA PRO E 7 55.46 -51.16 -4.86
C PRO E 7 54.94 -49.74 -4.68
N GLY E 8 55.83 -48.76 -4.68
CA GLY E 8 55.46 -47.33 -4.74
C GLY E 8 55.44 -46.63 -3.40
N LYS E 9 55.58 -47.38 -2.31
CA LYS E 9 55.57 -46.82 -0.97
C LYS E 9 56.96 -46.71 -0.35
N ASP E 10 57.21 -45.58 0.32
CA ASP E 10 58.51 -45.31 0.94
C ASP E 10 58.62 -45.80 2.37
N ALA E 11 57.72 -46.68 2.80
CA ALA E 11 57.82 -47.28 4.13
C ALA E 11 57.04 -48.59 4.16
N ALA E 12 57.29 -49.39 5.19
CA ALA E 12 56.57 -50.65 5.36
C ALA E 12 55.12 -50.42 5.86
N LEU E 13 54.19 -51.26 5.40
CA LEU E 13 52.79 -51.11 5.78
C LEU E 13 52.62 -51.03 7.30
N GLU E 14 53.33 -51.87 8.03
CA GLU E 14 53.16 -52.01 9.46
C GLU E 14 53.63 -50.75 10.21
N ASP E 15 54.68 -50.15 9.68
CA ASP E 15 55.21 -48.90 10.19
C ASP E 15 54.22 -47.78 9.99
N SER E 16 53.72 -47.64 8.77
CA SER E 16 52.72 -46.60 8.47
C SER E 16 51.50 -46.73 9.39
N ILE E 17 51.03 -47.96 9.56
CA ILE E 17 49.86 -48.22 10.38
C ILE E 17 50.12 -47.77 11.81
N ALA E 18 51.20 -48.27 12.40
CA ALA E 18 51.49 -47.98 13.80
C ALA E 18 51.68 -46.47 14.01
N ARG E 19 52.40 -45.84 13.08
CA ARG E 19 52.68 -44.43 13.13
C ARG E 19 51.40 -43.60 13.03
N PHE E 20 50.57 -43.88 12.03
CA PHE E 20 49.32 -43.16 11.87
C PHE E 20 48.37 -43.36 13.04
N GLN E 21 48.27 -44.59 13.51
CA GLN E 21 47.45 -44.88 14.67
C GLN E 21 47.90 -44.08 15.90
N GLN E 22 49.20 -44.09 16.17
CA GLN E 22 49.74 -43.39 17.33
C GLN E 22 49.45 -41.89 17.23
N LYS E 23 49.66 -41.32 16.05
CA LYS E 23 49.50 -39.87 15.88
C LYS E 23 48.05 -39.47 16.05
N LEU E 24 47.12 -40.26 15.52
CA LEU E 24 45.71 -39.93 15.66
C LEU E 24 45.35 -39.84 17.14
N SER E 25 45.80 -40.83 17.89
CA SER E 25 45.55 -40.90 19.30
C SER E 25 46.15 -39.68 20.01
N ASP E 26 47.39 -39.33 19.67
CA ASP E 26 48.05 -38.15 20.22
C ASP E 26 47.27 -36.87 19.96
N LEU E 27 46.70 -36.75 18.77
CA LEU E 27 45.91 -35.55 18.42
C LEU E 27 44.56 -35.49 19.12
N GLY E 28 44.18 -36.59 19.75
CA GLY E 28 42.93 -36.66 20.48
C GLY E 28 41.80 -37.30 19.68
N PHE E 29 42.14 -38.01 18.60
CA PHE E 29 41.12 -38.72 17.82
C PHE E 29 41.06 -40.21 18.19
N GLN E 30 39.84 -40.69 18.39
CA GLN E 30 39.54 -42.08 18.70
C GLN E 30 38.85 -42.67 17.49
N ILE E 31 39.62 -43.39 16.69
CA ILE E 31 39.17 -43.87 15.40
C ILE E 31 38.95 -45.35 15.49
N GLU E 32 37.81 -45.83 14.98
CA GLU E 32 37.49 -47.26 15.05
C GLU E 32 37.38 -47.79 13.63
N GLU E 33 37.79 -49.05 13.44
CA GLU E 33 37.54 -49.77 12.20
C GLU E 33 36.13 -50.38 12.31
N ALA E 34 35.24 -50.00 11.41
CA ALA E 34 33.82 -50.32 11.57
C ALA E 34 33.40 -51.54 10.76
N SER E 35 33.97 -51.75 9.58
CA SER E 35 33.60 -52.90 8.78
C SER E 35 34.68 -53.19 7.77
N TRP E 36 34.86 -54.47 7.48
CA TRP E 36 35.96 -54.99 6.69
C TRP E 36 35.35 -55.82 5.58
N LEU E 37 35.90 -55.73 4.38
CA LEU E 37 35.48 -56.56 3.30
C LEU E 37 36.67 -57.16 2.58
N ASN E 38 36.47 -58.39 2.06
CA ASN E 38 37.44 -59.10 1.28
C ASN E 38 36.67 -59.96 0.28
N PRO E 39 36.01 -59.30 -0.66
CA PRO E 39 35.02 -59.94 -1.53
C PRO E 39 35.60 -60.87 -2.58
N VAL E 40 36.83 -60.64 -3.00
CA VAL E 40 37.57 -61.59 -3.85
C VAL E 40 39.04 -61.64 -3.44
N PRO E 41 39.79 -62.64 -3.93
CA PRO E 41 41.18 -62.72 -3.50
C PRO E 41 41.97 -61.46 -3.89
N ASN E 42 42.80 -60.97 -2.96
CA ASN E 42 43.70 -59.84 -3.19
C ASN E 42 42.95 -58.51 -3.33
N VAL E 43 41.73 -58.42 -2.79
CA VAL E 43 40.98 -57.16 -2.73
C VAL E 43 40.34 -56.99 -1.35
N TRP E 44 40.77 -55.95 -0.65
CA TRP E 44 40.30 -55.61 0.66
C TRP E 44 39.78 -54.18 0.70
N SER E 45 38.94 -53.92 1.70
CA SER E 45 38.37 -52.61 1.95
C SER E 45 38.04 -52.53 3.44
N VAL E 46 38.05 -51.32 4.01
CA VAL E 46 37.70 -51.11 5.40
C VAL E 46 37.13 -49.71 5.53
N HIS E 47 36.24 -49.53 6.50
CA HIS E 47 35.63 -48.25 6.78
C HIS E 47 36.07 -47.87 8.16
N ILE E 48 36.60 -46.66 8.32
CA ILE E 48 37.04 -46.18 9.62
C ILE E 48 36.33 -44.87 9.94
N ARG E 49 36.10 -44.61 11.24
CA ARG E 49 35.33 -43.44 11.62
C ARG E 49 35.70 -42.94 13.00
N ASP E 50 35.38 -41.68 13.23
CA ASP E 50 35.63 -41.00 14.51
C ASP E 50 34.51 -41.39 15.46
N LYS E 51 34.85 -42.11 16.54
CA LYS E 51 33.86 -42.50 17.57
C LYS E 51 33.12 -41.30 18.20
N GLU E 52 33.70 -40.11 18.12
CA GLU E 52 33.07 -38.94 18.67
C GLU E 52 32.50 -38.00 17.61
N CYS E 53 32.57 -38.33 16.32
CA CYS E 53 31.97 -37.49 15.30
C CYS E 53 31.56 -38.31 14.10
N ALA E 54 30.25 -38.45 13.95
CA ALA E 54 29.65 -39.30 12.93
C ALA E 54 29.98 -38.80 11.51
N LEU E 55 30.28 -37.51 11.37
CA LEU E 55 30.50 -36.94 10.05
C LEU E 55 31.91 -37.20 9.51
N CYS E 56 32.77 -37.80 10.33
CA CYS E 56 34.15 -37.95 9.98
C CYS E 56 34.46 -39.43 9.82
N PHE E 57 34.69 -39.84 8.58
CA PHE E 57 35.05 -41.20 8.30
C PHE E 57 35.76 -41.26 6.96
N THR E 58 36.52 -42.33 6.74
CA THR E 58 37.11 -42.56 5.43
C THR E 58 37.01 -44.03 5.15
N ASN E 59 37.41 -44.40 3.94
CA ASN E 59 37.51 -45.79 3.55
C ASN E 59 38.90 -46.14 3.02
N GLY E 60 39.30 -47.37 3.27
CA GLY E 60 40.56 -47.88 2.81
C GLY E 60 40.34 -48.91 1.70
N LYS E 61 41.36 -49.09 0.88
CA LYS E 61 41.38 -50.14 -0.13
C LYS E 61 42.81 -50.61 -0.37
N GLY E 62 42.95 -51.84 -0.85
CA GLY E 62 44.25 -52.41 -1.10
C GLY E 62 44.22 -53.90 -1.35
N ALA E 63 45.39 -54.47 -1.62
CA ALA E 63 45.45 -55.86 -2.05
C ALA E 63 45.63 -56.81 -0.87
N THR E 64 45.83 -56.24 0.31
CA THR E 64 45.92 -57.01 1.52
C THR E 64 45.23 -56.20 2.61
N LYS E 65 44.97 -56.85 3.73
CA LYS E 65 44.26 -56.21 4.81
C LYS E 65 45.07 -55.03 5.29
N LYS E 66 46.36 -55.26 5.58
CA LYS E 66 47.24 -54.18 6.00
C LYS E 66 47.25 -53.01 5.04
N ALA E 67 47.39 -53.29 3.76
CA ALA E 67 47.39 -52.22 2.78
C ALA E 67 46.11 -51.39 2.82
N ALA E 68 44.97 -52.05 3.05
CA ALA E 68 43.71 -51.34 3.12
C ALA E 68 43.60 -50.49 4.37
N LEU E 69 44.11 -51.00 5.48
CA LEU E 69 44.09 -50.21 6.71
C LEU E 69 45.04 -48.99 6.61
N ALA E 70 46.22 -49.17 6.02
CA ALA E 70 47.13 -48.04 5.79
C ALA E 70 46.50 -46.99 4.86
N SER E 71 45.81 -47.46 3.83
CA SER E 71 45.04 -46.60 2.94
C SER E 71 43.92 -45.80 3.67
N ALA E 72 43.17 -46.45 4.55
CA ALA E 72 42.10 -45.75 5.26
C ALA E 72 42.67 -44.66 6.14
N LEU E 73 43.71 -45.01 6.88
CA LEU E 73 44.39 -44.11 7.81
C LEU E 73 45.10 -42.95 7.09
N GLY E 74 45.68 -43.25 5.94
CA GLY E 74 46.30 -42.24 5.10
C GLY E 74 45.26 -41.28 4.61
N GLU E 75 44.13 -41.81 4.14
CA GLU E 75 43.02 -40.97 3.70
C GLU E 75 42.50 -40.13 4.87
N TYR E 76 42.51 -40.70 6.06
CA TYR E 76 42.10 -39.97 7.23
C TYR E 76 43.01 -38.75 7.45
N PHE E 77 44.33 -38.94 7.36
CA PHE E 77 45.24 -37.81 7.52
C PHE E 77 45.13 -36.80 6.39
N GLU E 78 44.85 -37.28 5.20
CA GLU E 78 44.61 -36.43 4.06
C GLU E 78 43.43 -35.51 4.26
N ARG E 79 42.33 -36.06 4.73
CA ARG E 79 41.11 -35.28 4.91
C ARG E 79 41.19 -34.39 6.16
N LEU E 80 41.83 -34.87 7.22
CA LEU E 80 42.05 -34.03 8.38
C LEU E 80 42.91 -32.83 7.99
N SER E 81 44.04 -33.08 7.31
CA SER E 81 45.03 -32.04 7.06
C SER E 81 44.49 -30.93 6.19
N THR E 82 43.56 -31.30 5.30
CA THR E 82 42.97 -30.35 4.36
C THR E 82 41.67 -29.79 4.88
N ASN E 83 41.33 -30.11 6.13
CA ASN E 83 40.02 -29.72 6.72
C ASN E 83 38.81 -30.19 5.91
N TYR E 84 38.96 -31.24 5.09
CA TYR E 84 37.91 -31.58 4.11
C TYR E 84 36.61 -32.09 4.74
N PHE E 85 36.69 -32.74 5.89
CA PHE E 85 35.47 -33.17 6.61
C PHE E 85 34.54 -32.02 6.90
N PHE E 86 35.08 -30.80 6.94
CA PHE E 86 34.32 -29.63 7.37
C PHE E 86 33.91 -28.76 6.24
N ALA E 87 34.27 -29.20 5.02
CA ALA E 87 34.09 -28.40 3.81
C ALA E 87 32.66 -28.03 3.44
N ASP E 88 31.68 -28.81 3.86
CA ASP E 88 30.29 -28.55 3.47
C ASP E 88 29.51 -27.85 4.59
N PHE E 89 30.21 -27.38 5.62
CA PHE E 89 29.55 -26.83 6.81
C PHE E 89 30.01 -25.40 7.17
N TRP E 90 29.09 -24.62 7.71
CA TRP E 90 29.39 -23.36 8.35
C TRP E 90 29.89 -23.72 9.72
N LEU E 91 30.98 -23.10 10.13
CA LEU E 91 31.63 -23.45 11.39
C LEU E 91 31.29 -22.53 12.57
N GLY E 92 30.33 -21.64 12.36
CA GLY E 92 29.78 -20.82 13.45
C GLY E 92 30.50 -19.52 13.70
N GLU E 93 29.88 -18.71 14.54
CA GLU E 93 30.29 -17.30 14.69
C GLU E 93 31.62 -17.18 15.41
N THR E 94 31.83 -17.99 16.44
CA THR E 94 33.07 -17.97 17.16
C THR E 94 34.25 -18.29 16.23
N ILE E 95 34.20 -19.44 15.54
CA ILE E 95 35.25 -19.81 14.62
C ILE E 95 35.41 -18.74 13.54
N ALA E 96 34.31 -18.19 13.05
CA ALA E 96 34.39 -17.17 12.01
C ALA E 96 35.17 -15.91 12.40
N ASN E 97 35.11 -15.54 13.67
CA ASN E 97 35.73 -14.32 14.15
C ASN E 97 37.01 -14.56 14.96
N GLY E 98 37.44 -15.82 15.04
CA GLY E 98 38.63 -16.18 15.79
C GLY E 98 39.93 -15.88 15.06
N PRO E 99 41.06 -16.19 15.71
CA PRO E 99 42.39 -15.90 15.14
C PRO E 99 42.54 -16.34 13.68
N PHE E 100 42.21 -17.61 13.37
CA PHE E 100 42.20 -18.12 12.02
C PHE E 100 41.08 -19.17 11.84
N VAL E 101 40.47 -19.19 10.66
CA VAL E 101 39.41 -20.14 10.38
C VAL E 101 39.97 -21.44 9.81
N HIS E 102 40.74 -21.33 8.72
CA HIS E 102 41.30 -22.53 8.03
C HIS E 102 42.74 -22.88 8.46
N TYR E 103 43.66 -21.93 8.30
CA TYR E 103 45.08 -22.11 8.67
C TYR E 103 45.66 -20.80 9.19
N PRO E 104 46.66 -20.88 10.09
CA PRO E 104 47.34 -19.67 10.58
C PRO E 104 47.97 -18.85 9.48
N ASN E 105 48.43 -19.52 8.42
CA ASN E 105 49.04 -18.81 7.29
C ASN E 105 48.08 -18.43 6.16
N GLU E 106 46.78 -18.48 6.44
CA GLU E 106 45.76 -18.00 5.50
C GLU E 106 45.86 -16.48 5.44
N LYS E 107 45.31 -15.89 4.39
CA LYS E 107 45.29 -14.47 4.26
C LYS E 107 43.90 -13.98 3.91
N TRP E 108 43.47 -12.90 4.58
CA TRP E 108 42.15 -12.32 4.40
C TRP E 108 42.24 -11.04 3.59
N PHE E 109 41.44 -10.95 2.52
CA PHE E 109 41.47 -9.84 1.57
C PHE E 109 40.13 -9.14 1.61
N PRO E 110 40.10 -7.93 2.19
CA PRO E 110 38.80 -7.27 2.36
C PRO E 110 38.15 -6.93 1.06
N LEU E 111 36.83 -6.87 1.06
CA LEU E 111 36.10 -6.51 -0.13
C LEU E 111 36.38 -5.05 -0.56
N THR E 112 36.45 -4.83 -1.87
CA THR E 112 36.73 -3.50 -2.43
C THR E 112 35.42 -2.77 -2.69
N GLU E 113 35.52 -1.47 -2.86
CA GLU E 113 34.34 -0.60 -3.06
C GLU E 113 33.59 -0.91 -4.36
N ASN E 114 34.31 -1.09 -5.46
CA ASN E 114 33.69 -1.57 -6.71
C ASN E 114 33.40 -3.09 -6.74
N ASP E 115 33.71 -3.78 -5.63
CA ASP E 115 33.53 -5.22 -5.49
C ASP E 115 34.25 -6.04 -6.58
N ASP E 116 35.43 -5.56 -6.96
CA ASP E 116 36.33 -6.30 -7.79
C ASP E 116 37.05 -7.32 -6.88
N VAL E 117 37.69 -8.31 -7.48
CA VAL E 117 38.43 -9.30 -6.73
C VAL E 117 39.76 -8.65 -6.35
N PRO E 118 40.04 -8.53 -5.05
CA PRO E 118 41.28 -7.89 -4.63
C PRO E 118 42.53 -8.39 -5.34
N GLU E 119 43.53 -7.51 -5.46
CA GLU E 119 44.64 -7.75 -6.37
C GLU E 119 45.58 -8.85 -5.96
N GLY E 120 45.83 -8.99 -4.67
CA GLY E 120 46.78 -9.99 -4.20
C GLY E 120 46.33 -11.47 -4.30
N LEU E 121 45.14 -11.70 -4.82
CA LEU E 121 44.58 -13.04 -4.91
C LEU E 121 44.88 -13.60 -6.29
N LEU E 122 45.08 -14.90 -6.38
CA LEU E 122 45.24 -15.59 -7.65
C LEU E 122 46.55 -15.18 -8.38
N ASP E 123 46.61 -15.39 -9.69
CA ASP E 123 47.65 -14.88 -10.55
C ASP E 123 47.01 -14.73 -11.94
N ASP E 124 47.76 -14.28 -12.93
CA ASP E 124 47.14 -13.87 -14.19
C ASP E 124 46.49 -15.05 -14.90
N ARG E 125 47.18 -16.19 -14.90
CA ARG E 125 46.69 -17.39 -15.58
C ARG E 125 45.42 -17.95 -14.94
N LEU E 126 45.43 -18.03 -13.61
CA LEU E 126 44.26 -18.36 -12.82
C LEU E 126 43.08 -17.41 -13.10
N ARG E 127 43.29 -16.11 -13.06
CA ARG E 127 42.22 -15.16 -13.42
C ARG E 127 41.62 -15.42 -14.79
N ALA E 128 42.48 -15.65 -15.77
CA ALA E 128 42.02 -15.89 -17.13
C ALA E 128 41.26 -17.20 -17.25
N PHE E 129 41.64 -18.20 -16.45
CA PHE E 129 40.96 -19.50 -16.46
C PHE E 129 39.60 -19.47 -15.76
N TYR E 130 39.53 -18.94 -14.53
CA TYR E 130 38.24 -18.86 -13.80
C TYR E 130 37.29 -17.81 -14.35
N ASP E 131 37.85 -16.72 -14.89
CA ASP E 131 37.07 -15.53 -15.17
C ASP E 131 37.47 -14.90 -16.48
N PRO E 132 37.32 -15.65 -17.58
CA PRO E 132 37.72 -15.12 -18.88
C PRO E 132 37.00 -13.82 -19.25
N GLU E 133 35.74 -13.66 -18.84
CA GLU E 133 34.96 -12.45 -19.13
C GLU E 133 35.14 -11.30 -18.11
N ASN E 134 35.98 -11.49 -17.10
CA ASN E 134 36.15 -10.46 -16.06
C ASN E 134 34.90 -10.09 -15.26
N GLU E 135 34.04 -11.07 -14.98
CA GLU E 135 32.78 -10.80 -14.29
C GLU E 135 32.76 -11.26 -12.82
N LEU E 136 33.90 -11.69 -12.30
CA LEU E 136 33.98 -12.17 -10.92
C LEU E 136 33.91 -10.96 -10.01
N THR E 137 33.08 -11.06 -8.98
CA THR E 137 33.08 -10.09 -7.87
C THR E 137 33.66 -10.70 -6.60
N GLY E 138 34.12 -9.84 -5.69
CA GLY E 138 34.71 -10.30 -4.44
C GLY E 138 33.69 -10.95 -3.50
N SER E 139 32.50 -10.40 -3.46
CA SER E 139 31.48 -10.83 -2.47
C SER E 139 30.92 -12.22 -2.78
N MET E 140 31.20 -12.76 -3.97
CA MET E 140 30.82 -14.11 -4.32
C MET E 140 31.81 -15.11 -3.83
N LEU E 141 32.96 -14.67 -3.36
CA LEU E 141 34.02 -15.58 -3.00
C LEU E 141 34.27 -15.66 -1.51
N ILE E 142 33.24 -15.38 -0.72
CA ILE E 142 33.31 -15.60 0.74
C ILE E 142 33.20 -17.11 1.05
N ASP E 143 34.18 -17.62 1.82
CA ASP E 143 34.20 -19.03 2.17
C ASP E 143 32.99 -19.46 3.00
N LEU E 144 32.50 -20.66 2.71
CA LEU E 144 31.34 -21.24 3.42
C LEU E 144 31.58 -21.35 4.93
N GLN E 145 32.81 -21.71 5.31
CA GLN E 145 33.10 -22.06 6.70
C GLN E 145 32.98 -20.88 7.66
N SER E 146 33.40 -19.70 7.20
CA SER E 146 33.32 -18.47 7.96
C SER E 146 32.03 -17.70 7.69
N GLY E 147 31.67 -17.60 6.44
CA GLY E 147 30.56 -16.74 6.03
C GLY E 147 30.82 -15.26 6.34
N ASN E 148 32.08 -14.89 6.55
CA ASN E 148 32.39 -13.61 7.20
C ASN E 148 32.75 -12.58 6.16
N GLU E 149 31.70 -12.00 5.55
CA GLU E 149 31.88 -11.01 4.48
C GLU E 149 32.69 -9.80 4.93
N ASP E 150 32.49 -9.34 6.17
CA ASP E 150 33.23 -8.20 6.70
C ASP E 150 34.73 -8.46 6.79
N ARG E 151 35.12 -9.65 7.24
CA ARG E 151 36.53 -10.01 7.26
C ARG E 151 37.09 -10.21 5.84
N GLY E 152 36.22 -10.57 4.90
CA GLY E 152 36.59 -10.63 3.49
C GLY E 152 36.83 -12.03 2.94
N ILE E 153 37.59 -12.09 1.84
CA ILE E 153 37.86 -13.30 1.12
C ILE E 153 39.06 -13.98 1.73
N CYS E 154 38.86 -15.21 2.18
CA CYS E 154 39.94 -15.98 2.75
C CYS E 154 40.66 -16.75 1.64
N GLY E 155 41.96 -16.51 1.51
CA GLY E 155 42.79 -17.15 0.49
C GLY E 155 43.76 -18.07 1.16
N LEU E 156 44.00 -19.24 0.56
CA LEU E 156 44.97 -20.18 1.09
C LEU E 156 46.23 -20.17 0.25
N PRO E 157 47.40 -20.32 0.89
CA PRO E 157 48.65 -20.25 0.15
C PRO E 157 48.98 -21.56 -0.53
N PHE E 158 49.25 -21.48 -1.82
CA PHE E 158 49.78 -22.59 -2.58
C PHE E 158 51.11 -22.18 -3.20
N THR E 159 52.03 -23.14 -3.32
CA THR E 159 53.28 -22.91 -4.01
C THR E 159 53.19 -23.26 -5.52
N ARG E 160 53.23 -22.25 -6.37
CA ARG E 160 53.32 -22.42 -7.82
C ARG E 160 54.64 -23.10 -8.16
N GLN E 161 54.58 -24.25 -8.83
CA GLN E 161 55.79 -25.09 -8.95
C GLN E 161 56.84 -24.56 -9.93
N SER E 162 56.42 -23.87 -10.99
CA SER E 162 57.36 -23.44 -12.03
C SER E 162 58.40 -22.46 -11.46
N ASP E 163 57.98 -21.55 -10.56
CA ASP E 163 58.89 -20.54 -10.01
C ASP E 163 58.94 -20.48 -8.48
N ASN E 164 58.32 -21.44 -7.80
CA ASN E 164 58.29 -21.51 -6.32
C ASN E 164 57.62 -20.33 -5.58
N GLN E 165 56.73 -19.59 -6.28
CA GLN E 165 56.04 -18.43 -5.68
C GLN E 165 54.75 -18.86 -4.95
N THR E 166 54.52 -18.28 -3.77
CA THR E 166 53.27 -18.41 -3.04
C THR E 166 52.14 -17.64 -3.74
N VAL E 167 51.02 -18.33 -3.97
CA VAL E 167 49.84 -17.76 -4.60
C VAL E 167 48.66 -18.06 -3.69
N TYR E 168 47.79 -17.08 -3.48
CA TYR E 168 46.66 -17.24 -2.60
C TYR E 168 45.45 -17.50 -3.45
N ILE E 169 44.83 -18.65 -3.19
CA ILE E 169 43.62 -19.05 -3.93
C ILE E 169 42.50 -19.05 -2.90
N PRO E 170 41.41 -18.33 -3.20
CA PRO E 170 40.29 -18.28 -2.27
C PRO E 170 39.77 -19.67 -1.93
N MET E 171 39.50 -19.91 -0.65
CA MET E 171 38.89 -21.15 -0.16
C MET E 171 37.62 -21.45 -0.95
N ASN E 172 36.84 -20.41 -1.23
CA ASN E 172 35.61 -20.56 -1.98
C ASN E 172 35.86 -21.25 -3.34
N ILE E 173 36.94 -20.88 -4.02
CA ILE E 173 37.19 -21.43 -5.37
C ILE E 173 37.69 -22.86 -5.25
N ILE E 174 38.54 -23.08 -4.26
CA ILE E 174 39.05 -24.42 -4.02
C ILE E 174 37.90 -25.37 -3.70
N GLY E 175 37.09 -24.98 -2.72
CA GLY E 175 36.00 -25.80 -2.24
C GLY E 175 34.94 -26.12 -3.28
N ASN E 176 34.59 -25.13 -4.09
CA ASN E 176 33.59 -25.35 -5.14
C ASN E 176 34.11 -26.14 -6.37
N LEU E 177 35.37 -25.96 -6.75
CA LEU E 177 35.83 -26.48 -8.04
C LEU E 177 36.67 -27.74 -7.97
N TYR E 178 37.41 -27.90 -6.89
CA TYR E 178 38.34 -29.03 -6.74
C TYR E 178 37.94 -30.07 -5.71
N VAL E 179 37.08 -29.69 -4.76
CA VAL E 179 36.63 -30.60 -3.74
C VAL E 179 37.76 -31.43 -3.23
N SER E 180 37.61 -32.74 -3.18
CA SER E 180 38.68 -33.60 -2.64
C SER E 180 39.69 -34.11 -3.71
N ASN E 181 39.59 -33.63 -4.92
CA ASN E 181 40.48 -34.12 -5.99
C ASN E 181 41.88 -33.50 -5.86
N GLY E 182 42.87 -34.37 -5.86
CA GLY E 182 44.27 -33.90 -5.77
C GLY E 182 44.83 -33.79 -4.37
N MET E 183 44.11 -34.27 -3.36
CA MET E 183 44.63 -34.26 -2.00
C MET E 183 45.38 -35.54 -1.86
N SER E 184 46.25 -35.62 -0.85
CA SER E 184 47.02 -36.81 -0.60
C SER E 184 47.71 -36.68 0.73
N ALA E 185 47.99 -37.83 1.34
CA ALA E 185 48.90 -37.94 2.47
C ALA E 185 49.85 -39.12 2.22
N GLY E 186 50.90 -39.23 3.02
CA GLY E 186 51.89 -40.24 2.76
C GLY E 186 52.96 -40.36 3.80
N ASN E 187 53.78 -41.40 3.65
CA ASN E 187 54.92 -41.61 4.51
C ASN E 187 55.99 -40.54 4.31
N THR E 188 56.10 -40.04 3.08
CA THR E 188 57.04 -38.98 2.74
C THR E 188 56.39 -38.00 1.80
N ARG E 189 57.04 -36.85 1.70
CA ARG E 189 56.61 -35.74 0.84
C ARG E 189 56.42 -36.20 -0.59
N ASN E 190 57.39 -36.90 -1.16
CA ASN E 190 57.27 -37.31 -2.57
C ASN E 190 56.31 -38.49 -2.83
N GLU E 191 56.24 -39.44 -1.90
CA GLU E 191 55.25 -40.54 -2.01
C GLU E 191 53.84 -39.95 -2.10
N ALA E 192 53.55 -38.99 -1.22
CA ALA E 192 52.26 -38.34 -1.18
C ALA E 192 52.01 -37.57 -2.44
N ARG E 193 53.02 -36.81 -2.86
CA ARG E 193 52.87 -35.94 -4.01
C ARG E 193 52.65 -36.76 -5.27
N VAL E 194 53.32 -37.90 -5.37
CA VAL E 194 53.15 -38.81 -6.53
C VAL E 194 51.70 -39.34 -6.57
N GLN E 195 51.18 -39.69 -5.39
CA GLN E 195 49.80 -40.18 -5.31
C GLN E 195 48.84 -39.10 -5.73
N GLY E 196 49.06 -37.89 -5.23
CA GLY E 196 48.18 -36.76 -5.57
C GLY E 196 48.23 -36.36 -7.03
N LEU E 197 49.43 -36.31 -7.60
CA LEU E 197 49.55 -36.00 -9.04
C LEU E 197 48.95 -37.10 -9.90
N SER E 198 49.15 -38.35 -9.49
CA SER E 198 48.51 -39.50 -10.16
C SER E 198 46.97 -39.41 -10.09
N GLU E 199 46.44 -38.96 -8.95
CA GLU E 199 44.98 -38.77 -8.80
C GLU E 199 44.47 -37.77 -9.80
N VAL E 200 45.23 -36.70 -10.01
CA VAL E 200 44.84 -35.67 -10.99
C VAL E 200 44.80 -36.27 -12.37
N PHE E 201 45.78 -37.13 -12.68
CA PHE E 201 45.75 -37.84 -13.99
C PHE E 201 44.54 -38.78 -14.09
N GLU E 202 44.30 -39.56 -13.03
CA GLU E 202 43.14 -40.47 -12.98
C GLU E 202 41.86 -39.77 -13.39
N ARG E 203 41.54 -38.69 -12.69
CA ARG E 203 40.26 -38.03 -12.90
C ARG E 203 40.19 -37.24 -14.16
N TYR E 204 41.31 -36.61 -14.53
CA TYR E 204 41.34 -35.84 -15.80
C TYR E 204 41.17 -36.79 -16.99
N VAL E 205 41.90 -37.90 -16.95
CA VAL E 205 41.87 -38.84 -18.08
C VAL E 205 40.54 -39.62 -18.11
N LYS E 206 40.07 -40.00 -16.91
CA LYS E 206 38.73 -40.56 -16.77
C LYS E 206 37.68 -39.69 -17.46
N ASN E 207 37.67 -38.40 -17.15
CA ASN E 207 36.70 -37.51 -17.79
C ASN E 207 36.83 -37.48 -19.31
N ARG E 208 38.05 -37.51 -19.83
CA ARG E 208 38.24 -37.51 -21.29
C ARG E 208 37.71 -38.78 -21.90
N ILE E 209 38.06 -39.92 -21.30
CA ILE E 209 37.61 -41.24 -21.76
C ILE E 209 36.07 -41.35 -21.79
N ILE E 210 35.43 -40.91 -20.72
CA ILE E 210 33.98 -40.94 -20.63
C ILE E 210 33.35 -39.92 -21.53
N ALA E 211 33.76 -38.67 -21.41
CA ALA E 211 33.12 -37.58 -22.16
C ALA E 211 33.26 -37.71 -23.67
N GLU E 212 34.39 -38.25 -24.11
CA GLU E 212 34.66 -38.34 -25.55
C GLU E 212 34.29 -39.73 -26.16
N SER E 213 33.75 -40.64 -25.33
CA SER E 213 33.29 -41.93 -25.79
C SER E 213 34.42 -42.67 -26.49
N ILE E 214 35.57 -42.67 -25.84
CA ILE E 214 36.76 -43.28 -26.39
C ILE E 214 36.66 -44.78 -26.23
N SER E 215 37.04 -45.52 -27.28
CA SER E 215 37.26 -46.95 -27.16
C SER E 215 38.70 -47.19 -26.76
N LEU E 216 38.89 -47.85 -25.64
CA LEU E 216 40.20 -48.15 -25.16
C LEU E 216 40.65 -49.53 -25.59
N PRO E 217 41.97 -49.74 -25.60
CA PRO E 217 42.58 -51.01 -25.90
C PRO E 217 42.71 -51.89 -24.68
N GLU E 218 42.50 -53.19 -24.87
CA GLU E 218 42.62 -54.16 -23.81
C GLU E 218 44.07 -54.37 -23.44
N ILE E 219 44.30 -54.64 -22.17
CA ILE E 219 45.60 -55.04 -21.68
C ILE E 219 45.79 -56.51 -22.06
N PRO E 220 46.78 -56.82 -22.89
CA PRO E 220 46.90 -58.21 -23.35
C PRO E 220 47.11 -59.14 -22.20
N ALA E 221 46.70 -60.39 -22.37
CA ALA E 221 46.81 -61.39 -21.30
C ALA E 221 48.22 -61.60 -20.77
N ASP E 222 49.23 -61.49 -21.62
CA ASP E 222 50.59 -61.74 -21.18
C ASP E 222 51.11 -60.59 -20.31
N VAL E 223 50.58 -59.39 -20.51
CA VAL E 223 50.90 -58.29 -19.62
C VAL E 223 50.24 -58.50 -18.27
N LEU E 224 48.96 -58.89 -18.28
CA LEU E 224 48.21 -59.12 -17.03
C LEU E 224 48.89 -60.20 -16.20
N ALA E 225 49.47 -61.20 -16.87
CA ALA E 225 50.10 -62.33 -16.19
C ALA E 225 51.25 -61.90 -15.29
N ARG E 226 51.80 -60.72 -15.53
CA ARG E 226 52.84 -60.19 -14.64
C ARG E 226 52.30 -59.86 -13.26
N TYR E 227 50.97 -59.75 -13.14
CA TYR E 227 50.32 -59.34 -11.88
C TYR E 227 49.30 -60.38 -11.46
N PRO E 228 49.77 -61.53 -10.97
CA PRO E 228 48.88 -62.64 -10.70
C PRO E 228 47.85 -62.36 -9.61
N ALA E 229 48.17 -61.50 -8.64
CA ALA E 229 47.21 -61.18 -7.57
C ALA E 229 45.97 -60.51 -8.15
N VAL E 230 46.18 -59.58 -9.06
CA VAL E 230 45.10 -58.93 -9.78
C VAL E 230 44.35 -59.91 -10.69
N VAL E 231 45.10 -60.75 -11.41
CA VAL E 231 44.48 -61.74 -12.30
C VAL E 231 43.54 -62.67 -11.53
N GLU E 232 43.95 -63.08 -10.32
CA GLU E 232 43.12 -63.93 -9.48
C GLU E 232 41.80 -63.21 -9.10
N ALA E 233 41.90 -61.93 -8.77
CA ALA E 233 40.73 -61.15 -8.43
C ALA E 233 39.78 -61.11 -9.59
N ILE E 234 40.29 -60.82 -10.75
CA ILE E 234 39.46 -60.71 -11.97
C ILE E 234 38.80 -62.05 -12.36
N GLU E 235 39.57 -63.13 -12.34
CA GLU E 235 39.04 -64.43 -12.64
C GLU E 235 37.92 -64.83 -11.68
N THR E 236 38.07 -64.48 -10.40
CA THR E 236 37.05 -64.76 -9.38
C THR E 236 35.78 -64.00 -9.68
N LEU E 237 35.92 -62.71 -9.97
CA LEU E 237 34.79 -61.90 -10.42
C LEU E 237 34.06 -62.51 -11.61
N GLU E 238 34.82 -62.91 -12.63
CA GLU E 238 34.23 -63.51 -13.82
C GLU E 238 33.55 -64.83 -13.53
N ALA E 239 34.15 -65.64 -12.65
CA ALA E 239 33.55 -66.90 -12.24
C ALA E 239 32.25 -66.67 -11.47
N GLU E 240 32.16 -65.54 -10.76
CA GLU E 240 30.96 -65.18 -10.00
C GLU E 240 29.90 -64.53 -10.86
N GLY E 241 30.12 -64.45 -12.18
CA GLY E 241 29.11 -63.90 -13.10
C GLY E 241 29.29 -62.46 -13.54
N PHE E 242 30.48 -61.89 -13.31
CA PHE E 242 30.70 -60.47 -13.63
C PHE E 242 31.80 -60.33 -14.66
N PRO E 243 31.45 -60.14 -15.93
CA PRO E 243 32.51 -59.93 -16.89
C PRO E 243 33.34 -58.69 -16.61
N ILE E 244 34.65 -58.81 -16.79
CA ILE E 244 35.60 -57.71 -16.58
C ILE E 244 36.32 -57.35 -17.86
N PHE E 245 36.42 -56.04 -18.12
CA PHE E 245 37.24 -55.50 -19.20
C PHE E 245 38.40 -54.75 -18.56
N ALA E 246 39.64 -55.13 -18.89
CA ALA E 246 40.82 -54.47 -18.35
C ALA E 246 41.46 -53.68 -19.49
N TYR E 247 41.41 -52.35 -19.40
CA TYR E 247 41.84 -51.46 -20.45
C TYR E 247 43.05 -50.64 -20.06
N ASP E 248 43.90 -50.35 -21.04
CA ASP E 248 44.95 -49.34 -20.91
C ASP E 248 44.33 -47.97 -21.21
N GLY E 249 44.34 -47.07 -20.21
CA GLY E 249 43.79 -45.72 -20.39
C GLY E 249 44.82 -44.62 -20.58
N SER E 250 46.03 -44.99 -20.99
CA SER E 250 47.10 -44.04 -21.22
C SER E 250 46.91 -43.15 -22.45
N LEU E 251 45.94 -43.48 -23.29
CA LEU E 251 45.67 -42.73 -24.49
C LEU E 251 46.94 -42.63 -25.35
N GLY E 252 47.53 -43.78 -25.64
CA GLY E 252 48.68 -43.85 -26.51
C GLY E 252 49.98 -43.64 -25.75
N GLY E 253 50.00 -44.00 -24.48
CA GLY E 253 51.20 -43.93 -23.68
C GLY E 253 51.44 -42.56 -23.05
N GLN E 254 50.49 -41.63 -23.17
CA GLN E 254 50.68 -40.29 -22.59
C GLN E 254 50.50 -40.22 -21.07
N TYR E 255 49.55 -40.95 -20.53
CA TYR E 255 49.21 -40.79 -19.11
C TYR E 255 49.21 -42.11 -18.35
N PRO E 256 49.60 -42.12 -17.07
CA PRO E 256 49.76 -43.35 -16.33
C PRO E 256 48.42 -43.85 -15.75
N VAL E 257 47.48 -44.14 -16.64
CA VAL E 257 46.12 -44.44 -16.25
C VAL E 257 45.63 -45.80 -16.78
N ILE E 258 44.95 -46.53 -15.88
CA ILE E 258 44.25 -47.78 -16.19
C ILE E 258 42.74 -47.62 -15.97
N CYS E 259 41.96 -48.32 -16.80
CA CYS E 259 40.50 -48.39 -16.68
C CYS E 259 40.08 -49.85 -16.61
N VAL E 260 39.30 -50.21 -15.58
CA VAL E 260 38.70 -51.53 -15.46
C VAL E 260 37.16 -51.43 -15.37
N VAL E 261 36.46 -52.14 -16.25
CA VAL E 261 35.01 -52.08 -16.30
C VAL E 261 34.38 -53.41 -15.93
N LEU E 262 33.38 -53.36 -15.05
CA LEU E 262 32.60 -54.53 -14.65
C LEU E 262 31.24 -54.48 -15.29
N PHE E 263 30.76 -55.63 -15.75
CA PHE E 263 29.38 -55.78 -16.26
C PHE E 263 28.62 -56.56 -15.24
N ASN E 264 27.35 -56.24 -15.08
CA ASN E 264 26.46 -57.04 -14.28
C ASN E 264 25.34 -57.49 -15.15
N PRO E 265 25.47 -58.70 -15.73
CA PRO E 265 24.44 -59.23 -16.63
C PRO E 265 23.04 -59.34 -16.00
N ALA E 266 22.97 -59.47 -14.67
CA ALA E 266 21.70 -59.62 -13.99
C ALA E 266 20.80 -58.40 -14.15
N ASN E 267 21.37 -57.23 -14.47
CA ASN E 267 20.55 -56.02 -14.68
C ASN E 267 20.99 -55.18 -15.86
N GLY E 268 21.92 -55.67 -16.66
CA GLY E 268 22.34 -54.96 -17.90
C GLY E 268 23.22 -53.72 -17.73
N THR E 269 23.95 -53.64 -16.63
CA THR E 269 24.61 -52.41 -16.25
C THR E 269 26.10 -52.60 -16.34
N CYS E 270 26.80 -51.48 -16.36
CA CYS E 270 28.26 -51.52 -16.22
C CYS E 270 28.72 -50.54 -15.15
N PHE E 271 29.95 -50.73 -14.72
CA PHE E 271 30.58 -49.89 -13.76
C PHE E 271 32.05 -49.76 -14.18
N ALA E 272 32.43 -48.54 -14.61
CA ALA E 272 33.82 -48.20 -14.98
C ALA E 272 34.62 -47.60 -13.82
N SER E 273 35.74 -48.23 -13.50
CA SER E 273 36.65 -47.76 -12.49
C SER E 273 37.98 -47.33 -13.16
N PHE E 274 38.67 -46.41 -12.50
CA PHE E 274 39.88 -45.79 -13.04
C PHE E 274 40.92 -45.68 -11.97
N GLY E 275 42.17 -45.76 -12.36
CA GLY E 275 43.29 -45.71 -11.42
C GLY E 275 44.56 -45.24 -12.10
N ALA E 276 45.43 -44.60 -11.31
CA ALA E 276 46.66 -44.08 -11.87
C ALA E 276 47.83 -44.20 -10.94
N HIS E 277 48.99 -44.50 -11.53
CA HIS E 277 50.27 -44.51 -10.84
C HIS E 277 51.38 -44.68 -11.90
N PRO E 278 52.58 -44.15 -11.64
CA PRO E 278 53.70 -44.35 -12.57
C PRO E 278 54.04 -45.82 -12.85
N ASP E 279 53.94 -46.66 -11.83
CA ASP E 279 54.03 -48.11 -11.97
C ASP E 279 52.73 -48.76 -12.48
N PHE E 280 52.82 -49.39 -13.63
CA PHE E 280 51.66 -49.93 -14.36
C PHE E 280 50.85 -50.89 -13.48
N GLY E 281 51.55 -51.76 -12.76
CA GLY E 281 50.93 -52.73 -11.88
C GLY E 281 50.24 -52.10 -10.67
N VAL E 282 50.83 -51.05 -10.13
CA VAL E 282 50.19 -50.33 -9.01
C VAL E 282 48.88 -49.68 -9.50
N ALA E 283 48.92 -49.15 -10.71
CA ALA E 283 47.78 -48.45 -11.29
C ALA E 283 46.64 -49.42 -11.53
N LEU E 284 47.00 -50.57 -12.08
CA LEU E 284 46.07 -51.63 -12.39
C LEU E 284 45.40 -52.15 -11.14
N GLU E 285 46.21 -52.45 -10.13
CA GLU E 285 45.70 -52.88 -8.84
C GLU E 285 44.74 -51.86 -8.21
N ARG E 286 45.15 -50.60 -8.10
CA ARG E 286 44.27 -49.53 -7.57
C ARG E 286 42.93 -49.49 -8.23
N THR E 287 42.94 -49.71 -9.53
CA THR E 287 41.70 -49.60 -10.30
C THR E 287 40.71 -50.68 -9.88
N VAL E 288 41.23 -51.89 -9.60
CA VAL E 288 40.41 -53.03 -9.23
C VAL E 288 39.97 -52.93 -7.77
N THR E 289 40.86 -52.50 -6.90
CA THR E 289 40.52 -52.35 -5.49
C THR E 289 39.52 -51.20 -5.29
N GLU E 290 39.56 -50.19 -6.17
CA GLU E 290 38.60 -49.07 -6.10
C GLU E 290 37.23 -49.58 -6.48
N LEU E 291 37.20 -50.37 -7.54
CA LEU E 291 35.97 -51.01 -8.03
C LEU E 291 35.12 -51.64 -6.92
N LEU E 292 35.77 -52.42 -6.07
CA LEU E 292 35.08 -53.19 -5.05
C LEU E 292 35.12 -52.54 -3.67
N GLN E 293 35.66 -51.31 -3.56
CA GLN E 293 35.69 -50.64 -2.25
C GLN E 293 34.32 -50.50 -1.61
N GLY E 294 34.17 -51.14 -0.46
CA GLY E 294 32.95 -51.01 0.30
C GLY E 294 31.80 -51.80 -0.33
N ARG E 295 32.10 -52.68 -1.27
CA ARG E 295 31.08 -53.48 -1.98
C ARG E 295 31.39 -54.98 -1.90
N GLY E 296 30.46 -55.77 -1.35
CA GLY E 296 30.49 -57.21 -1.55
C GLY E 296 29.98 -57.52 -2.95
N LEU E 297 30.01 -58.80 -3.29
CA LEU E 297 29.50 -59.27 -4.61
C LEU E 297 27.99 -59.07 -4.81
N LYS E 298 27.25 -58.85 -3.72
CA LYS E 298 25.81 -58.57 -3.78
C LYS E 298 25.49 -57.05 -3.86
N ASP E 299 26.51 -56.19 -3.85
CA ASP E 299 26.29 -54.73 -3.85
C ASP E 299 26.66 -54.06 -5.18
N LEU E 300 26.66 -54.85 -6.27
CA LEU E 300 27.04 -54.39 -7.61
C LEU E 300 25.82 -54.12 -8.46
N ASP E 301 24.74 -53.72 -7.80
CA ASP E 301 23.42 -53.62 -8.43
C ASP E 301 22.93 -52.18 -8.59
N VAL E 302 23.78 -51.19 -8.32
CA VAL E 302 23.36 -49.78 -8.30
C VAL E 302 23.86 -48.96 -9.49
N PHE E 303 24.35 -49.62 -10.54
CA PHE E 303 24.93 -48.91 -11.67
C PHE E 303 23.96 -48.78 -12.83
N THR E 304 24.46 -48.38 -13.98
CA THR E 304 23.61 -47.91 -15.06
C THR E 304 23.97 -48.64 -16.36
N PRO E 305 22.97 -48.87 -17.21
CA PRO E 305 23.30 -49.45 -18.50
C PRO E 305 24.12 -48.50 -19.36
N PRO E 306 24.97 -49.05 -20.24
CA PRO E 306 25.64 -48.19 -21.19
C PRO E 306 24.65 -47.55 -22.12
N THR E 307 25.10 -46.53 -22.85
CA THR E 307 24.23 -45.76 -23.75
C THR E 307 24.98 -45.45 -25.07
N PHE E 308 24.21 -45.11 -26.10
CA PHE E 308 24.70 -44.61 -27.36
C PHE E 308 24.54 -43.11 -27.47
N ASP E 309 23.94 -42.48 -26.46
CA ASP E 309 23.71 -41.04 -26.50
C ASP E 309 25.00 -40.28 -26.16
N ASP E 310 25.68 -39.77 -27.19
CA ASP E 310 26.99 -39.12 -27.07
C ASP E 310 26.92 -37.86 -26.19
N GLU E 311 25.85 -37.09 -26.37
CA GLU E 311 25.76 -35.80 -25.72
C GLU E 311 25.58 -35.95 -24.22
N GLU E 312 24.73 -36.89 -23.82
CA GLU E 312 24.41 -37.09 -22.41
C GLU E 312 25.59 -37.61 -21.63
N VAL E 313 26.44 -38.36 -22.30
CA VAL E 313 27.66 -38.86 -21.68
C VAL E 313 28.66 -37.74 -21.43
N ALA E 314 28.66 -36.75 -22.31
CA ALA E 314 29.62 -35.65 -22.26
C ALA E 314 29.15 -34.56 -21.32
N GLU E 315 27.86 -34.52 -21.04
CA GLU E 315 27.29 -33.54 -20.12
C GLU E 315 28.10 -33.47 -18.84
N HIS E 316 28.45 -32.26 -18.40
CA HIS E 316 29.30 -32.12 -17.24
C HIS E 316 28.66 -32.68 -15.97
N THR E 317 27.34 -32.64 -15.88
CA THR E 317 26.63 -33.24 -14.74
C THR E 317 26.85 -34.75 -14.72
N ASN E 318 26.93 -35.38 -15.88
CA ASN E 318 27.25 -36.81 -15.92
C ASN E 318 28.63 -37.08 -15.34
N LEU E 319 29.58 -36.23 -15.67
CA LEU E 319 30.93 -36.39 -15.14
C LEU E 319 30.96 -36.10 -13.64
N GLU E 320 30.15 -35.16 -13.21
CA GLU E 320 30.09 -34.84 -11.77
C GLU E 320 29.49 -36.04 -11.01
N THR E 321 28.44 -36.64 -11.57
CA THR E 321 27.88 -37.87 -10.99
C THR E 321 28.93 -38.96 -10.89
N HIS E 322 29.70 -39.16 -11.97
CA HIS E 322 30.78 -40.14 -11.90
C HIS E 322 31.76 -39.86 -10.79
N PHE E 323 32.04 -38.60 -10.53
CA PHE E 323 32.97 -38.27 -9.44
C PHE E 323 32.34 -38.58 -8.09
N ILE E 324 31.08 -38.24 -7.93
CA ILE E 324 30.38 -38.47 -6.68
C ILE E 324 30.14 -39.95 -6.35
N ASP E 325 29.60 -40.75 -7.28
CA ASP E 325 29.35 -42.18 -7.00
C ASP E 325 29.52 -43.17 -8.18
N SER E 326 30.26 -42.75 -9.21
CA SER E 326 30.55 -43.60 -10.39
C SER E 326 29.33 -44.20 -11.11
N SER E 327 28.11 -43.76 -10.75
CA SER E 327 26.88 -44.30 -11.32
C SER E 327 26.44 -43.49 -12.55
N GLY E 328 27.37 -42.78 -13.16
CA GLY E 328 27.01 -42.00 -14.35
C GLY E 328 26.92 -42.93 -15.58
N LEU E 329 26.58 -42.32 -16.70
CA LEU E 329 26.51 -42.99 -17.98
C LEU E 329 27.88 -43.21 -18.62
N ILE E 330 28.01 -44.37 -19.27
CA ILE E 330 29.20 -44.78 -20.02
C ILE E 330 28.77 -45.18 -21.42
N SER E 331 29.51 -44.72 -22.42
CA SER E 331 29.19 -45.04 -23.82
C SER E 331 29.49 -46.49 -24.11
N TRP E 332 28.61 -47.11 -24.87
CA TRP E 332 28.90 -48.44 -25.47
C TRP E 332 30.22 -48.44 -26.23
N ASP E 333 30.59 -47.29 -26.82
CA ASP E 333 31.83 -47.22 -27.60
C ASP E 333 33.07 -47.59 -26.81
N LEU E 334 33.02 -47.48 -25.49
CA LEU E 334 34.17 -47.90 -24.67
C LEU E 334 34.53 -49.34 -24.94
N PHE E 335 33.52 -50.13 -25.28
CA PHE E 335 33.66 -51.59 -25.40
C PHE E 335 33.74 -52.07 -26.87
N LYS E 336 33.90 -51.14 -27.81
CA LYS E 336 34.16 -51.50 -29.17
C LYS E 336 35.36 -52.40 -29.35
N GLN E 337 35.28 -53.24 -30.38
CA GLN E 337 36.36 -54.15 -30.73
C GLN E 337 37.62 -53.35 -31.06
N ASP E 338 37.48 -52.35 -31.92
CA ASP E 338 38.61 -51.51 -32.33
C ASP E 338 38.82 -50.37 -31.34
N ALA E 339 40.03 -50.31 -30.80
CA ALA E 339 40.42 -49.26 -29.87
C ALA E 339 40.85 -48.01 -30.66
N ASP E 340 40.69 -46.85 -30.03
CA ASP E 340 41.06 -45.59 -30.66
C ASP E 340 42.54 -45.25 -30.41
N TYR E 341 43.20 -46.02 -29.56
CA TYR E 341 44.62 -45.91 -29.32
C TYR E 341 45.16 -47.33 -29.21
N PRO E 342 46.41 -47.56 -29.64
CA PRO E 342 46.91 -48.90 -29.48
C PRO E 342 47.35 -49.08 -28.03
N PHE E 343 47.37 -50.33 -27.58
CA PHE E 343 47.88 -50.63 -26.26
C PHE E 343 49.34 -50.19 -26.15
N VAL E 344 49.72 -49.64 -25.00
CA VAL E 344 51.12 -49.34 -24.72
C VAL E 344 51.49 -49.88 -23.35
N ASP E 345 52.52 -50.71 -23.30
CA ASP E 345 52.94 -51.32 -22.07
C ASP E 345 53.80 -50.28 -21.37
N TRP E 346 53.14 -49.28 -20.79
CA TRP E 346 53.82 -48.08 -20.33
C TRP E 346 54.46 -48.32 -18.97
N ASN E 347 55.43 -47.47 -18.66
CA ASN E 347 56.12 -47.48 -17.38
C ASN E 347 56.74 -46.10 -17.14
N PHE E 348 56.41 -45.48 -16.02
CA PHE E 348 56.98 -44.18 -15.61
C PHE E 348 57.60 -44.34 -14.23
N SER E 349 57.84 -45.58 -13.83
CA SER E 349 58.23 -45.85 -12.45
C SER E 349 59.70 -45.54 -12.14
N GLY E 350 59.99 -45.51 -10.84
CA GLY E 350 61.30 -45.25 -10.28
C GLY E 350 61.13 -44.99 -8.79
N THR E 351 62.05 -44.21 -8.20
CA THR E 351 61.91 -43.83 -6.81
C THR E 351 60.80 -42.78 -6.76
N THR E 352 60.34 -42.46 -5.55
CA THR E 352 59.28 -41.46 -5.43
C THR E 352 59.74 -40.06 -5.89
N GLU E 353 60.99 -39.74 -5.58
CA GLU E 353 61.63 -38.55 -6.12
C GLU E 353 61.62 -38.52 -7.64
N GLU E 354 62.05 -39.60 -8.29
CA GLU E 354 62.09 -39.64 -9.76
C GLU E 354 60.69 -39.56 -10.31
N GLU E 355 59.77 -40.28 -9.64
CA GLU E 355 58.38 -40.29 -10.08
C GLU E 355 57.77 -38.90 -10.05
N PHE E 356 58.06 -38.14 -9.00
CA PHE E 356 57.52 -36.79 -8.91
C PHE E 356 57.99 -35.93 -10.06
N ALA E 357 59.28 -36.01 -10.35
CA ALA E 357 59.86 -35.26 -11.51
C ALA E 357 59.28 -35.75 -12.83
N THR E 358 59.14 -37.06 -12.99
CA THR E 358 58.55 -37.60 -14.22
C THR E 358 57.14 -37.06 -14.47
N LEU E 359 56.32 -37.02 -13.41
CA LEU E 359 54.93 -36.58 -13.55
C LEU E 359 54.84 -35.08 -13.78
N MET E 360 55.68 -34.32 -13.08
CA MET E 360 55.72 -32.89 -13.33
C MET E 360 56.12 -32.56 -14.77
N ALA E 361 57.01 -33.39 -15.35
CA ALA E 361 57.39 -33.21 -16.78
C ALA E 361 56.20 -33.34 -17.74
N ILE E 362 55.27 -34.23 -17.39
CA ILE E 362 54.02 -34.34 -18.17
C ILE E 362 53.21 -33.06 -18.05
N PHE E 363 53.03 -32.55 -16.83
CA PHE E 363 52.29 -31.28 -16.69
C PHE E 363 52.98 -30.14 -17.42
N ASN E 364 54.31 -30.06 -17.29
CA ASN E 364 55.10 -29.03 -18.00
C ASN E 364 54.81 -29.14 -19.50
N LYS E 365 54.84 -30.36 -20.05
CA LYS E 365 54.50 -30.57 -21.47
C LYS E 365 53.06 -30.19 -21.84
N GLU E 366 52.12 -30.35 -20.91
CA GLU E 366 50.73 -29.92 -21.14
C GLU E 366 50.61 -28.41 -21.05
N ASP E 367 51.68 -27.76 -20.61
CA ASP E 367 51.69 -26.32 -20.35
C ASP E 367 50.65 -26.00 -19.28
N LYS E 368 50.65 -26.78 -18.21
CA LYS E 368 49.67 -26.60 -17.15
C LYS E 368 50.41 -26.37 -15.86
N GLU E 369 50.22 -25.18 -15.32
CA GLU E 369 50.82 -24.85 -14.05
C GLU E 369 50.26 -25.76 -12.95
N VAL E 370 51.13 -26.11 -11.99
CA VAL E 370 50.78 -26.93 -10.83
C VAL E 370 51.00 -26.14 -9.55
N TYR E 371 49.97 -26.10 -8.70
CA TYR E 371 50.04 -25.41 -7.42
C TYR E 371 49.90 -26.42 -6.30
N ILE E 372 50.83 -26.39 -5.34
CA ILE E 372 50.83 -27.37 -4.24
C ILE E 372 50.87 -26.67 -2.87
N ALA E 373 49.91 -27.03 -2.00
CA ALA E 373 49.94 -26.66 -0.62
C ALA E 373 50.43 -27.84 0.17
N ASP E 374 51.38 -27.63 1.07
CA ASP E 374 51.90 -28.66 1.91
C ASP E 374 51.31 -28.48 3.29
N TYR E 375 51.08 -29.58 3.98
CA TYR E 375 50.58 -29.59 5.35
C TYR E 375 51.35 -30.65 6.14
N GLU E 376 51.85 -30.27 7.31
CA GLU E 376 52.59 -31.19 8.16
C GLU E 376 52.18 -31.03 9.59
N HIS E 377 51.17 -30.22 9.83
CA HIS E 377 50.79 -29.83 11.21
C HIS E 377 50.17 -30.97 12.01
N LEU E 378 49.78 -32.05 11.34
CA LEU E 378 49.30 -33.20 12.05
C LEU E 378 50.36 -34.28 12.20
N GLY E 379 51.63 -33.97 11.90
CA GLY E 379 52.73 -34.92 12.07
C GLY E 379 52.85 -35.96 10.97
N VAL E 380 52.12 -35.75 9.88
CA VAL E 380 52.16 -36.59 8.69
C VAL E 380 52.11 -35.66 7.50
N TYR E 381 52.89 -35.96 6.47
CA TYR E 381 52.87 -35.10 5.31
C TYR E 381 51.57 -35.29 4.55
N ALA E 382 50.96 -34.18 4.21
CA ALA E 382 49.79 -34.17 3.34
C ALA E 382 49.95 -33.00 2.40
N CYS E 383 49.27 -33.07 1.26
CA CYS E 383 49.29 -32.01 0.30
C CYS E 383 47.96 -31.90 -0.40
N ARG E 384 47.77 -30.75 -1.05
CA ARG E 384 46.63 -30.51 -1.86
C ARG E 384 47.14 -29.83 -3.12
N ILE E 385 46.88 -30.47 -4.26
CA ILE E 385 47.41 -30.06 -5.55
C ILE E 385 46.29 -29.60 -6.48
N ILE E 386 46.41 -28.37 -7.00
CA ILE E 386 45.53 -27.83 -8.03
C ILE E 386 46.26 -27.68 -9.33
N VAL E 387 45.62 -28.15 -10.40
CA VAL E 387 46.11 -27.95 -11.74
C VAL E 387 44.97 -27.41 -12.58
N PRO E 388 44.78 -26.08 -12.60
CA PRO E 388 43.63 -25.51 -13.30
C PRO E 388 43.62 -25.90 -14.77
N GLY E 389 42.47 -26.41 -15.23
CA GLY E 389 42.34 -26.97 -16.56
C GLY E 389 42.61 -28.45 -16.63
N MET E 390 42.98 -29.07 -15.50
CA MET E 390 43.11 -30.52 -15.44
C MET E 390 42.47 -31.17 -14.20
N SER E 391 42.71 -30.61 -13.02
CA SER E 391 42.23 -31.21 -11.79
C SER E 391 40.85 -30.73 -11.38
N ASP E 392 40.27 -29.80 -12.13
CA ASP E 392 38.93 -29.30 -11.80
C ASP E 392 37.89 -30.41 -11.88
N ILE E 393 36.97 -30.45 -10.90
CA ILE E 393 35.86 -31.37 -10.93
C ILE E 393 34.59 -30.69 -11.41
N TYR E 394 34.40 -29.44 -11.05
CA TYR E 394 33.24 -28.66 -11.48
C TYR E 394 33.70 -27.49 -12.35
N PRO E 395 32.84 -27.02 -13.27
CA PRO E 395 33.30 -25.95 -14.17
C PRO E 395 33.28 -24.63 -13.46
N ALA E 396 34.13 -23.71 -13.90
CA ALA E 396 34.24 -22.41 -13.26
C ALA E 396 32.92 -21.64 -13.27
N GLU E 397 32.06 -21.86 -14.25
CA GLU E 397 30.76 -21.18 -14.27
C GLU E 397 29.94 -21.48 -12.97
N ASP E 398 30.23 -22.60 -12.30
CA ASP E 398 29.59 -22.93 -11.03
C ASP E 398 29.88 -21.90 -9.92
N LEU E 399 30.97 -21.16 -10.02
CA LEU E 399 31.19 -20.07 -9.10
C LEU E 399 30.02 -19.09 -9.11
N TRP E 400 29.38 -18.91 -10.25
CA TRP E 400 28.20 -18.05 -10.41
C TRP E 400 26.90 -18.82 -10.19
N LEU E 401 26.82 -20.05 -10.71
CA LEU E 401 25.56 -20.77 -10.83
C LEU E 401 25.28 -21.81 -9.70
N ALA E 402 26.31 -22.35 -9.08
CA ALA E 402 26.15 -23.37 -8.06
C ALA E 402 27.18 -23.18 -6.97
N ASN E 403 27.22 -21.97 -6.40
CA ASN E 403 28.22 -21.68 -5.39
C ASN E 403 27.74 -22.11 -4.01
N ASN E 404 28.52 -22.93 -3.32
CA ASN E 404 28.10 -23.44 -2.04
C ASN E 404 28.01 -22.39 -0.91
N SER E 405 28.39 -21.15 -1.15
CA SER E 405 28.18 -20.08 -0.16
C SER E 405 27.03 -19.14 -0.61
N MET E 406 26.41 -19.45 -1.75
CA MET E 406 25.19 -18.83 -2.17
C MET E 406 24.27 -19.35 -1.08
N GLY E 407 23.65 -18.46 -0.34
CA GLY E 407 22.70 -18.90 0.72
C GLY E 407 23.15 -18.46 2.09
N SER E 408 24.45 -18.15 2.24
CA SER E 408 25.01 -17.66 3.51
C SER E 408 24.26 -16.43 4.00
N HIS E 409 23.93 -15.54 3.09
CA HIS E 409 23.26 -14.31 3.48
C HIS E 409 21.86 -14.52 4.10
N LEU E 410 21.25 -15.66 3.83
CA LEU E 410 19.92 -15.95 4.37
C LEU E 410 19.98 -16.76 5.66
N ARG E 411 21.18 -17.16 6.09
CA ARG E 411 21.31 -18.09 7.20
C ARG E 411 20.66 -17.52 8.44
N GLU E 412 21.07 -16.33 8.83
CA GLU E 412 20.56 -15.72 10.08
C GLU E 412 19.04 -15.60 10.07
N THR E 413 18.48 -15.11 8.97
CA THR E 413 17.04 -15.01 8.81
C THR E 413 16.34 -16.36 8.98
N ILE E 414 16.82 -17.38 8.31
CA ILE E 414 16.11 -18.66 8.30
C ILE E 414 16.21 -19.35 9.66
N LEU E 415 17.38 -19.29 10.25
CA LEU E 415 17.57 -19.86 11.58
C LEU E 415 16.73 -19.16 12.64
N SER E 416 16.32 -17.92 12.38
CA SER E 416 15.51 -17.15 13.37
C SER E 416 14.03 -17.42 13.27
N LEU E 417 13.60 -18.16 12.24
CA LEU E 417 12.17 -18.35 12.01
C LEU E 417 11.42 -19.05 13.15
N PRO E 418 11.98 -20.13 13.71
CA PRO E 418 11.29 -20.75 14.85
C PRO E 418 11.20 -19.77 16.02
N GLY E 419 10.00 -19.49 16.48
CA GLY E 419 9.80 -18.49 17.54
C GLY E 419 9.77 -17.05 17.07
N SER E 420 9.95 -16.83 15.77
CA SER E 420 9.89 -15.49 15.21
C SER E 420 8.43 -15.02 15.34
N GLU E 421 8.20 -13.71 15.37
CA GLU E 421 6.81 -13.19 15.47
C GLU E 421 6.67 -11.98 14.57
N TRP E 422 7.07 -12.15 13.31
CA TRP E 422 6.99 -11.08 12.33
C TRP E 422 5.56 -10.83 11.95
N GLU E 423 5.36 -9.79 11.15
CA GLU E 423 4.11 -9.55 10.48
C GLU E 423 3.93 -10.59 9.36
N LYS E 424 2.69 -11.00 9.15
CA LYS E 424 2.35 -12.01 8.15
C LYS E 424 3.01 -11.72 6.82
N GLU E 425 2.98 -10.47 6.41
CA GLU E 425 3.51 -10.08 5.11
C GLU E 425 5.01 -10.38 4.98
N ASP E 426 5.75 -10.29 6.08
CA ASP E 426 7.19 -10.57 6.06
C ASP E 426 7.47 -12.06 5.74
N TYR E 427 6.65 -12.94 6.30
CA TYR E 427 6.74 -14.34 5.96
C TYR E 427 6.46 -14.59 4.47
N LEU E 428 5.40 -13.98 3.93
CA LEU E 428 5.03 -14.16 2.51
C LEU E 428 6.03 -13.52 1.57
N ASN E 429 6.60 -12.41 2.02
CA ASN E 429 7.68 -11.72 1.35
C ASN E 429 8.94 -12.60 1.20
N LEU E 430 9.30 -13.30 2.26
CA LEU E 430 10.42 -14.23 2.20
C LEU E 430 10.20 -15.37 1.18
N ILE E 431 8.97 -15.86 1.02
CA ILE E 431 8.66 -16.81 -0.07
C ILE E 431 9.04 -16.22 -1.44
N GLU E 432 8.62 -14.99 -1.70
CA GLU E 432 8.94 -14.32 -2.95
C GLU E 432 10.45 -14.15 -3.11
N GLN E 433 11.14 -13.82 -2.02
CA GLN E 433 12.59 -13.62 -2.08
C GLN E 433 13.28 -14.92 -2.48
N LEU E 434 12.85 -16.04 -1.91
CA LEU E 434 13.41 -17.35 -2.27
C LEU E 434 13.19 -17.65 -3.75
N ASP E 435 12.01 -17.33 -4.28
CA ASP E 435 11.71 -17.54 -5.69
C ASP E 435 12.55 -16.66 -6.58
N GLU E 436 12.55 -15.37 -6.27
CA GLU E 436 13.35 -14.41 -7.00
C GLU E 436 14.84 -14.72 -7.00
N GLU E 437 15.36 -15.21 -5.89
CA GLU E 437 16.76 -15.59 -5.88
C GLU E 437 17.02 -16.92 -6.57
N GLY E 438 15.95 -17.61 -6.93
CA GLY E 438 16.04 -18.74 -7.83
C GLY E 438 16.53 -20.02 -7.20
N PHE E 439 16.28 -20.21 -5.90
CA PHE E 439 16.65 -21.47 -5.26
C PHE E 439 15.68 -22.57 -5.69
N ASP E 440 16.24 -23.75 -5.98
CA ASP E 440 15.45 -24.92 -6.32
C ASP E 440 14.67 -25.36 -5.08
N ASP E 441 13.39 -25.69 -5.27
CA ASP E 441 12.51 -26.12 -4.21
C ASP E 441 13.01 -27.40 -3.55
N PHE E 442 13.75 -28.20 -4.31
CA PHE E 442 14.30 -29.44 -3.81
C PHE E 442 15.54 -29.29 -2.95
N THR E 443 16.13 -28.11 -2.92
CA THR E 443 17.39 -27.94 -2.18
C THR E 443 17.16 -28.15 -0.70
N ARG E 444 18.04 -28.92 -0.07
CA ARG E 444 18.01 -29.09 1.35
C ARG E 444 18.51 -27.82 2.02
N VAL E 445 17.69 -27.25 2.89
CA VAL E 445 18.07 -26.06 3.65
C VAL E 445 19.39 -26.31 4.43
N ARG E 446 19.56 -27.50 5.00
CA ARG E 446 20.77 -27.77 5.77
C ARG E 446 22.04 -27.78 4.92
N GLU E 447 21.94 -28.18 3.65
CA GLU E 447 23.08 -28.11 2.73
C GLU E 447 23.32 -26.66 2.29
N LEU E 448 22.26 -25.98 1.91
CA LEU E 448 22.31 -24.55 1.58
C LEU E 448 22.91 -23.67 2.68
N LEU E 449 22.69 -24.01 3.95
CA LEU E 449 23.22 -23.21 5.07
C LEU E 449 24.41 -23.86 5.80
N GLY E 450 24.77 -25.08 5.44
CA GLY E 450 25.98 -25.71 5.99
C GLY E 450 25.78 -26.17 7.40
N LEU E 451 24.65 -26.86 7.64
CA LEU E 451 24.29 -27.31 8.98
C LEU E 451 24.39 -28.82 9.10
N ALA E 452 25.14 -29.26 10.10
CA ALA E 452 25.12 -30.63 10.59
C ALA E 452 23.99 -30.81 11.63
N THR E 453 22.78 -31.05 11.11
CA THR E 453 21.55 -31.00 11.92
C THR E 453 21.37 -32.21 12.83
N GLY E 454 22.00 -33.33 12.46
CA GLY E 454 21.66 -34.59 13.05
C GLY E 454 20.39 -35.09 12.35
N SER E 455 20.00 -36.32 12.65
CA SER E 455 18.89 -36.97 11.94
C SER E 455 17.56 -36.89 12.69
N ASP E 456 17.53 -36.27 13.87
CA ASP E 456 16.38 -36.39 14.75
C ASP E 456 15.66 -35.07 14.94
N ASN E 457 15.48 -34.33 13.87
CA ASN E 457 14.66 -33.12 13.93
C ASN E 457 14.27 -32.77 12.53
N GLY E 458 13.40 -31.78 12.39
CA GLY E 458 12.85 -31.40 11.10
C GLY E 458 13.80 -30.69 10.16
N TRP E 459 14.90 -30.12 10.68
CA TRP E 459 15.90 -29.46 9.83
C TRP E 459 16.63 -30.47 8.97
N TYR E 460 16.72 -31.72 9.44
CA TYR E 460 17.38 -32.77 8.72
C TYR E 460 16.82 -32.99 7.31
N THR E 461 15.50 -32.95 7.17
CA THR E 461 14.83 -33.27 5.94
C THR E 461 14.24 -32.04 5.24
N LEU E 462 14.42 -30.87 5.84
CA LEU E 462 13.74 -29.65 5.35
C LEU E 462 14.26 -29.18 4.02
N ARG E 463 13.38 -29.13 3.03
CA ARG E 463 13.71 -28.56 1.76
C ARG E 463 13.06 -27.21 1.59
N ILE E 464 13.56 -26.44 0.63
CA ILE E 464 13.00 -25.15 0.33
C ILE E 464 11.46 -25.19 0.17
N GLY E 465 10.96 -26.16 -0.58
CA GLY E 465 9.52 -26.30 -0.80
C GLY E 465 8.75 -26.38 0.50
N GLU E 466 9.29 -27.15 1.45
CA GLU E 466 8.66 -27.32 2.76
C GLU E 466 8.76 -26.02 3.55
N LEU E 467 9.89 -25.32 3.44
CA LEU E 467 10.05 -24.04 4.10
C LEU E 467 8.98 -23.07 3.59
N LYS E 468 8.68 -23.13 2.30
CA LYS E 468 7.59 -22.33 1.75
C LYS E 468 6.24 -22.68 2.37
N ALA E 469 5.99 -23.96 2.64
CA ALA E 469 4.74 -24.36 3.28
C ALA E 469 4.66 -23.71 4.65
N MET E 470 5.78 -23.71 5.37
CA MET E 470 5.83 -23.18 6.74
C MET E 470 5.65 -21.66 6.73
N LEU E 471 6.33 -20.99 5.81
CA LEU E 471 6.19 -19.55 5.66
C LEU E 471 4.77 -19.14 5.23
N ALA E 472 4.14 -19.94 4.39
CA ALA E 472 2.76 -19.68 3.99
C ALA E 472 1.82 -19.74 5.20
N LEU E 473 2.02 -20.75 6.05
CA LEU E 473 1.22 -20.91 7.25
C LEU E 473 1.43 -19.76 8.24
N ALA E 474 2.69 -19.46 8.53
CA ALA E 474 3.04 -18.31 9.37
C ALA E 474 2.49 -17.00 8.80
N GLY E 475 2.47 -16.89 7.48
CA GLY E 475 2.00 -15.69 6.79
C GLY E 475 0.51 -15.68 6.53
N GLY E 476 -0.20 -16.73 6.95
CA GLY E 476 -1.66 -16.78 6.81
C GLY E 476 -2.21 -17.06 5.42
N ASP E 477 -1.38 -17.52 4.48
CA ASP E 477 -1.85 -17.88 3.16
C ASP E 477 -2.09 -19.41 3.04
N LEU E 478 -3.31 -19.83 3.33
CA LEU E 478 -3.64 -21.23 3.41
C LEU E 478 -3.68 -21.91 2.06
N GLU E 479 -3.81 -21.14 0.99
CA GLU E 479 -3.80 -21.77 -0.34
C GLU E 479 -2.43 -22.14 -0.74
N GLN E 480 -1.50 -21.21 -0.58
CA GLN E 480 -0.10 -21.55 -0.78
C GLN E 480 0.31 -22.64 0.21
N ALA E 481 -0.17 -22.59 1.44
CA ALA E 481 0.21 -23.58 2.43
C ALA E 481 -0.16 -24.97 1.95
N LEU E 482 -1.36 -25.09 1.36
CA LEU E 482 -1.83 -26.38 0.85
C LEU E 482 -0.94 -26.87 -0.31
N VAL E 483 -0.68 -26.01 -1.30
CA VAL E 483 0.15 -26.36 -2.43
C VAL E 483 1.49 -26.94 -1.96
N TRP E 484 2.15 -26.29 -1.02
CA TRP E 484 3.49 -26.67 -0.61
C TRP E 484 3.50 -27.75 0.41
N THR E 485 2.39 -27.88 1.12
CA THR E 485 2.22 -29.02 2.01
C THR E 485 2.05 -30.31 1.19
N GLU E 486 1.32 -30.23 0.10
CA GLU E 486 1.16 -31.43 -0.76
C GLU E 486 2.49 -31.78 -1.40
N TRP E 487 3.17 -30.77 -1.92
CA TRP E 487 4.54 -30.94 -2.44
C TRP E 487 5.41 -31.63 -1.40
N THR E 488 5.35 -31.16 -0.16
CA THR E 488 6.21 -31.67 0.91
C THR E 488 5.99 -33.15 1.10
N MET E 489 4.75 -33.56 1.15
CA MET E 489 4.45 -34.97 1.31
C MET E 489 4.81 -35.78 0.08
N GLU E 490 4.49 -35.26 -1.09
CA GLU E 490 4.80 -35.96 -2.33
C GLU E 490 6.28 -36.31 -2.43
N PHE E 491 7.14 -35.38 -2.04
CA PHE E 491 8.55 -35.56 -2.23
C PHE E 491 9.38 -35.80 -0.98
N ASN E 492 8.75 -35.88 0.19
CA ASN E 492 9.52 -36.13 1.43
C ASN E 492 8.92 -37.11 2.44
N SER E 493 7.63 -37.41 2.35
CA SER E 493 7.01 -38.28 3.36
C SER E 493 7.83 -39.55 3.62
N SER E 494 8.41 -40.12 2.55
CA SER E 494 9.22 -41.33 2.63
C SER E 494 10.41 -41.25 3.62
N VAL E 495 11.01 -40.07 3.78
CA VAL E 495 12.16 -39.89 4.69
C VAL E 495 11.81 -39.26 6.05
N PHE E 496 10.58 -38.80 6.25
CA PHE E 496 10.15 -38.30 7.57
C PHE E 496 10.06 -39.43 8.60
N SER E 497 10.29 -39.10 9.87
CA SER E 497 10.03 -40.04 10.93
C SER E 497 8.52 -40.29 10.94
N PRO E 498 8.06 -41.39 11.55
CA PRO E 498 6.62 -41.65 11.63
C PRO E 498 5.84 -40.49 12.27
N GLU E 499 6.39 -39.86 13.30
CA GLU E 499 5.72 -38.76 13.96
C GLU E 499 5.56 -37.61 13.01
N ARG E 500 6.62 -37.29 12.25
CA ARG E 500 6.60 -36.13 11.38
C ARG E 500 5.69 -36.39 10.17
N ALA E 501 5.69 -37.62 9.66
CA ALA E 501 4.80 -37.97 8.56
C ALA E 501 3.33 -37.87 9.00
N ASN E 502 3.07 -38.35 10.21
CA ASN E 502 1.74 -38.26 10.76
C ASN E 502 1.29 -36.83 10.87
N TYR E 503 2.16 -35.97 11.37
CA TYR E 503 1.84 -34.56 11.52
C TYR E 503 1.44 -34.00 10.17
N TYR E 504 2.15 -34.40 9.12
CA TYR E 504 1.88 -33.84 7.79
C TYR E 504 0.58 -34.37 7.17
N ARG E 505 0.23 -35.63 7.42
CA ARG E 505 -1.08 -36.13 6.98
C ARG E 505 -2.19 -35.35 7.67
N CYS E 506 -2.02 -35.13 8.97
CA CYS E 506 -2.97 -34.32 9.74
C CYS E 506 -3.11 -32.90 9.19
N LEU E 507 -1.97 -32.22 9.03
CA LEU E 507 -1.98 -30.85 8.54
C LEU E 507 -2.63 -30.75 7.18
N GLN E 508 -2.27 -31.65 6.28
CA GLN E 508 -2.86 -31.66 4.94
C GLN E 508 -4.37 -31.89 5.01
N THR E 509 -4.83 -32.85 5.81
CA THR E 509 -6.27 -33.04 6.02
C THR E 509 -6.95 -31.75 6.48
N LEU E 510 -6.34 -31.04 7.43
CA LEU E 510 -6.92 -29.78 7.92
C LEU E 510 -6.94 -28.68 6.86
N LEU E 511 -5.88 -28.61 6.07
CA LEU E 511 -5.82 -27.60 5.01
C LEU E 511 -6.85 -27.91 3.93
N LEU E 512 -7.04 -29.20 3.62
CA LEU E 512 -8.09 -29.57 2.67
C LEU E 512 -9.48 -29.20 3.22
N LEU E 513 -9.70 -29.50 4.50
CA LEU E 513 -10.97 -29.15 5.17
C LEU E 513 -11.24 -27.66 5.15
N ALA E 514 -10.20 -26.85 5.32
CA ALA E 514 -10.33 -25.39 5.27
C ALA E 514 -10.89 -24.90 3.93
N GLN E 515 -10.65 -25.65 2.86
CA GLN E 515 -11.19 -25.31 1.54
C GLN E 515 -12.63 -25.78 1.36
N GLU E 516 -13.16 -26.59 2.27
CA GLU E 516 -14.50 -27.14 2.13
C GLU E 516 -15.54 -26.19 2.72
N GLU E 517 -16.10 -25.33 1.88
CA GLU E 517 -17.00 -24.26 2.34
C GLU E 517 -18.27 -24.77 2.99
N ASP E 518 -18.79 -25.91 2.54
CA ASP E 518 -20.05 -26.46 3.11
C ASP E 518 -19.81 -27.49 4.21
N ARG E 519 -18.61 -27.56 4.82
CA ARG E 519 -18.39 -28.52 5.92
C ARG E 519 -17.96 -27.85 7.21
N GLN E 520 -18.42 -28.41 8.33
CA GLN E 520 -18.17 -27.83 9.66
C GLN E 520 -17.08 -28.59 10.39
N PRO E 521 -15.95 -27.93 10.66
CA PRO E 521 -14.78 -28.59 11.25
C PRO E 521 -15.03 -29.35 12.52
N LEU E 522 -15.95 -28.86 13.37
CA LEU E 522 -16.21 -29.54 14.63
C LEU E 522 -16.91 -30.92 14.44
N GLN E 523 -17.57 -31.12 13.30
CA GLN E 523 -18.11 -32.45 12.98
C GLN E 523 -17.04 -33.53 12.85
N TYR E 524 -15.82 -33.15 12.50
CA TYR E 524 -14.74 -34.12 12.17
C TYR E 524 -13.70 -34.32 13.25
N LEU E 525 -13.74 -33.47 14.27
CA LEU E 525 -12.67 -33.36 15.26
C LEU E 525 -12.38 -34.68 15.98
N ASN E 526 -13.42 -35.38 16.39
CA ASN E 526 -13.25 -36.66 17.08
C ASN E 526 -12.58 -37.67 16.18
N ALA E 527 -13.00 -37.67 14.92
CA ALA E 527 -12.39 -38.56 13.94
C ALA E 527 -10.89 -38.21 13.72
N PHE E 528 -10.61 -36.92 13.58
CA PHE E 528 -9.23 -36.45 13.41
C PHE E 528 -8.37 -36.85 14.60
N VAL E 529 -8.90 -36.73 15.82
CA VAL E 529 -8.13 -37.10 17.02
C VAL E 529 -7.87 -38.61 17.06
N ARG E 530 -8.84 -39.40 16.61
CA ARG E 530 -8.63 -40.85 16.56
C ARG E 530 -7.65 -41.26 15.46
N MET E 531 -7.66 -40.57 14.33
CA MET E 531 -6.71 -40.90 13.22
C MET E 531 -5.28 -40.44 13.52
N TYR E 532 -5.14 -39.19 13.96
CA TYR E 532 -3.85 -38.52 14.02
C TYR E 532 -3.28 -38.33 15.44
N GLY E 533 -4.09 -38.50 16.47
CA GLY E 533 -3.67 -38.26 17.85
C GLY E 533 -3.93 -36.82 18.21
N ALA E 534 -4.18 -36.57 19.48
CA ALA E 534 -4.45 -35.20 19.96
C ALA E 534 -3.27 -34.25 19.72
N ASP E 535 -2.06 -34.72 19.99
CA ASP E 535 -0.88 -33.88 19.83
C ASP E 535 -0.73 -33.30 18.41
N ALA E 536 -0.85 -34.18 17.41
CA ALA E 536 -0.76 -33.76 16.01
C ALA E 536 -1.90 -32.85 15.60
N VAL E 537 -3.11 -33.13 16.06
CA VAL E 537 -4.22 -32.22 15.76
C VAL E 537 -3.96 -30.83 16.38
N GLU E 538 -3.47 -30.82 17.61
CA GLU E 538 -3.09 -29.59 18.26
C GLU E 538 -1.98 -28.84 17.52
N ALA E 539 -0.89 -29.54 17.18
CA ALA E 539 0.25 -28.89 16.51
C ALA E 539 -0.15 -28.37 15.14
N ALA E 540 -0.91 -29.17 14.41
CA ALA E 540 -1.36 -28.76 13.07
C ALA E 540 -2.26 -27.52 13.12
N SER E 541 -3.16 -27.45 14.10
CA SER E 541 -4.05 -26.29 14.24
C SER E 541 -3.24 -25.08 14.62
N ALA E 542 -2.28 -25.26 15.53
CA ALA E 542 -1.36 -24.17 15.89
C ALA E 542 -0.55 -23.68 14.67
N ALA E 543 -0.22 -24.57 13.74
CA ALA E 543 0.45 -24.16 12.50
C ALA E 543 -0.48 -23.37 11.58
N MET E 544 -1.73 -23.81 11.49
CA MET E 544 -2.72 -23.13 10.67
C MET E 544 -3.18 -21.77 11.17
N SER E 545 -3.14 -21.55 12.49
CA SER E 545 -3.42 -20.24 13.04
C SER E 545 -2.27 -19.26 12.78
N GLY E 546 -1.09 -19.79 12.44
CA GLY E 546 0.09 -18.96 12.24
C GLY E 546 0.99 -18.84 13.47
N GLU E 547 0.62 -19.53 14.55
CA GLU E 547 1.28 -19.36 15.83
C GLU E 547 2.54 -20.19 15.98
N ALA E 548 2.54 -21.38 15.40
CA ALA E 548 3.69 -22.28 15.47
C ALA E 548 3.81 -23.04 14.15
N ALA E 549 4.19 -22.30 13.12
CA ALA E 549 4.20 -22.84 11.76
C ALA E 549 5.42 -23.70 11.47
N PHE E 550 6.48 -23.55 12.26
CA PHE E 550 7.77 -24.13 11.95
C PHE E 550 7.93 -25.41 12.73
N TYR E 551 6.99 -26.29 12.49
CA TYR E 551 6.89 -27.52 13.25
C TYR E 551 8.14 -28.39 13.17
N GLY E 552 8.66 -28.76 14.34
CA GLY E 552 9.83 -29.63 14.45
C GLY E 552 11.15 -28.95 14.16
N LEU E 553 11.10 -27.65 13.92
CA LEU E 553 12.32 -26.90 13.79
C LEU E 553 12.60 -26.17 15.10
N GLN E 554 13.59 -26.65 15.84
CA GLN E 554 14.04 -25.95 17.02
C GLN E 554 14.79 -24.67 16.62
N PRO E 555 14.76 -23.64 17.50
CA PRO E 555 15.59 -22.47 17.31
C PRO E 555 17.07 -22.82 17.19
N VAL E 556 17.82 -22.08 16.39
CA VAL E 556 19.24 -22.34 16.25
C VAL E 556 20.08 -21.09 16.52
N ASP E 557 20.99 -21.18 17.48
CA ASP E 557 21.93 -20.10 17.79
C ASP E 557 23.06 -20.05 16.79
N SER E 558 23.90 -19.03 16.91
CA SER E 558 24.92 -18.76 15.92
C SER E 558 26.18 -19.62 16.09
N ASP E 559 26.28 -20.40 17.16
CA ASP E 559 27.33 -21.43 17.26
C ASP E 559 26.75 -22.85 17.14
N LEU E 560 25.49 -22.94 16.70
CA LEU E 560 24.81 -24.19 16.41
C LEU E 560 24.75 -25.16 17.61
N HIS E 561 24.57 -24.62 18.81
CA HIS E 561 24.38 -25.41 20.03
C HIS E 561 23.15 -26.28 19.97
N ALA E 562 22.13 -25.83 19.24
CA ALA E 562 20.92 -26.62 19.07
C ALA E 562 21.12 -27.94 18.32
N PHE E 563 22.26 -28.11 17.62
CA PHE E 563 22.54 -29.36 16.92
C PHE E 563 23.69 -30.08 17.60
N ALA E 564 23.39 -31.19 18.25
CA ALA E 564 24.43 -32.00 18.89
C ALA E 564 25.46 -32.49 17.87
N ALA E 565 24.99 -32.88 16.69
CA ALA E 565 25.89 -33.35 15.63
C ALA E 565 26.89 -32.26 15.23
N HIS E 566 26.39 -31.04 15.07
CA HIS E 566 27.25 -29.94 14.69
C HIS E 566 28.25 -29.61 15.83
N GLN E 567 27.81 -29.72 17.09
CA GLN E 567 28.77 -29.56 18.22
C GLN E 567 29.87 -30.57 18.13
N SER E 568 29.50 -31.78 17.80
CA SER E 568 30.48 -32.86 17.66
C SER E 568 31.51 -32.55 16.55
N LEU E 569 31.04 -31.88 15.52
CA LEU E 569 31.87 -31.45 14.41
C LEU E 569 32.83 -30.34 14.86
N LEU E 570 32.32 -29.37 15.60
CA LEU E 570 33.18 -28.28 16.10
C LEU E 570 34.23 -28.78 17.08
N LYS E 571 33.90 -29.77 17.88
CA LYS E 571 34.87 -30.33 18.83
C LYS E 571 35.97 -31.02 18.07
N ALA E 572 35.61 -31.73 17.01
CA ALA E 572 36.60 -32.33 16.13
C ALA E 572 37.47 -31.25 15.49
N TYR E 573 36.88 -30.14 15.06
CA TYR E 573 37.61 -29.07 14.45
C TYR E 573 38.61 -28.45 15.43
N GLU E 574 38.17 -28.20 16.65
CA GLU E 574 39.06 -27.63 17.65
C GLU E 574 40.30 -28.43 17.88
N LYS E 575 40.19 -29.76 17.81
CA LYS E 575 41.38 -30.58 17.92
C LYS E 575 42.40 -30.21 16.84
N LEU E 576 41.91 -29.90 15.66
CA LEU E 576 42.76 -29.49 14.54
C LEU E 576 43.26 -28.05 14.72
N GLN E 577 42.41 -27.15 15.20
CA GLN E 577 42.82 -25.79 15.49
C GLN E 577 44.00 -25.78 16.47
N ARG E 578 43.93 -26.60 17.51
CA ARG E 578 45.02 -26.65 18.48
C ARG E 578 46.32 -27.08 17.83
N ALA E 579 46.24 -28.17 17.09
CA ALA E 579 47.39 -28.67 16.33
C ALA E 579 47.99 -27.60 15.39
N LYS E 580 47.13 -26.85 14.71
CA LYS E 580 47.61 -25.78 13.79
C LYS E 580 48.38 -24.65 14.50
N ALA E 581 47.80 -24.03 15.52
CA ALA E 581 48.54 -23.02 16.30
C ALA E 581 49.92 -23.52 16.82
N GLY F 8 -28.06 -68.55 13.42
CA GLY F 8 -28.57 -68.50 12.00
C GLY F 8 -28.33 -69.73 11.13
N LYS F 9 -27.66 -70.75 11.68
CA LYS F 9 -27.39 -71.99 10.95
C LYS F 9 -28.33 -73.14 11.30
N ASP F 10 -28.77 -73.87 10.26
CA ASP F 10 -29.70 -74.99 10.41
C ASP F 10 -29.01 -76.33 10.65
N ALA F 11 -27.75 -76.31 11.05
CA ALA F 11 -27.05 -77.54 11.40
C ALA F 11 -25.84 -77.20 12.24
N ALA F 12 -25.27 -78.22 12.88
CA ALA F 12 -24.12 -78.03 13.76
C ALA F 12 -22.85 -77.87 12.92
N LEU F 13 -21.92 -77.06 13.40
CA LEU F 13 -20.68 -76.81 12.64
C LEU F 13 -19.99 -78.10 12.25
N GLU F 14 -19.92 -79.05 13.19
CA GLU F 14 -19.15 -80.28 12.99
C GLU F 14 -19.78 -81.19 11.93
N ASP F 15 -21.10 -81.13 11.85
CA ASP F 15 -21.85 -81.85 10.85
C ASP F 15 -21.61 -81.27 9.48
N SER F 16 -21.73 -79.95 9.35
CA SER F 16 -21.49 -79.28 8.07
C SER F 16 -20.08 -79.62 7.56
N ILE F 17 -19.11 -79.55 8.48
CA ILE F 17 -17.73 -79.79 8.10
C ILE F 17 -17.56 -81.20 7.55
N ALA F 18 -18.01 -82.19 8.33
CA ALA F 18 -17.83 -83.58 7.97
C ALA F 18 -18.54 -83.87 6.66
N ARG F 19 -19.74 -83.34 6.53
CA ARG F 19 -20.55 -83.54 5.34
C ARG F 19 -19.88 -82.95 4.10
N PHE F 20 -19.48 -81.68 4.20
CA PHE F 20 -18.84 -81.00 3.06
C PHE F 20 -17.52 -81.65 2.68
N GLN F 21 -16.72 -82.01 3.68
CA GLN F 21 -15.47 -82.72 3.42
C GLN F 21 -15.71 -84.03 2.68
N GLN F 22 -16.66 -84.82 3.18
CA GLN F 22 -16.96 -86.11 2.55
C GLN F 22 -17.42 -85.93 1.09
N LYS F 23 -18.32 -84.99 0.86
CA LYS F 23 -18.84 -84.77 -0.50
C LYS F 23 -17.76 -84.31 -1.47
N LEU F 24 -16.86 -83.41 -1.02
CA LEU F 24 -15.79 -82.96 -1.91
C LEU F 24 -14.94 -84.13 -2.36
N SER F 25 -14.58 -84.95 -1.39
CA SER F 25 -13.82 -86.15 -1.67
C SER F 25 -14.55 -87.07 -2.66
N ASP F 26 -15.86 -87.30 -2.43
CA ASP F 26 -16.68 -88.12 -3.34
C ASP F 26 -16.68 -87.59 -4.77
N LEU F 27 -16.73 -86.26 -4.92
CA LEU F 27 -16.75 -85.63 -6.24
C LEU F 27 -15.39 -85.70 -6.94
N GLY F 28 -14.36 -86.08 -6.20
CA GLY F 28 -13.03 -86.22 -6.75
C GLY F 28 -12.14 -85.03 -6.47
N PHE F 29 -12.53 -84.19 -5.51
CA PHE F 29 -11.74 -83.01 -5.17
C PHE F 29 -10.92 -83.27 -3.93
N GLN F 30 -9.64 -82.92 -4.02
CA GLN F 30 -8.68 -83.03 -2.92
C GLN F 30 -8.37 -81.62 -2.46
N ILE F 31 -9.00 -81.21 -1.37
CA ILE F 31 -8.92 -79.86 -0.88
C ILE F 31 -8.06 -79.83 0.36
N GLU F 32 -7.12 -78.89 0.43
CA GLU F 32 -6.24 -78.77 1.58
C GLU F 32 -6.45 -77.42 2.26
N GLU F 33 -6.33 -77.40 3.58
CA GLU F 33 -6.30 -76.17 4.35
C GLU F 33 -4.86 -75.66 4.30
N ALA F 34 -4.65 -74.48 3.76
CA ALA F 34 -3.30 -74.00 3.48
C ALA F 34 -2.76 -73.08 4.56
N SER F 35 -3.61 -72.26 5.16
CA SER F 35 -3.13 -71.34 6.21
C SER F 35 -4.28 -70.87 7.07
N TRP F 36 -3.99 -70.66 8.34
CA TRP F 36 -4.98 -70.39 9.38
C TRP F 36 -4.58 -69.13 10.10
N LEU F 37 -5.56 -68.30 10.44
CA LEU F 37 -5.25 -67.10 11.19
C LEU F 37 -6.25 -66.93 12.31
N ASN F 38 -5.77 -66.35 13.40
CA ASN F 38 -6.57 -66.03 14.57
C ASN F 38 -5.96 -64.78 15.19
N PRO F 39 -6.11 -63.65 14.48
CA PRO F 39 -5.37 -62.43 14.81
C PRO F 39 -5.84 -61.73 16.07
N VAL F 40 -7.12 -61.87 16.41
CA VAL F 40 -7.65 -61.37 17.69
C VAL F 40 -8.64 -62.39 18.27
N PRO F 41 -9.02 -62.23 19.55
CA PRO F 41 -9.96 -63.18 20.11
C PRO F 41 -11.30 -63.19 19.34
N ASN F 42 -11.80 -64.39 19.06
CA ASN F 42 -13.11 -64.58 18.43
C ASN F 42 -13.15 -64.17 16.95
N VAL F 43 -11.98 -64.18 16.30
CA VAL F 43 -11.88 -63.95 14.86
C VAL F 43 -10.90 -64.94 14.26
N TRP F 44 -11.40 -65.74 13.34
CA TRP F 44 -10.62 -66.74 12.62
C TRP F 44 -10.78 -66.57 11.12
N SER F 45 -9.81 -67.10 10.39
CA SER F 45 -9.89 -67.24 8.94
C SER F 45 -9.01 -68.38 8.51
N VAL F 46 -9.30 -68.91 7.32
CA VAL F 46 -8.54 -70.03 6.77
C VAL F 46 -8.62 -69.93 5.25
N HIS F 47 -7.60 -70.43 4.57
CA HIS F 47 -7.54 -70.47 3.12
C HIS F 47 -7.53 -71.92 2.72
N ILE F 48 -8.39 -72.30 1.79
CA ILE F 48 -8.45 -73.69 1.32
C ILE F 48 -8.32 -73.71 -0.19
N ARG F 49 -7.75 -74.78 -0.73
CA ARG F 49 -7.47 -74.84 -2.16
C ARG F 49 -7.44 -76.24 -2.69
N ASP F 50 -7.60 -76.35 -4.01
CA ASP F 50 -7.57 -77.61 -4.71
C ASP F 50 -6.12 -77.98 -4.95
N LYS F 51 -5.68 -79.09 -4.36
CA LYS F 51 -4.31 -79.58 -4.58
C LYS F 51 -3.98 -79.84 -6.05
N GLU F 52 -4.99 -80.05 -6.88
CA GLU F 52 -4.76 -80.33 -8.30
C GLU F 52 -5.11 -79.17 -9.22
N CYS F 53 -5.54 -78.05 -8.68
CA CYS F 53 -5.80 -76.88 -9.51
C CYS F 53 -5.58 -75.60 -8.72
N ALA F 54 -4.51 -74.91 -9.07
CA ALA F 54 -4.07 -73.70 -8.37
C ALA F 54 -5.07 -72.56 -8.47
N LEU F 55 -5.92 -72.60 -9.50
CA LEU F 55 -6.89 -71.52 -9.72
C LEU F 55 -8.14 -71.64 -8.86
N CYS F 56 -8.26 -72.72 -8.09
CA CYS F 56 -9.46 -72.99 -7.32
C CYS F 56 -9.16 -72.95 -5.83
N PHE F 57 -9.68 -71.93 -5.17
CA PHE F 57 -9.50 -71.78 -3.74
C PHE F 57 -10.60 -70.88 -3.19
N THR F 58 -10.84 -70.95 -1.89
CA THR F 58 -11.72 -70.01 -1.23
C THR F 58 -11.14 -69.70 0.11
N ASN F 59 -11.80 -68.81 0.82
CA ASN F 59 -11.42 -68.45 2.16
C ASN F 59 -12.59 -68.52 3.11
N GLY F 60 -12.28 -68.87 4.36
CA GLY F 60 -13.29 -68.96 5.39
C GLY F 60 -13.11 -67.87 6.40
N LYS F 61 -14.19 -67.54 7.10
CA LYS F 61 -14.14 -66.62 8.22
C LYS F 61 -15.20 -66.99 9.26
N GLY F 62 -14.99 -66.57 10.50
CA GLY F 62 -15.91 -66.90 11.59
C GLY F 62 -15.38 -66.60 12.97
N ALA F 63 -16.21 -66.81 13.98
CA ALA F 63 -15.85 -66.47 15.34
C ALA F 63 -15.12 -67.61 16.09
N THR F 64 -15.03 -68.77 15.44
CA THR F 64 -14.29 -69.89 15.96
C THR F 64 -13.62 -70.59 14.79
N LYS F 65 -12.68 -71.46 15.11
CA LYS F 65 -11.96 -72.18 14.08
C LYS F 65 -12.94 -73.01 13.23
N LYS F 66 -13.78 -73.83 13.90
CA LYS F 66 -14.82 -74.66 13.19
C LYS F 66 -15.70 -73.76 12.30
N ALA F 67 -16.18 -72.64 12.81
CA ALA F 67 -17.03 -71.75 12.01
C ALA F 67 -16.31 -71.25 10.76
N ALA F 68 -15.03 -70.96 10.87
CA ALA F 68 -14.25 -70.53 9.71
C ALA F 68 -14.05 -71.65 8.69
N LEU F 69 -13.83 -72.87 9.15
CA LEU F 69 -13.65 -73.97 8.23
C LEU F 69 -14.96 -74.27 7.52
N ALA F 70 -16.07 -74.22 8.25
CA ALA F 70 -17.37 -74.46 7.63
C ALA F 70 -17.66 -73.38 6.57
N SER F 71 -17.29 -72.15 6.89
CA SER F 71 -17.40 -71.03 5.95
C SER F 71 -16.57 -71.24 4.68
N ALA F 72 -15.34 -71.71 4.85
CA ALA F 72 -14.47 -71.93 3.69
C ALA F 72 -15.04 -72.98 2.75
N LEU F 73 -15.46 -74.08 3.37
CA LEU F 73 -16.04 -75.21 2.64
C LEU F 73 -17.39 -74.87 2.00
N GLY F 74 -18.20 -74.08 2.71
CA GLY F 74 -19.46 -73.60 2.18
C GLY F 74 -19.26 -72.70 0.97
N GLU F 75 -18.30 -71.79 1.08
CA GLU F 75 -17.91 -70.98 -0.08
C GLU F 75 -17.39 -71.85 -1.22
N TYR F 76 -16.63 -72.90 -0.89
CA TYR F 76 -16.13 -73.80 -1.91
C TYR F 76 -17.32 -74.42 -2.69
N PHE F 77 -18.35 -74.88 -1.98
CA PHE F 77 -19.52 -75.44 -2.67
C PHE F 77 -20.30 -74.40 -3.44
N GLU F 78 -20.38 -73.20 -2.90
CA GLU F 78 -20.99 -72.07 -3.59
C GLU F 78 -20.32 -71.76 -4.95
N ARG F 79 -18.99 -71.74 -4.96
CA ARG F 79 -18.26 -71.41 -6.18
C ARG F 79 -18.19 -72.59 -7.14
N LEU F 80 -18.08 -73.80 -6.63
CA LEU F 80 -18.18 -74.99 -7.50
C LEU F 80 -19.55 -75.08 -8.16
N SER F 81 -20.62 -74.94 -7.38
CA SER F 81 -21.98 -75.12 -7.90
C SER F 81 -22.34 -74.11 -8.99
N THR F 82 -21.79 -72.89 -8.88
CA THR F 82 -22.10 -71.81 -9.81
C THR F 82 -21.08 -71.72 -10.94
N ASN F 83 -20.17 -72.70 -11.00
CA ASN F 83 -19.05 -72.68 -11.94
C ASN F 83 -18.17 -71.41 -11.86
N TYR F 84 -18.15 -70.73 -10.70
CA TYR F 84 -17.54 -69.40 -10.64
C TYR F 84 -16.01 -69.39 -10.78
N PHE F 85 -15.35 -70.47 -10.35
CA PHE F 85 -13.90 -70.61 -10.55
C PHE F 85 -13.50 -70.51 -12.03
N PHE F 86 -14.45 -70.79 -12.93
CA PHE F 86 -14.15 -70.86 -14.35
C PHE F 86 -14.60 -69.62 -15.12
N ALA F 87 -15.20 -68.68 -14.39
CA ALA F 87 -15.89 -67.54 -14.98
C ALA F 87 -15.04 -66.61 -15.81
N ASP F 88 -13.74 -66.56 -15.56
CA ASP F 88 -12.86 -65.64 -16.28
C ASP F 88 -12.08 -66.33 -17.39
N PHE F 89 -12.46 -67.57 -17.74
CA PHE F 89 -11.70 -68.38 -18.69
C PHE F 89 -12.55 -68.90 -19.84
N TRP F 90 -11.91 -68.99 -21.01
CA TRP F 90 -12.45 -69.72 -22.14
C TRP F 90 -12.16 -71.20 -21.84
N LEU F 91 -13.15 -72.07 -22.05
CA LEU F 91 -13.03 -73.47 -21.69
C LEU F 91 -12.68 -74.40 -22.84
N GLY F 92 -12.38 -73.83 -24.01
CA GLY F 92 -11.86 -74.59 -25.14
C GLY F 92 -12.91 -75.11 -26.10
N GLU F 93 -12.44 -75.61 -27.24
CA GLU F 93 -13.31 -75.98 -28.36
C GLU F 93 -14.18 -77.20 -28.05
N THR F 94 -13.58 -78.21 -27.42
CA THR F 94 -14.33 -79.40 -27.06
C THR F 94 -15.50 -79.03 -26.14
N ILE F 95 -15.23 -78.36 -25.02
CA ILE F 95 -16.30 -77.97 -24.11
C ILE F 95 -17.33 -77.10 -24.83
N ALA F 96 -16.85 -76.19 -25.68
CA ALA F 96 -17.74 -75.27 -26.39
C ALA F 96 -18.76 -75.97 -27.28
N ASN F 97 -18.37 -77.10 -27.86
CA ASN F 97 -19.21 -77.81 -28.82
C ASN F 97 -19.83 -79.11 -28.23
N GLY F 98 -19.62 -79.35 -26.94
CA GLY F 98 -20.15 -80.52 -26.25
C GLY F 98 -21.62 -80.43 -25.87
N PRO F 99 -22.14 -81.47 -25.20
CA PRO F 99 -23.57 -81.55 -24.87
C PRO F 99 -24.08 -80.29 -24.17
N PHE F 100 -23.39 -79.88 -23.12
CA PHE F 100 -23.70 -78.63 -22.43
C PHE F 100 -22.41 -77.98 -21.89
N VAL F 101 -22.36 -76.65 -21.90
CA VAL F 101 -21.20 -75.91 -21.42
C VAL F 101 -21.31 -75.63 -19.92
N HIS F 102 -22.42 -75.00 -19.53
CA HIS F 102 -22.64 -74.60 -18.14
C HIS F 102 -23.47 -75.59 -17.33
N TYR F 103 -24.70 -75.83 -17.79
CA TYR F 103 -25.63 -76.76 -17.12
C TYR F 103 -26.47 -77.50 -18.17
N PRO F 104 -26.87 -78.74 -17.87
CA PRO F 104 -27.73 -79.49 -18.79
C PRO F 104 -29.03 -78.76 -19.10
N ASN F 105 -29.55 -78.00 -18.13
CA ASN F 105 -30.79 -77.26 -18.33
C ASN F 105 -30.62 -75.84 -18.87
N GLU F 106 -29.43 -75.52 -19.38
CA GLU F 106 -29.19 -74.27 -20.08
C GLU F 106 -29.95 -74.28 -21.39
N LYS F 107 -30.19 -73.11 -21.98
CA LYS F 107 -30.88 -73.00 -23.26
C LYS F 107 -30.10 -72.08 -24.21
N TRP F 108 -29.92 -72.52 -25.45
CA TRP F 108 -29.15 -71.81 -26.45
C TRP F 108 -30.08 -71.14 -27.43
N PHE F 109 -29.89 -69.84 -27.63
CA PHE F 109 -30.73 -69.01 -28.49
C PHE F 109 -29.91 -68.50 -29.67
N PRO F 110 -30.12 -69.08 -30.87
CA PRO F 110 -29.30 -68.67 -32.02
C PRO F 110 -29.44 -67.19 -32.38
N LEU F 111 -28.40 -66.63 -32.98
CA LEU F 111 -28.43 -65.23 -33.37
C LEU F 111 -29.43 -65.00 -34.50
N THR F 112 -30.10 -63.86 -34.45
CA THR F 112 -31.09 -63.48 -35.45
C THR F 112 -30.43 -62.70 -36.58
N GLU F 113 -31.11 -62.59 -37.72
CA GLU F 113 -30.58 -61.88 -38.89
C GLU F 113 -30.45 -60.37 -38.64
N ASN F 114 -31.44 -59.77 -37.98
CA ASN F 114 -31.40 -58.38 -37.39
C ASN F 114 -30.35 -58.16 -36.29
N ASP F 115 -29.84 -59.27 -35.78
CA ASP F 115 -29.00 -59.29 -34.60
C ASP F 115 -29.68 -58.59 -33.42
N ASP F 116 -31.01 -58.71 -33.34
CA ASP F 116 -31.74 -58.36 -32.11
C ASP F 116 -31.49 -59.52 -31.10
N VAL F 117 -31.85 -59.24 -29.86
CA VAL F 117 -31.75 -60.23 -28.81
C VAL F 117 -32.96 -61.16 -28.94
N PRO F 118 -32.72 -62.47 -29.14
CA PRO F 118 -33.82 -63.39 -29.34
C PRO F 118 -34.91 -63.23 -28.30
N GLU F 119 -36.13 -63.50 -28.78
CA GLU F 119 -37.30 -63.30 -28.02
C GLU F 119 -37.23 -64.71 -27.33
N GLY F 120 -37.64 -64.81 -26.07
CA GLY F 120 -37.35 -66.00 -25.24
C GLY F 120 -36.34 -65.73 -24.12
N LEU F 121 -35.47 -64.74 -24.29
CA LEU F 121 -34.41 -64.49 -23.28
C LEU F 121 -34.65 -63.92 -21.90
N LEU F 122 -35.02 -62.70 -21.77
CA LEU F 122 -35.04 -62.09 -20.43
C LEU F 122 -36.54 -62.08 -20.14
N ASP F 123 -37.03 -60.93 -19.70
CA ASP F 123 -38.43 -60.65 -19.61
C ASP F 123 -38.53 -59.13 -19.78
N ASP F 124 -39.71 -58.56 -19.71
CA ASP F 124 -39.87 -57.16 -20.08
C ASP F 124 -39.12 -56.23 -19.14
N ARG F 125 -39.21 -56.48 -17.84
CA ARG F 125 -38.59 -55.63 -16.82
C ARG F 125 -37.05 -55.69 -16.92
N LEU F 126 -36.51 -56.89 -17.07
CA LEU F 126 -35.10 -57.09 -17.35
C LEU F 126 -34.63 -56.33 -18.61
N ARG F 127 -35.34 -56.49 -19.73
CA ARG F 127 -35.01 -55.72 -20.95
C ARG F 127 -34.96 -54.22 -20.72
N ALA F 128 -35.95 -53.70 -20.02
CA ALA F 128 -36.01 -52.28 -19.73
C ALA F 128 -34.86 -51.82 -18.81
N PHE F 129 -34.42 -52.69 -17.91
CA PHE F 129 -33.35 -52.36 -17.00
C PHE F 129 -31.96 -52.42 -17.66
N TYR F 130 -31.63 -53.50 -18.37
CA TYR F 130 -30.33 -53.61 -19.05
C TYR F 130 -30.23 -52.73 -20.30
N ASP F 131 -31.35 -52.52 -20.97
CA ASP F 131 -31.33 -51.95 -22.31
C ASP F 131 -32.45 -50.93 -22.50
N PRO F 132 -32.44 -49.86 -21.69
CA PRO F 132 -33.49 -48.86 -21.80
C PRO F 132 -33.60 -48.26 -23.21
N GLU F 133 -32.49 -48.09 -23.91
CA GLU F 133 -32.48 -47.52 -25.26
C GLU F 133 -32.71 -48.53 -26.41
N ASN F 134 -32.90 -49.81 -26.10
CA ASN F 134 -33.02 -50.89 -27.11
C ASN F 134 -31.87 -51.07 -28.06
N GLU F 135 -30.65 -50.90 -27.56
CA GLU F 135 -29.47 -50.98 -28.39
C GLU F 135 -28.67 -52.27 -28.22
N LEU F 136 -29.22 -53.24 -27.47
CA LEU F 136 -28.55 -54.51 -27.26
C LEU F 136 -28.65 -55.32 -28.50
N THR F 137 -27.53 -55.90 -28.92
CA THR F 137 -27.51 -56.90 -29.99
C THR F 137 -27.23 -58.29 -29.41
N GLY F 138 -27.59 -59.32 -30.17
CA GLY F 138 -27.37 -60.68 -29.73
C GLY F 138 -25.91 -61.10 -29.69
N SER F 139 -25.13 -60.63 -30.67
CA SER F 139 -23.75 -61.04 -30.83
C SER F 139 -22.80 -60.51 -29.76
N MET F 140 -23.25 -59.53 -28.98
CA MET F 140 -22.46 -59.00 -27.87
C MET F 140 -22.75 -59.81 -26.58
N LEU F 141 -23.67 -60.79 -26.62
CA LEU F 141 -24.00 -61.59 -25.43
C LEU F 141 -23.56 -63.06 -25.48
N ILE F 142 -22.54 -63.33 -26.28
CA ILE F 142 -21.95 -64.66 -26.32
C ILE F 142 -21.10 -64.86 -25.07
N ASP F 143 -21.35 -65.95 -24.37
CA ASP F 143 -20.59 -66.28 -23.20
C ASP F 143 -19.10 -66.41 -23.43
N LEU F 144 -18.31 -65.92 -22.46
CA LEU F 144 -16.86 -66.12 -22.47
C LEU F 144 -16.42 -67.59 -22.53
N GLN F 145 -17.09 -68.44 -21.77
CA GLN F 145 -16.62 -69.82 -21.58
C GLN F 145 -16.65 -70.63 -22.86
N SER F 146 -17.67 -70.40 -23.68
CA SER F 146 -17.86 -71.13 -24.93
C SER F 146 -17.24 -70.36 -26.06
N GLY F 147 -17.51 -69.06 -26.11
CA GLY F 147 -17.14 -68.25 -27.25
C GLY F 147 -17.83 -68.69 -28.54
N ASN F 148 -18.95 -69.42 -28.41
CA ASN F 148 -19.51 -70.14 -29.54
C ASN F 148 -20.65 -69.35 -30.16
N GLU F 149 -20.28 -68.40 -31.01
CA GLU F 149 -21.25 -67.53 -31.66
C GLU F 149 -22.26 -68.31 -32.52
N ASP F 150 -21.79 -69.35 -33.22
CA ASP F 150 -22.67 -70.17 -34.07
C ASP F 150 -23.75 -70.88 -33.26
N ARG F 151 -23.39 -71.42 -32.11
CA ARG F 151 -24.37 -72.04 -31.23
C ARG F 151 -25.30 -70.99 -30.59
N GLY F 152 -24.81 -69.76 -30.43
CA GLY F 152 -25.64 -68.65 -30.00
C GLY F 152 -25.45 -68.23 -28.55
N ILE F 153 -26.48 -67.58 -28.03
CA ILE F 153 -26.47 -67.01 -26.70
C ILE F 153 -26.93 -68.04 -25.70
N CYS F 154 -26.06 -68.35 -24.74
CA CYS F 154 -26.39 -69.32 -23.71
C CYS F 154 -27.08 -68.61 -22.57
N GLY F 155 -28.31 -69.04 -22.28
CA GLY F 155 -29.10 -68.48 -21.19
C GLY F 155 -29.23 -69.49 -20.08
N LEU F 156 -29.16 -69.04 -18.83
CA LEU F 156 -29.32 -69.92 -17.68
C LEU F 156 -30.71 -69.68 -17.09
N PRO F 157 -31.37 -70.76 -16.61
CA PRO F 157 -32.69 -70.63 -16.04
C PRO F 157 -32.66 -70.14 -14.61
N PHE F 158 -33.44 -69.09 -14.35
CA PHE F 158 -33.69 -68.61 -12.99
C PHE F 158 -35.19 -68.62 -12.75
N THR F 159 -35.58 -68.84 -11.51
CA THR F 159 -36.98 -68.76 -11.13
C THR F 159 -37.33 -67.39 -10.61
N ARG F 160 -38.16 -66.67 -11.37
CA ARG F 160 -38.73 -65.41 -10.93
C ARG F 160 -39.62 -65.67 -9.74
N GLN F 161 -39.36 -65.02 -8.62
CA GLN F 161 -40.04 -65.37 -7.36
C GLN F 161 -41.50 -64.94 -7.28
N SER F 162 -41.87 -63.82 -7.88
CA SER F 162 -43.23 -63.32 -7.75
C SER F 162 -44.27 -64.32 -8.31
N ASP F 163 -43.96 -64.96 -9.44
CA ASP F 163 -44.90 -65.87 -10.11
C ASP F 163 -44.34 -67.26 -10.42
N ASN F 164 -43.16 -67.58 -9.90
CA ASN F 164 -42.52 -68.88 -10.10
C ASN F 164 -42.15 -69.28 -11.55
N GLN F 165 -42.05 -68.30 -12.45
CA GLN F 165 -41.76 -68.55 -13.87
C GLN F 165 -40.25 -68.65 -14.10
N THR F 166 -39.86 -69.63 -14.91
CA THR F 166 -38.50 -69.74 -15.36
C THR F 166 -38.21 -68.64 -16.37
N VAL F 167 -37.10 -67.95 -16.16
CA VAL F 167 -36.62 -66.90 -17.04
C VAL F 167 -35.17 -67.23 -17.39
N TYR F 168 -34.81 -67.09 -18.66
CA TYR F 168 -33.45 -67.37 -19.10
C TYR F 168 -32.66 -66.07 -19.19
N ILE F 169 -31.58 -66.00 -18.41
CA ILE F 169 -30.73 -64.82 -18.39
C ILE F 169 -29.40 -65.23 -18.99
N PRO F 170 -28.91 -64.51 -20.01
CA PRO F 170 -27.66 -64.88 -20.69
C PRO F 170 -26.51 -64.95 -19.70
N MET F 171 -25.68 -65.97 -19.82
CA MET F 171 -24.47 -66.14 -18.99
C MET F 171 -23.62 -64.87 -19.06
N ASN F 172 -23.53 -64.30 -20.25
CA ASN F 172 -22.77 -63.08 -20.48
C ASN F 172 -23.22 -61.92 -19.58
N ILE F 173 -24.53 -61.78 -19.38
CA ILE F 173 -25.03 -60.68 -18.54
C ILE F 173 -24.77 -61.00 -17.09
N ILE F 174 -24.99 -62.25 -16.70
CA ILE F 174 -24.75 -62.67 -15.32
C ILE F 174 -23.28 -62.45 -14.95
N GLY F 175 -22.39 -62.99 -15.79
CA GLY F 175 -20.96 -62.93 -15.57
C GLY F 175 -20.41 -61.53 -15.50
N ASN F 176 -20.87 -60.64 -16.38
CA ASN F 176 -20.36 -59.27 -16.41
C ASN F 176 -20.92 -58.39 -15.32
N LEU F 177 -22.19 -58.59 -14.94
CA LEU F 177 -22.84 -57.62 -14.07
C LEU F 177 -22.93 -58.01 -12.59
N TYR F 178 -23.03 -59.32 -12.33
CA TYR F 178 -23.29 -59.82 -10.96
C TYR F 178 -22.12 -60.56 -10.35
N VAL F 179 -21.22 -61.04 -11.20
CA VAL F 179 -20.04 -61.75 -10.74
C VAL F 179 -20.42 -62.69 -9.60
N SER F 180 -19.74 -62.65 -8.46
CA SER F 180 -20.01 -63.57 -7.36
C SER F 180 -21.01 -63.02 -6.33
N ASN F 181 -21.63 -61.89 -6.61
CA ASN F 181 -22.56 -61.29 -5.65
C ASN F 181 -23.90 -62.06 -5.69
N GLY F 182 -24.36 -62.44 -4.52
CA GLY F 182 -25.64 -63.11 -4.39
C GLY F 182 -25.60 -64.63 -4.54
N MET F 183 -24.40 -65.21 -4.59
CA MET F 183 -24.29 -66.67 -4.59
C MET F 183 -24.31 -67.08 -3.14
N SER F 184 -24.61 -68.35 -2.91
CA SER F 184 -24.64 -68.90 -1.56
C SER F 184 -24.73 -70.40 -1.61
N ALA F 185 -24.21 -71.05 -0.57
CA ALA F 185 -24.44 -72.46 -0.30
C ALA F 185 -24.83 -72.60 1.17
N GLY F 186 -25.35 -73.78 1.54
CA GLY F 186 -25.81 -73.95 2.92
C GLY F 186 -26.20 -75.36 3.28
N ASN F 187 -26.47 -75.54 4.56
CA ASN F 187 -26.97 -76.81 5.09
C ASN F 187 -28.39 -77.10 4.60
N THR F 188 -29.18 -76.05 4.42
CA THR F 188 -30.51 -76.17 3.86
C THR F 188 -30.75 -75.07 2.82
N ARG F 189 -31.81 -75.27 2.05
CA ARG F 189 -32.27 -74.33 1.04
C ARG F 189 -32.49 -72.92 1.61
N ASN F 190 -33.21 -72.80 2.72
CA ASN F 190 -33.50 -71.48 3.27
C ASN F 190 -32.33 -70.82 3.99
N GLU F 191 -31.49 -71.61 4.67
CA GLU F 191 -30.28 -71.06 5.30
C GLU F 191 -29.39 -70.40 4.23
N ALA F 192 -29.19 -71.12 3.12
CA ALA F 192 -28.42 -70.62 1.98
C ALA F 192 -29.06 -69.37 1.38
N ARG F 193 -30.37 -69.43 1.17
CA ARG F 193 -31.09 -68.32 0.53
C ARG F 193 -31.08 -67.08 1.40
N VAL F 194 -31.16 -67.26 2.70
CA VAL F 194 -31.08 -66.13 3.63
C VAL F 194 -29.69 -65.48 3.55
N GLN F 195 -28.64 -66.30 3.50
CA GLN F 195 -27.28 -65.78 3.37
C GLN F 195 -27.11 -65.00 2.06
N GLY F 196 -27.60 -65.56 0.96
CA GLY F 196 -27.53 -64.92 -0.34
C GLY F 196 -28.32 -63.63 -0.44
N LEU F 197 -29.53 -63.62 0.09
CA LEU F 197 -30.33 -62.40 0.10
C LEU F 197 -29.69 -61.33 0.98
N SER F 198 -29.13 -61.77 2.11
CA SER F 198 -28.42 -60.85 3.01
C SER F 198 -27.19 -60.24 2.32
N GLU F 199 -26.49 -61.05 1.52
CA GLU F 199 -25.34 -60.58 0.76
C GLU F 199 -25.73 -59.49 -0.22
N VAL F 200 -26.90 -59.65 -0.84
CA VAL F 200 -27.42 -58.62 -1.72
C VAL F 200 -27.63 -57.33 -0.92
N PHE F 201 -28.20 -57.44 0.27
CA PHE F 201 -28.41 -56.25 1.08
C PHE F 201 -27.08 -55.62 1.48
N GLU F 202 -26.14 -56.43 1.93
CA GLU F 202 -24.78 -55.96 2.29
C GLU F 202 -24.18 -55.06 1.21
N ARG F 203 -24.09 -55.59 -0.01
CA ARG F 203 -23.43 -54.86 -1.07
C ARG F 203 -24.24 -53.69 -1.60
N TYR F 204 -25.57 -53.83 -1.65
CA TYR F 204 -26.41 -52.73 -2.13
C TYR F 204 -26.35 -51.57 -1.16
N VAL F 205 -26.41 -51.87 0.12
CA VAL F 205 -26.46 -50.83 1.14
C VAL F 205 -25.06 -50.22 1.31
N LYS F 206 -24.06 -51.08 1.26
CA LYS F 206 -22.66 -50.63 1.23
C LYS F 206 -22.46 -49.57 0.14
N ASN F 207 -22.90 -49.86 -1.08
CA ASN F 207 -22.75 -48.90 -2.15
C ASN F 207 -23.46 -47.60 -1.89
N ARG F 208 -24.65 -47.65 -1.31
CA ARG F 208 -25.37 -46.41 -0.97
C ARG F 208 -24.61 -45.60 0.07
N ILE F 209 -24.17 -46.28 1.11
CA ILE F 209 -23.44 -45.62 2.21
C ILE F 209 -22.17 -44.92 1.69
N ILE F 210 -21.40 -45.64 0.89
CA ILE F 210 -20.15 -45.10 0.34
C ILE F 210 -20.44 -44.02 -0.69
N ALA F 211 -21.27 -44.34 -1.69
CA ALA F 211 -21.52 -43.41 -2.77
C ALA F 211 -22.18 -42.10 -2.33
N GLU F 212 -23.02 -42.16 -1.32
CA GLU F 212 -23.78 -40.99 -0.91
C GLU F 212 -23.12 -40.26 0.28
N SER F 213 -21.98 -40.78 0.77
CA SER F 213 -21.22 -40.13 1.85
C SER F 213 -22.09 -39.97 3.08
N ILE F 214 -22.78 -41.05 3.42
CA ILE F 214 -23.71 -41.04 4.51
C ILE F 214 -22.94 -41.13 5.83
N SER F 215 -23.32 -40.29 6.80
CA SER F 215 -22.82 -40.43 8.16
C SER F 215 -23.72 -41.41 8.87
N LEU F 216 -23.15 -42.52 9.34
CA LEU F 216 -23.91 -43.54 10.05
C LEU F 216 -23.87 -43.31 11.56
N PRO F 217 -24.88 -43.85 12.27
CA PRO F 217 -24.97 -43.79 13.72
C PRO F 217 -24.23 -44.92 14.37
N GLU F 218 -23.58 -44.61 15.49
CA GLU F 218 -22.80 -45.61 16.23
C GLU F 218 -23.74 -46.55 16.92
N ILE F 219 -23.32 -47.80 17.04
CA ILE F 219 -24.02 -48.78 17.83
C ILE F 219 -23.70 -48.47 19.29
N PRO F 220 -24.70 -48.08 20.10
CA PRO F 220 -24.42 -47.71 21.50
C PRO F 220 -23.74 -48.85 22.25
N ALA F 221 -22.93 -48.48 23.22
CA ALA F 221 -22.15 -49.48 23.99
C ALA F 221 -23.02 -50.57 24.66
N ASP F 222 -24.22 -50.21 25.12
CA ASP F 222 -25.08 -51.19 25.79
C ASP F 222 -25.67 -52.22 24.83
N VAL F 223 -25.81 -51.86 23.56
CA VAL F 223 -26.16 -52.83 22.53
C VAL F 223 -24.98 -53.75 22.24
N LEU F 224 -23.79 -53.18 22.09
CA LEU F 224 -22.59 -53.99 21.79
C LEU F 224 -22.33 -55.00 22.89
N ALA F 225 -22.63 -54.61 24.13
CA ALA F 225 -22.41 -55.48 25.29
C ALA F 225 -23.16 -56.80 25.19
N ARG F 226 -24.24 -56.84 24.40
CA ARG F 226 -24.95 -58.09 24.17
C ARG F 226 -24.11 -59.11 23.43
N TYR F 227 -23.02 -58.68 22.81
CA TYR F 227 -22.18 -59.56 21.98
C TYR F 227 -20.74 -59.45 22.45
N PRO F 228 -20.45 -60.08 23.61
CA PRO F 228 -19.11 -59.93 24.21
C PRO F 228 -17.95 -60.50 23.38
N ALA F 229 -18.19 -61.53 22.57
CA ALA F 229 -17.13 -62.11 21.72
C ALA F 229 -16.63 -61.06 20.71
N VAL F 230 -17.57 -60.34 20.10
CA VAL F 230 -17.24 -59.23 19.20
C VAL F 230 -16.59 -58.05 19.93
N VAL F 231 -17.11 -57.69 21.11
CA VAL F 231 -16.54 -56.62 21.92
C VAL F 231 -15.07 -56.90 22.27
N GLU F 232 -14.75 -58.15 22.60
CA GLU F 232 -13.38 -58.54 22.91
C GLU F 232 -12.48 -58.34 21.67
N ALA F 233 -12.98 -58.73 20.50
CA ALA F 233 -12.21 -58.57 19.27
C ALA F 233 -11.90 -57.10 19.03
N ILE F 234 -12.92 -56.26 19.16
CA ILE F 234 -12.76 -54.82 18.97
C ILE F 234 -11.77 -54.20 19.99
N GLU F 235 -11.92 -54.53 21.28
CA GLU F 235 -10.99 -54.02 22.34
C GLU F 235 -9.59 -54.32 22.00
N THR F 236 -9.37 -55.56 21.57
CA THR F 236 -8.05 -56.02 21.26
C THR F 236 -7.49 -55.19 20.11
N LEU F 237 -8.26 -55.02 19.05
CA LEU F 237 -7.84 -54.20 17.93
C LEU F 237 -7.46 -52.80 18.38
N GLU F 238 -8.31 -52.22 19.23
CA GLU F 238 -8.04 -50.87 19.72
C GLU F 238 -6.81 -50.80 20.58
N ALA F 239 -6.59 -51.82 21.40
CA ALA F 239 -5.40 -51.91 22.21
C ALA F 239 -4.16 -52.05 21.36
N GLU F 240 -4.28 -52.72 20.21
CA GLU F 240 -3.17 -52.89 19.29
C GLU F 240 -2.91 -51.67 18.39
N GLY F 241 -3.62 -50.56 18.61
CA GLY F 241 -3.40 -49.32 17.90
C GLY F 241 -4.31 -49.06 16.71
N PHE F 242 -5.43 -49.79 16.63
CA PHE F 242 -6.38 -49.62 15.51
C PHE F 242 -7.75 -49.16 15.98
N PRO F 243 -8.03 -47.86 15.86
CA PRO F 243 -9.37 -47.42 16.28
C PRO F 243 -10.48 -48.06 15.45
N ILE F 244 -11.57 -48.44 16.11
CA ILE F 244 -12.72 -49.09 15.46
C ILE F 244 -13.98 -48.25 15.63
N PHE F 245 -14.71 -48.08 14.53
CA PHE F 245 -16.03 -47.47 14.56
C PHE F 245 -17.03 -48.57 14.26
N ALA F 246 -18.00 -48.77 15.14
CA ALA F 246 -19.05 -49.76 14.90
C ALA F 246 -20.35 -49.02 14.64
N TYR F 247 -20.84 -49.14 13.41
CA TYR F 247 -21.99 -48.38 12.94
C TYR F 247 -23.18 -49.27 12.60
N ASP F 248 -24.37 -48.72 12.82
CA ASP F 248 -25.61 -49.34 12.31
C ASP F 248 -25.82 -48.85 10.88
N GLY F 249 -25.82 -49.76 9.91
CA GLY F 249 -26.01 -49.40 8.50
C GLY F 249 -27.41 -49.69 7.93
N SER F 250 -28.40 -49.80 8.81
CA SER F 250 -29.77 -50.10 8.41
C SER F 250 -30.47 -48.94 7.74
N LEU F 251 -29.87 -47.75 7.81
CA LEU F 251 -30.45 -46.53 7.22
C LEU F 251 -31.85 -46.27 7.74
N GLY F 252 -31.95 -46.23 9.06
CA GLY F 252 -33.21 -45.97 9.73
C GLY F 252 -34.06 -47.23 9.95
N GLY F 253 -33.41 -48.38 10.07
CA GLY F 253 -34.10 -49.62 10.34
C GLY F 253 -34.61 -50.36 9.11
N GLN F 254 -34.26 -49.89 7.91
CA GLN F 254 -34.78 -50.50 6.67
C GLN F 254 -34.10 -51.80 6.29
N TYR F 255 -32.79 -51.88 6.51
CA TYR F 255 -32.04 -53.02 5.97
C TYR F 255 -31.18 -53.66 7.04
N PRO F 256 -30.98 -54.98 6.99
CA PRO F 256 -30.28 -55.69 8.03
C PRO F 256 -28.75 -55.63 7.87
N VAL F 257 -28.20 -54.43 7.94
CA VAL F 257 -26.80 -54.18 7.58
C VAL F 257 -26.03 -53.45 8.67
N ILE F 258 -24.82 -53.94 8.90
CA ILE F 258 -23.86 -53.35 9.82
C ILE F 258 -22.60 -52.90 9.05
N CYS F 259 -21.99 -51.80 9.52
CA CYS F 259 -20.73 -51.30 8.99
C CYS F 259 -19.73 -51.12 10.12
N VAL F 260 -18.55 -51.69 9.96
CA VAL F 260 -17.47 -51.51 10.92
C VAL F 260 -16.23 -50.96 10.20
N VAL F 261 -15.70 -49.86 10.73
CA VAL F 261 -14.53 -49.22 10.12
C VAL F 261 -13.30 -49.26 11.01
N LEU F 262 -12.18 -49.65 10.42
CA LEU F 262 -10.88 -49.63 11.09
C LEU F 262 -10.03 -48.46 10.59
N PHE F 263 -9.34 -47.79 11.52
CA PHE F 263 -8.36 -46.75 11.20
C PHE F 263 -7.01 -47.34 11.45
N ASN F 264 -6.05 -47.00 10.58
CA ASN F 264 -4.66 -47.33 10.82
C ASN F 264 -3.87 -46.03 10.93
N PRO F 265 -3.71 -45.52 12.18
CA PRO F 265 -3.01 -44.25 12.38
C PRO F 265 -1.58 -44.25 11.81
N ALA F 266 -0.95 -45.41 11.69
CA ALA F 266 0.42 -45.49 11.20
C ALA F 266 0.57 -45.02 9.76
N ASN F 267 -0.53 -45.01 9.00
CA ASN F 267 -0.47 -44.51 7.62
C ASN F 267 -1.66 -43.63 7.22
N GLY F 268 -2.49 -43.25 8.18
CA GLY F 268 -3.61 -42.32 7.92
C GLY F 268 -4.75 -42.89 7.09
N THR F 269 -4.92 -44.20 7.10
CA THR F 269 -5.88 -44.86 6.23
C THR F 269 -7.07 -45.41 7.02
N CYS F 270 -8.14 -45.74 6.29
CA CYS F 270 -9.27 -46.45 6.88
C CYS F 270 -9.66 -47.61 6.00
N PHE F 271 -10.41 -48.53 6.60
CA PHE F 271 -10.90 -49.71 5.94
C PHE F 271 -12.32 -49.99 6.47
N ALA F 272 -13.30 -49.79 5.60
CA ALA F 272 -14.71 -50.02 5.92
C ALA F 272 -15.19 -51.41 5.50
N SER F 273 -15.70 -52.16 6.49
CA SER F 273 -16.25 -53.47 6.25
C SER F 273 -17.75 -53.45 6.50
N PHE F 274 -18.43 -54.35 5.81
CA PHE F 274 -19.87 -54.38 5.82
C PHE F 274 -20.34 -55.82 5.95
N GLY F 275 -21.51 -55.99 6.58
CA GLY F 275 -22.06 -57.30 6.81
C GLY F 275 -23.56 -57.25 7.00
N ALA F 276 -24.24 -58.35 6.67
CA ALA F 276 -25.68 -58.37 6.76
C ALA F 276 -26.22 -59.72 7.16
N HIS F 277 -27.28 -59.66 7.95
CA HIS F 277 -28.05 -60.85 8.37
C HIS F 277 -29.27 -60.36 9.14
N PRO F 278 -30.36 -61.16 9.12
CA PRO F 278 -31.57 -60.77 9.87
C PRO F 278 -31.33 -60.61 11.37
N ASP F 279 -30.48 -61.46 11.91
CA ASP F 279 -30.00 -61.32 13.27
C ASP F 279 -28.89 -60.25 13.40
N PHE F 280 -29.17 -59.22 14.20
CA PHE F 280 -28.27 -58.10 14.41
C PHE F 280 -26.85 -58.54 14.82
N GLY F 281 -26.76 -59.47 15.77
CA GLY F 281 -25.49 -59.99 16.26
C GLY F 281 -24.72 -60.79 15.23
N VAL F 282 -25.43 -61.57 14.42
CA VAL F 282 -24.76 -62.32 13.35
C VAL F 282 -24.16 -61.35 12.30
N ALA F 283 -24.91 -60.30 11.99
CA ALA F 283 -24.50 -59.29 11.02
C ALA F 283 -23.27 -58.55 11.51
N LEU F 284 -23.28 -58.17 12.79
CA LEU F 284 -22.18 -57.47 13.43
C LEU F 284 -20.91 -58.32 13.44
N GLU F 285 -21.06 -59.56 13.87
CA GLU F 285 -19.95 -60.48 13.84
C GLU F 285 -19.36 -60.66 12.44
N ARG F 286 -20.21 -60.99 11.46
CA ARG F 286 -19.80 -61.22 10.08
C ARG F 286 -19.03 -59.97 9.49
N THR F 287 -19.37 -58.77 9.94
CA THR F 287 -18.69 -57.56 9.51
C THR F 287 -17.25 -57.50 10.03
N VAL F 288 -17.05 -57.90 11.30
CA VAL F 288 -15.76 -57.88 11.95
C VAL F 288 -14.88 -59.01 11.43
N THR F 289 -15.45 -60.19 11.25
CA THR F 289 -14.64 -61.34 10.78
C THR F 289 -14.22 -61.13 9.30
N GLU F 290 -15.04 -60.39 8.55
CA GLU F 290 -14.72 -60.05 7.15
C GLU F 290 -13.52 -59.12 7.12
N LEU F 291 -13.56 -58.12 7.99
CA LEU F 291 -12.49 -57.14 8.16
C LEU F 291 -11.11 -57.80 8.20
N LEU F 292 -10.97 -58.83 9.01
CA LEU F 292 -9.68 -59.45 9.28
C LEU F 292 -9.44 -60.74 8.50
N GLN F 293 -10.35 -61.14 7.61
CA GLN F 293 -10.04 -62.36 6.82
C GLN F 293 -9.07 -61.93 5.67
N GLY F 294 -8.12 -62.68 5.11
CA GLY F 294 -6.95 -63.30 5.74
C GLY F 294 -5.82 -62.31 6.01
N ARG F 295 -6.00 -61.57 7.09
CA ARG F 295 -5.10 -60.53 7.51
C ARG F 295 -4.67 -60.71 8.96
N GLY F 296 -3.37 -60.77 9.19
CA GLY F 296 -2.85 -60.55 10.54
C GLY F 296 -2.84 -59.06 10.84
N LEU F 297 -2.48 -58.71 12.07
CA LEU F 297 -2.39 -57.31 12.50
C LEU F 297 -1.31 -56.50 11.75
N LYS F 298 -0.41 -57.19 11.06
CA LYS F 298 0.58 -56.59 10.19
C LYS F 298 0.16 -56.28 8.76
N ASP F 299 -1.01 -56.78 8.37
CA ASP F 299 -1.43 -56.75 6.97
C ASP F 299 -2.53 -55.72 6.75
N LEU F 300 -2.60 -54.71 7.63
CA LEU F 300 -3.65 -53.69 7.60
C LEU F 300 -3.14 -52.37 7.00
N ASP F 301 -2.19 -52.52 6.08
CA ASP F 301 -1.39 -51.40 5.58
C ASP F 301 -1.68 -51.06 4.12
N VAL F 302 -2.71 -51.70 3.53
CA VAL F 302 -2.94 -51.59 2.09
C VAL F 302 -4.17 -50.73 1.72
N PHE F 303 -4.68 -49.97 2.67
CA PHE F 303 -5.91 -49.21 2.45
C PHE F 303 -5.64 -47.75 2.13
N THR F 304 -6.67 -46.93 2.16
CA THR F 304 -6.60 -45.61 1.60
C THR F 304 -7.08 -44.57 2.61
N PRO F 305 -6.50 -43.36 2.54
CA PRO F 305 -7.02 -42.32 3.43
C PRO F 305 -8.45 -41.92 3.05
N PRO F 306 -9.25 -41.51 4.02
CA PRO F 306 -10.53 -40.91 3.68
C PRO F 306 -10.36 -39.64 2.87
N THR F 307 -11.45 -39.18 2.28
CA THR F 307 -11.40 -38.00 1.42
C THR F 307 -12.63 -37.12 1.66
N PHE F 308 -12.52 -35.86 1.23
CA PHE F 308 -13.65 -34.94 1.15
C PHE F 308 -14.24 -34.85 -0.27
N ASP F 309 -13.64 -35.53 -1.24
CA ASP F 309 -14.09 -35.43 -2.62
C ASP F 309 -15.33 -36.28 -2.83
N ASP F 310 -16.49 -35.64 -2.84
CA ASP F 310 -17.79 -36.34 -2.96
C ASP F 310 -17.93 -37.13 -4.29
N GLU F 311 -17.49 -36.54 -5.38
CA GLU F 311 -17.71 -37.08 -6.71
C GLU F 311 -16.91 -38.34 -6.92
N GLU F 312 -15.66 -38.31 -6.46
CA GLU F 312 -14.77 -39.48 -6.62
C GLU F 312 -15.19 -40.69 -5.80
N VAL F 313 -15.81 -40.43 -4.66
CA VAL F 313 -16.35 -41.49 -3.83
C VAL F 313 -17.57 -42.15 -4.46
N ALA F 314 -18.35 -41.36 -5.19
CA ALA F 314 -19.58 -41.86 -5.85
C ALA F 314 -19.27 -42.54 -7.19
N GLU F 315 -18.12 -42.25 -7.79
CA GLU F 315 -17.72 -42.86 -9.05
C GLU F 315 -17.92 -44.37 -9.01
N HIS F 316 -18.56 -44.94 -10.04
CA HIS F 316 -18.85 -46.36 -10.01
C HIS F 316 -17.57 -47.21 -9.96
N THR F 317 -16.49 -46.71 -10.55
CA THR F 317 -15.20 -47.42 -10.46
C THR F 317 -14.75 -47.53 -9.00
N ASN F 318 -15.01 -46.50 -8.19
CA ASN F 318 -14.65 -46.55 -6.79
C ASN F 318 -15.43 -47.65 -6.07
N LEU F 319 -16.71 -47.78 -6.41
CA LEU F 319 -17.54 -48.86 -5.86
C LEU F 319 -17.09 -50.22 -6.35
N GLU F 320 -16.65 -50.29 -7.60
CA GLU F 320 -16.16 -51.56 -8.12
C GLU F 320 -14.90 -51.95 -7.37
N THR F 321 -14.01 -50.99 -7.15
CA THR F 321 -12.77 -51.26 -6.41
C THR F 321 -13.11 -51.79 -5.02
N HIS F 322 -14.04 -51.12 -4.34
CA HIS F 322 -14.47 -51.61 -3.04
C HIS F 322 -14.95 -53.05 -3.11
N PHE F 323 -15.61 -53.44 -4.19
CA PHE F 323 -16.08 -54.81 -4.29
C PHE F 323 -14.90 -55.74 -4.44
N ILE F 324 -13.95 -55.35 -5.29
CA ILE F 324 -12.81 -56.20 -5.58
C ILE F 324 -11.89 -56.38 -4.37
N ASP F 325 -11.48 -55.29 -3.71
CA ASP F 325 -10.54 -55.42 -2.56
C ASP F 325 -10.71 -54.43 -1.41
N SER F 326 -11.88 -53.81 -1.32
CA SER F 326 -12.21 -52.85 -0.27
C SER F 326 -11.25 -51.65 -0.10
N SER F 327 -10.34 -51.46 -1.05
CA SER F 327 -9.32 -50.41 -0.98
C SER F 327 -9.79 -49.13 -1.68
N GLY F 328 -11.10 -48.96 -1.83
CA GLY F 328 -11.62 -47.77 -2.45
C GLY F 328 -11.63 -46.62 -1.48
N LEU F 329 -12.06 -45.47 -1.98
CA LEU F 329 -12.20 -44.27 -1.19
C LEU F 329 -13.48 -44.26 -0.34
N ILE F 330 -13.35 -43.68 0.86
CA ILE F 330 -14.43 -43.49 1.82
C ILE F 330 -14.46 -42.02 2.23
N SER F 331 -15.64 -41.45 2.27
CA SER F 331 -15.80 -40.05 2.67
C SER F 331 -15.54 -39.90 4.17
N TRP F 332 -14.87 -38.81 4.51
CA TRP F 332 -14.75 -38.38 5.89
C TRP F 332 -16.13 -38.25 6.56
N ASP F 333 -17.15 -37.90 5.78
CA ASP F 333 -18.49 -37.73 6.32
C ASP F 333 -19.05 -38.98 7.01
N LEU F 334 -18.54 -40.15 6.67
CA LEU F 334 -18.96 -41.35 7.37
C LEU F 334 -18.74 -41.22 8.87
N PHE F 335 -17.70 -40.47 9.24
CA PHE F 335 -17.23 -40.39 10.62
C PHE F 335 -17.68 -39.13 11.33
N LYS F 336 -18.58 -38.39 10.70
CA LYS F 336 -19.14 -37.22 11.34
C LYS F 336 -19.81 -37.55 12.67
N GLN F 337 -19.79 -36.55 13.56
CA GLN F 337 -20.37 -36.67 14.89
C GLN F 337 -21.90 -36.91 14.75
N ASP F 338 -22.56 -36.09 13.96
CA ASP F 338 -24.00 -36.24 13.69
C ASP F 338 -24.27 -37.24 12.56
N ALA F 339 -25.08 -38.25 12.88
CA ALA F 339 -25.49 -39.27 11.92
C ALA F 339 -26.65 -38.77 11.10
N ASP F 340 -26.78 -39.31 9.89
CA ASP F 340 -27.88 -38.94 9.01
C ASP F 340 -29.14 -39.80 9.24
N TYR F 341 -29.00 -40.84 10.04
CA TYR F 341 -30.12 -41.66 10.46
C TYR F 341 -29.92 -41.93 11.94
N PRO F 342 -31.01 -42.04 12.72
CA PRO F 342 -30.79 -42.41 14.10
C PRO F 342 -30.49 -43.90 14.19
N PHE F 343 -29.79 -44.30 15.23
CA PHE F 343 -29.56 -45.70 15.48
C PHE F 343 -30.90 -46.43 15.62
N VAL F 344 -31.00 -47.63 15.08
CA VAL F 344 -32.16 -48.48 15.34
C VAL F 344 -31.67 -49.86 15.77
N ASP F 345 -32.13 -50.33 16.92
CA ASP F 345 -31.74 -51.64 17.43
C ASP F 345 -32.59 -52.67 16.71
N TRP F 346 -32.26 -52.91 15.44
CA TRP F 346 -33.14 -53.67 14.55
C TRP F 346 -33.01 -55.18 14.76
N ASN F 347 -34.03 -55.89 14.30
CA ASN F 347 -34.13 -57.33 14.39
C ASN F 347 -35.12 -57.85 13.35
N PHE F 348 -34.67 -58.75 12.49
CA PHE F 348 -35.52 -59.40 11.50
C PHE F 348 -35.41 -60.92 11.67
N SER F 349 -34.93 -61.38 12.83
CA SER F 349 -34.59 -62.79 12.98
C SER F 349 -35.77 -63.70 13.20
N GLY F 350 -35.49 -64.98 13.12
CA GLY F 350 -36.45 -66.06 13.32
C GLY F 350 -35.84 -67.34 12.77
N THR F 351 -36.68 -68.26 12.30
CA THR F 351 -36.17 -69.49 11.66
C THR F 351 -35.69 -69.08 10.28
N THR F 352 -34.97 -69.98 9.62
CA THR F 352 -34.49 -69.68 8.27
C THR F 352 -35.64 -69.52 7.28
N GLU F 353 -36.68 -70.32 7.44
CA GLU F 353 -37.93 -70.14 6.71
C GLU F 353 -38.54 -68.73 6.92
N GLU F 354 -38.68 -68.31 8.18
CA GLU F 354 -39.27 -66.99 8.46
C GLU F 354 -38.37 -65.89 7.93
N GLU F 355 -37.06 -66.09 8.10
CA GLU F 355 -36.09 -65.10 7.65
C GLU F 355 -36.17 -64.90 6.14
N PHE F 356 -36.30 -65.98 5.38
CA PHE F 356 -36.44 -65.87 3.94
C PHE F 356 -37.64 -65.03 3.56
N ALA F 357 -38.77 -65.32 4.19
CA ALA F 357 -39.99 -64.57 3.90
C ALA F 357 -39.84 -63.11 4.32
N THR F 358 -39.23 -62.88 5.50
CA THR F 358 -39.02 -61.50 5.97
C THR F 358 -38.17 -60.67 4.97
N LEU F 359 -37.12 -61.28 4.43
CA LEU F 359 -36.24 -60.58 3.49
C LEU F 359 -36.91 -60.38 2.12
N MET F 360 -37.65 -61.38 1.67
CA MET F 360 -38.42 -61.22 0.44
C MET F 360 -39.44 -60.09 0.53
N ALA F 361 -40.03 -59.91 1.72
CA ALA F 361 -40.97 -58.79 1.96
C ALA F 361 -40.32 -57.44 1.73
N ILE F 362 -39.04 -57.31 2.10
CA ILE F 362 -38.31 -56.07 1.85
C ILE F 362 -38.13 -55.85 0.35
N PHE F 363 -37.71 -56.88 -0.39
CA PHE F 363 -37.60 -56.74 -1.83
C PHE F 363 -38.94 -56.42 -2.47
N ASN F 364 -40.00 -57.11 -2.02
CA ASN F 364 -41.35 -56.81 -2.52
C ASN F 364 -41.66 -55.33 -2.31
N LYS F 365 -41.40 -54.82 -1.12
CA LYS F 365 -41.62 -53.41 -0.83
C LYS F 365 -40.76 -52.45 -1.67
N GLU F 366 -39.55 -52.86 -2.03
CA GLU F 366 -38.71 -52.08 -2.95
C GLU F 366 -39.22 -52.17 -4.38
N ASP F 367 -40.19 -53.05 -4.61
CA ASP F 367 -40.69 -53.33 -5.95
C ASP F 367 -39.55 -53.84 -6.82
N LYS F 368 -38.78 -54.76 -6.29
CA LYS F 368 -37.66 -55.31 -7.01
C LYS F 368 -37.83 -56.80 -7.15
N GLU F 369 -37.96 -57.25 -8.39
CA GLU F 369 -38.09 -58.67 -8.67
C GLU F 369 -36.84 -59.40 -8.26
N VAL F 370 -37.01 -60.62 -7.77
CA VAL F 370 -35.92 -61.47 -7.34
C VAL F 370 -35.92 -62.73 -8.17
N TYR F 371 -34.76 -63.08 -8.72
CA TYR F 371 -34.61 -64.28 -9.54
C TYR F 371 -33.63 -65.23 -8.87
N ILE F 372 -34.02 -66.49 -8.68
CA ILE F 372 -33.18 -67.47 -7.98
C ILE F 372 -32.97 -68.74 -8.80
N ALA F 373 -31.71 -69.10 -9.01
CA ALA F 373 -31.34 -70.39 -9.60
C ALA F 373 -30.89 -71.27 -8.47
N ASP F 374 -31.43 -72.49 -8.44
CA ASP F 374 -31.09 -73.47 -7.42
C ASP F 374 -30.18 -74.52 -8.03
N TYR F 375 -29.22 -74.98 -7.22
CA TYR F 375 -28.24 -75.99 -7.65
C TYR F 375 -28.09 -76.99 -6.54
N GLU F 376 -28.22 -78.25 -6.87
CA GLU F 376 -28.09 -79.32 -5.90
C GLU F 376 -27.26 -80.46 -6.44
N HIS F 377 -26.69 -80.26 -7.63
CA HIS F 377 -26.00 -81.34 -8.34
C HIS F 377 -24.69 -81.78 -7.68
N LEU F 378 -24.19 -80.99 -6.73
CA LEU F 378 -23.02 -81.39 -5.98
C LEU F 378 -23.35 -81.94 -4.61
N GLY F 379 -24.63 -82.23 -4.36
CA GLY F 379 -25.05 -82.82 -3.09
C GLY F 379 -25.13 -81.84 -1.93
N VAL F 380 -25.03 -80.55 -2.23
CA VAL F 380 -25.19 -79.48 -1.25
C VAL F 380 -26.05 -78.44 -1.90
N TYR F 381 -26.94 -77.83 -1.15
CA TYR F 381 -27.76 -76.80 -1.76
C TYR F 381 -26.91 -75.55 -1.99
N ALA F 382 -27.01 -75.01 -3.20
CA ALA F 382 -26.42 -73.73 -3.53
C ALA F 382 -27.43 -72.97 -4.35
N CYS F 383 -27.30 -71.66 -4.35
CA CYS F 383 -28.15 -70.81 -5.16
C CYS F 383 -27.39 -69.62 -5.68
N ARG F 384 -27.99 -68.97 -6.67
CA ARG F 384 -27.48 -67.73 -7.20
C ARG F 384 -28.67 -66.82 -7.42
N ILE F 385 -28.65 -65.68 -6.75
CA ILE F 385 -29.77 -64.76 -6.69
C ILE F 385 -29.42 -63.45 -7.40
N ILE F 386 -30.23 -63.07 -8.38
CA ILE F 386 -30.11 -61.80 -9.07
C ILE F 386 -31.30 -60.91 -8.70
N VAL F 387 -31.02 -59.67 -8.33
CA VAL F 387 -32.03 -58.67 -8.09
C VAL F 387 -31.64 -57.43 -8.92
N PRO F 388 -32.06 -57.38 -10.20
CA PRO F 388 -31.71 -56.25 -11.02
C PRO F 388 -32.10 -54.93 -10.40
N GLY F 389 -31.12 -54.02 -10.30
CA GLY F 389 -31.33 -52.73 -9.66
C GLY F 389 -30.93 -52.73 -8.19
N MET F 390 -30.51 -53.88 -7.67
CA MET F 390 -29.97 -53.95 -6.31
C MET F 390 -28.71 -54.79 -6.19
N SER F 391 -28.69 -55.98 -6.79
CA SER F 391 -27.55 -56.87 -6.64
C SER F 391 -26.46 -56.66 -7.69
N ASP F 392 -26.66 -55.74 -8.64
CA ASP F 392 -25.66 -55.49 -9.69
C ASP F 392 -24.38 -54.95 -9.08
N ILE F 393 -23.25 -55.45 -9.56
CA ILE F 393 -21.95 -54.91 -9.14
C ILE F 393 -21.41 -53.91 -10.18
N TYR F 394 -21.64 -54.19 -11.46
CA TYR F 394 -21.20 -53.33 -12.53
C TYR F 394 -22.43 -52.75 -13.25
N PRO F 395 -22.33 -51.53 -13.78
CA PRO F 395 -23.49 -50.96 -14.48
C PRO F 395 -23.74 -51.62 -15.83
N ALA F 396 -25.00 -51.61 -16.26
CA ALA F 396 -25.39 -52.28 -17.50
C ALA F 396 -24.65 -51.73 -18.73
N GLU F 397 -24.22 -50.47 -18.70
CA GLU F 397 -23.45 -49.92 -19.82
C GLU F 397 -22.15 -50.73 -20.08
N ASP F 398 -21.66 -51.45 -19.07
CA ASP F 398 -20.50 -52.31 -19.23
C ASP F 398 -20.70 -53.47 -20.20
N LEU F 399 -21.95 -53.85 -20.44
CA LEU F 399 -22.24 -54.80 -21.51
C LEU F 399 -21.73 -54.33 -22.87
N TRP F 400 -21.78 -53.02 -23.11
CA TRP F 400 -21.20 -52.39 -24.30
C TRP F 400 -19.73 -52.01 -24.14
N LEU F 401 -19.36 -51.47 -22.99
CA LEU F 401 -18.05 -50.80 -22.81
C LEU F 401 -16.94 -51.66 -22.19
N ALA F 402 -17.29 -52.66 -21.38
CA ALA F 402 -16.30 -53.49 -20.67
C ALA F 402 -16.77 -54.93 -20.61
N ASN F 403 -17.10 -55.49 -21.76
CA ASN F 403 -17.64 -56.84 -21.82
C ASN F 403 -16.51 -57.85 -21.83
N ASN F 404 -16.53 -58.80 -20.90
CA ASN F 404 -15.45 -59.77 -20.81
C ASN F 404 -15.37 -60.77 -21.99
N SER F 405 -16.30 -60.73 -22.93
CA SER F 405 -16.17 -61.57 -24.14
C SER F 405 -15.81 -60.71 -25.37
N MET F 406 -15.62 -59.42 -25.17
CA MET F 406 -15.13 -58.51 -26.23
C MET F 406 -13.95 -58.92 -27.13
N GLY F 407 -13.01 -59.72 -26.66
CA GLY F 407 -11.86 -60.12 -27.48
C GLY F 407 -11.91 -61.54 -27.97
N SER F 408 -13.04 -62.21 -27.79
CA SER F 408 -13.22 -63.59 -28.24
C SER F 408 -12.93 -63.73 -29.72
N HIS F 409 -13.39 -62.78 -30.52
CA HIS F 409 -13.26 -62.85 -31.98
C HIS F 409 -11.79 -62.83 -32.44
N LEU F 410 -10.89 -62.31 -31.61
CA LEU F 410 -9.48 -62.27 -31.95
C LEU F 410 -8.69 -63.46 -31.42
N ARG F 411 -9.33 -64.33 -30.65
CA ARG F 411 -8.59 -65.39 -29.96
C ARG F 411 -7.82 -66.25 -30.94
N GLU F 412 -8.51 -66.80 -31.92
CA GLU F 412 -7.88 -67.71 -32.87
C GLU F 412 -6.69 -67.07 -33.57
N THR F 413 -6.88 -65.86 -34.05
CA THR F 413 -5.79 -65.11 -34.68
C THR F 413 -4.55 -64.94 -33.77
N ILE F 414 -4.77 -64.51 -32.54
CA ILE F 414 -3.67 -64.19 -31.65
C ILE F 414 -2.94 -65.47 -31.24
N LEU F 415 -3.70 -66.51 -30.93
CA LEU F 415 -3.09 -67.78 -30.57
C LEU F 415 -2.30 -68.42 -31.71
N SER F 416 -2.57 -68.02 -32.96
CA SER F 416 -1.87 -68.56 -34.11
C SER F 416 -0.56 -67.84 -34.43
N LEU F 417 -0.27 -66.73 -33.74
CA LEU F 417 0.88 -65.91 -34.09
C LEU F 417 2.23 -66.60 -33.94
N PRO F 418 2.48 -67.29 -32.83
CA PRO F 418 3.72 -68.07 -32.77
C PRO F 418 3.83 -69.10 -33.89
N GLY F 419 4.89 -69.01 -34.68
CA GLY F 419 5.04 -69.91 -35.84
C GLY F 419 4.26 -69.48 -37.08
N SER F 420 3.50 -68.39 -36.98
CA SER F 420 2.78 -67.87 -38.13
C SER F 420 3.82 -67.37 -39.13
N GLU F 421 3.45 -67.34 -40.40
CA GLU F 421 4.37 -66.91 -41.45
C GLU F 421 3.62 -66.02 -42.44
N TRP F 422 2.90 -65.03 -41.92
CA TRP F 422 2.13 -64.12 -42.74
C TRP F 422 3.05 -63.16 -43.44
N GLU F 423 2.46 -62.39 -44.34
CA GLU F 423 3.14 -61.26 -44.97
C GLU F 423 3.29 -60.15 -43.91
N LYS F 424 4.41 -59.44 -43.99
CA LYS F 424 4.71 -58.39 -43.06
C LYS F 424 3.53 -57.46 -42.83
N GLU F 425 2.85 -57.10 -43.92
CA GLU F 425 1.75 -56.12 -43.85
C GLU F 425 0.60 -56.64 -42.96
N ASP F 426 0.40 -57.96 -42.92
CA ASP F 426 -0.67 -58.54 -42.09
C ASP F 426 -0.40 -58.33 -40.59
N TYR F 427 0.88 -58.45 -40.22
CA TYR F 427 1.26 -58.19 -38.85
C TYR F 427 1.01 -56.73 -38.48
N LEU F 428 1.41 -55.81 -39.36
CA LEU F 428 1.23 -54.37 -39.10
C LEU F 428 -0.24 -53.97 -39.12
N ASN F 429 -1.01 -54.63 -39.98
CA ASN F 429 -2.47 -54.42 -40.02
C ASN F 429 -3.15 -54.81 -38.73
N LEU F 430 -2.73 -55.92 -38.16
CA LEU F 430 -3.27 -56.34 -36.88
C LEU F 430 -3.01 -55.28 -35.77
N ILE F 431 -1.86 -54.61 -35.81
CA ILE F 431 -1.62 -53.50 -34.88
C ILE F 431 -2.73 -52.44 -35.02
N GLU F 432 -3.02 -52.05 -36.25
CA GLU F 432 -4.04 -51.04 -36.52
C GLU F 432 -5.40 -51.53 -36.06
N GLN F 433 -5.68 -52.82 -36.26
CA GLN F 433 -6.96 -53.38 -35.86
C GLN F 433 -7.13 -53.28 -34.34
N LEU F 434 -6.10 -53.62 -33.60
CA LEU F 434 -6.15 -53.50 -32.13
C LEU F 434 -6.40 -52.06 -31.70
N ASP F 435 -5.75 -51.10 -32.36
CA ASP F 435 -5.98 -49.68 -32.06
C ASP F 435 -7.39 -49.25 -32.36
N GLU F 436 -7.82 -49.52 -33.58
CA GLU F 436 -9.15 -49.14 -34.05
C GLU F 436 -10.25 -49.85 -33.22
N GLU F 437 -10.03 -51.07 -32.74
CA GLU F 437 -11.02 -51.70 -31.84
C GLU F 437 -10.93 -51.14 -30.40
N GLY F 438 -9.90 -50.35 -30.12
CA GLY F 438 -9.85 -49.56 -28.89
C GLY F 438 -9.47 -50.33 -27.65
N PHE F 439 -8.69 -51.40 -27.80
CA PHE F 439 -8.18 -52.12 -26.63
C PHE F 439 -7.09 -51.29 -25.94
N ASP F 440 -7.17 -51.23 -24.62
CA ASP F 440 -6.15 -50.58 -23.80
C ASP F 440 -4.86 -51.38 -23.93
N ASP F 441 -3.76 -50.64 -24.12
CA ASP F 441 -2.42 -51.25 -24.24
C ASP F 441 -2.04 -52.03 -23.01
N PHE F 442 -2.58 -51.62 -21.86
CA PHE F 442 -2.30 -52.29 -20.60
C PHE F 442 -3.04 -53.62 -20.39
N THR F 443 -4.03 -53.92 -21.22
CA THR F 443 -4.83 -55.10 -21.01
C THR F 443 -3.97 -56.33 -21.17
N ARG F 444 -4.12 -57.25 -20.23
CA ARG F 444 -3.46 -58.55 -20.32
C ARG F 444 -4.17 -59.40 -21.38
N VAL F 445 -3.40 -59.86 -22.37
CA VAL F 445 -3.93 -60.71 -23.42
C VAL F 445 -4.57 -61.96 -22.82
N ARG F 446 -3.95 -62.53 -21.79
CA ARG F 446 -4.53 -63.72 -21.16
C ARG F 446 -5.93 -63.48 -20.54
N GLU F 447 -6.17 -62.28 -20.03
CA GLU F 447 -7.46 -61.94 -19.45
C GLU F 447 -8.46 -61.68 -20.57
N LEU F 448 -8.03 -60.92 -21.56
CA LEU F 448 -8.82 -60.66 -22.73
C LEU F 448 -9.30 -61.93 -23.43
N LEU F 449 -8.47 -62.98 -23.44
CA LEU F 449 -8.80 -64.20 -24.16
C LEU F 449 -9.24 -65.34 -23.25
N GLY F 450 -9.16 -65.13 -21.94
CA GLY F 450 -9.60 -66.14 -20.96
C GLY F 450 -8.67 -67.35 -20.88
N LEU F 451 -7.36 -67.09 -20.74
CA LEU F 451 -6.35 -68.14 -20.70
C LEU F 451 -5.71 -68.27 -19.33
N ALA F 452 -5.75 -69.48 -18.80
CA ALA F 452 -4.96 -69.89 -17.66
C ALA F 452 -3.57 -70.34 -18.13
N THR F 453 -2.67 -69.38 -18.31
CA THR F 453 -1.40 -69.60 -18.98
C THR F 453 -0.39 -70.32 -18.12
N GLY F 454 -0.57 -70.24 -16.80
CA GLY F 454 0.50 -70.61 -15.89
C GLY F 454 1.51 -69.46 -15.86
N SER F 455 2.50 -69.57 -14.97
CA SER F 455 3.40 -68.45 -14.68
C SER F 455 4.74 -68.55 -15.41
N ASP F 456 4.95 -69.62 -16.18
CA ASP F 456 6.28 -69.96 -16.68
C ASP F 456 6.34 -69.85 -18.20
N ASN F 457 5.75 -68.79 -18.76
CA ASN F 457 5.92 -68.50 -20.17
C ASN F 457 5.56 -67.06 -20.38
N GLY F 458 5.80 -66.57 -21.57
CA GLY F 458 5.55 -65.17 -21.90
C GLY F 458 4.09 -64.73 -22.01
N TRP F 459 3.18 -65.68 -22.17
CA TRP F 459 1.75 -65.34 -22.24
C TRP F 459 1.26 -64.84 -20.90
N TYR F 460 1.91 -65.28 -19.83
CA TYR F 460 1.52 -64.92 -18.49
C TYR F 460 1.50 -63.41 -18.28
N THR F 461 2.52 -62.73 -18.83
CA THR F 461 2.73 -61.30 -18.60
C THR F 461 2.45 -60.46 -19.83
N LEU F 462 2.06 -61.09 -20.91
CA LEU F 462 1.84 -60.38 -22.17
C LEU F 462 0.68 -59.40 -22.16
N ARG F 463 0.99 -58.13 -22.39
CA ARG F 463 -0.03 -57.10 -22.55
C ARG F 463 -0.14 -56.67 -24.00
N ILE F 464 -1.24 -56.03 -24.33
CA ILE F 464 -1.48 -55.56 -25.70
C ILE F 464 -0.27 -54.77 -26.22
N GLY F 465 0.26 -53.86 -25.40
CA GLY F 465 1.42 -53.06 -25.81
C GLY F 465 2.60 -53.89 -26.23
N GLU F 466 2.87 -54.97 -25.49
CA GLU F 466 3.95 -55.89 -25.81
C GLU F 466 3.63 -56.69 -27.07
N LEU F 467 2.37 -57.08 -27.24
CA LEU F 467 1.94 -57.75 -28.46
C LEU F 467 2.21 -56.87 -29.67
N LYS F 468 1.98 -55.56 -29.52
CA LYS F 468 2.30 -54.63 -30.58
C LYS F 468 3.80 -54.61 -30.89
N ALA F 469 4.65 -54.71 -29.88
CA ALA F 469 6.09 -54.77 -30.13
C ALA F 469 6.42 -55.98 -30.98
N MET F 470 5.80 -57.10 -30.65
CA MET F 470 6.07 -58.37 -31.34
C MET F 470 5.58 -58.32 -32.78
N LEU F 471 4.37 -57.81 -32.97
CA LEU F 471 3.82 -57.63 -34.32
C LEU F 471 4.64 -56.65 -35.17
N ALA F 472 5.17 -55.60 -34.56
CA ALA F 472 6.01 -54.65 -35.27
C ALA F 472 7.27 -55.35 -35.78
N LEU F 473 7.87 -56.17 -34.93
CA LEU F 473 9.07 -56.92 -35.29
C LEU F 473 8.78 -57.91 -36.43
N ALA F 474 7.74 -58.72 -36.26
CA ALA F 474 7.30 -59.65 -37.29
C ALA F 474 6.99 -58.94 -38.60
N GLY F 475 6.43 -57.72 -38.49
CA GLY F 475 6.04 -56.92 -39.64
C GLY F 475 7.14 -56.04 -40.20
N GLY F 476 8.33 -56.11 -39.59
CA GLY F 476 9.49 -55.38 -40.09
C GLY F 476 9.51 -53.89 -39.83
N ASP F 477 8.67 -53.39 -38.93
CA ASP F 477 8.68 -51.97 -38.57
C ASP F 477 9.48 -51.74 -37.27
N LEU F 478 10.79 -51.49 -37.42
CA LEU F 478 11.67 -51.38 -36.27
C LEU F 478 11.49 -50.10 -35.45
N GLU F 479 10.88 -49.07 -36.03
CA GLU F 479 10.61 -47.87 -35.27
C GLU F 479 9.45 -48.13 -34.31
N GLN F 480 8.36 -48.71 -34.81
CA GLN F 480 7.26 -49.11 -33.92
C GLN F 480 7.74 -50.17 -32.93
N ALA F 481 8.59 -51.09 -33.38
CA ALA F 481 9.11 -52.10 -32.46
C ALA F 481 9.81 -51.45 -31.28
N LEU F 482 10.60 -50.41 -31.54
CA LEU F 482 11.34 -49.74 -30.50
C LEU F 482 10.36 -49.07 -29.52
N VAL F 483 9.40 -48.33 -30.04
CA VAL F 483 8.44 -47.65 -29.20
C VAL F 483 7.80 -48.61 -28.22
N TRP F 484 7.33 -49.76 -28.71
CA TRP F 484 6.55 -50.70 -27.89
C TRP F 484 7.41 -51.63 -27.10
N THR F 485 8.64 -51.81 -27.53
CA THR F 485 9.62 -52.48 -26.70
C THR F 485 9.98 -51.63 -25.45
N GLU F 486 10.11 -50.32 -25.62
CA GLU F 486 10.43 -49.46 -24.47
C GLU F 486 9.24 -49.42 -23.54
N TRP F 487 8.04 -49.26 -24.09
CA TRP F 487 6.81 -49.37 -23.32
C TRP F 487 6.78 -50.68 -22.53
N THR F 488 7.10 -51.78 -23.19
CA THR F 488 7.07 -53.09 -22.55
C THR F 488 7.94 -53.11 -21.31
N MET F 489 9.16 -52.63 -21.45
CA MET F 489 10.07 -52.64 -20.32
C MET F 489 9.68 -51.66 -19.23
N GLU F 490 9.24 -50.46 -19.63
CA GLU F 490 8.78 -49.47 -18.69
C GLU F 490 7.69 -50.01 -17.78
N PHE F 491 6.73 -50.75 -18.36
CA PHE F 491 5.55 -51.18 -17.62
C PHE F 491 5.46 -52.67 -17.29
N ASN F 492 6.48 -53.47 -17.64
CA ASN F 492 6.46 -54.91 -17.29
C ASN F 492 7.76 -55.55 -16.82
N SER F 493 8.90 -54.91 -17.02
CA SER F 493 10.17 -55.56 -16.67
C SER F 493 10.13 -56.12 -15.26
N SER F 494 9.48 -55.40 -14.34
CA SER F 494 9.43 -55.82 -12.93
C SER F 494 8.82 -57.21 -12.72
N VAL F 495 7.87 -57.62 -13.57
CA VAL F 495 7.22 -58.92 -13.41
C VAL F 495 7.79 -60.02 -14.33
N PHE F 496 8.67 -59.68 -15.25
CA PHE F 496 9.31 -60.70 -16.10
C PHE F 496 10.26 -61.56 -15.28
N SER F 497 10.42 -62.81 -15.71
CA SER F 497 11.46 -63.64 -15.12
C SER F 497 12.79 -63.03 -15.48
N PRO F 498 13.84 -63.36 -14.75
CA PRO F 498 15.16 -62.79 -15.10
C PRO F 498 15.57 -63.03 -16.55
N GLU F 499 15.28 -64.23 -17.06
CA GLU F 499 15.62 -64.59 -18.42
C GLU F 499 14.87 -63.70 -19.44
N ARG F 500 13.59 -63.46 -19.18
CA ARG F 500 12.78 -62.68 -20.09
C ARG F 500 13.15 -61.19 -20.02
N ALA F 501 13.47 -60.71 -18.81
CA ALA F 501 13.91 -59.30 -18.65
C ALA F 501 15.24 -59.08 -19.37
N ASN F 502 16.14 -60.04 -19.24
CA ASN F 502 17.44 -59.97 -19.92
C ASN F 502 17.27 -59.95 -21.42
N TYR F 503 16.36 -60.78 -21.94
CA TYR F 503 16.04 -60.79 -23.38
C TYR F 503 15.60 -59.41 -23.83
N TYR F 504 14.78 -58.75 -23.02
CA TYR F 504 14.22 -57.43 -23.40
C TYR F 504 15.25 -56.30 -23.32
N ARG F 505 16.17 -56.36 -22.38
CA ARG F 505 17.26 -55.39 -22.36
C ARG F 505 18.11 -55.57 -23.62
N CYS F 506 18.39 -56.81 -23.97
CA CYS F 506 19.13 -57.13 -25.20
C CYS F 506 18.44 -56.62 -26.46
N LEU F 507 17.17 -56.96 -26.61
CA LEU F 507 16.40 -56.54 -27.75
C LEU F 507 16.35 -55.03 -27.86
N GLN F 508 16.07 -54.35 -26.76
CA GLN F 508 16.03 -52.89 -26.78
C GLN F 508 17.38 -52.32 -27.19
N THR F 509 18.47 -52.82 -26.61
CA THR F 509 19.78 -52.37 -27.01
C THR F 509 19.98 -52.51 -28.53
N LEU F 510 19.58 -53.65 -29.09
CA LEU F 510 19.72 -53.89 -30.54
C LEU F 510 18.85 -52.95 -31.37
N LEU F 511 17.65 -52.67 -30.90
CA LEU F 511 16.76 -51.77 -31.62
C LEU F 511 17.33 -50.35 -31.58
N LEU F 512 17.90 -49.94 -30.44
CA LEU F 512 18.50 -48.62 -30.35
C LEU F 512 19.71 -48.54 -31.31
N LEU F 513 20.53 -49.60 -31.32
CA LEU F 513 21.67 -49.68 -32.23
C LEU F 513 21.27 -49.57 -33.69
N ALA F 514 20.13 -50.18 -34.06
CA ALA F 514 19.61 -50.11 -35.41
C ALA F 514 19.34 -48.68 -35.85
N GLN F 515 19.03 -47.80 -34.90
CA GLN F 515 18.82 -46.38 -35.19
C GLN F 515 20.12 -45.57 -35.27
N GLU F 516 21.26 -46.17 -34.94
CA GLU F 516 22.54 -45.45 -34.95
C GLU F 516 23.21 -45.58 -36.30
N GLU F 517 22.97 -44.61 -37.18
CA GLU F 517 23.42 -44.70 -38.57
C GLU F 517 24.92 -44.79 -38.70
N ASP F 518 25.64 -44.16 -37.79
CA ASP F 518 27.11 -44.13 -37.90
C ASP F 518 27.82 -45.15 -37.05
N ARG F 519 27.12 -46.19 -36.61
CA ARG F 519 27.76 -47.23 -35.82
C ARG F 519 27.65 -48.61 -36.45
N GLN F 520 28.69 -49.41 -36.27
CA GLN F 520 28.79 -50.72 -36.91
C GLN F 520 28.51 -51.80 -35.88
N PRO F 521 27.41 -52.55 -36.08
CA PRO F 521 26.98 -53.58 -35.14
C PRO F 521 28.03 -54.58 -34.75
N LEU F 522 28.92 -54.96 -35.66
CA LEU F 522 29.93 -55.96 -35.31
C LEU F 522 30.97 -55.46 -34.30
N GLN F 523 31.14 -54.14 -34.20
CA GLN F 523 32.02 -53.57 -33.18
C GLN F 523 31.56 -53.89 -31.75
N TYR F 524 30.24 -54.10 -31.56
CA TYR F 524 29.64 -54.23 -30.23
C TYR F 524 29.33 -55.66 -29.80
N LEU F 525 29.46 -56.60 -30.75
CA LEU F 525 28.89 -57.93 -30.59
C LEU F 525 29.47 -58.65 -29.40
N ASN F 526 30.80 -58.57 -29.23
CA ASN F 526 31.47 -59.23 -28.12
C ASN F 526 30.98 -58.67 -26.79
N ALA F 527 30.78 -57.35 -26.75
CA ALA F 527 30.25 -56.70 -25.56
C ALA F 527 28.80 -57.15 -25.30
N PHE F 528 27.98 -57.17 -26.35
CA PHE F 528 26.59 -57.66 -26.22
C PHE F 528 26.53 -59.10 -25.69
N VAL F 529 27.41 -59.96 -26.18
CA VAL F 529 27.40 -61.35 -25.76
C VAL F 529 27.81 -61.45 -24.30
N ARG F 530 28.77 -60.63 -23.88
CA ARG F 530 29.21 -60.67 -22.47
C ARG F 530 28.14 -60.11 -21.55
N MET F 531 27.40 -59.09 -22.01
CA MET F 531 26.32 -58.50 -21.17
C MET F 531 25.09 -59.41 -21.09
N TYR F 532 24.63 -59.88 -22.25
CA TYR F 532 23.33 -60.51 -22.38
C TYR F 532 23.34 -62.03 -22.56
N GLY F 533 24.50 -62.62 -22.83
CA GLY F 533 24.60 -64.06 -23.16
C GLY F 533 24.36 -64.28 -24.65
N ALA F 534 25.00 -65.31 -25.19
CA ALA F 534 24.83 -65.67 -26.62
C ALA F 534 23.37 -66.00 -27.01
N ASP F 535 22.67 -66.73 -26.15
CA ASP F 535 21.27 -67.12 -26.44
C ASP F 535 20.36 -65.91 -26.66
N ALA F 536 20.43 -64.94 -25.74
CA ALA F 536 19.62 -63.75 -25.85
C ALA F 536 19.99 -62.91 -27.08
N VAL F 537 21.28 -62.81 -27.37
CA VAL F 537 21.67 -62.05 -28.56
C VAL F 537 21.11 -62.73 -29.79
N GLU F 538 21.20 -64.06 -29.81
CA GLU F 538 20.64 -64.84 -30.91
C GLU F 538 19.13 -64.68 -31.04
N ALA F 539 18.42 -64.83 -29.93
CA ALA F 539 16.95 -64.71 -29.96
C ALA F 539 16.52 -63.32 -30.38
N ALA F 540 17.18 -62.31 -29.84
CA ALA F 540 16.82 -60.91 -30.14
C ALA F 540 17.07 -60.57 -31.61
N SER F 541 18.17 -61.05 -32.18
CA SER F 541 18.45 -60.85 -33.60
C SER F 541 17.42 -61.59 -34.45
N ALA F 542 17.06 -62.82 -34.06
CA ALA F 542 15.99 -63.56 -34.74
C ALA F 542 14.66 -62.83 -34.68
N ALA F 543 14.39 -62.11 -33.59
CA ALA F 543 13.17 -61.30 -33.51
C ALA F 543 13.23 -60.09 -34.46
N MET F 544 14.40 -59.47 -34.55
CA MET F 544 14.59 -58.30 -35.39
C MET F 544 14.61 -58.58 -36.89
N SER F 545 15.01 -59.78 -37.28
CA SER F 545 14.89 -60.20 -38.68
C SER F 545 13.44 -60.50 -39.07
N GLY F 546 12.57 -60.71 -38.08
CA GLY F 546 11.16 -61.02 -38.33
C GLY F 546 10.88 -62.51 -38.30
N GLU F 547 11.91 -63.32 -37.99
CA GLU F 547 11.82 -64.78 -38.10
C GLU F 547 11.20 -65.43 -36.85
N ALA F 548 11.46 -64.87 -35.67
CA ALA F 548 10.91 -65.41 -34.41
C ALA F 548 10.59 -64.25 -33.47
N ALA F 549 9.56 -63.49 -33.82
CA ALA F 549 9.25 -62.25 -33.14
C ALA F 549 8.49 -62.47 -31.84
N PHE F 550 7.87 -63.64 -31.70
CA PHE F 550 6.93 -63.90 -30.61
C PHE F 550 7.62 -64.65 -29.48
N TYR F 551 8.67 -64.00 -28.97
CA TYR F 551 9.62 -64.65 -28.07
C TYR F 551 8.96 -65.10 -26.78
N GLY F 552 9.15 -66.37 -26.45
CA GLY F 552 8.59 -66.97 -25.23
C GLY F 552 7.10 -67.30 -25.31
N LEU F 553 6.49 -67.08 -26.48
CA LEU F 553 5.09 -67.49 -26.67
C LEU F 553 5.04 -68.82 -27.43
N GLN F 554 4.70 -69.90 -26.73
CA GLN F 554 4.51 -71.20 -27.38
C GLN F 554 3.20 -71.17 -28.18
N PRO F 555 3.14 -71.93 -29.29
CA PRO F 555 1.87 -72.11 -30.00
C PRO F 555 0.77 -72.65 -29.09
N VAL F 556 -0.46 -72.22 -29.30
CA VAL F 556 -1.58 -72.67 -28.45
C VAL F 556 -2.70 -73.29 -29.30
N ASP F 557 -3.00 -74.55 -29.01
CA ASP F 557 -4.10 -75.30 -29.63
C ASP F 557 -5.46 -74.82 -29.06
N SER F 558 -6.53 -75.24 -29.73
CA SER F 558 -7.87 -74.79 -29.38
C SER F 558 -8.45 -75.47 -28.12
N ASP F 559 -7.76 -76.46 -27.55
CA ASP F 559 -8.14 -77.00 -26.23
C ASP F 559 -7.10 -76.63 -25.16
N LEU F 560 -6.21 -75.68 -25.50
CA LEU F 560 -5.22 -75.12 -24.58
C LEU F 560 -4.29 -76.17 -23.95
N HIS F 561 -3.91 -77.18 -24.72
CA HIS F 561 -2.99 -78.21 -24.29
C HIS F 561 -1.62 -77.61 -23.95
N ALA F 562 -1.25 -76.54 -24.64
CA ALA F 562 0.02 -75.85 -24.40
C ALA F 562 0.16 -75.25 -22.99
N PHE F 563 -0.97 -75.09 -22.27
CA PHE F 563 -0.97 -74.56 -20.91
C PHE F 563 -1.34 -75.65 -19.90
N ALA F 564 -0.36 -76.09 -19.12
CA ALA F 564 -0.60 -77.07 -18.08
C ALA F 564 -1.62 -76.57 -17.05
N ALA F 565 -1.56 -75.29 -16.73
CA ALA F 565 -2.47 -74.71 -15.75
C ALA F 565 -3.91 -74.79 -16.26
N HIS F 566 -4.09 -74.48 -17.53
CA HIS F 566 -5.43 -74.50 -18.13
C HIS F 566 -5.96 -75.94 -18.20
N GLN F 567 -5.08 -76.88 -18.48
CA GLN F 567 -5.44 -78.28 -18.39
C GLN F 567 -5.94 -78.69 -17.03
N SER F 568 -5.24 -78.24 -16.00
CA SER F 568 -5.66 -78.54 -14.64
C SER F 568 -7.02 -77.93 -14.35
N LEU F 569 -7.31 -76.80 -14.98
CA LEU F 569 -8.62 -76.15 -14.87
C LEU F 569 -9.71 -76.97 -15.56
N LEU F 570 -9.43 -77.45 -16.76
CA LEU F 570 -10.39 -78.27 -17.47
C LEU F 570 -10.66 -79.60 -16.76
N LYS F 571 -9.64 -80.21 -16.16
CA LYS F 571 -9.84 -81.45 -15.43
C LYS F 571 -10.73 -81.21 -14.24
N ALA F 572 -10.57 -80.06 -13.59
CA ALA F 572 -11.45 -79.69 -12.48
C ALA F 572 -12.87 -79.51 -13.00
N TYR F 573 -13.02 -78.91 -14.17
CA TYR F 573 -14.34 -78.67 -14.76
C TYR F 573 -15.04 -79.99 -15.11
N GLU F 574 -14.32 -80.91 -15.72
CA GLU F 574 -14.87 -82.23 -16.05
C GLU F 574 -15.44 -82.95 -14.83
N LYS F 575 -14.82 -82.79 -13.67
CA LYS F 575 -15.40 -83.38 -12.45
C LYS F 575 -16.80 -82.85 -12.20
N LEU F 576 -17.02 -81.56 -12.49
CA LEU F 576 -18.31 -80.92 -12.35
C LEU F 576 -19.26 -81.35 -13.49
N GLN F 577 -18.74 -81.46 -14.71
CA GLN F 577 -19.59 -81.93 -15.82
C GLN F 577 -20.16 -83.32 -15.56
N ARG F 578 -19.33 -84.22 -15.02
CA ARG F 578 -19.82 -85.56 -14.67
C ARG F 578 -20.94 -85.50 -13.64
N ALA F 579 -20.71 -84.75 -12.57
CA ALA F 579 -21.72 -84.54 -11.53
C ALA F 579 -23.03 -83.96 -12.10
N LYS F 580 -22.91 -83.01 -13.02
CA LYS F 580 -24.07 -82.40 -13.64
C LYS F 580 -24.95 -83.48 -14.35
N ALA F 581 -24.29 -84.38 -15.06
CA ALA F 581 -24.97 -85.34 -15.91
C ALA F 581 -24.56 -86.78 -15.57
N PRO G 7 28.13 71.02 -8.25
CA PRO G 7 26.70 71.10 -8.55
C PRO G 7 25.80 71.30 -7.30
N GLY G 8 24.94 72.33 -7.33
CA GLY G 8 23.87 72.49 -6.37
C GLY G 8 24.18 73.41 -5.22
N LYS G 9 25.44 73.81 -5.13
CA LYS G 9 25.87 74.79 -4.12
C LYS G 9 26.00 76.22 -4.67
N ASP G 10 25.54 77.20 -3.89
CA ASP G 10 25.57 78.62 -4.26
C ASP G 10 26.84 79.35 -3.84
N ALA G 11 27.90 78.58 -3.52
CA ALA G 11 29.18 79.17 -3.19
C ALA G 11 30.27 78.13 -3.34
N ALA G 12 31.51 78.57 -3.39
CA ALA G 12 32.67 77.68 -3.59
C ALA G 12 33.01 76.99 -2.26
N LEU G 13 33.47 75.74 -2.35
CA LEU G 13 33.75 74.95 -1.13
C LEU G 13 34.66 75.70 -0.18
N GLU G 14 35.69 76.34 -0.73
CA GLU G 14 36.71 76.99 0.08
C GLU G 14 36.15 78.20 0.83
N ASP G 15 35.22 78.90 0.19
CA ASP G 15 34.54 80.09 0.73
C ASP G 15 33.64 79.66 1.89
N SER G 16 32.86 78.61 1.68
CA SER G 16 32.04 78.04 2.75
C SER G 16 32.88 77.62 3.96
N ILE G 17 33.99 76.93 3.70
CA ILE G 17 34.82 76.41 4.76
C ILE G 17 35.37 77.55 5.60
N ALA G 18 35.98 78.53 4.93
CA ALA G 18 36.61 79.65 5.63
C ALA G 18 35.55 80.41 6.43
N ARG G 19 34.41 80.63 5.81
CA ARG G 19 33.33 81.39 6.43
C ARG G 19 32.80 80.70 7.68
N PHE G 20 32.47 79.42 7.53
CA PHE G 20 31.95 78.64 8.66
C PHE G 20 32.96 78.49 9.78
N GLN G 21 34.22 78.25 9.42
CA GLN G 21 35.29 78.21 10.43
C GLN G 21 35.42 79.51 11.22
N GLN G 22 35.45 80.62 10.50
CA GLN G 22 35.57 81.94 11.15
C GLN G 22 34.37 82.21 12.09
N LYS G 23 33.17 81.94 11.61
CA LYS G 23 31.99 82.23 12.42
C LYS G 23 31.96 81.37 13.68
N LEU G 24 32.35 80.10 13.60
CA LEU G 24 32.35 79.22 14.77
C LEU G 24 33.26 79.78 15.84
N SER G 25 34.45 80.15 15.41
CA SER G 25 35.42 80.79 16.27
C SER G 25 34.88 82.07 16.89
N ASP G 26 34.26 82.94 16.08
CA ASP G 26 33.60 84.16 16.61
C ASP G 26 32.57 83.89 17.68
N LEU G 27 31.78 82.83 17.49
CA LEU G 27 30.72 82.48 18.45
C LEU G 27 31.27 81.88 19.73
N GLY G 28 32.56 81.56 19.71
CA GLY G 28 33.24 81.01 20.89
C GLY G 28 33.37 79.50 20.86
N PHE G 29 33.21 78.89 19.69
CA PHE G 29 33.35 77.46 19.56
C PHE G 29 34.70 77.10 18.99
N GLN G 30 35.32 76.10 19.63
CA GLN G 30 36.60 75.56 19.23
C GLN G 30 36.34 74.17 18.72
N ILE G 31 36.35 74.04 17.41
CA ILE G 31 35.97 72.81 16.77
C ILE G 31 37.21 72.17 16.18
N GLU G 32 37.39 70.87 16.39
CA GLU G 32 38.53 70.14 15.83
C GLU G 32 38.04 69.06 14.87
N GLU G 33 38.83 68.81 13.83
CA GLU G 33 38.61 67.67 12.94
C GLU G 33 39.28 66.49 13.59
N ALA G 34 38.53 65.43 13.88
CA ALA G 34 39.03 64.34 14.73
C ALA G 34 39.49 63.15 13.94
N SER G 35 38.84 62.85 12.82
CA SER G 35 39.26 61.70 12.02
C SER G 35 38.71 61.84 10.63
N TRP G 36 39.46 61.31 9.67
CA TRP G 36 39.20 61.48 8.25
C TRP G 36 39.19 60.13 7.60
N LEU G 37 38.29 59.92 6.63
CA LEU G 37 38.29 58.68 5.89
C LEU G 37 38.15 58.96 4.43
N ASN G 38 38.76 58.09 3.63
CA ASN G 38 38.67 58.11 2.19
C ASN G 38 38.75 56.68 1.71
N PRO G 39 37.71 55.89 2.00
CA PRO G 39 37.76 54.43 1.82
C PRO G 39 37.76 53.96 0.38
N VAL G 40 37.18 54.73 -0.52
CA VAL G 40 37.27 54.44 -1.95
C VAL G 40 37.43 55.74 -2.72
N PRO G 41 37.80 55.65 -4.01
CA PRO G 41 37.94 56.91 -4.75
C PRO G 41 36.65 57.71 -4.78
N ASN G 42 36.78 59.02 -4.54
CA ASN G 42 35.65 59.98 -4.66
C ASN G 42 34.61 59.84 -3.53
N VAL G 43 35.04 59.29 -2.39
CA VAL G 43 34.22 59.21 -1.21
C VAL G 43 35.04 59.55 0.01
N TRP G 44 34.63 60.61 0.70
CA TRP G 44 35.28 61.13 1.89
C TRP G 44 34.30 61.27 3.04
N SER G 45 34.81 61.26 4.27
CA SER G 45 34.04 61.61 5.45
C SER G 45 34.99 62.11 6.51
N VAL G 46 34.45 62.84 7.47
CA VAL G 46 35.24 63.45 8.53
C VAL G 46 34.33 63.62 9.71
N HIS G 47 34.91 63.58 10.90
CA HIS G 47 34.18 63.74 12.15
C HIS G 47 34.72 64.99 12.81
N ILE G 48 33.84 65.87 13.25
CA ILE G 48 34.25 67.10 13.87
C ILE G 48 33.56 67.24 15.20
N ARG G 49 34.20 67.91 16.15
CA ARG G 49 33.66 67.99 17.49
C ARG G 49 34.12 69.20 18.24
N ASP G 50 33.36 69.52 19.26
CA ASP G 50 33.64 70.64 20.13
C ASP G 50 34.68 70.19 21.14
N LYS G 51 35.85 70.79 21.10
CA LYS G 51 36.90 70.49 22.09
C LYS G 51 36.45 70.70 23.53
N GLU G 52 35.43 71.52 23.76
CA GLU G 52 34.99 71.80 25.12
C GLU G 52 33.67 71.13 25.47
N CYS G 53 33.10 70.38 24.54
CA CYS G 53 31.86 69.64 24.84
C CYS G 53 31.79 68.38 24.03
N ALA G 54 31.98 67.26 24.73
CA ALA G 54 32.05 65.93 24.12
C ALA G 54 30.74 65.54 23.44
N LEU G 55 29.63 66.15 23.87
CA LEU G 55 28.31 65.80 23.34
C LEU G 55 27.99 66.48 22.00
N CYS G 56 28.87 67.37 21.53
CA CYS G 56 28.59 68.16 20.35
C CYS G 56 29.55 67.82 19.24
N PHE G 57 29.03 67.19 18.20
CA PHE G 57 29.86 66.75 17.10
C PHE G 57 28.95 66.49 15.92
N THR G 58 29.53 66.50 14.74
CA THR G 58 28.81 66.14 13.56
C THR G 58 29.76 65.43 12.66
N ASN G 59 29.22 64.97 11.53
CA ASN G 59 30.02 64.27 10.53
C ASN G 59 29.79 64.86 9.17
N GLY G 60 30.84 64.85 8.37
CA GLY G 60 30.77 65.32 7.02
C GLY G 60 30.88 64.20 6.04
N LYS G 61 30.40 64.45 4.83
CA LYS G 61 30.54 63.51 3.73
C LYS G 61 30.61 64.27 2.41
N GLY G 62 31.20 63.65 1.41
CA GLY G 62 31.32 64.28 0.10
C GLY G 62 32.26 63.56 -0.84
N ALA G 63 32.35 64.04 -2.05
CA ALA G 63 33.14 63.38 -3.08
C ALA G 63 34.62 63.84 -3.07
N THR G 64 34.92 64.84 -2.25
CA THR G 64 36.28 65.34 -2.08
C THR G 64 36.45 65.69 -0.64
N LYS G 65 37.70 65.85 -0.23
CA LYS G 65 37.97 66.19 1.13
C LYS G 65 37.29 67.50 1.51
N LYS G 66 37.52 68.55 0.71
CA LYS G 66 36.86 69.82 0.95
C LYS G 66 35.35 69.70 1.08
N ALA G 67 34.73 68.98 0.14
CA ALA G 67 33.27 68.84 0.17
C ALA G 67 32.82 68.20 1.48
N ALA G 68 33.61 67.25 1.99
CA ALA G 68 33.27 66.61 3.25
C ALA G 68 33.43 67.56 4.45
N LEU G 69 34.45 68.40 4.42
CA LEU G 69 34.64 69.33 5.52
C LEU G 69 33.54 70.41 5.50
N ALA G 70 33.15 70.88 4.31
CA ALA G 70 32.06 71.84 4.21
C ALA G 70 30.74 71.24 4.71
N SER G 71 30.53 69.98 4.38
CA SER G 71 29.38 69.23 4.87
C SER G 71 29.39 69.12 6.41
N ALA G 72 30.54 68.81 7.00
CA ALA G 72 30.59 68.65 8.45
C ALA G 72 30.25 69.94 9.17
N LEU G 73 30.86 71.02 8.68
CA LEU G 73 30.66 72.35 9.20
C LEU G 73 29.23 72.89 8.96
N GLY G 74 28.69 72.59 7.80
CA GLY G 74 27.30 72.91 7.51
C GLY G 74 26.36 72.23 8.46
N GLU G 75 26.61 70.94 8.68
CA GLU G 75 25.80 70.18 9.63
C GLU G 75 25.97 70.72 11.02
N TYR G 76 27.18 71.14 11.35
CA TYR G 76 27.42 71.78 12.65
C TYR G 76 26.51 73.01 12.82
N PHE G 77 26.44 73.87 11.81
CA PHE G 77 25.57 75.08 11.90
C PHE G 77 24.08 74.73 11.92
N GLU G 78 23.70 73.71 11.15
CA GLU G 78 22.35 73.18 11.18
C GLU G 78 21.93 72.73 12.61
N ARG G 79 22.81 71.99 13.30
CA ARG G 79 22.48 71.46 14.62
C ARG G 79 22.59 72.52 15.70
N LEU G 80 23.55 73.42 15.57
CA LEU G 80 23.64 74.55 16.51
C LEU G 80 22.41 75.43 16.38
N SER G 81 22.05 75.79 15.15
CA SER G 81 20.93 76.76 14.93
C SER G 81 19.58 76.24 15.42
N THR G 82 19.39 74.91 15.35
CA THR G 82 18.14 74.27 15.78
C THR G 82 18.20 73.78 17.23
N ASN G 83 19.27 74.12 17.95
CA ASN G 83 19.51 73.60 19.30
C ASN G 83 19.51 72.06 19.43
N TYR G 84 19.79 71.35 18.33
CA TYR G 84 19.53 69.91 18.28
C TYR G 84 20.48 69.09 19.18
N PHE G 85 21.70 69.58 19.38
CA PHE G 85 22.64 68.93 20.30
C PHE G 85 22.05 68.81 21.71
N PHE G 86 21.10 69.67 22.05
CA PHE G 86 20.58 69.75 23.40
C PHE G 86 19.23 69.08 23.54
N ALA G 87 18.75 68.52 22.44
CA ALA G 87 17.37 68.03 22.36
C ALA G 87 17.03 66.90 23.30
N ASP G 88 18.03 66.10 23.70
CA ASP G 88 17.75 64.96 24.54
C ASP G 88 18.07 65.24 25.99
N PHE G 89 18.25 66.52 26.34
CA PHE G 89 18.65 66.89 27.69
C PHE G 89 17.77 67.93 28.36
N TRP G 90 17.62 67.81 29.68
CA TRP G 90 17.02 68.83 30.52
C TRP G 90 18.11 69.85 30.75
N LEU G 91 17.77 71.13 30.62
CA LEU G 91 18.77 72.18 30.65
C LEU G 91 18.87 72.88 31.99
N GLY G 92 18.17 72.36 32.99
CA GLY G 92 18.30 72.85 34.36
C GLY G 92 17.34 73.96 34.76
N GLU G 93 17.32 74.26 36.05
CA GLU G 93 16.33 75.17 36.63
C GLU G 93 16.53 76.61 36.17
N THR G 94 17.79 77.05 36.15
CA THR G 94 18.07 78.41 35.75
C THR G 94 17.57 78.65 34.32
N ILE G 95 18.01 77.82 33.37
CA ILE G 95 17.57 77.97 31.98
C ILE G 95 16.06 77.89 31.89
N ALA G 96 15.46 76.99 32.66
CA ALA G 96 14.01 76.78 32.63
C ALA G 96 13.22 78.01 33.01
N ASN G 97 13.77 78.81 33.93
CA ASN G 97 13.07 79.99 34.45
C ASN G 97 13.59 81.32 33.86
N GLY G 98 14.54 81.26 32.93
CA GLY G 98 15.14 82.45 32.34
C GLY G 98 14.30 83.11 31.26
N PRO G 99 14.83 84.19 30.66
CA PRO G 99 14.07 85.00 29.68
C PRO G 99 13.45 84.15 28.57
N PHE G 100 14.26 83.31 27.94
CA PHE G 100 13.78 82.36 26.95
C PHE G 100 14.61 81.05 27.03
N VAL G 101 13.96 79.91 26.79
CA VAL G 101 14.65 78.61 26.81
C VAL G 101 15.22 78.27 25.45
N HIS G 102 14.37 78.28 24.43
CA HIS G 102 14.76 77.89 23.07
C HIS G 102 15.13 79.08 22.19
N TYR G 103 14.18 80.01 22.03
CA TYR G 103 14.38 81.21 21.19
C TYR G 103 13.62 82.38 21.78
N PRO G 104 14.14 83.59 21.62
CA PRO G 104 13.45 84.79 22.09
C PRO G 104 12.03 84.93 21.53
N ASN G 105 11.81 84.47 20.29
CA ASN G 105 10.49 84.54 19.66
C ASN G 105 9.62 83.31 19.89
N GLU G 106 9.99 82.47 20.85
CA GLU G 106 9.15 81.37 21.29
C GLU G 106 7.95 81.95 22.04
N LYS G 107 6.90 81.18 22.18
CA LYS G 107 5.70 81.61 22.89
C LYS G 107 5.25 80.52 23.89
N TRP G 108 4.90 80.94 25.10
CA TRP G 108 4.53 80.05 26.20
C TRP G 108 3.03 80.13 26.43
N PHE G 109 2.38 78.98 26.41
CA PHE G 109 0.93 78.85 26.50
C PHE G 109 0.58 78.12 27.79
N PRO G 110 0.09 78.85 28.82
CA PRO G 110 -0.16 78.21 30.11
C PRO G 110 -1.21 77.13 30.04
N LEU G 111 -1.10 76.16 30.94
CA LEU G 111 -2.04 75.06 30.95
C LEU G 111 -3.44 75.54 31.36
N THR G 112 -4.44 74.95 30.73
CA THR G 112 -5.83 75.31 30.99
C THR G 112 -6.38 74.42 32.10
N GLU G 113 -7.49 74.83 32.69
CA GLU G 113 -8.11 74.12 33.82
C GLU G 113 -8.64 72.74 33.44
N ASN G 114 -9.32 72.64 32.30
CA ASN G 114 -9.68 71.32 31.75
C ASN G 114 -8.52 70.57 31.08
N ASP G 115 -7.33 71.16 31.08
CA ASP G 115 -6.12 70.58 30.47
C ASP G 115 -6.31 70.23 28.99
N ASP G 116 -7.07 71.06 28.27
CA ASP G 116 -7.08 71.04 26.81
C ASP G 116 -5.80 71.67 26.32
N VAL G 117 -5.53 71.47 25.03
CA VAL G 117 -4.41 72.13 24.40
C VAL G 117 -4.82 73.58 24.11
N PRO G 118 -4.11 74.57 24.69
CA PRO G 118 -4.47 75.97 24.46
C PRO G 118 -4.70 76.31 22.97
N GLU G 119 -5.59 77.28 22.74
CA GLU G 119 -6.12 77.53 21.40
C GLU G 119 -5.13 78.08 20.39
N GLY G 120 -4.21 78.93 20.85
CA GLY G 120 -3.25 79.56 19.93
C GLY G 120 -2.14 78.67 19.39
N LEU G 121 -2.16 77.39 19.77
CA LEU G 121 -1.14 76.43 19.31
C LEU G 121 -1.64 75.72 18.07
N LEU G 122 -0.73 75.36 17.16
CA LEU G 122 -1.06 74.52 16.02
C LEU G 122 -2.03 75.24 15.04
N ASP G 123 -2.71 74.48 14.21
CA ASP G 123 -3.78 74.98 13.35
C ASP G 123 -4.71 73.78 13.14
N ASP G 124 -5.78 73.93 12.35
CA ASP G 124 -6.78 72.87 12.27
C ASP G 124 -6.25 71.58 11.67
N ARG G 125 -5.48 71.69 10.59
CA ARG G 125 -4.93 70.51 9.92
C ARG G 125 -3.96 69.75 10.81
N LEU G 126 -3.07 70.47 11.47
CA LEU G 126 -2.15 69.91 12.46
C LEU G 126 -2.88 69.20 13.60
N ARG G 127 -3.88 69.86 14.20
CA ARG G 127 -4.72 69.19 15.20
C ARG G 127 -5.35 67.88 14.71
N ALA G 128 -5.89 67.90 13.50
CA ALA G 128 -6.49 66.71 12.96
C ALA G 128 -5.46 65.59 12.71
N PHE G 129 -4.23 65.96 12.36
CA PHE G 129 -3.20 64.98 12.04
C PHE G 129 -2.58 64.38 13.29
N TYR G 130 -2.19 65.21 14.28
CA TYR G 130 -1.64 64.68 15.54
C TYR G 130 -2.68 64.03 16.45
N ASP G 131 -3.91 64.53 16.42
CA ASP G 131 -4.90 64.23 17.43
C ASP G 131 -6.28 64.00 16.82
N PRO G 132 -6.39 63.01 15.91
CA PRO G 132 -7.68 62.75 15.27
C PRO G 132 -8.82 62.46 16.26
N GLU G 133 -8.50 61.82 17.39
CA GLU G 133 -9.50 61.50 18.43
C GLU G 133 -9.75 62.60 19.46
N ASN G 134 -9.07 63.73 19.36
CA ASN G 134 -9.22 64.84 20.33
C ASN G 134 -8.84 64.50 21.77
N GLU G 135 -7.85 63.63 21.94
CA GLU G 135 -7.47 63.12 23.26
C GLU G 135 -6.16 63.78 23.79
N LEU G 136 -5.62 64.78 23.10
CA LEU G 136 -4.39 65.46 23.52
C LEU G 136 -4.69 66.36 24.69
N THR G 137 -3.85 66.31 25.69
CA THR G 137 -3.91 67.25 26.80
C THR G 137 -2.71 68.19 26.76
N GLY G 138 -2.81 69.32 27.44
CA GLY G 138 -1.73 70.30 27.49
C GLY G 138 -0.53 69.84 28.28
N SER G 139 -0.78 69.13 29.38
CA SER G 139 0.30 68.74 30.30
C SER G 139 1.22 67.66 29.77
N MET G 140 0.84 67.00 28.69
CA MET G 140 1.70 65.99 28.05
C MET G 140 2.61 66.67 27.00
N LEU G 141 2.47 67.97 26.78
CA LEU G 141 3.28 68.69 25.76
C LEU G 141 4.29 69.67 26.34
N ILE G 142 4.72 69.44 27.58
CA ILE G 142 5.77 70.22 28.18
C ILE G 142 7.12 69.79 27.59
N ASP G 143 7.88 70.77 27.11
CA ASP G 143 9.17 70.48 26.50
C ASP G 143 10.18 69.84 27.49
N LEU G 144 10.94 68.87 27.00
CA LEU G 144 12.02 68.21 27.80
C LEU G 144 13.04 69.20 28.36
N GLN G 145 13.40 70.22 27.57
CA GLN G 145 14.52 71.10 27.93
C GLN G 145 14.24 71.93 29.18
N SER G 146 13.00 72.38 29.33
CA SER G 146 12.60 73.25 30.43
C SER G 146 12.03 72.39 31.54
N GLY G 147 11.17 71.46 31.16
CA GLY G 147 10.37 70.74 32.14
C GLY G 147 9.48 71.63 32.97
N ASN G 148 9.17 72.82 32.48
CA ASN G 148 8.53 73.85 33.29
C ASN G 148 7.02 73.90 33.10
N GLU G 149 6.34 72.98 33.77
CA GLU G 149 4.89 72.84 33.62
C GLU G 149 4.16 74.13 34.00
N ASP G 150 4.64 74.82 35.03
CA ASP G 150 4.01 76.06 35.48
C ASP G 150 4.06 77.16 34.41
N ARG G 151 5.21 77.30 33.73
CA ARG G 151 5.34 78.25 32.62
C ARG G 151 4.50 77.79 31.42
N GLY G 152 4.28 76.48 31.28
CA GLY G 152 3.38 75.97 30.26
C GLY G 152 4.06 75.35 29.05
N ILE G 153 3.30 75.30 27.96
CA ILE G 153 3.74 74.68 26.71
C ILE G 153 4.49 75.66 25.86
N CYS G 154 5.72 75.34 25.56
CA CYS G 154 6.55 76.18 24.74
C CYS G 154 6.32 75.83 23.28
N GLY G 155 5.86 76.82 22.51
CA GLY G 155 5.64 76.65 21.08
C GLY G 155 6.68 77.42 20.30
N LEU G 156 7.16 76.85 19.21
CA LEU G 156 8.09 77.52 18.32
C LEU G 156 7.33 78.03 17.08
N PRO G 157 7.68 79.24 16.61
CA PRO G 157 7.07 79.75 15.39
C PRO G 157 7.62 79.11 14.10
N PHE G 158 6.71 78.62 13.26
CA PHE G 158 7.02 78.21 11.91
C PHE G 158 6.14 79.01 10.94
N THR G 159 6.67 79.26 9.77
CA THR G 159 5.89 79.90 8.73
C THR G 159 5.25 78.88 7.81
N ARG G 160 3.92 78.84 7.85
CA ARG G 160 3.14 78.03 6.93
C ARG G 160 3.32 78.61 5.56
N GLN G 161 3.76 77.78 4.61
CA GLN G 161 4.15 78.30 3.31
C GLN G 161 3.00 78.75 2.42
N SER G 162 1.85 78.08 2.47
CA SER G 162 0.80 78.35 1.52
C SER G 162 0.36 79.81 1.65
N ASP G 163 0.26 80.31 2.90
CA ASP G 163 -0.32 81.62 3.16
C ASP G 163 0.56 82.54 4.00
N ASN G 164 1.79 82.12 4.28
CA ASN G 164 2.77 82.89 5.02
C ASN G 164 2.43 83.21 6.47
N GLN G 165 1.56 82.43 7.05
CA GLN G 165 1.15 82.65 8.42
C GLN G 165 2.04 81.93 9.45
N THR G 166 2.34 82.64 10.55
CA THR G 166 3.08 82.07 11.67
C THR G 166 2.18 81.11 12.44
N VAL G 167 2.69 79.89 12.67
CA VAL G 167 2.00 78.87 13.42
C VAL G 167 2.94 78.39 14.53
N TYR G 168 2.42 78.28 15.75
CA TYR G 168 3.26 77.83 16.90
C TYR G 168 3.08 76.34 17.10
N ILE G 169 4.18 75.62 16.98
CA ILE G 169 4.18 74.16 17.15
C ILE G 169 4.94 73.88 18.42
N PRO G 170 4.31 73.18 19.39
CA PRO G 170 5.02 72.82 20.66
C PRO G 170 6.35 72.12 20.43
N MET G 171 7.38 72.55 21.16
CA MET G 171 8.71 71.93 21.09
C MET G 171 8.60 70.42 21.31
N ASN G 172 7.72 70.04 22.22
CA ASN G 172 7.52 68.67 22.52
C ASN G 172 7.11 67.84 21.33
N ILE G 173 6.27 68.41 20.45
CA ILE G 173 5.80 67.67 19.30
C ILE G 173 6.92 67.61 18.26
N ILE G 174 7.61 68.70 18.10
CA ILE G 174 8.73 68.75 17.14
C ILE G 174 9.79 67.74 17.53
N GLY G 175 10.20 67.82 18.78
CA GLY G 175 11.27 66.96 19.31
C GLY G 175 10.95 65.48 19.22
N ASN G 176 9.72 65.12 19.53
CA ASN G 176 9.36 63.72 19.54
C ASN G 176 9.16 63.15 18.15
N LEU G 177 8.62 63.94 17.23
CA LEU G 177 8.12 63.38 15.98
C LEU G 177 9.01 63.60 14.78
N TYR G 178 9.77 64.70 14.80
CA TYR G 178 10.59 65.09 13.64
C TYR G 178 12.09 65.02 13.87
N VAL G 179 12.49 65.04 15.14
CA VAL G 179 13.91 64.92 15.51
C VAL G 179 14.73 65.77 14.58
N SER G 180 15.78 65.24 13.96
CA SER G 180 16.65 66.01 13.10
C SER G 180 16.23 65.98 11.62
N ASN G 181 15.08 65.38 11.29
CA ASN G 181 14.69 65.29 9.87
C ASN G 181 14.16 66.65 9.39
N GLY G 182 14.68 67.09 8.25
CA GLY G 182 14.21 68.31 7.64
C GLY G 182 14.93 69.55 8.12
N MET G 183 16.02 69.40 8.88
CA MET G 183 16.86 70.55 9.23
C MET G 183 17.82 70.72 8.11
N SER G 184 18.38 71.92 8.01
CA SER G 184 19.36 72.23 7.01
C SER G 184 20.06 73.54 7.35
N ALA G 185 21.30 73.66 6.88
CA ALA G 185 22.02 74.95 6.81
C ALA G 185 22.63 75.10 5.42
N GLY G 186 23.05 76.32 5.08
CA GLY G 186 23.57 76.56 3.74
C GLY G 186 24.23 77.91 3.53
N ASN G 187 24.81 78.06 2.36
CA ASN G 187 25.44 79.31 1.93
C ASN G 187 24.38 80.39 1.69
N THR G 188 23.21 79.96 1.23
CA THR G 188 22.06 80.82 1.02
C THR G 188 20.77 80.15 1.50
N ARG G 189 19.76 80.98 1.64
CA ARG G 189 18.43 80.57 2.09
C ARG G 189 17.87 79.46 1.22
N ASN G 190 17.93 79.62 -0.09
CA ASN G 190 17.36 78.58 -0.97
C ASN G 190 18.20 77.33 -1.10
N GLU G 191 19.54 77.44 -1.07
CA GLU G 191 20.40 76.26 -1.12
C GLU G 191 20.09 75.35 0.08
N ALA G 192 19.97 75.97 1.26
CA ALA G 192 19.62 75.29 2.48
C ALA G 192 18.23 74.67 2.39
N ARG G 193 17.26 75.45 1.91
CA ARG G 193 15.86 74.99 1.85
C ARG G 193 15.70 73.85 0.88
N VAL G 194 16.44 73.89 -0.21
CA VAL G 194 16.43 72.80 -1.19
C VAL G 194 17.00 71.49 -0.55
N GLN G 195 18.08 71.62 0.21
CA GLN G 195 18.65 70.47 0.89
C GLN G 195 17.66 69.88 1.90
N GLY G 196 17.01 70.74 2.68
CA GLY G 196 16.05 70.33 3.67
C GLY G 196 14.82 69.68 3.08
N LEU G 197 14.27 70.28 2.03
CA LEU G 197 13.12 69.71 1.36
C LEU G 197 13.48 68.37 0.70
N SER G 198 14.68 68.29 0.12
CA SER G 198 15.18 67.05 -0.46
C SER G 198 15.35 65.94 0.64
N GLU G 199 15.78 66.33 1.83
CA GLU G 199 15.91 65.41 2.95
C GLU G 199 14.55 64.83 3.34
N VAL G 200 13.52 65.67 3.31
CA VAL G 200 12.16 65.20 3.56
C VAL G 200 11.77 64.18 2.50
N PHE G 201 12.09 64.44 1.24
CA PHE G 201 11.80 63.45 0.20
C PHE G 201 12.58 62.15 0.42
N GLU G 202 13.88 62.25 0.69
CA GLU G 202 14.71 61.09 1.00
C GLU G 202 14.07 60.15 1.99
N ARG G 203 13.72 60.68 3.15
CA ARG G 203 13.22 59.86 4.24
C ARG G 203 11.81 59.38 4.05
N TYR G 204 10.96 60.20 3.44
CA TYR G 204 9.59 59.81 3.15
C TYR G 204 9.56 58.72 2.12
N VAL G 205 10.36 58.86 1.07
CA VAL G 205 10.36 57.89 -0.04
C VAL G 205 11.07 56.62 0.42
N LYS G 206 12.15 56.80 1.19
CA LYS G 206 12.84 55.66 1.80
C LYS G 206 11.84 54.77 2.58
N ASN G 207 11.05 55.39 3.45
CA ASN G 207 10.08 54.65 4.21
C ASN G 207 9.08 53.93 3.33
N ARG G 208 8.61 54.54 2.24
CA ARG G 208 7.67 53.88 1.35
C ARG G 208 8.32 52.69 0.69
N ILE G 209 9.52 52.89 0.16
CA ILE G 209 10.23 51.82 -0.50
C ILE G 209 10.42 50.61 0.46
N ILE G 210 10.89 50.87 1.66
CA ILE G 210 11.20 49.79 2.61
C ILE G 210 9.89 49.18 3.09
N ALA G 211 8.99 50.01 3.57
CA ALA G 211 7.75 49.49 4.18
C ALA G 211 6.90 48.70 3.20
N GLU G 212 6.92 49.07 1.93
CA GLU G 212 6.01 48.48 0.95
C GLU G 212 6.69 47.38 0.16
N SER G 213 7.95 47.11 0.45
CA SER G 213 8.72 46.05 -0.21
C SER G 213 8.73 46.28 -1.71
N ILE G 214 9.02 47.52 -2.11
CA ILE G 214 8.98 47.89 -3.52
C ILE G 214 10.24 47.39 -4.22
N SER G 215 10.08 46.80 -5.40
CA SER G 215 11.22 46.46 -6.27
C SER G 215 11.51 47.67 -7.13
N LEU G 216 12.71 48.20 -6.99
CA LEU G 216 13.10 49.37 -7.74
C LEU G 216 13.82 48.98 -9.01
N PRO G 217 13.78 49.88 -10.01
CA PRO G 217 14.50 49.72 -11.26
C PRO G 217 15.95 50.18 -11.16
N GLU G 218 16.83 49.44 -11.82
CA GLU G 218 18.24 49.76 -11.85
C GLU G 218 18.48 50.98 -12.71
N ILE G 219 19.48 51.77 -12.33
CA ILE G 219 19.94 52.86 -13.11
C ILE G 219 20.78 52.25 -14.23
N PRO G 220 20.34 52.38 -15.50
CA PRO G 220 21.11 51.77 -16.59
C PRO G 220 22.55 52.25 -16.62
N ALA G 221 23.43 51.38 -17.08
CA ALA G 221 24.87 51.69 -17.12
C ALA G 221 25.22 52.98 -17.90
N ASP G 222 24.49 53.29 -18.95
CA ASP G 222 24.80 54.48 -19.75
C ASP G 222 24.45 55.76 -19.00
N VAL G 223 23.46 55.69 -18.12
CA VAL G 223 23.16 56.81 -17.24
C VAL G 223 24.25 57.00 -16.19
N LEU G 224 24.67 55.89 -15.57
CA LEU G 224 25.73 55.93 -14.57
C LEU G 224 27.03 56.49 -15.14
N ALA G 225 27.31 56.16 -16.40
CA ALA G 225 28.52 56.63 -17.08
C ALA G 225 28.64 58.15 -17.10
N ARG G 226 27.52 58.87 -17.00
CA ARG G 226 27.57 60.33 -16.92
C ARG G 226 28.26 60.81 -15.65
N TYR G 227 28.42 59.92 -14.66
CA TYR G 227 28.97 60.29 -13.35
C TYR G 227 30.14 59.37 -13.03
N PRO G 228 31.28 59.59 -13.71
CA PRO G 228 32.42 58.68 -13.56
C PRO G 228 33.04 58.62 -12.16
N ALA G 229 32.96 59.71 -11.39
CA ALA G 229 33.51 59.71 -10.01
C ALA G 229 32.75 58.70 -9.12
N VAL G 230 31.43 58.68 -9.25
CA VAL G 230 30.60 57.69 -8.58
C VAL G 230 30.83 56.25 -9.12
N VAL G 231 30.93 56.10 -10.45
CA VAL G 231 31.20 54.79 -11.07
C VAL G 231 32.51 54.18 -10.58
N GLU G 232 33.53 55.01 -10.42
CA GLU G 232 34.80 54.56 -9.85
C GLU G 232 34.65 54.07 -8.40
N ALA G 233 33.88 54.80 -7.59
CA ALA G 233 33.64 54.39 -6.21
C ALA G 233 32.96 53.02 -6.16
N ILE G 234 31.93 52.85 -6.99
CA ILE G 234 31.18 51.59 -7.07
C ILE G 234 32.02 50.42 -7.58
N GLU G 235 32.76 50.63 -8.65
CA GLU G 235 33.66 49.60 -9.18
C GLU G 235 34.72 49.15 -8.16
N THR G 236 35.25 50.11 -7.39
CA THR G 236 36.19 49.80 -6.32
C THR G 236 35.52 48.92 -5.25
N LEU G 237 34.33 49.34 -4.79
CA LEU G 237 33.58 48.55 -3.82
C LEU G 237 33.36 47.12 -4.31
N GLU G 238 32.96 46.99 -5.57
CA GLU G 238 32.71 45.67 -6.12
C GLU G 238 33.97 44.85 -6.24
N ALA G 239 35.08 45.49 -6.59
CA ALA G 239 36.37 44.81 -6.65
C ALA G 239 36.82 44.34 -5.26
N GLU G 240 36.45 45.09 -4.22
CA GLU G 240 36.78 44.75 -2.85
C GLU G 240 35.83 43.70 -2.26
N GLY G 241 34.91 43.15 -3.06
CA GLY G 241 34.02 42.07 -2.63
C GLY G 241 32.62 42.49 -2.16
N PHE G 242 32.20 43.71 -2.50
CA PHE G 242 30.91 44.22 -2.08
C PHE G 242 29.99 44.53 -3.29
N PRO G 243 29.06 43.61 -3.65
CA PRO G 243 28.16 43.94 -4.76
C PRO G 243 27.29 45.17 -4.47
N ILE G 244 27.13 46.01 -5.50
CA ILE G 244 26.36 47.24 -5.38
C ILE G 244 25.18 47.21 -6.33
N PHE G 245 24.01 47.57 -5.83
CA PHE G 245 22.83 47.81 -6.65
C PHE G 245 22.54 49.32 -6.66
N ALA G 246 22.46 49.92 -7.84
CA ALA G 246 22.17 51.35 -7.96
C ALA G 246 20.80 51.48 -8.56
N TYR G 247 19.87 51.99 -7.75
CA TYR G 247 18.45 52.03 -8.11
C TYR G 247 17.96 53.46 -8.25
N ASP G 248 17.01 53.63 -9.15
CA ASP G 248 16.20 54.85 -9.20
C ASP G 248 15.07 54.69 -8.19
N GLY G 249 15.03 55.56 -7.20
CA GLY G 249 13.91 55.56 -6.22
C GLY G 249 12.81 56.63 -6.40
N SER G 250 12.69 57.17 -7.62
CA SER G 250 11.70 58.23 -7.92
C SER G 250 10.25 57.70 -7.98
N LEU G 251 10.07 56.40 -7.99
CA LEU G 251 8.76 55.78 -8.05
C LEU G 251 7.99 56.28 -9.26
N GLY G 252 8.61 56.15 -10.42
CA GLY G 252 8.00 56.52 -11.67
C GLY G 252 8.20 57.98 -12.03
N GLY G 253 9.28 58.58 -11.55
CA GLY G 253 9.60 59.97 -11.85
C GLY G 253 8.95 60.98 -10.92
N GLN G 254 8.31 60.55 -9.84
CA GLN G 254 7.61 61.48 -8.94
C GLN G 254 8.55 62.23 -7.99
N TYR G 255 9.58 61.57 -7.49
CA TYR G 255 10.36 62.17 -6.43
C TYR G 255 11.82 62.11 -6.74
N PRO G 256 12.59 63.09 -6.33
CA PRO G 256 14.02 63.18 -6.68
C PRO G 256 14.94 62.32 -5.79
N VAL G 257 14.74 61.01 -5.82
CA VAL G 257 15.33 60.09 -4.85
C VAL G 257 16.06 58.92 -5.51
N ILE G 258 17.25 58.65 -4.99
CA ILE G 258 18.08 57.53 -5.40
C ILE G 258 18.29 56.57 -4.22
N CYS G 259 18.38 55.28 -4.52
CA CYS G 259 18.69 54.24 -3.56
C CYS G 259 19.88 53.43 -4.04
N VAL G 260 20.87 53.26 -3.18
CA VAL G 260 22.01 52.39 -3.46
C VAL G 260 22.16 51.36 -2.36
N VAL G 261 22.25 50.09 -2.75
CA VAL G 261 22.35 49.01 -1.80
C VAL G 261 23.68 48.28 -1.92
N LEU G 262 24.31 48.06 -0.77
CA LEU G 262 25.52 47.23 -0.68
C LEU G 262 25.20 45.85 -0.11
N PHE G 263 25.79 44.82 -0.69
CA PHE G 263 25.74 43.46 -0.14
C PHE G 263 27.08 43.16 0.47
N ASN G 264 27.07 42.44 1.59
CA ASN G 264 28.29 41.90 2.18
C ASN G 264 28.17 40.40 2.16
N PRO G 265 28.67 39.75 1.10
CA PRO G 265 28.62 38.28 1.00
C PRO G 265 29.27 37.54 2.20
N ALA G 266 30.23 38.15 2.88
CA ALA G 266 30.88 37.51 4.01
C ALA G 266 29.89 37.17 5.13
N ASN G 267 28.77 37.86 5.12
CA ASN G 267 27.83 37.89 6.19
C ASN G 267 26.41 37.50 5.81
N GLY G 268 26.16 37.58 4.51
CA GLY G 268 24.84 37.54 3.97
C GLY G 268 23.94 38.74 4.22
N THR G 269 24.51 39.93 4.39
CA THR G 269 23.75 41.10 4.82
C THR G 269 23.67 42.12 3.70
N CYS G 270 22.73 43.06 3.85
CA CYS G 270 22.65 44.20 2.94
C CYS G 270 22.52 45.48 3.72
N PHE G 271 22.84 46.56 3.05
CA PHE G 271 22.77 47.88 3.63
C PHE G 271 22.25 48.84 2.53
N ALA G 272 21.02 49.34 2.73
CA ALA G 272 20.35 50.25 1.77
C ALA G 272 20.53 51.72 2.20
N SER G 273 21.11 52.50 1.31
CA SER G 273 21.30 53.91 1.50
C SER G 273 20.41 54.66 0.51
N PHE G 274 20.04 55.87 0.92
CA PHE G 274 19.12 56.68 0.17
C PHE G 274 19.65 58.10 0.10
N GLY G 275 19.30 58.80 -0.99
CA GLY G 275 19.71 60.21 -1.15
C GLY G 275 18.77 60.95 -2.08
N ALA G 276 18.69 62.26 -1.91
CA ALA G 276 17.78 63.06 -2.70
C ALA G 276 18.33 64.43 -3.02
N HIS G 277 18.00 64.88 -4.24
CA HIS G 277 18.31 66.22 -4.71
C HIS G 277 17.67 66.38 -6.08
N PRO G 278 17.32 67.64 -6.45
CA PRO G 278 16.73 67.87 -7.77
C PRO G 278 17.63 67.42 -8.94
N ASP G 279 18.93 67.59 -8.77
CA ASP G 279 19.93 67.07 -9.71
C ASP G 279 20.22 65.58 -9.49
N PHE G 280 19.95 64.78 -10.52
CA PHE G 280 20.07 63.32 -10.49
C PHE G 280 21.47 62.88 -9.99
N GLY G 281 22.51 63.49 -10.54
CA GLY G 281 23.88 63.18 -10.17
C GLY G 281 24.24 63.56 -8.75
N VAL G 282 23.73 64.67 -8.26
CA VAL G 282 23.98 65.06 -6.87
C VAL G 282 23.33 64.05 -5.90
N ALA G 283 22.13 63.62 -6.27
CA ALA G 283 21.36 62.67 -5.48
C ALA G 283 22.09 61.31 -5.40
N LEU G 284 22.56 60.86 -6.54
CA LEU G 284 23.26 59.62 -6.67
C LEU G 284 24.55 59.65 -5.86
N GLU G 285 25.31 60.72 -5.99
CA GLU G 285 26.52 60.89 -5.21
C GLU G 285 26.26 60.89 -3.73
N ARG G 286 25.33 61.73 -3.26
CA ARG G 286 24.95 61.74 -1.81
C ARG G 286 24.65 60.36 -1.26
N THR G 287 24.00 59.52 -2.07
CA THR G 287 23.55 58.24 -1.62
C THR G 287 24.74 57.34 -1.34
N VAL G 288 25.77 57.41 -2.21
CA VAL G 288 26.97 56.61 -2.10
C VAL G 288 27.87 57.12 -0.98
N THR G 289 27.99 58.41 -0.87
CA THR G 289 28.79 59.00 0.14
C THR G 289 28.20 58.81 1.57
N GLU G 290 26.88 58.74 1.66
CA GLU G 290 26.19 58.46 2.92
C GLU G 290 26.50 57.02 3.36
N LEU G 291 26.43 56.11 2.40
CA LEU G 291 26.71 54.69 2.58
C LEU G 291 27.99 54.47 3.39
N LEU G 292 29.06 55.18 3.01
CA LEU G 292 30.39 54.92 3.57
C LEU G 292 30.78 55.96 4.58
N GLN G 293 29.88 56.88 4.91
CA GLN G 293 30.18 57.84 5.96
C GLN G 293 30.63 57.17 7.25
N GLY G 294 31.86 57.44 7.62
CA GLY G 294 32.37 57.04 8.93
C GLY G 294 32.71 55.56 8.94
N ARG G 295 32.76 54.95 7.76
CA ARG G 295 33.01 53.52 7.63
C ARG G 295 34.15 53.26 6.67
N GLY G 296 35.17 52.55 7.15
CA GLY G 296 36.13 51.95 6.24
C GLY G 296 35.53 50.69 5.66
N LEU G 297 36.27 50.06 4.75
CA LEU G 297 35.87 48.80 4.14
C LEU G 297 35.79 47.61 5.13
N LYS G 298 36.37 47.76 6.31
CA LYS G 298 36.22 46.81 7.40
C LYS G 298 35.04 46.99 8.33
N ASP G 299 34.30 48.07 8.17
CA ASP G 299 33.24 48.42 9.11
C ASP G 299 31.85 48.17 8.54
N LEU G 300 31.75 47.27 7.55
CA LEU G 300 30.51 47.01 6.80
C LEU G 300 29.87 45.72 7.25
N ASP G 301 30.08 45.41 8.53
CA ASP G 301 29.79 44.11 9.10
C ASP G 301 28.63 44.17 10.10
N VAL G 302 27.96 45.31 10.22
CA VAL G 302 26.94 45.51 11.27
C VAL G 302 25.50 45.51 10.77
N PHE G 303 25.28 45.05 9.55
CA PHE G 303 23.94 45.13 8.94
C PHE G 303 23.21 43.82 9.03
N THR G 304 22.11 43.70 8.31
CA THR G 304 21.16 42.63 8.52
C THR G 304 20.86 41.91 7.22
N PRO G 305 20.61 40.60 7.28
CA PRO G 305 20.18 39.91 6.06
C PRO G 305 18.79 40.37 5.59
N PRO G 306 18.56 40.36 4.28
CA PRO G 306 17.22 40.66 3.80
C PRO G 306 16.24 39.60 4.30
N THR G 307 14.97 39.90 4.19
CA THR G 307 13.93 39.02 4.66
C THR G 307 12.76 38.97 3.64
N PHE G 308 11.92 37.94 3.80
CA PHE G 308 10.65 37.82 3.09
C PHE G 308 9.47 38.26 3.94
N ASP G 309 9.72 38.58 5.21
CA ASP G 309 8.63 38.87 6.13
C ASP G 309 8.12 40.27 5.87
N ASP G 310 7.00 40.38 5.15
CA ASP G 310 6.42 41.68 4.74
C ASP G 310 6.03 42.56 5.95
N GLU G 311 5.44 41.95 6.97
CA GLU G 311 4.89 42.70 8.08
C GLU G 311 6.00 43.34 8.92
N GLU G 312 7.07 42.59 9.18
CA GLU G 312 8.18 43.07 10.02
C GLU G 312 8.94 44.20 9.37
N VAL G 313 9.00 44.17 8.04
CA VAL G 313 9.64 45.24 7.28
C VAL G 313 8.83 46.55 7.38
N ALA G 314 7.50 46.43 7.45
CA ALA G 314 6.61 47.56 7.45
C ALA G 314 6.46 48.12 8.84
N GLU G 315 6.77 47.33 9.85
CA GLU G 315 6.65 47.77 11.24
C GLU G 315 7.31 49.11 11.42
N HIS G 316 6.63 50.03 12.08
CA HIS G 316 7.18 51.35 12.22
C HIS G 316 8.51 51.36 12.99
N THR G 317 8.67 50.42 13.93
CA THR G 317 9.92 50.33 14.66
C THR G 317 11.04 50.02 13.67
N ASN G 318 10.76 49.25 12.65
CA ASN G 318 11.81 48.89 11.69
C ASN G 318 12.24 50.14 10.93
N LEU G 319 11.28 50.99 10.63
CA LEU G 319 11.58 52.25 9.94
C LEU G 319 12.30 53.21 10.86
N GLU G 320 11.96 53.18 12.12
CA GLU G 320 12.68 54.01 13.09
C GLU G 320 14.12 53.57 13.22
N THR G 321 14.34 52.25 13.28
CA THR G 321 15.70 51.70 13.33
C THR G 321 16.48 52.17 12.10
N HIS G 322 15.89 52.02 10.92
CA HIS G 322 16.55 52.52 9.72
C HIS G 322 16.95 53.99 9.83
N PHE G 323 16.13 54.80 10.47
CA PHE G 323 16.48 56.19 10.61
C PHE G 323 17.66 56.33 11.52
N ILE G 324 17.63 55.61 12.62
CA ILE G 324 18.68 55.73 13.64
C ILE G 324 20.04 55.22 13.13
N ASP G 325 20.10 54.01 12.57
CA ASP G 325 21.42 53.46 12.12
C ASP G 325 21.38 52.59 10.85
N SER G 326 20.31 52.71 10.08
CA SER G 326 20.16 51.97 8.81
C SER G 326 20.28 50.43 8.89
N SER G 327 20.29 49.87 10.11
CA SER G 327 20.47 48.44 10.32
C SER G 327 19.13 47.70 10.37
N GLY G 328 18.09 48.30 9.80
CA GLY G 328 16.78 47.68 9.83
C GLY G 328 16.67 46.68 8.72
N LEU G 329 15.52 46.04 8.67
CA LEU G 329 15.27 44.99 7.72
C LEU G 329 14.88 45.56 6.38
N ILE G 330 15.31 44.87 5.33
CA ILE G 330 15.00 45.17 3.95
C ILE G 330 14.42 43.92 3.30
N SER G 331 13.34 44.09 2.54
CA SER G 331 12.76 42.97 1.82
C SER G 331 13.64 42.53 0.67
N TRP G 332 13.71 41.20 0.49
CA TRP G 332 14.29 40.61 -0.72
C TRP G 332 13.66 41.18 -2.00
N ASP G 333 12.39 41.56 -1.92
CA ASP G 333 11.68 42.09 -3.11
C ASP G 333 12.31 43.34 -3.68
N LEU G 334 13.09 44.07 -2.89
CA LEU G 334 13.84 45.20 -3.44
C LEU G 334 14.72 44.79 -4.61
N PHE G 335 15.20 43.55 -4.57
CA PHE G 335 16.20 43.07 -5.50
C PHE G 335 15.62 42.19 -6.60
N LYS G 336 14.31 42.13 -6.71
CA LYS G 336 13.68 41.40 -7.79
C LYS G 336 14.11 41.86 -9.16
N GLN G 337 14.06 40.93 -10.10
CA GLN G 337 14.41 41.20 -11.51
C GLN G 337 13.47 42.25 -12.07
N ASP G 338 12.17 42.04 -11.88
CA ASP G 338 11.16 42.99 -12.36
C ASP G 338 10.93 44.10 -11.34
N ALA G 339 11.09 45.34 -11.81
CA ALA G 339 10.85 46.52 -11.00
C ALA G 339 9.36 46.86 -11.01
N ASP G 340 8.90 47.50 -9.93
CA ASP G 340 7.51 47.88 -9.84
C ASP G 340 7.26 49.25 -10.50
N TYR G 341 8.30 49.94 -10.88
CA TYR G 341 8.21 51.18 -11.63
C TYR G 341 9.30 51.11 -12.70
N PRO G 342 9.06 51.73 -13.86
CA PRO G 342 10.13 51.74 -14.84
C PRO G 342 11.15 52.79 -14.44
N PHE G 343 12.39 52.61 -14.88
CA PHE G 343 13.41 53.62 -14.65
C PHE G 343 12.96 54.92 -15.30
N VAL G 344 13.20 56.05 -14.65
CA VAL G 344 13.00 57.36 -15.26
C VAL G 344 14.27 58.21 -15.08
N ASP G 345 14.83 58.72 -16.18
CA ASP G 345 16.06 59.52 -16.12
C ASP G 345 15.65 60.92 -15.73
N TRP G 346 15.32 61.09 -14.47
CA TRP G 346 14.63 62.31 -14.02
C TRP G 346 15.58 63.43 -13.81
N ASN G 347 15.01 64.63 -13.80
CA ASN G 347 15.74 65.87 -13.62
C ASN G 347 14.77 66.96 -13.15
N PHE G 348 15.06 67.56 -12.00
CA PHE G 348 14.28 68.66 -11.46
C PHE G 348 15.21 69.86 -11.23
N SER G 349 16.39 69.83 -11.83
CA SER G 349 17.44 70.77 -11.49
C SER G 349 17.24 72.15 -12.12
N GLY G 350 18.03 73.10 -11.62
CA GLY G 350 18.01 74.49 -12.02
C GLY G 350 18.76 75.27 -10.96
N THR G 351 18.40 76.52 -10.83
CA THR G 351 18.97 77.36 -9.82
C THR G 351 18.40 76.98 -8.47
N THR G 352 19.01 77.39 -7.36
CA THR G 352 18.45 77.03 -6.07
C THR G 352 17.05 77.62 -5.88
N GLU G 353 16.85 78.83 -6.36
CA GLU G 353 15.54 79.45 -6.38
C GLU G 353 14.52 78.61 -7.14
N GLU G 354 14.88 78.18 -8.34
CA GLU G 354 13.99 77.39 -9.17
C GLU G 354 13.74 76.05 -8.51
N GLU G 355 14.81 75.48 -7.97
CA GLU G 355 14.72 74.17 -7.30
C GLU G 355 13.76 74.22 -6.11
N PHE G 356 13.82 75.29 -5.32
CA PHE G 356 12.88 75.45 -4.20
C PHE G 356 11.43 75.44 -4.68
N ALA G 357 11.15 76.19 -5.74
CA ALA G 357 9.80 76.28 -6.29
C ALA G 357 9.39 74.95 -6.89
N THR G 358 10.30 74.31 -7.62
CA THR G 358 10.00 72.97 -8.16
C THR G 358 9.60 71.93 -7.06
N LEU G 359 10.33 71.94 -5.94
CA LEU G 359 10.05 70.99 -4.84
C LEU G 359 8.78 71.35 -4.10
N MET G 360 8.55 72.63 -3.90
CA MET G 360 7.29 73.07 -3.29
C MET G 360 6.07 72.67 -4.14
N ALA G 361 6.22 72.70 -5.45
CA ALA G 361 5.14 72.25 -6.36
C ALA G 361 4.77 70.78 -6.14
N ILE G 362 5.77 69.95 -5.81
CA ILE G 362 5.50 68.53 -5.47
C ILE G 362 4.71 68.42 -4.18
N PHE G 363 5.13 69.14 -3.14
CA PHE G 363 4.34 69.14 -1.93
C PHE G 363 2.92 69.66 -2.16
N ASN G 364 2.79 70.76 -2.93
CA ASN G 364 1.47 71.31 -3.25
C ASN G 364 0.62 70.23 -3.89
N LYS G 365 1.17 69.53 -4.87
CA LYS G 365 0.47 68.40 -5.51
C LYS G 365 0.11 67.21 -4.56
N GLU G 366 0.95 66.94 -3.56
CA GLU G 366 0.61 65.96 -2.51
C GLU G 366 -0.47 66.49 -1.57
N ASP G 367 -0.79 67.78 -1.68
CA ASP G 367 -1.69 68.45 -0.76
C ASP G 367 -1.15 68.31 0.64
N LYS G 368 0.14 68.63 0.78
CA LYS G 368 0.78 68.58 2.10
C LYS G 368 1.35 69.92 2.45
N GLU G 369 0.81 70.53 3.51
CA GLU G 369 1.28 71.80 3.94
C GLU G 369 2.73 71.70 4.40
N VAL G 370 3.50 72.75 4.15
CA VAL G 370 4.90 72.81 4.53
C VAL G 370 5.09 73.96 5.51
N TYR G 371 5.74 73.70 6.64
CA TYR G 371 6.02 74.71 7.63
C TYR G 371 7.56 74.89 7.75
N ILE G 372 8.04 76.12 7.69
CA ILE G 372 9.46 76.40 7.74
C ILE G 372 9.78 77.43 8.82
N ALA G 373 10.70 77.07 9.73
CA ALA G 373 11.30 78.02 10.66
C ALA G 373 12.67 78.39 10.14
N ASP G 374 12.96 79.70 10.10
CA ASP G 374 14.23 80.22 9.60
C ASP G 374 15.06 80.66 10.78
N TYR G 375 16.36 80.45 10.69
CA TYR G 375 17.29 80.80 11.78
C TYR G 375 18.53 81.44 11.12
N GLU G 376 18.90 82.62 11.61
CA GLU G 376 20.05 83.32 11.07
C GLU G 376 20.90 83.89 12.17
N HIS G 377 20.55 83.56 13.40
CA HIS G 377 21.18 84.16 14.58
C HIS G 377 22.65 83.75 14.77
N LEU G 378 23.08 82.72 14.07
CA LEU G 378 24.46 82.31 14.15
C LEU G 378 25.23 82.76 12.93
N GLY G 379 24.65 83.66 12.13
CA GLY G 379 25.37 84.27 10.99
C GLY G 379 25.48 83.36 9.79
N VAL G 380 24.75 82.22 9.84
CA VAL G 380 24.62 81.31 8.70
C VAL G 380 23.14 80.99 8.58
N TYR G 381 22.63 80.89 7.37
CA TYR G 381 21.21 80.55 7.26
C TYR G 381 21.02 79.06 7.62
N ALA G 382 20.02 78.79 8.46
CA ALA G 382 19.59 77.44 8.75
C ALA G 382 18.09 77.45 8.77
N CYS G 383 17.49 76.29 8.55
CA CYS G 383 16.05 76.13 8.63
C CYS G 383 15.68 74.80 9.20
N ARG G 384 14.41 74.70 9.60
CA ARG G 384 13.84 73.45 10.05
C ARG G 384 12.44 73.35 9.43
N ILE G 385 12.24 72.32 8.61
CA ILE G 385 11.07 72.16 7.79
C ILE G 385 10.25 70.95 8.28
N ILE G 386 8.99 71.19 8.63
CA ILE G 386 8.05 70.17 9.00
C ILE G 386 7.01 70.02 7.88
N VAL G 387 6.79 68.79 7.45
CA VAL G 387 5.70 68.47 6.55
C VAL G 387 4.85 67.34 7.16
N PRO G 388 3.88 67.68 7.99
CA PRO G 388 3.11 66.63 8.66
C PRO G 388 2.51 65.65 7.66
N GLY G 389 2.74 64.36 7.88
CA GLY G 389 2.30 63.31 6.96
C GLY G 389 3.32 62.96 5.95
N MET G 390 4.47 63.62 5.97
CA MET G 390 5.59 63.23 5.12
C MET G 390 6.95 63.22 5.86
N SER G 391 7.25 64.25 6.63
CA SER G 391 8.55 64.38 7.25
C SER G 391 8.62 63.74 8.62
N ASP G 392 7.50 63.22 9.13
CA ASP G 392 7.50 62.60 10.46
C ASP G 392 8.41 61.40 10.48
N ILE G 393 9.17 61.25 11.57
CA ILE G 393 9.97 60.05 11.76
C ILE G 393 9.30 59.05 12.70
N TYR G 394 8.61 59.56 13.70
CA TYR G 394 7.84 58.75 14.64
C TYR G 394 6.33 59.03 14.51
N PRO G 395 5.47 58.01 14.78
CA PRO G 395 4.04 58.24 14.64
C PRO G 395 3.50 59.07 15.78
N ALA G 396 2.43 59.79 15.50
CA ALA G 396 1.85 60.72 16.47
C ALA G 396 1.42 60.02 17.77
N GLU G 397 1.10 58.72 17.70
CA GLU G 397 0.75 58.03 18.94
C GLU G 397 1.85 58.09 19.99
N ASP G 398 3.09 58.24 19.53
CA ASP G 398 4.21 58.28 20.44
C ASP G 398 4.09 59.44 21.40
N LEU G 399 3.31 60.46 21.04
CA LEU G 399 3.08 61.56 21.97
C LEU G 399 2.48 61.05 23.25
N TRP G 400 1.64 60.02 23.14
CA TRP G 400 1.05 59.33 24.29
C TRP G 400 1.91 58.18 24.83
N LEU G 401 2.52 57.41 23.93
CA LEU G 401 3.16 56.14 24.30
C LEU G 401 4.68 56.20 24.55
N ALA G 402 5.37 57.11 23.90
CA ALA G 402 6.85 57.18 23.97
C ALA G 402 7.31 58.62 23.99
N ASN G 403 6.76 59.41 24.90
CA ASN G 403 7.06 60.84 24.95
C ASN G 403 8.31 61.09 25.75
N ASN G 404 9.30 61.78 25.15
CA ASN G 404 10.56 61.97 25.83
C ASN G 404 10.50 62.85 27.08
N SER G 405 9.36 63.44 27.39
CA SER G 405 9.24 64.27 28.61
C SER G 405 8.38 63.55 29.64
N MET G 406 7.93 62.35 29.26
CA MET G 406 7.32 61.44 30.17
C MET G 406 8.53 61.18 31.06
N GLY G 407 8.40 61.45 32.32
CA GLY G 407 9.53 61.21 33.25
C GLY G 407 10.04 62.46 33.94
N SER G 408 9.74 63.61 33.35
CA SER G 408 10.12 64.88 33.92
C SER G 408 9.61 65.02 35.35
N HIS G 409 8.38 64.60 35.57
CA HIS G 409 7.75 64.78 36.88
C HIS G 409 8.44 63.98 38.01
N LEU G 410 9.21 62.94 37.65
CA LEU G 410 9.96 62.17 38.64
C LEU G 410 11.40 62.67 38.83
N ARG G 411 11.84 63.65 38.03
CA ARG G 411 13.25 64.03 38.04
C ARG G 411 13.69 64.42 39.44
N GLU G 412 12.99 65.37 40.04
CA GLU G 412 13.41 65.91 41.33
C GLU G 412 13.53 64.79 42.36
N THR G 413 12.53 63.94 42.42
CA THR G 413 12.51 62.81 43.34
C THR G 413 13.71 61.88 43.16
N ILE G 414 14.00 61.52 41.91
CA ILE G 414 15.05 60.55 41.64
C ILE G 414 16.41 61.14 41.94
N LEU G 415 16.62 62.38 41.52
CA LEU G 415 17.89 63.05 41.79
C LEU G 415 18.15 63.26 43.28
N SER G 416 17.09 63.25 44.10
CA SER G 416 17.25 63.44 45.54
C SER G 416 17.59 62.14 46.30
N LEU G 417 17.54 60.98 45.64
CA LEU G 417 17.70 59.69 46.32
C LEU G 417 19.03 59.48 47.01
N PRO G 418 20.15 59.78 46.36
CA PRO G 418 21.43 59.73 47.08
C PRO G 418 21.47 60.66 48.30
N GLY G 419 21.69 60.10 49.47
CA GLY G 419 21.66 60.89 50.72
C GLY G 419 20.25 61.14 51.27
N SER G 420 19.22 60.64 50.57
CA SER G 420 17.86 60.75 51.06
C SER G 420 17.74 59.89 52.30
N GLU G 421 16.79 60.21 53.17
CA GLU G 421 16.60 59.52 54.43
C GLU G 421 15.15 59.31 54.70
N TRP G 422 14.43 58.83 53.69
CA TRP G 422 13.02 58.59 53.83
C TRP G 422 12.78 57.39 54.70
N GLU G 423 11.50 57.17 55.02
CA GLU G 423 11.05 55.93 55.57
C GLU G 423 11.15 54.81 54.52
N LYS G 424 11.46 53.61 54.97
CA LYS G 424 11.58 52.45 54.11
C LYS G 424 10.41 52.32 53.14
N GLU G 425 9.19 52.52 53.64
CA GLU G 425 7.98 52.34 52.84
C GLU G 425 7.96 53.31 51.62
N ASP G 426 8.55 54.49 51.76
CA ASP G 426 8.58 55.46 50.67
C ASP G 426 9.43 54.96 49.51
N TYR G 427 10.54 54.31 49.84
CA TYR G 427 11.39 53.72 48.82
C TYR G 427 10.65 52.61 48.08
N LEU G 428 9.98 51.74 48.82
CA LEU G 428 9.23 50.65 48.19
C LEU G 428 8.05 51.15 47.37
N ASN G 429 7.41 52.20 47.86
CA ASN G 429 6.31 52.82 47.15
C ASN G 429 6.76 53.35 45.81
N LEU G 430 7.93 53.97 45.76
CA LEU G 430 8.44 54.47 44.52
C LEU G 430 8.64 53.34 43.50
N ILE G 431 9.04 52.15 43.94
CA ILE G 431 9.10 51.00 43.03
C ILE G 431 7.74 50.75 42.38
N GLU G 432 6.69 50.72 43.20
CA GLU G 432 5.33 50.50 42.70
C GLU G 432 4.91 51.62 41.73
N GLN G 433 5.30 52.86 42.04
CA GLN G 433 4.96 53.98 41.19
C GLN G 433 5.61 53.82 39.81
N LEU G 434 6.88 53.44 39.78
CA LEU G 434 7.56 53.17 38.51
C LEU G 434 6.86 52.07 37.69
N ASP G 435 6.42 51.01 38.36
CA ASP G 435 5.70 49.93 37.69
C ASP G 435 4.37 50.39 37.15
N GLU G 436 3.57 51.00 38.03
CA GLU G 436 2.24 51.50 37.67
C GLU G 436 2.31 52.57 36.56
N GLU G 437 3.36 53.40 36.52
CA GLU G 437 3.51 54.35 35.40
C GLU G 437 4.05 53.66 34.13
N GLY G 438 4.47 52.41 34.24
CA GLY G 438 4.74 51.57 33.08
C GLY G 438 6.07 51.84 32.40
N PHE G 439 7.07 52.29 33.15
CA PHE G 439 8.40 52.48 32.56
C PHE G 439 9.07 51.13 32.32
N ASP G 440 9.71 51.00 31.16
CA ASP G 440 10.47 49.81 30.84
C ASP G 440 11.69 49.76 31.76
N ASP G 441 11.96 48.57 32.29
CA ASP G 441 13.07 48.34 33.19
C ASP G 441 14.38 48.62 32.53
N PHE G 442 14.43 48.46 31.20
CA PHE G 442 15.65 48.71 30.43
C PHE G 442 15.94 50.18 30.19
N THR G 443 15.00 51.06 30.47
CA THR G 443 15.21 52.45 30.11
C THR G 443 16.34 53.01 30.94
N ARG G 444 17.23 53.75 30.30
CA ARG G 444 18.27 54.47 31.00
C ARG G 444 17.67 55.68 31.71
N VAL G 445 17.91 55.75 33.00
CA VAL G 445 17.44 56.85 33.80
C VAL G 445 17.96 58.17 33.23
N ARG G 446 19.20 58.19 32.79
CA ARG G 446 19.84 59.37 32.22
C ARG G 446 19.08 59.91 30.98
N GLU G 447 18.56 59.00 30.17
CA GLU G 447 17.82 59.38 28.98
C GLU G 447 16.37 59.80 29.34
N LEU G 448 15.74 59.05 30.21
CA LEU G 448 14.45 59.43 30.79
C LEU G 448 14.45 60.83 31.41
N LEU G 449 15.53 61.24 32.06
CA LEU G 449 15.56 62.50 32.78
C LEU G 449 16.34 63.58 32.06
N GLY G 450 16.99 63.21 30.97
CA GLY G 450 17.73 64.16 30.18
C GLY G 450 19.03 64.62 30.81
N LEU G 451 19.85 63.66 31.27
CA LEU G 451 21.09 63.96 32.00
C LEU G 451 22.32 63.57 31.23
N ALA G 452 23.18 64.54 31.03
CA ALA G 452 24.50 64.32 30.53
C ALA G 452 25.42 63.99 31.73
N THR G 453 25.45 62.70 32.09
CA THR G 453 26.10 62.24 33.32
C THR G 453 27.60 62.18 33.26
N GLY G 454 28.14 62.06 32.04
CA GLY G 454 29.52 61.70 31.87
C GLY G 454 29.63 60.19 32.06
N SER G 455 30.82 59.63 31.81
CA SER G 455 31.00 58.18 31.79
C SER G 455 31.57 57.61 33.09
N ASP G 456 31.86 58.46 34.07
CA ASP G 456 32.64 58.05 35.22
C ASP G 456 31.84 58.09 36.50
N ASN G 457 30.61 57.60 36.46
CA ASN G 457 29.82 57.44 37.66
C ASN G 457 28.71 56.46 37.36
N GLY G 458 27.96 56.06 38.37
CA GLY G 458 26.91 55.07 38.23
C GLY G 458 25.66 55.52 37.52
N TRP G 459 25.44 56.83 37.40
CA TRP G 459 24.29 57.36 36.65
C TRP G 459 24.40 57.09 35.16
N TYR G 460 25.64 56.98 34.69
CA TYR G 460 25.92 56.73 33.30
C TYR G 460 25.25 55.45 32.78
N THR G 461 25.25 54.40 33.60
CA THR G 461 24.77 53.09 33.21
C THR G 461 23.48 52.69 33.91
N LEU G 462 22.95 53.56 34.76
CA LEU G 462 21.77 53.23 35.56
C LEU G 462 20.50 53.06 34.75
N ARG G 463 19.92 51.87 34.81
CA ARG G 463 18.62 51.63 34.24
C ARG G 463 17.56 51.49 35.32
N ILE G 464 16.31 51.62 34.91
CA ILE G 464 15.18 51.52 35.83
C ILE G 464 15.29 50.25 36.70
N GLY G 465 15.59 49.12 36.08
CA GLY G 465 15.73 47.86 36.79
C GLY G 465 16.74 47.94 37.93
N GLU G 466 17.87 48.60 37.68
CA GLU G 466 18.89 48.81 38.69
C GLU G 466 18.43 49.78 39.78
N LEU G 467 17.72 50.83 39.37
CA LEU G 467 17.14 51.75 40.33
C LEU G 467 16.20 51.02 41.29
N LYS G 468 15.43 50.08 40.76
CA LYS G 468 14.57 49.26 41.61
C LYS G 468 15.40 48.46 42.63
N ALA G 469 16.55 47.96 42.22
CA ALA G 469 17.40 47.22 43.13
C ALA G 469 17.82 48.12 44.27
N MET G 470 18.18 49.35 43.93
CA MET G 470 18.64 50.31 44.92
C MET G 470 17.52 50.68 45.87
N LEU G 471 16.34 50.93 45.33
CA LEU G 471 15.18 51.27 46.16
C LEU G 471 14.75 50.13 47.07
N ALA G 472 14.85 48.92 46.56
CA ALA G 472 14.56 47.75 47.37
C ALA G 472 15.50 47.67 48.57
N LEU G 473 16.79 47.91 48.34
CA LEU G 473 17.78 47.91 49.40
C LEU G 473 17.51 49.00 50.43
N ALA G 474 17.34 50.24 49.95
CA ALA G 474 16.99 51.39 50.81
C ALA G 474 15.68 51.17 51.58
N GLY G 475 14.74 50.48 50.95
CA GLY G 475 13.47 50.12 51.56
C GLY G 475 13.46 48.84 52.37
N GLY G 476 14.60 48.15 52.47
CA GLY G 476 14.71 46.95 53.30
C GLY G 476 14.09 45.68 52.76
N ASP G 477 13.76 45.64 51.48
CA ASP G 477 13.18 44.44 50.87
C ASP G 477 14.26 43.67 50.13
N LEU G 478 14.90 42.75 50.84
CA LEU G 478 16.05 42.02 50.28
C LEU G 478 15.68 41.00 49.22
N GLU G 479 14.41 40.59 49.18
CA GLU G 479 13.98 39.64 48.13
C GLU G 479 13.85 40.38 46.79
N GLN G 480 13.17 41.52 46.78
CA GLN G 480 13.15 42.38 45.60
C GLN G 480 14.55 42.86 45.26
N ALA G 481 15.37 43.18 46.27
CA ALA G 481 16.73 43.59 45.98
C ALA G 481 17.50 42.53 45.19
N LEU G 482 17.34 41.26 45.56
CA LEU G 482 18.00 40.19 44.89
C LEU G 482 17.52 40.06 43.43
N VAL G 483 16.21 40.03 43.24
CA VAL G 483 15.65 39.92 41.90
C VAL G 483 16.28 40.97 40.96
N TRP G 484 16.34 42.20 41.42
CA TRP G 484 16.78 43.31 40.55
C TRP G 484 18.25 43.48 40.50
N THR G 485 18.92 43.00 41.52
CA THR G 485 20.37 42.93 41.47
C THR G 485 20.82 41.87 40.43
N GLU G 486 20.14 40.75 40.34
CA GLU G 486 20.48 39.74 39.33
C GLU G 486 20.18 40.26 37.93
N TRP G 487 19.00 40.87 37.78
CA TRP G 487 18.67 41.56 36.55
C TRP G 487 19.79 42.56 36.15
N THR G 488 20.25 43.34 37.12
CA THR G 488 21.24 44.36 36.86
C THR G 488 22.48 43.76 36.26
N MET G 489 22.96 42.66 36.86
CA MET G 489 24.18 42.03 36.37
C MET G 489 24.00 41.30 35.07
N GLU G 490 22.86 40.62 34.94
CA GLU G 490 22.53 39.96 33.69
C GLU G 490 22.57 40.94 32.50
N PHE G 491 22.02 42.14 32.68
CA PHE G 491 21.88 43.06 31.57
C PHE G 491 22.79 44.29 31.55
N ASN G 492 23.69 44.43 32.53
CA ASN G 492 24.60 45.59 32.57
C ASN G 492 26.04 45.34 32.96
N SER G 493 26.36 44.21 33.56
CA SER G 493 27.72 44.00 34.02
C SER G 493 28.73 44.32 32.94
N SER G 494 28.41 44.00 31.70
CA SER G 494 29.34 44.20 30.57
C SER G 494 29.79 45.65 30.41
N VAL G 495 28.93 46.60 30.74
CA VAL G 495 29.26 48.02 30.59
C VAL G 495 29.73 48.72 31.89
N PHE G 496 29.65 48.05 33.02
CA PHE G 496 30.16 48.61 34.28
C PHE G 496 31.67 48.68 34.25
N SER G 497 32.24 49.65 34.97
CA SER G 497 33.67 49.68 35.17
C SER G 497 34.01 48.44 35.97
N PRO G 498 35.27 48.00 35.93
CA PRO G 498 35.65 46.84 36.76
C PRO G 498 35.25 46.99 38.25
N GLU G 499 35.41 48.18 38.80
CA GLU G 499 35.14 48.42 40.20
C GLU G 499 33.68 48.22 40.46
N ARG G 500 32.84 48.73 39.56
CA ARG G 500 31.39 48.70 39.77
C ARG G 500 30.88 47.28 39.55
N ALA G 501 31.44 46.57 38.59
CA ALA G 501 31.08 45.16 38.36
C ALA G 501 31.47 44.30 39.56
N ASN G 502 32.65 44.56 40.11
CA ASN G 502 33.11 43.84 41.32
C ASN G 502 32.17 44.09 42.49
N TYR G 503 31.77 45.36 42.67
CA TYR G 503 30.80 45.71 43.72
C TYR G 503 29.53 44.88 43.56
N TYR G 504 29.07 44.72 42.33
CA TYR G 504 27.81 44.03 42.10
C TYR G 504 27.91 42.50 42.29
N ARG G 505 29.04 41.90 41.94
CA ARG G 505 29.25 40.48 42.25
C ARG G 505 29.22 40.29 43.77
N CYS G 506 29.88 41.20 44.48
CA CYS G 506 29.88 41.18 45.95
C CYS G 506 28.49 41.32 46.53
N LEU G 507 27.77 42.34 46.11
CA LEU G 507 26.42 42.56 46.59
C LEU G 507 25.53 41.38 46.32
N GLN G 508 25.57 40.87 45.11
CA GLN G 508 24.72 39.69 44.76
C GLN G 508 25.08 38.48 45.63
N THR G 509 26.38 38.21 45.80
CA THR G 509 26.77 37.14 46.71
C THR G 509 26.11 37.36 48.08
N LEU G 510 26.16 38.58 48.59
CA LEU G 510 25.62 38.86 49.95
C LEU G 510 24.13 38.69 50.01
N LEU G 511 23.46 39.10 48.94
CA LEU G 511 22.01 38.95 48.91
C LEU G 511 21.60 37.49 48.79
N LEU G 512 22.35 36.69 48.03
CA LEU G 512 22.09 35.23 47.98
C LEU G 512 22.28 34.63 49.36
N LEU G 513 23.36 35.05 50.04
CA LEU G 513 23.64 34.57 51.39
C LEU G 513 22.53 34.88 52.36
N ALA G 514 21.92 36.05 52.21
CA ALA G 514 20.82 36.46 53.10
C ALA G 514 19.60 35.58 52.99
N GLN G 515 19.44 34.93 51.84
CA GLN G 515 18.38 33.93 51.66
C GLN G 515 18.74 32.54 52.20
N GLU G 516 19.98 32.32 52.62
CA GLU G 516 20.40 31.03 53.15
C GLU G 516 20.16 30.98 54.66
N GLU G 517 18.99 30.47 55.05
CA GLU G 517 18.58 30.44 56.44
C GLU G 517 19.52 29.61 57.33
N ASP G 518 20.12 28.56 56.78
CA ASP G 518 20.99 27.70 57.58
C ASP G 518 22.47 28.01 57.48
N ARG G 519 22.84 29.23 57.00
CA ARG G 519 24.24 29.59 56.93
C ARG G 519 24.55 30.85 57.71
N GLN G 520 25.76 30.89 58.28
CA GLN G 520 26.19 31.99 59.11
C GLN G 520 27.13 32.88 58.34
N PRO G 521 26.72 34.13 58.07
CA PRO G 521 27.54 35.10 57.35
C PRO G 521 28.98 35.28 57.79
N LEU G 522 29.24 35.20 59.08
CA LEU G 522 30.57 35.40 59.62
C LEU G 522 31.54 34.28 59.16
N GLN G 523 31.00 33.12 58.84
CA GLN G 523 31.84 32.02 58.31
C GLN G 523 32.48 32.34 56.96
N TYR G 524 31.85 33.22 56.18
CA TYR G 524 32.28 33.49 54.79
C TYR G 524 33.04 34.78 54.61
N LEU G 525 33.12 35.60 55.67
CA LEU G 525 33.61 36.96 55.55
C LEU G 525 35.04 37.04 55.02
N ASN G 526 35.93 36.21 55.53
CA ASN G 526 37.33 36.24 55.11
C ASN G 526 37.40 35.92 53.64
N ALA G 527 36.62 34.94 53.22
CA ALA G 527 36.60 34.55 51.82
C ALA G 527 36.05 35.70 50.94
N PHE G 528 34.97 36.33 51.40
CA PHE G 528 34.41 37.50 50.70
C PHE G 528 35.42 38.63 50.57
N VAL G 529 36.19 38.89 51.63
CA VAL G 529 37.19 39.96 51.58
C VAL G 529 38.28 39.61 50.59
N ARG G 530 38.68 38.34 50.55
CA ARG G 530 39.72 37.93 49.60
C ARG G 530 39.23 37.99 48.17
N MET G 531 37.96 37.65 47.94
CA MET G 531 37.43 37.66 46.56
C MET G 531 37.17 39.11 46.07
N TYR G 532 36.52 39.91 46.89
CA TYR G 532 35.93 41.19 46.47
C TYR G 532 36.68 42.43 46.96
N GLY G 533 37.58 42.28 47.92
CA GLY G 533 38.25 43.41 48.57
C GLY G 533 37.41 43.93 49.72
N ALA G 534 38.08 44.50 50.72
CA ALA G 534 37.40 45.04 51.90
C ALA G 534 36.43 46.18 51.55
N ASP G 535 36.86 47.07 50.67
CA ASP G 535 36.01 48.21 50.29
C ASP G 535 34.65 47.79 49.74
N ALA G 536 34.65 46.85 48.80
CA ALA G 536 33.40 46.37 48.21
C ALA G 536 32.54 45.63 49.23
N VAL G 537 33.16 44.83 50.10
CA VAL G 537 32.38 44.17 51.13
C VAL G 537 31.75 45.18 52.06
N GLU G 538 32.51 46.21 52.40
CA GLU G 538 31.98 47.33 53.20
C GLU G 538 30.82 48.08 52.51
N ALA G 539 31.01 48.47 51.26
CA ALA G 539 29.95 49.22 50.51
C ALA G 539 28.71 48.39 50.31
N ALA G 540 28.89 47.11 49.99
CA ALA G 540 27.76 46.23 49.78
C ALA G 540 26.95 46.01 51.06
N SER G 541 27.64 45.86 52.19
CA SER G 541 26.95 45.66 53.47
C SER G 541 26.23 46.93 53.85
N ALA G 542 26.85 48.07 53.63
CA ALA G 542 26.18 49.35 53.82
C ALA G 542 24.92 49.49 52.95
N ALA G 543 24.94 48.94 51.74
CA ALA G 543 23.74 48.95 50.87
C ALA G 543 22.65 48.05 51.41
N MET G 544 23.05 46.91 51.94
CA MET G 544 22.11 45.94 52.50
C MET G 544 21.48 46.34 53.82
N SER G 545 22.19 47.14 54.61
CA SER G 545 21.61 47.69 55.81
C SER G 545 20.58 48.78 55.50
N GLY G 546 20.63 49.33 54.29
CA GLY G 546 19.72 50.42 53.88
C GLY G 546 20.35 51.79 54.03
N GLU G 547 21.62 51.83 54.44
CA GLU G 547 22.27 53.09 54.80
C GLU G 547 22.88 53.84 53.62
N ALA G 548 23.38 53.11 52.63
CA ALA G 548 23.95 53.70 51.44
C ALA G 548 23.62 52.83 50.24
N ALA G 549 22.36 52.81 49.86
CA ALA G 549 21.85 51.90 48.84
C ALA G 549 22.14 52.38 47.42
N PHE G 550 22.43 53.67 47.26
CA PHE G 550 22.52 54.27 45.94
C PHE G 550 23.99 54.37 45.53
N TYR G 551 24.62 53.21 45.50
CA TYR G 551 26.07 53.11 45.33
C TYR G 551 26.56 53.69 44.00
N GLY G 552 27.53 54.60 44.10
CA GLY G 552 28.09 55.26 42.93
C GLY G 552 27.22 56.34 42.31
N LEU G 553 26.07 56.63 42.92
CA LEU G 553 25.25 57.76 42.48
C LEU G 553 25.50 58.98 43.38
N GLN G 554 26.22 59.96 42.87
CA GLN G 554 26.42 61.20 43.62
C GLN G 554 25.09 61.99 43.66
N PRO G 555 24.88 62.80 44.71
CA PRO G 555 23.77 63.77 44.73
C PRO G 555 23.80 64.74 43.53
N VAL G 556 22.61 65.10 43.02
CA VAL G 556 22.54 65.99 41.85
C VAL G 556 21.66 67.20 42.12
N ASP G 557 22.23 68.39 42.00
CA ASP G 557 21.49 69.64 42.15
C ASP G 557 20.65 69.94 40.90
N SER G 558 19.80 70.97 41.01
CA SER G 558 18.85 71.31 39.96
C SER G 558 19.48 72.03 38.75
N ASP G 559 20.76 72.42 38.83
CA ASP G 559 21.47 72.91 37.64
C ASP G 559 22.53 71.91 37.14
N LEU G 560 22.48 70.69 37.71
CA LEU G 560 23.38 69.58 37.33
C LEU G 560 24.86 69.88 37.49
N HIS G 561 25.23 70.62 38.54
CA HIS G 561 26.64 70.89 38.84
C HIS G 561 27.42 69.61 39.13
N ALA G 562 26.75 68.59 39.64
CA ALA G 562 27.40 67.31 39.92
C ALA G 562 27.92 66.60 38.67
N PHE G 563 27.47 67.00 37.47
CA PHE G 563 27.91 66.36 36.23
C PHE G 563 28.73 67.31 35.41
N ALA G 564 30.03 67.03 35.32
CA ALA G 564 30.92 67.90 34.60
C ALA G 564 30.50 67.97 33.13
N ALA G 565 30.04 66.83 32.62
CA ALA G 565 29.66 66.74 31.21
C ALA G 565 28.45 67.64 30.94
N HIS G 566 27.50 67.64 31.86
CA HIS G 566 26.32 68.45 31.71
C HIS G 566 26.66 69.96 31.82
N GLN G 567 27.60 70.31 32.72
CA GLN G 567 28.10 71.68 32.80
C GLN G 567 28.70 72.11 31.49
N SER G 568 29.47 71.22 30.85
CA SER G 568 30.08 71.54 29.56
C SER G 568 29.00 71.76 28.48
N LEU G 569 27.89 71.04 28.61
CA LEU G 569 26.74 71.20 27.72
C LEU G 569 26.07 72.58 27.93
N LEU G 570 25.85 72.95 29.18
CA LEU G 570 25.24 74.23 29.48
C LEU G 570 26.12 75.39 29.03
N LYS G 571 27.44 75.26 29.17
CA LYS G 571 28.35 76.33 28.75
C LYS G 571 28.25 76.48 27.24
N ALA G 572 28.11 75.37 26.53
CA ALA G 572 27.91 75.41 25.08
C ALA G 572 26.58 76.10 24.76
N TYR G 573 25.55 75.81 25.53
CA TYR G 573 24.23 76.38 25.31
C TYR G 573 24.23 77.90 25.51
N GLU G 574 24.86 78.35 26.60
CA GLU G 574 25.00 79.78 26.89
C GLU G 574 25.64 80.56 25.74
N LYS G 575 26.60 79.97 25.04
CA LYS G 575 27.14 80.61 23.87
C LYS G 575 26.04 80.92 22.86
N LEU G 576 25.10 79.98 22.72
CA LEU G 576 23.99 80.12 21.79
C LEU G 576 22.94 81.09 22.33
N GLN G 577 22.68 81.03 23.63
CA GLN G 577 21.78 82.00 24.24
C GLN G 577 22.24 83.45 24.02
N ARG G 578 23.52 83.71 24.20
CA ARG G 578 24.04 85.04 23.95
C ARG G 578 23.79 85.47 22.51
N ALA G 579 24.15 84.60 21.56
CA ALA G 579 23.96 84.86 20.15
C ALA G 579 22.48 85.16 19.84
N LYS G 580 21.57 84.42 20.46
CA LYS G 580 20.14 84.65 20.22
C LYS G 580 19.70 86.05 20.67
N ALA G 581 20.08 86.44 21.89
CA ALA G 581 19.98 87.81 22.36
C ALA G 581 21.18 88.64 21.90
N THR H 2 74.52 14.19 35.68
CA THR H 2 73.66 14.73 36.79
C THR H 2 72.44 13.82 37.03
N GLN H 3 72.09 13.68 38.28
CA GLN H 3 71.10 12.76 38.68
C GLN H 3 70.27 13.39 39.72
N THR H 4 69.00 13.56 39.43
CA THR H 4 68.16 14.29 40.35
C THR H 4 67.05 13.36 40.82
N PHE H 5 66.99 13.18 42.13
CA PHE H 5 66.10 12.23 42.76
C PHE H 5 65.09 13.02 43.53
N ILE H 6 63.85 12.94 43.10
CA ILE H 6 62.78 13.73 43.72
C ILE H 6 61.97 12.78 44.57
N PRO H 7 61.35 13.30 45.63
CA PRO H 7 60.58 12.48 46.50
C PRO H 7 59.54 11.59 45.77
N GLY H 8 59.57 10.28 46.04
CA GLY H 8 58.51 9.34 45.59
C GLY H 8 58.87 8.57 44.34
N LYS H 9 59.95 8.95 43.66
CA LYS H 9 60.37 8.29 42.42
C LYS H 9 61.51 7.30 42.61
N ASP H 10 61.39 6.13 41.99
CA ASP H 10 62.38 5.07 42.09
C ASP H 10 63.48 5.16 41.03
N ALA H 11 63.64 6.31 40.38
CA ALA H 11 64.75 6.52 39.47
C ALA H 11 64.97 8.01 39.30
N ALA H 12 66.12 8.38 38.75
CA ALA H 12 66.50 9.76 38.60
C ALA H 12 65.76 10.33 37.39
N LEU H 13 65.44 11.62 37.44
CA LEU H 13 64.68 12.26 36.33
C LEU H 13 65.35 12.05 35.00
N GLU H 14 66.69 12.19 34.97
CA GLU H 14 67.42 12.15 33.71
C GLU H 14 67.40 10.78 33.10
N ASP H 15 67.40 9.76 33.96
CA ASP H 15 67.32 8.37 33.53
C ASP H 15 65.96 8.08 32.93
N SER H 16 64.91 8.45 33.63
CA SER H 16 63.55 8.24 33.14
C SER H 16 63.38 8.91 31.78
N ILE H 17 63.89 10.14 31.66
CA ILE H 17 63.74 10.89 30.41
C ILE H 17 64.45 10.17 29.29
N ALA H 18 65.72 9.83 29.50
CA ALA H 18 66.50 9.21 28.44
C ALA H 18 65.88 7.88 28.03
N ARG H 19 65.47 7.11 29.04
CA ARG H 19 64.89 5.79 28.82
C ARG H 19 63.57 5.86 28.02
N PHE H 20 62.68 6.74 28.46
CA PHE H 20 61.39 6.92 27.78
C PHE H 20 61.54 7.46 26.37
N GLN H 21 62.43 8.41 26.18
CA GLN H 21 62.74 8.94 24.86
C GLN H 21 63.26 7.85 23.92
N GLN H 22 64.21 7.07 24.39
CA GLN H 22 64.77 5.97 23.56
C GLN H 22 63.70 4.95 23.20
N LYS H 23 62.89 4.55 24.17
CA LYS H 23 61.87 3.53 23.92
C LYS H 23 60.79 4.03 22.92
N LEU H 24 60.38 5.29 23.00
CA LEU H 24 59.39 5.83 22.08
C LEU H 24 59.91 5.77 20.65
N SER H 25 61.14 6.19 20.50
CA SER H 25 61.82 6.09 19.21
C SER H 25 61.89 4.63 18.72
N ASP H 26 62.30 3.68 19.57
CA ASP H 26 62.35 2.28 19.19
C ASP H 26 61.02 1.77 18.69
N LEU H 27 59.93 2.20 19.33
CA LEU H 27 58.60 1.72 18.98
C LEU H 27 58.09 2.36 17.70
N GLY H 28 58.80 3.36 17.23
CA GLY H 28 58.50 3.99 15.95
C GLY H 28 57.74 5.28 16.13
N PHE H 29 57.74 5.84 17.35
CA PHE H 29 57.07 7.09 17.60
C PHE H 29 58.06 8.24 17.58
N GLN H 30 57.64 9.31 16.88
CA GLN H 30 58.38 10.56 16.80
C GLN H 30 57.61 11.60 17.59
N ILE H 31 58.09 11.90 18.79
CA ILE H 31 57.39 12.75 19.71
C ILE H 31 58.13 14.05 19.83
N GLU H 32 57.42 15.17 19.73
CA GLU H 32 58.04 16.48 19.84
C GLU H 32 57.49 17.22 21.05
N GLU H 33 58.34 18.03 21.67
CA GLU H 33 57.92 18.94 22.71
C GLU H 33 57.44 20.19 22.02
N ALA H 34 56.18 20.56 22.22
CA ALA H 34 55.56 21.60 21.42
C ALA H 34 55.55 22.92 22.12
N SER H 35 55.38 22.94 23.43
CA SER H 35 55.38 24.23 24.14
C SER H 35 55.67 24.01 25.61
N TRP H 36 56.35 24.99 26.22
CA TRP H 36 56.88 24.91 27.60
C TRP H 36 56.35 26.09 28.36
N LEU H 37 55.96 25.89 29.62
CA LEU H 37 55.57 27.00 30.46
C LEU H 37 56.27 26.91 31.78
N ASN H 38 56.53 28.08 32.35
CA ASN H 38 57.11 28.21 33.69
C ASN H 38 56.56 29.47 34.32
N PRO H 39 55.27 29.44 34.68
CA PRO H 39 54.53 30.71 34.94
C PRO H 39 54.87 31.29 36.29
N VAL H 40 55.29 30.44 37.23
CA VAL H 40 55.78 30.93 38.52
C VAL H 40 56.95 30.07 38.96
N PRO H 41 57.69 30.50 40.00
CA PRO H 41 58.82 29.69 40.39
C PRO H 41 58.40 28.29 40.85
N ASN H 42 59.13 27.28 40.39
CA ASN H 42 58.93 25.90 40.82
C ASN H 42 57.63 25.31 40.30
N VAL H 43 57.13 25.86 39.20
CA VAL H 43 56.02 25.26 38.46
C VAL H 43 56.31 25.25 36.93
N TRP H 44 56.36 24.06 36.34
CA TRP H 44 56.58 23.85 34.95
C TRP H 44 55.49 23.01 34.33
N SER H 45 55.34 23.14 33.01
CA SER H 45 54.45 22.28 32.22
C SER H 45 54.93 22.25 30.79
N VAL H 46 54.59 21.20 30.07
CA VAL H 46 55.05 21.01 28.72
C VAL H 46 53.98 20.19 28.01
N HIS H 47 53.85 20.41 26.71
CA HIS H 47 52.92 19.70 25.88
C HIS H 47 53.72 18.92 24.89
N ILE H 48 53.39 17.66 24.72
CA ILE H 48 54.17 16.80 23.89
C ILE H 48 53.22 16.09 22.92
N ARG H 49 53.64 15.80 21.68
CA ARG H 49 52.70 15.22 20.70
C ARG H 49 53.38 14.40 19.65
N ASP H 50 52.58 13.54 19.01
CA ASP H 50 53.08 12.64 17.95
C ASP H 50 53.10 13.44 16.66
N LYS H 51 54.29 13.65 16.09
CA LYS H 51 54.42 14.37 14.84
C LYS H 51 53.62 13.74 13.70
N GLU H 52 53.32 12.46 13.81
CA GLU H 52 52.60 11.77 12.74
C GLU H 52 51.15 11.48 13.08
N CYS H 53 50.68 11.92 14.25
CA CYS H 53 49.28 11.75 14.61
C CYS H 53 48.83 12.83 15.54
N ALA H 54 47.98 13.72 15.01
CA ALA H 54 47.53 14.91 15.71
C ALA H 54 46.67 14.61 16.92
N LEU H 55 46.09 13.42 16.94
CA LEU H 55 45.20 13.01 18.02
C LEU H 55 45.94 12.49 19.26
N CYS H 56 47.26 12.34 19.17
CA CYS H 56 48.02 11.71 20.25
C CYS H 56 48.98 12.70 20.88
N PHE H 57 48.67 13.11 22.10
CA PHE H 57 49.47 14.09 22.80
C PHE H 57 49.21 13.95 24.29
N THR H 58 50.15 14.41 25.10
CA THR H 58 49.94 14.47 26.55
C THR H 58 50.57 15.70 27.04
N ASN H 59 50.36 15.98 28.32
CA ASN H 59 50.94 17.11 28.97
C ASN H 59 51.70 16.72 30.25
N GLY H 60 52.78 17.47 30.54
CA GLY H 60 53.60 17.20 31.67
C GLY H 60 53.45 18.30 32.66
N LYS H 61 53.77 17.99 33.91
CA LYS H 61 53.80 18.98 34.97
C LYS H 61 54.84 18.59 36.03
N GLY H 62 55.34 19.57 36.77
CA GLY H 62 56.31 19.29 37.80
C GLY H 62 56.98 20.51 38.31
N ALA H 63 57.86 20.32 39.28
CA ALA H 63 58.48 21.46 39.97
C ALA H 63 59.77 21.92 39.31
N THR H 64 60.21 21.20 38.30
CA THR H 64 61.35 21.57 37.53
C THR H 64 61.08 21.14 36.08
N LYS H 65 61.89 21.64 35.17
CA LYS H 65 61.69 21.41 33.77
C LYS H 65 61.81 19.92 33.54
N LYS H 66 62.88 19.33 34.06
CA LYS H 66 63.05 17.87 33.94
C LYS H 66 61.83 17.08 34.45
N ALA H 67 61.35 17.43 35.64
CA ALA H 67 60.26 16.71 36.23
C ALA H 67 59.04 16.80 35.36
N ALA H 68 58.82 17.96 34.71
CA ALA H 68 57.70 18.10 33.79
C ALA H 68 57.85 17.26 32.52
N LEU H 69 59.07 17.15 32.02
CA LEU H 69 59.26 16.36 30.80
C LEU H 69 59.11 14.88 31.14
N ALA H 70 59.61 14.44 32.30
CA ALA H 70 59.45 13.06 32.71
C ALA H 70 57.94 12.71 32.93
N SER H 71 57.21 13.65 33.49
CA SER H 71 55.78 13.55 33.62
C SER H 71 55.07 13.41 32.25
N ALA H 72 55.47 14.19 31.27
CA ALA H 72 54.77 14.18 29.97
C ALA H 72 54.98 12.85 29.34
N LEU H 73 56.23 12.39 29.39
CA LEU H 73 56.64 11.17 28.74
C LEU H 73 56.01 9.96 29.47
N GLY H 74 55.91 10.06 30.77
CA GLY H 74 55.32 9.00 31.59
C GLY H 74 53.86 8.87 31.27
N GLU H 75 53.19 10.01 31.14
CA GLU H 75 51.80 10.06 30.73
C GLU H 75 51.63 9.51 29.30
N TYR H 76 52.61 9.78 28.42
CA TYR H 76 52.62 9.22 27.08
C TYR H 76 52.63 7.70 27.14
N PHE H 77 53.49 7.11 27.96
CA PHE H 77 53.51 5.66 28.08
C PHE H 77 52.24 5.08 28.73
N GLU H 78 51.70 5.80 29.71
CA GLU H 78 50.47 5.44 30.36
C GLU H 78 49.31 5.36 29.35
N ARG H 79 49.19 6.37 28.48
CA ARG H 79 48.11 6.41 27.50
C ARG H 79 48.36 5.45 26.33
N LEU H 80 49.60 5.27 25.90
CA LEU H 80 49.88 4.30 24.86
C LEU H 80 49.60 2.89 25.38
N SER H 81 50.10 2.55 26.58
CA SER H 81 49.97 1.18 27.11
C SER H 81 48.52 0.77 27.30
N THR H 82 47.67 1.74 27.64
CA THR H 82 46.24 1.45 27.94
C THR H 82 45.38 1.67 26.68
N ASN H 83 46.02 1.87 25.54
CA ASN H 83 45.33 2.23 24.29
C ASN H 83 44.41 3.45 24.39
N TYR H 84 44.66 4.35 25.35
CA TYR H 84 43.67 5.33 25.69
C TYR H 84 43.46 6.37 24.53
N PHE H 85 44.49 6.65 23.76
CA PHE H 85 44.37 7.64 22.68
C PHE H 85 43.31 7.20 21.71
N PHE H 86 43.01 5.92 21.71
CA PHE H 86 42.13 5.35 20.71
C PHE H 86 40.73 5.12 21.23
N ALA H 87 40.52 5.45 22.50
CA ALA H 87 39.32 5.06 23.23
C ALA H 87 38.02 5.62 22.67
N ASP H 88 38.06 6.75 22.00
CA ASP H 88 36.87 7.40 21.54
C ASP H 88 36.63 7.14 20.04
N PHE H 89 37.34 6.15 19.46
CA PHE H 89 37.29 5.89 18.02
C PHE H 89 37.05 4.45 17.65
N TRP H 90 36.31 4.27 16.55
CA TRP H 90 36.09 2.96 15.96
C TRP H 90 37.33 2.74 15.18
N LEU H 91 37.90 1.56 15.25
CA LEU H 91 39.18 1.29 14.65
C LEU H 91 39.09 0.55 13.32
N GLY H 92 37.88 0.40 12.79
CA GLY H 92 37.69 -0.10 11.43
C GLY H 92 37.53 -1.62 11.33
N GLU H 93 37.16 -2.05 10.15
CA GLU H 93 36.72 -3.42 9.93
C GLU H 93 37.87 -4.38 10.04
N THR H 94 38.99 -4.00 9.46
CA THR H 94 40.15 -4.86 9.50
C THR H 94 40.58 -5.14 10.95
N ILE H 95 40.78 -4.07 11.74
CA ILE H 95 41.14 -4.24 13.17
C ILE H 95 40.08 -5.06 13.90
N ALA H 96 38.80 -4.79 13.59
CA ALA H 96 37.71 -5.46 14.28
C ALA H 96 37.71 -6.97 14.11
N ASN H 97 38.18 -7.43 12.94
CA ASN H 97 38.15 -8.85 12.62
C ASN H 97 39.52 -9.51 12.70
N GLY H 98 40.54 -8.76 13.13
CA GLY H 98 41.89 -9.28 13.26
C GLY H 98 42.14 -10.14 14.49
N PRO H 99 43.39 -10.57 14.69
CA PRO H 99 43.75 -11.52 15.75
C PRO H 99 43.28 -11.04 17.13
N PHE H 100 43.62 -9.81 17.48
CA PHE H 100 43.16 -9.18 18.69
C PHE H 100 42.97 -7.68 18.47
N VAL H 101 41.97 -7.11 19.12
CA VAL H 101 41.66 -5.68 18.95
C VAL H 101 42.43 -4.87 19.98
N HIS H 102 42.26 -5.21 21.25
CA HIS H 102 42.88 -4.47 22.34
C HIS H 102 44.22 -5.09 22.79
N TYR H 103 44.18 -6.35 23.22
CA TYR H 103 45.36 -7.06 23.73
C TYR H 103 45.27 -8.53 23.38
N PRO H 104 46.43 -9.19 23.19
CA PRO H 104 46.42 -10.63 22.87
C PRO H 104 45.74 -11.46 23.93
N ASN H 105 45.81 -11.00 25.18
CA ASN H 105 45.19 -11.73 26.30
C ASN H 105 43.79 -11.31 26.63
N GLU H 106 43.17 -10.57 25.74
CA GLU H 106 41.76 -10.23 25.91
C GLU H 106 40.93 -11.50 25.69
N LYS H 107 39.68 -11.50 26.12
CA LYS H 107 38.79 -12.63 25.94
C LYS H 107 37.43 -12.17 25.40
N TRP H 108 36.93 -12.89 24.40
CA TRP H 108 35.70 -12.56 23.72
C TRP H 108 34.62 -13.50 24.18
N PHE H 109 33.49 -12.92 24.59
CA PHE H 109 32.35 -13.67 25.16
C PHE H 109 31.16 -13.49 24.27
N PRO H 110 30.81 -14.53 23.47
CA PRO H 110 29.70 -14.35 22.49
C PRO H 110 28.35 -14.04 23.16
N LEU H 111 27.50 -13.34 22.45
CA LEU H 111 26.22 -13.02 22.98
C LEU H 111 25.39 -14.26 23.20
N THR H 112 24.59 -14.26 24.27
CA THR H 112 23.67 -15.36 24.56
C THR H 112 22.31 -15.13 23.92
N GLU H 113 21.50 -16.19 23.83
CA GLU H 113 20.17 -16.14 23.19
C GLU H 113 19.15 -15.26 23.92
N ASN H 114 19.11 -15.37 25.25
CA ASN H 114 18.32 -14.40 26.05
C ASN H 114 18.99 -13.02 26.22
N ASP H 115 20.17 -12.84 25.62
CA ASP H 115 20.94 -11.61 25.73
C ASP H 115 21.22 -11.20 27.19
N ASP H 116 21.46 -12.18 28.05
CA ASP H 116 22.09 -11.93 29.32
C ASP H 116 23.56 -11.64 29.12
N VAL H 117 24.19 -11.14 30.17
CA VAL H 117 25.62 -10.96 30.19
C VAL H 117 26.31 -12.30 30.46
N PRO H 118 27.19 -12.76 29.55
CA PRO H 118 27.79 -14.10 29.70
C PRO H 118 28.44 -14.29 31.03
N GLU H 119 28.49 -15.55 31.47
CA GLU H 119 28.81 -15.85 32.88
C GLU H 119 30.23 -15.61 33.29
N GLY H 120 31.17 -15.84 32.39
CA GLY H 120 32.57 -15.64 32.72
C GLY H 120 33.05 -14.21 32.88
N LEU H 121 32.15 -13.24 32.70
CA LEU H 121 32.53 -11.83 32.75
C LEU H 121 32.25 -11.31 34.19
N LEU H 122 33.06 -10.36 34.65
CA LEU H 122 32.86 -9.69 35.92
C LEU H 122 33.04 -10.67 37.12
N ASP H 123 32.45 -10.34 38.27
CA ASP H 123 32.30 -11.20 39.38
C ASP H 123 31.05 -10.74 40.14
N ASP H 124 30.72 -11.36 41.28
CA ASP H 124 29.43 -11.08 41.91
C ASP H 124 29.33 -9.64 42.41
N ARG H 125 30.38 -9.14 43.03
CA ARG H 125 30.40 -7.78 43.57
C ARG H 125 30.30 -6.72 42.48
N LEU H 126 31.09 -6.87 41.41
CA LEU H 126 30.97 -6.08 40.21
C LEU H 126 29.56 -6.09 39.60
N ARG H 127 28.99 -7.26 39.36
CA ARG H 127 27.58 -7.32 38.89
C ARG H 127 26.63 -6.54 39.76
N ALA H 128 26.76 -6.69 41.07
CA ALA H 128 25.82 -5.99 42.00
C ALA H 128 26.03 -4.47 41.97
N PHE H 129 27.25 -4.04 41.72
CA PHE H 129 27.54 -2.62 41.67
C PHE H 129 27.10 -1.96 40.35
N TYR H 130 27.40 -2.56 39.17
CA TYR H 130 26.99 -2.03 37.92
C TYR H 130 25.49 -2.25 37.65
N ASP H 131 24.91 -3.33 38.15
CA ASP H 131 23.61 -3.79 37.70
C ASP H 131 22.77 -4.29 38.86
N PRO H 132 22.50 -3.43 39.84
CA PRO H 132 21.76 -3.85 41.01
C PRO H 132 20.39 -4.43 40.66
N GLU H 133 19.72 -3.88 39.64
CA GLU H 133 18.40 -4.37 39.20
C GLU H 133 18.43 -5.55 38.22
N ASN H 134 19.61 -6.06 37.85
CA ASN H 134 19.74 -7.16 36.87
C ASN H 134 19.19 -6.88 35.48
N GLU H 135 19.36 -5.66 34.99
CA GLU H 135 18.81 -5.27 33.70
C GLU H 135 19.85 -5.14 32.58
N LEU H 136 21.08 -5.52 32.87
CA LEU H 136 22.15 -5.42 31.85
C LEU H 136 21.95 -6.51 30.82
N THR H 137 22.06 -6.15 29.56
CA THR H 137 22.13 -7.11 28.48
C THR H 137 23.54 -7.17 27.88
N GLY H 138 23.83 -8.25 27.19
CA GLY H 138 25.12 -8.44 26.54
C GLY H 138 25.37 -7.52 25.37
N SER H 139 24.34 -7.28 24.57
CA SER H 139 24.48 -6.48 23.34
C SER H 139 24.71 -4.97 23.57
N MET H 140 24.49 -4.49 24.79
CA MET H 140 24.82 -3.13 25.17
C MET H 140 26.30 -2.99 25.55
N LEU H 141 27.02 -4.10 25.70
CA LEU H 141 28.43 -4.06 26.16
C LEU H 141 29.45 -4.38 25.06
N ILE H 142 29.09 -4.12 23.81
CA ILE H 142 30.04 -4.24 22.70
C ILE H 142 30.98 -3.02 22.71
N ASP H 143 32.29 -3.28 22.70
CA ASP H 143 33.27 -2.23 22.71
C ASP H 143 33.15 -1.32 21.48
N LEU H 144 33.33 -0.02 21.69
CA LEU H 144 33.40 0.97 20.60
C LEU H 144 34.45 0.68 19.52
N GLN H 145 35.64 0.18 19.93
CA GLN H 145 36.76 0.09 19.02
C GLN H 145 36.53 -0.95 17.91
N SER H 146 35.89 -2.06 18.24
CA SER H 146 35.63 -3.13 17.33
C SER H 146 34.22 -3.00 16.70
N GLY H 147 33.24 -2.72 17.54
CA GLY H 147 31.85 -2.66 17.10
C GLY H 147 31.39 -4.02 16.63
N ASN H 148 32.09 -5.07 17.07
CA ASN H 148 31.90 -6.39 16.47
C ASN H 148 30.98 -7.29 17.28
N GLU H 149 29.69 -7.06 17.10
CA GLU H 149 28.66 -7.73 17.88
C GLU H 149 28.76 -9.26 17.69
N ASP H 150 29.06 -9.71 16.47
CA ASP H 150 29.15 -11.13 16.17
C ASP H 150 30.28 -11.81 16.97
N ARG H 151 31.42 -11.14 17.08
CA ARG H 151 32.50 -11.65 17.88
C ARG H 151 32.20 -11.57 19.38
N GLY H 152 31.37 -10.62 19.76
CA GLY H 152 30.85 -10.58 21.13
C GLY H 152 31.52 -9.51 22.00
N ILE H 153 31.43 -9.72 23.30
CA ILE H 153 31.82 -8.76 24.29
C ILE H 153 33.27 -8.98 24.61
N CYS H 154 34.07 -7.94 24.40
CA CYS H 154 35.49 -8.03 24.64
C CYS H 154 35.76 -7.65 26.08
N GLY H 155 36.34 -8.58 26.83
CA GLY H 155 36.66 -8.38 28.23
C GLY H 155 38.17 -8.29 28.38
N LEU H 156 38.63 -7.42 29.25
CA LEU H 156 40.06 -7.28 29.54
C LEU H 156 40.36 -7.91 30.93
N PRO H 157 41.50 -8.62 31.03
CA PRO H 157 41.85 -9.25 32.30
C PRO H 157 42.43 -8.26 33.29
N PHE H 158 41.85 -8.24 34.49
CA PHE H 158 42.38 -7.54 35.63
C PHE H 158 42.62 -8.53 36.78
N THR H 159 43.64 -8.28 37.58
CA THR H 159 43.90 -9.09 38.76
C THR H 159 43.24 -8.52 40.01
N ARG H 160 42.24 -9.23 40.54
CA ARG H 160 41.59 -8.89 41.81
C ARG H 160 42.56 -9.09 42.97
N GLN H 161 42.80 -8.04 43.74
CA GLN H 161 43.96 -8.02 44.61
C GLN H 161 43.78 -8.87 45.83
N SER H 162 42.56 -8.99 46.36
CA SER H 162 42.32 -9.67 47.63
C SER H 162 42.69 -11.15 47.54
N ASP H 163 42.37 -11.79 46.41
CA ASP H 163 42.72 -13.21 46.24
C ASP H 163 43.61 -13.08 45.07
N ASN H 164 43.89 -14.01 44.21
CA ASN H 164 44.69 -13.35 43.08
C ASN H 164 44.17 -13.57 41.75
N GLN H 165 42.87 -13.42 41.67
CA GLN H 165 42.13 -14.01 40.58
C GLN H 165 41.98 -13.03 39.41
N THR H 166 42.15 -13.57 38.21
CA THR H 166 41.90 -12.86 37.01
C THR H 166 40.40 -12.71 36.84
N VAL H 167 39.96 -11.48 36.56
CA VAL H 167 38.59 -11.16 36.31
C VAL H 167 38.53 -10.41 34.98
N TYR H 168 37.58 -10.76 34.13
CA TYR H 168 37.44 -10.09 32.83
C TYR H 168 36.36 -9.01 32.94
N ILE H 169 36.77 -7.76 32.68
CA ILE H 169 35.84 -6.63 32.72
C ILE H 169 35.69 -6.13 31.30
N PRO H 170 34.45 -6.04 30.80
CA PRO H 170 34.22 -5.61 29.42
C PRO H 170 34.85 -4.25 29.13
N MET H 171 35.51 -4.13 27.98
CA MET H 171 36.10 -2.85 27.54
C MET H 171 35.06 -1.73 27.59
N ASN H 172 33.82 -2.07 27.20
CA ASN H 172 32.74 -1.11 27.20
C ASN H 172 32.48 -0.50 28.56
N ILE H 173 32.59 -1.30 29.61
CA ILE H 173 32.36 -0.77 30.98
C ILE H 173 33.55 0.09 31.42
N ILE H 174 34.75 -0.36 31.10
CA ILE H 174 35.94 0.35 31.47
C ILE H 174 35.96 1.72 30.80
N GLY H 175 35.78 1.71 29.50
CA GLY H 175 35.78 2.89 28.69
C GLY H 175 34.74 3.92 29.08
N ASN H 176 33.52 3.49 29.34
CA ASN H 176 32.47 4.41 29.69
C ASN H 176 32.55 4.94 31.14
N LEU H 177 32.97 4.11 32.09
CA LEU H 177 32.85 4.52 33.50
C LEU H 177 34.13 5.03 34.16
N TYR H 178 35.29 4.53 33.71
CA TYR H 178 36.57 4.88 34.33
C TYR H 178 37.47 5.79 33.49
N VAL H 179 37.24 5.81 32.20
CA VAL H 179 37.99 6.64 31.31
C VAL H 179 39.46 6.57 31.72
N SER H 180 40.13 7.68 31.85
CA SER H 180 41.59 7.67 32.13
C SER H 180 41.93 7.68 33.63
N ASN H 181 40.94 7.56 34.50
CA ASN H 181 41.18 7.62 35.92
C ASN H 181 41.76 6.29 36.41
N GLY H 182 42.85 6.40 37.15
CA GLY H 182 43.50 5.20 37.71
C GLY H 182 44.55 4.55 36.81
N MET H 183 44.90 5.17 35.67
CA MET H 183 45.98 4.66 34.85
C MET H 183 47.22 5.21 35.41
N SER H 184 48.34 4.59 35.08
CA SER H 184 49.63 5.07 35.53
C SER H 184 50.74 4.37 34.74
N ALA H 185 51.87 5.07 34.59
CA ALA H 185 53.12 4.48 34.19
C ALA H 185 54.22 4.91 35.15
N GLY H 186 55.37 4.23 35.08
CA GLY H 186 56.41 4.49 36.05
C GLY H 186 57.75 3.83 35.74
N ASN H 187 58.73 4.22 36.54
CA ASN H 187 60.06 3.61 36.47
C ASN H 187 60.05 2.18 37.00
N THR H 188 59.17 1.90 37.96
CA THR H 188 58.95 0.54 38.48
C THR H 188 57.46 0.27 38.67
N ARG H 189 57.14 -0.99 38.86
CA ARG H 189 55.83 -1.46 39.13
C ARG H 189 55.17 -0.75 40.29
N ASN H 190 55.86 -0.66 41.41
CA ASN H 190 55.24 -0.07 42.60
C ASN H 190 55.14 1.44 42.54
N GLU H 191 56.12 2.10 41.94
CA GLU H 191 56.07 3.55 41.81
C GLU H 191 54.80 3.89 41.00
N ALA H 192 54.58 3.17 39.91
CA ALA H 192 53.41 3.39 39.00
C ALA H 192 52.13 3.07 39.67
N ARG H 193 52.10 1.96 40.41
CA ARG H 193 50.92 1.57 41.19
C ARG H 193 50.59 2.53 42.30
N VAL H 194 51.58 3.06 42.97
CA VAL H 194 51.33 4.08 44.04
C VAL H 194 50.72 5.36 43.41
N GLN H 195 51.25 5.76 42.25
CA GLN H 195 50.70 6.93 41.54
C GLN H 195 49.24 6.69 41.14
N GLY H 196 48.95 5.52 40.60
CA GLY H 196 47.61 5.16 40.19
C GLY H 196 46.62 5.06 41.32
N LEU H 197 47.03 4.44 42.42
CA LEU H 197 46.18 4.36 43.58
C LEU H 197 45.94 5.72 44.14
N SER H 198 46.98 6.55 44.19
CA SER H 198 46.85 7.94 44.71
C SER H 198 45.87 8.77 43.82
N GLU H 199 45.88 8.52 42.50
CA GLU H 199 44.97 9.17 41.56
C GLU H 199 43.53 8.81 41.87
N VAL H 200 43.30 7.55 42.24
CA VAL H 200 41.98 7.10 42.66
C VAL H 200 41.55 7.84 43.91
N PHE H 201 42.46 7.99 44.88
CA PHE H 201 42.13 8.78 46.08
C PHE H 201 41.82 10.27 45.70
N GLU H 202 42.66 10.87 44.88
CA GLU H 202 42.49 12.25 44.45
C GLU H 202 41.07 12.49 43.96
N ARG H 203 40.65 11.70 42.99
CA ARG H 203 39.39 11.96 42.32
C ARG H 203 38.22 11.54 43.14
N TYR H 204 38.36 10.46 43.92
CA TYR H 204 37.28 10.06 44.82
C TYR H 204 37.05 11.10 45.92
N VAL H 205 38.12 11.58 46.51
CA VAL H 205 38.01 12.49 47.67
C VAL H 205 37.61 13.89 47.15
N LYS H 206 38.16 14.26 46.00
CA LYS H 206 37.72 15.45 45.29
C LYS H 206 36.20 15.44 45.14
N ASN H 207 35.64 14.35 44.61
CA ASN H 207 34.18 14.32 44.40
C ASN H 207 33.41 14.44 45.70
N ARG H 208 33.90 13.83 46.77
CA ARG H 208 33.24 13.97 48.08
C ARG H 208 33.29 15.43 48.56
N ILE H 209 34.46 16.03 48.51
CA ILE H 209 34.65 17.41 48.96
C ILE H 209 33.73 18.40 48.21
N ILE H 210 33.71 18.28 46.88
CA ILE H 210 32.86 19.11 46.05
C ILE H 210 31.38 18.77 46.26
N ALA H 211 31.00 17.50 46.10
CA ALA H 211 29.59 17.11 46.15
C ALA H 211 28.93 17.39 47.49
N GLU H 212 29.68 17.27 48.58
CA GLU H 212 29.12 17.37 49.91
C GLU H 212 29.33 18.76 50.50
N SER H 213 29.97 19.66 49.75
CA SER H 213 30.14 21.06 50.20
C SER H 213 30.90 21.12 51.51
N ILE H 214 31.99 20.38 51.57
CA ILE H 214 32.77 20.25 52.79
C ILE H 214 33.64 21.48 52.94
N SER H 215 33.70 22.04 54.15
CA SER H 215 34.68 23.04 54.49
C SER H 215 35.92 22.35 54.95
N LEU H 216 37.03 22.61 54.27
CA LEU H 216 38.29 22.01 54.62
C LEU H 216 39.11 22.89 55.51
N PRO H 217 40.06 22.28 56.26
CA PRO H 217 40.97 23.01 57.12
C PRO H 217 42.23 23.46 56.41
N GLU H 218 42.71 24.65 56.75
CA GLU H 218 43.88 25.21 56.13
C GLU H 218 45.12 24.50 56.61
N ILE H 219 46.09 24.38 55.73
CA ILE H 219 47.39 23.86 56.09
C ILE H 219 48.09 24.97 56.82
N PRO H 220 48.39 24.79 58.11
CA PRO H 220 49.07 25.87 58.85
C PRO H 220 50.35 26.33 58.19
N ALA H 221 50.70 27.60 58.37
CA ALA H 221 51.92 28.17 57.76
C ALA H 221 53.22 27.44 58.11
N ASP H 222 53.33 26.92 59.33
CA ASP H 222 54.58 26.23 59.73
C ASP H 222 54.73 24.85 59.06
N VAL H 223 53.61 24.23 58.67
CA VAL H 223 53.67 23.05 57.85
C VAL H 223 54.08 23.39 56.40
N LEU H 224 53.49 24.45 55.84
CA LEU H 224 53.84 24.88 54.48
C LEU H 224 55.29 25.24 54.36
N ALA H 225 55.85 25.82 55.43
CA ALA H 225 57.27 26.21 55.46
C ALA H 225 58.25 25.06 55.22
N ARG H 226 57.82 23.84 55.46
CA ARG H 226 58.64 22.68 55.13
C ARG H 226 58.90 22.55 53.64
N TYR H 227 58.10 23.23 52.82
CA TYR H 227 58.11 23.03 51.34
C TYR H 227 58.26 24.37 50.66
N PRO H 228 59.47 24.92 50.75
CA PRO H 228 59.65 26.29 50.31
C PRO H 228 59.44 26.49 48.82
N ALA H 229 59.69 25.48 47.99
CA ALA H 229 59.53 25.60 46.55
C ALA H 229 58.06 25.89 46.23
N VAL H 230 57.19 25.18 46.92
CA VAL H 230 55.75 25.40 46.79
C VAL H 230 55.34 26.74 47.37
N VAL H 231 55.87 27.09 48.55
CA VAL H 231 55.56 28.39 49.18
C VAL H 231 55.91 29.57 48.24
N GLU H 232 57.03 29.47 47.56
CA GLU H 232 57.44 30.49 46.61
C GLU H 232 56.39 30.62 45.46
N ALA H 233 55.95 29.48 44.94
CA ALA H 233 54.98 29.48 43.86
C ALA H 233 53.73 30.17 44.32
N ILE H 234 53.25 29.82 45.50
CA ILE H 234 52.02 30.41 46.06
C ILE H 234 52.17 31.91 46.31
N GLU H 235 53.26 32.32 46.94
CA GLU H 235 53.51 33.74 47.21
C GLU H 235 53.52 34.55 45.89
N THR H 236 54.12 33.99 44.84
CA THR H 236 54.20 34.63 43.56
C THR H 236 52.80 34.79 42.99
N LEU H 237 52.02 33.73 43.03
CA LEU H 237 50.61 33.81 42.61
C LEU H 237 49.84 34.91 43.37
N GLU H 238 50.02 34.96 44.68
CA GLU H 238 49.34 35.97 45.48
C GLU H 238 49.80 37.37 45.14
N ALA H 239 51.10 37.53 44.87
CA ALA H 239 51.67 38.83 44.53
C ALA H 239 51.11 39.26 43.18
N GLU H 240 50.83 38.30 42.30
CA GLU H 240 50.28 38.58 40.98
C GLU H 240 48.75 38.79 41.00
N GLY H 241 48.14 38.83 42.19
CA GLY H 241 46.73 39.14 42.33
C GLY H 241 45.78 37.96 42.47
N PHE H 242 46.33 36.77 42.77
CA PHE H 242 45.50 35.55 42.83
C PHE H 242 45.55 34.96 44.22
N PRO H 243 44.51 35.19 45.05
CA PRO H 243 44.56 34.57 46.37
C PRO H 243 44.55 33.05 46.27
N ILE H 244 45.34 32.43 47.14
CA ILE H 244 45.43 30.98 47.21
C ILE H 244 44.98 30.46 48.59
N PHE H 245 44.14 29.41 48.58
CA PHE H 245 43.80 28.69 49.77
C PHE H 245 44.48 27.31 49.68
N ALA H 246 45.27 26.94 50.69
CA ALA H 246 45.92 25.63 50.72
C ALA H 246 45.28 24.83 51.82
N TYR H 247 44.55 23.77 51.41
CA TYR H 247 43.73 22.97 52.30
C TYR H 247 44.22 21.53 52.43
N ASP H 248 44.04 20.97 53.62
CA ASP H 248 44.23 19.52 53.84
C ASP H 248 42.90 18.86 53.47
N GLY H 249 42.96 17.98 52.47
CA GLY H 249 41.79 17.25 52.04
C GLY H 249 41.71 15.81 52.50
N SER H 250 42.44 15.50 53.54
CA SER H 250 42.45 14.11 54.09
C SER H 250 41.15 13.70 54.79
N LEU H 251 40.28 14.66 55.05
CA LEU H 251 39.02 14.40 55.76
C LEU H 251 39.28 13.74 57.12
N GLY H 252 40.16 14.36 57.91
CA GLY H 252 40.46 13.87 59.25
C GLY H 252 41.56 12.83 59.26
N GLY H 253 42.47 12.92 58.31
CA GLY H 253 43.63 12.03 58.27
C GLY H 253 43.38 10.71 57.58
N GLN H 254 42.24 10.56 56.94
CA GLN H 254 41.93 9.28 56.30
C GLN H 254 42.63 9.10 54.95
N TYR H 255 42.74 10.14 54.16
CA TYR H 255 43.17 9.96 52.78
C TYR H 255 44.30 10.89 52.46
N PRO H 256 45.24 10.45 51.62
CA PRO H 256 46.40 11.27 51.32
C PRO H 256 46.16 12.32 50.23
N VAL H 257 45.29 13.26 50.55
CA VAL H 257 44.80 14.22 49.58
C VAL H 257 44.94 15.68 50.04
N ILE H 258 45.39 16.52 49.10
CA ILE H 258 45.50 17.96 49.26
C ILE H 258 44.62 18.68 48.26
N CYS H 259 44.07 19.80 48.69
CA CYS H 259 43.25 20.67 47.83
C CYS H 259 43.84 22.08 47.85
N VAL H 260 44.10 22.66 46.68
CA VAL H 260 44.51 24.05 46.57
C VAL H 260 43.53 24.83 45.69
N VAL H 261 43.04 25.96 46.22
CA VAL H 261 42.08 26.77 45.46
C VAL H 261 42.64 28.13 45.12
N LEU H 262 42.47 28.52 43.85
CA LEU H 262 42.82 29.86 43.37
C LEU H 262 41.57 30.71 43.16
N PHE H 263 41.66 31.97 43.59
CA PHE H 263 40.61 32.97 43.34
C PHE H 263 41.13 33.90 42.26
N ASN H 264 40.23 34.30 41.37
CA ASN H 264 40.56 35.34 40.44
C ASN H 264 39.62 36.50 40.70
N PRO H 265 40.06 37.46 41.55
CA PRO H 265 39.21 38.62 41.91
C PRO H 265 38.71 39.44 40.69
N ALA H 266 39.45 39.41 39.58
CA ALA H 266 39.06 40.16 38.43
C ALA H 266 37.71 39.74 37.88
N ASN H 267 37.29 38.52 38.17
CA ASN H 267 35.99 38.04 37.61
C ASN H 267 35.14 37.30 38.64
N GLY H 268 35.57 37.27 39.91
CA GLY H 268 34.82 36.63 40.96
C GLY H 268 34.75 35.13 40.91
N THR H 269 35.75 34.48 40.28
CA THR H 269 35.73 33.05 40.08
C THR H 269 36.74 32.32 40.97
N CYS H 270 36.56 31.00 41.09
CA CYS H 270 37.53 30.16 41.78
C CYS H 270 37.84 28.94 40.95
N PHE H 271 38.98 28.35 41.23
CA PHE H 271 39.45 27.16 40.56
C PHE H 271 40.11 26.23 41.61
N ALA H 272 39.46 25.09 41.88
CA ALA H 272 39.92 24.13 42.88
C ALA H 272 40.69 23.01 42.23
N SER H 273 41.92 22.82 42.70
CA SER H 273 42.78 21.75 42.23
C SER H 273 43.05 20.77 43.38
N PHE H 274 43.28 19.51 43.00
CA PHE H 274 43.38 18.41 43.95
C PHE H 274 44.58 17.56 43.58
N GLY H 275 45.20 16.94 44.58
CA GLY H 275 46.35 16.11 44.35
C GLY H 275 46.50 15.09 45.45
N ALA H 276 47.11 13.96 45.13
CA ALA H 276 47.29 12.92 46.14
C ALA H 276 48.59 12.19 46.03
N HIS H 277 49.12 11.84 47.20
CA HIS H 277 50.33 10.99 47.31
C HIS H 277 50.54 10.66 48.79
N PRO H 278 51.15 9.51 49.10
CA PRO H 278 51.49 9.18 50.49
C PRO H 278 52.36 10.20 51.23
N ASP H 279 53.33 10.78 50.51
CA ASP H 279 54.10 11.91 50.98
C ASP H 279 53.38 13.27 50.86
N PHE H 280 53.19 13.93 51.98
CA PHE H 280 52.36 15.13 52.13
C PHE H 280 52.87 16.21 51.19
N GLY H 281 54.18 16.38 51.14
CA GLY H 281 54.79 17.36 50.28
C GLY H 281 54.62 17.07 48.80
N VAL H 282 54.72 15.81 48.41
CA VAL H 282 54.53 15.44 47.00
C VAL H 282 53.09 15.77 46.57
N ALA H 283 52.16 15.51 47.48
CA ALA H 283 50.78 15.68 47.19
C ALA H 283 50.47 17.15 47.02
N LEU H 284 51.01 17.94 47.93
CA LEU H 284 50.86 19.38 47.94
C LEU H 284 51.42 19.99 46.63
N GLU H 285 52.66 19.61 46.31
CA GLU H 285 53.26 20.04 45.07
C GLU H 285 52.41 19.69 43.83
N ARG H 286 52.03 18.43 43.66
CA ARG H 286 51.22 18.00 42.54
C ARG H 286 49.99 18.89 42.38
N THR H 287 49.40 19.26 43.50
CA THR H 287 48.16 19.96 43.46
C THR H 287 48.36 21.33 42.81
N VAL H 288 49.47 21.97 43.15
CA VAL H 288 49.81 23.30 42.66
C VAL H 288 50.26 23.22 41.18
N THR H 289 51.08 22.23 40.84
CA THR H 289 51.55 22.10 39.45
C THR H 289 50.39 21.73 38.50
N GLU H 290 49.36 21.05 39.01
CA GLU H 290 48.18 20.69 38.23
C GLU H 290 47.40 21.95 37.93
N LEU H 291 47.23 22.77 38.94
CA LEU H 291 46.55 24.05 38.84
C LEU H 291 46.98 24.85 37.61
N LEU H 292 48.27 24.96 37.40
CA LEU H 292 48.82 25.84 36.39
C LEU H 292 49.24 25.08 35.14
N GLN H 293 49.02 23.77 35.10
CA GLN H 293 49.37 23.00 33.90
C GLN H 293 48.77 23.57 32.61
N GLY H 294 49.65 24.02 31.73
CA GLY H 294 49.23 24.50 30.45
C GLY H 294 48.63 25.91 30.53
N ARG H 295 48.79 26.59 31.65
CA ARG H 295 48.19 27.91 31.86
C ARG H 295 49.24 28.92 32.27
N GLY H 296 49.36 30.00 31.51
CA GLY H 296 50.10 31.16 32.00
C GLY H 296 49.20 31.92 32.96
N LEU H 297 49.76 32.96 33.57
CA LEU H 297 49.00 33.84 34.47
C LEU H 297 47.82 34.61 33.80
N LYS H 298 47.81 34.70 32.47
CA LYS H 298 46.70 35.31 31.74
C LYS H 298 45.61 34.31 31.32
N ASP H 299 45.80 33.03 31.64
CA ASP H 299 44.84 31.98 31.20
C ASP H 299 43.97 31.45 32.36
N LEU H 300 43.83 32.26 33.41
CA LEU H 300 43.10 31.88 34.64
C LEU H 300 41.70 32.50 34.69
N ASP H 301 41.13 32.69 33.50
CA ASP H 301 39.92 33.49 33.32
C ASP H 301 38.72 32.66 32.91
N VAL H 302 38.85 31.33 32.90
CA VAL H 302 37.81 30.44 32.35
C VAL H 302 37.01 29.67 33.39
N PHE H 303 37.12 30.07 34.65
CA PHE H 303 36.46 29.33 35.73
C PHE H 303 35.14 29.96 36.16
N THR H 304 34.58 29.51 37.28
CA THR H 304 33.22 29.88 37.63
C THR H 304 33.15 30.41 39.04
N PRO H 305 32.20 31.32 39.29
CA PRO H 305 32.01 31.78 40.66
C PRO H 305 31.52 30.65 41.59
N PRO H 306 31.88 30.72 42.88
CA PRO H 306 31.33 29.78 43.83
C PRO H 306 29.82 29.98 43.95
N THR H 307 29.14 29.02 44.58
CA THR H 307 27.72 29.05 44.70
C THR H 307 27.29 28.57 46.07
N PHE H 308 26.06 28.91 46.45
CA PHE H 308 25.38 28.37 47.63
C PHE H 308 24.40 27.23 47.29
N ASP H 309 24.23 26.92 46.02
CA ASP H 309 23.27 25.92 45.62
C ASP H 309 23.82 24.51 45.83
N ASP H 310 23.40 23.87 46.91
CA ASP H 310 23.92 22.59 47.34
C ASP H 310 23.66 21.49 46.29
N GLU H 311 22.47 21.49 45.71
CA GLU H 311 22.04 20.42 44.82
C GLU H 311 22.83 20.44 43.51
N GLU H 312 23.03 21.62 42.94
CA GLU H 312 23.74 21.76 41.67
C GLU H 312 25.21 21.38 41.78
N VAL H 313 25.79 21.63 42.93
CA VAL H 313 27.18 21.23 43.19
C VAL H 313 27.32 19.70 43.25
N ALA H 314 26.29 19.04 43.77
CA ALA H 314 26.31 17.59 43.97
C ALA H 314 25.96 16.84 42.69
N GLU H 315 25.29 17.52 41.77
CA GLU H 315 24.88 16.92 40.52
C GLU H 315 26.06 16.19 39.89
N HIS H 316 25.84 14.97 39.44
CA HIS H 316 26.91 14.18 38.89
C HIS H 316 27.52 14.81 37.62
N THR H 317 26.71 15.51 36.85
CA THR H 317 27.22 16.23 35.69
C THR H 317 28.20 17.34 36.12
N ASN H 318 27.97 17.97 37.27
CA ASN H 318 28.92 18.93 37.76
C ASN H 318 30.27 18.26 38.10
N LEU H 319 30.22 17.08 38.70
CA LEU H 319 31.47 16.33 39.00
C LEU H 319 32.14 15.84 37.72
N GLU H 320 31.34 15.53 36.71
CA GLU H 320 31.92 15.11 35.43
C GLU H 320 32.64 16.29 34.79
N THR H 321 32.00 17.47 34.81
CA THR H 321 32.60 18.69 34.28
C THR H 321 33.91 18.96 34.99
N HIS H 322 33.92 18.86 36.32
CA HIS H 322 35.19 19.00 37.04
C HIS H 322 36.23 18.03 36.58
N PHE H 323 35.85 16.83 36.21
CA PHE H 323 36.86 15.88 35.73
C PHE H 323 37.38 16.35 34.39
N ILE H 324 36.48 16.73 33.52
CA ILE H 324 36.86 17.09 32.16
C ILE H 324 37.72 18.36 32.11
N ASP H 325 37.31 19.45 32.77
CA ASP H 325 38.10 20.69 32.70
C ASP H 325 38.10 21.55 33.97
N SER H 326 37.75 20.96 35.10
CA SER H 326 37.77 21.65 36.42
C SER H 326 36.95 22.94 36.50
N SER H 327 36.13 23.24 35.48
CA SER H 327 35.33 24.47 35.44
C SER H 327 33.96 24.25 36.05
N GLY H 328 33.81 23.25 36.92
CA GLY H 328 32.53 23.01 37.54
C GLY H 328 32.30 24.00 38.68
N LEU H 329 31.13 23.89 39.29
CA LEU H 329 30.79 24.66 40.45
C LEU H 329 31.45 24.12 41.73
N ILE H 330 31.77 25.07 42.62
CA ILE H 330 32.30 24.84 43.96
C ILE H 330 31.47 25.61 44.98
N SER H 331 31.14 24.98 46.08
CA SER H 331 30.37 25.62 47.14
C SER H 331 31.21 26.64 47.87
N TRP H 332 30.57 27.76 48.20
CA TRP H 332 31.18 28.75 49.10
C TRP H 332 31.59 28.10 50.40
N ASP H 333 30.87 27.05 50.81
CA ASP H 333 31.20 26.38 52.09
C ASP H 333 32.60 25.84 52.17
N LEU H 334 33.24 25.60 51.04
CA LEU H 334 34.61 25.18 51.07
C LEU H 334 35.48 26.17 51.87
N PHE H 335 35.12 27.44 51.77
CA PHE H 335 35.98 28.52 52.21
C PHE H 335 35.54 29.08 53.57
N LYS H 336 34.62 28.38 54.22
CA LYS H 336 34.18 28.76 55.55
C LYS H 336 35.33 28.82 56.53
N GLN H 337 35.18 29.72 57.51
CA GLN H 337 36.18 29.93 58.53
C GLN H 337 36.36 28.61 59.30
N ASP H 338 35.25 28.01 59.72
CA ASP H 338 35.28 26.74 60.45
C ASP H 338 35.31 25.55 59.51
N ALA H 339 36.30 24.70 59.70
CA ALA H 339 36.47 23.49 58.88
C ALA H 339 35.62 22.39 59.45
N ASP H 340 35.22 21.46 58.60
CA ASP H 340 34.41 20.30 59.03
C ASP H 340 35.27 19.14 59.54
N TYR H 341 36.58 19.25 59.35
CA TYR H 341 37.54 18.30 59.89
C TYR H 341 38.71 19.10 60.39
N PRO H 342 39.39 18.64 61.45
CA PRO H 342 40.56 19.39 61.86
C PRO H 342 41.71 19.07 60.92
N PHE H 343 42.67 19.97 60.82
CA PHE H 343 43.86 19.70 60.07
C PHE H 343 44.59 18.49 60.67
N VAL H 344 45.13 17.62 59.81
CA VAL H 344 45.98 16.55 60.26
C VAL H 344 47.27 16.58 59.45
N ASP H 345 48.42 16.63 60.12
CA ASP H 345 49.72 16.67 59.43
C ASP H 345 50.09 15.25 59.04
N TRP H 346 49.43 14.74 58.01
CA TRP H 346 49.42 13.31 57.73
C TRP H 346 50.67 12.94 56.94
N ASN H 347 50.98 11.66 57.02
CA ASN H 347 52.12 11.06 56.38
C ASN H 347 51.87 9.57 56.25
N PHE H 348 51.94 9.07 55.00
CA PHE H 348 51.80 7.66 54.71
C PHE H 348 53.04 7.19 53.97
N SER H 349 54.11 7.96 54.03
CA SER H 349 55.22 7.76 53.12
C SER H 349 56.15 6.63 53.57
N GLY H 350 57.02 6.24 52.63
CA GLY H 350 58.01 5.19 52.79
C GLY H 350 58.56 4.81 51.41
N THR H 351 59.01 3.58 51.23
CA THR H 351 59.46 3.13 49.92
C THR H 351 58.22 2.91 49.09
N THR H 352 58.39 2.72 47.78
CA THR H 352 57.24 2.51 46.93
C THR H 352 56.51 1.24 47.28
N GLU H 353 57.28 0.22 47.64
CA GLU H 353 56.72 -1.03 48.12
C GLU H 353 55.85 -0.84 49.37
N GLU H 354 56.37 -0.12 50.36
CA GLU H 354 55.61 0.13 51.57
C GLU H 354 54.40 0.97 51.24
N GLU H 355 54.59 1.96 50.36
CA GLU H 355 53.51 2.87 50.02
C GLU H 355 52.36 2.11 49.37
N PHE H 356 52.68 1.17 48.49
CA PHE H 356 51.64 0.36 47.89
C PHE H 356 50.82 -0.36 48.92
N ALA H 357 51.49 -0.99 49.87
CA ALA H 357 50.81 -1.75 50.90
C ALA H 357 50.00 -0.82 51.77
N THR H 358 50.56 0.32 52.10
CA THR H 358 49.83 1.29 52.95
C THR H 358 48.56 1.77 52.32
N LEU H 359 48.58 2.01 51.02
CA LEU H 359 47.37 2.46 50.30
C LEU H 359 46.37 1.35 50.14
N MET H 360 46.85 0.13 49.88
CA MET H 360 45.94 -1.02 49.81
C MET H 360 45.21 -1.24 51.13
N ALA H 361 45.88 -0.94 52.24
CA ALA H 361 45.26 -1.05 53.58
C ALA H 361 44.08 -0.15 53.75
N ILE H 362 44.16 1.03 53.15
CA ILE H 362 43.04 1.95 53.13
C ILE H 362 41.87 1.43 52.31
N PHE H 363 42.14 0.91 51.11
CA PHE H 363 41.08 0.27 50.35
C PHE H 363 40.47 -0.92 51.11
N ASN H 364 41.33 -1.74 51.72
CA ASN H 364 40.83 -2.91 52.48
C ASN H 364 39.86 -2.42 53.58
N LYS H 365 40.26 -1.37 54.31
CA LYS H 365 39.42 -0.81 55.33
C LYS H 365 38.11 -0.22 54.80
N GLU H 366 38.11 0.35 53.58
CA GLU H 366 36.86 0.79 52.94
C GLU H 366 36.01 -0.39 52.48
N ASP H 367 36.59 -1.60 52.53
CA ASP H 367 35.93 -2.79 52.01
C ASP H 367 35.67 -2.62 50.54
N LYS H 368 36.69 -2.13 49.83
CA LYS H 368 36.55 -1.90 48.40
C LYS H 368 37.57 -2.71 47.67
N GLU H 369 37.08 -3.65 46.86
CA GLU H 369 37.98 -4.47 46.07
C GLU H 369 38.76 -3.60 45.07
N VAL H 370 40.02 -3.96 44.82
CA VAL H 370 40.89 -3.30 43.85
C VAL H 370 41.27 -4.27 42.75
N TYR H 371 41.12 -3.85 41.51
CA TYR H 371 41.46 -4.65 40.34
C TYR H 371 42.57 -3.94 39.54
N ILE H 372 43.65 -4.66 39.23
CA ILE H 372 44.80 -4.08 38.53
C ILE H 372 45.20 -4.87 37.30
N ALA H 373 45.27 -4.20 36.17
CA ALA H 373 45.84 -4.74 34.95
C ALA H 373 47.22 -4.19 34.80
N ASP H 374 48.18 -5.07 34.51
CA ASP H 374 49.58 -4.68 34.31
C ASP H 374 49.94 -4.75 32.83
N TYR H 375 50.78 -3.82 32.39
CA TYR H 375 51.17 -3.71 30.99
C TYR H 375 52.65 -3.42 30.98
N GLU H 376 53.39 -4.18 30.21
CA GLU H 376 54.80 -3.98 30.05
C GLU H 376 55.23 -4.16 28.60
N HIS H 377 54.26 -4.28 27.69
CA HIS H 377 54.56 -4.56 26.28
C HIS H 377 55.22 -3.41 25.52
N LEU H 378 55.21 -2.21 26.09
CA LEU H 378 55.96 -1.11 25.52
C LEU H 378 57.31 -0.87 26.18
N GLY H 379 57.78 -1.81 27.01
CA GLY H 379 59.08 -1.68 27.68
C GLY H 379 59.10 -0.71 28.84
N VAL H 380 57.92 -0.28 29.31
CA VAL H 380 57.79 0.54 30.49
C VAL H 380 56.62 0.01 31.26
N TYR H 381 56.71 -0.01 32.57
CA TYR H 381 55.59 -0.53 33.36
C TYR H 381 54.45 0.47 33.36
N ALA H 382 53.26 -0.05 33.07
CA ALA H 382 52.07 0.74 33.16
C ALA H 382 51.03 -0.14 33.81
N CYS H 383 50.04 0.50 34.40
CA CYS H 383 48.90 -0.21 34.96
C CYS H 383 47.62 0.57 34.81
N ARG H 384 46.51 -0.15 34.96
CA ARG H 384 45.21 0.45 35.00
C ARG H 384 44.48 -0.17 36.16
N ILE H 385 44.11 0.67 37.11
CA ILE H 385 43.48 0.26 38.37
C ILE H 385 41.99 0.70 38.42
N ILE H 386 41.09 -0.26 38.65
CA ILE H 386 39.67 -0.01 38.86
C ILE H 386 39.29 -0.36 40.32
N VAL H 387 38.60 0.56 40.98
CA VAL H 387 38.07 0.35 42.32
C VAL H 387 36.58 0.70 42.32
N PRO H 388 35.73 -0.26 41.99
CA PRO H 388 34.31 0.06 41.79
C PRO H 388 33.72 0.64 43.04
N GLY H 389 33.05 1.78 42.90
CA GLY H 389 32.54 2.52 44.05
C GLY H 389 33.50 3.56 44.57
N MET H 390 34.70 3.65 43.99
CA MET H 390 35.62 4.72 44.33
C MET H 390 36.27 5.39 43.12
N SER H 391 36.76 4.61 42.17
CA SER H 391 37.46 5.18 41.03
C SER H 391 36.55 5.53 39.82
N ASP H 392 35.26 5.29 39.94
CA ASP H 392 34.31 5.60 38.84
C ASP H 392 34.25 7.07 38.58
N ILE H 393 34.24 7.45 37.31
CA ILE H 393 34.06 8.87 36.95
C ILE H 393 32.60 9.13 36.56
N TYR H 394 31.97 8.15 35.93
CA TYR H 394 30.58 8.28 35.47
C TYR H 394 29.74 7.23 36.18
N PRO H 395 28.45 7.51 36.39
CA PRO H 395 27.65 6.54 37.15
C PRO H 395 27.28 5.38 36.27
N ALA H 396 27.04 4.24 36.89
CA ALA H 396 26.75 3.01 36.11
C ALA H 396 25.50 3.12 35.24
N GLU H 397 24.58 3.97 35.62
CA GLU H 397 23.35 4.22 34.84
C GLU H 397 23.71 4.72 33.41
N ASP H 398 24.91 5.32 33.25
CA ASP H 398 25.39 5.75 31.91
C ASP H 398 25.59 4.58 30.95
N LEU H 399 25.77 3.36 31.47
CA LEU H 399 25.81 2.18 30.58
C LEU H 399 24.54 2.05 29.76
N TRP H 400 23.40 2.43 30.36
CA TRP H 400 22.09 2.50 29.66
C TRP H 400 21.84 3.83 28.94
N LEU H 401 22.22 4.94 29.57
CA LEU H 401 21.81 6.27 29.15
C LEU H 401 22.80 7.04 28.29
N ALA H 402 24.09 6.78 28.45
CA ALA H 402 25.11 7.52 27.73
C ALA H 402 26.24 6.60 27.32
N ASN H 403 25.90 5.50 26.65
CA ASN H 403 26.89 4.52 26.31
C ASN H 403 27.59 4.91 25.00
N ASN H 404 28.92 5.00 25.02
CA ASN H 404 29.63 5.47 23.84
C ASN H 404 29.59 4.50 22.62
N SER H 405 29.01 3.31 22.77
CA SER H 405 28.85 2.42 21.65
C SER H 405 27.39 2.34 21.20
N MET H 406 26.55 3.12 21.85
CA MET H 406 25.13 3.24 21.46
C MET H 406 24.78 3.47 19.98
N GLY H 407 25.65 4.09 19.20
CA GLY H 407 25.35 4.34 17.80
C GLY H 407 26.09 3.50 16.80
N SER H 408 26.81 2.48 17.27
CA SER H 408 27.56 1.55 16.42
C SER H 408 26.65 0.97 15.34
N HIS H 409 25.45 0.56 15.73
CA HIS H 409 24.56 -0.12 14.79
C HIS H 409 24.11 0.77 13.60
N LEU H 410 24.20 2.09 13.73
CA LEU H 410 23.85 3.01 12.68
C LEU H 410 25.03 3.44 11.83
N ARG H 411 26.24 3.02 12.18
CA ARG H 411 27.45 3.54 11.51
C ARG H 411 27.42 3.28 10.01
N GLU H 412 27.25 2.03 9.64
CA GLU H 412 27.26 1.65 8.23
C GLU H 412 26.22 2.48 7.42
N THR H 413 24.99 2.57 7.94
CA THR H 413 23.94 3.32 7.30
C THR H 413 24.31 4.78 7.09
N ILE H 414 24.80 5.41 8.14
CA ILE H 414 25.07 6.84 8.06
C ILE H 414 26.22 7.11 7.11
N LEU H 415 27.27 6.30 7.19
CA LEU H 415 28.41 6.49 6.33
C LEU H 415 28.08 6.26 4.88
N SER H 416 27.01 5.54 4.61
CA SER H 416 26.59 5.27 3.22
C SER H 416 25.72 6.36 2.61
N LEU H 417 25.32 7.34 3.40
CA LEU H 417 24.40 8.39 2.91
C LEU H 417 24.91 9.27 1.73
N PRO H 418 26.12 9.81 1.81
CA PRO H 418 26.66 10.46 0.62
C PRO H 418 26.71 9.55 -0.60
N GLY H 419 26.03 9.98 -1.68
CA GLY H 419 25.93 9.15 -2.88
C GLY H 419 24.85 8.08 -2.83
N SER H 420 24.12 7.99 -1.73
CA SER H 420 23.11 6.91 -1.56
C SER H 420 22.06 6.56 -2.61
N GLU H 421 21.09 7.39 -2.87
CA GLU H 421 20.04 6.98 -3.85
C GLU H 421 18.84 6.07 -3.43
N TRP H 422 18.49 6.14 -2.16
CA TRP H 422 17.30 5.48 -1.62
C TRP H 422 16.05 6.16 -2.09
N GLU H 423 14.92 5.54 -1.79
CA GLU H 423 13.61 6.17 -1.92
C GLU H 423 13.49 7.26 -0.84
N LYS H 424 12.81 8.33 -1.20
CA LYS H 424 12.59 9.44 -0.32
C LYS H 424 12.15 9.00 1.06
N GLU H 425 11.21 8.06 1.12
CA GLU H 425 10.64 7.67 2.38
C GLU H 425 11.69 7.06 3.31
N ASP H 426 12.72 6.42 2.74
CA ASP H 426 13.77 5.78 3.58
C ASP H 426 14.57 6.84 4.31
N TYR H 427 14.81 7.96 3.62
CA TYR H 427 15.48 9.11 4.26
C TYR H 427 14.63 9.67 5.40
N LEU H 428 13.34 9.86 5.18
CA LEU H 428 12.45 10.37 6.23
C LEU H 428 12.27 9.39 7.38
N ASN H 429 12.28 8.10 7.05
CA ASN H 429 12.18 7.06 8.07
C ASN H 429 13.36 7.11 8.99
N LEU H 430 14.55 7.31 8.42
CA LEU H 430 15.72 7.38 9.26
C LEU H 430 15.63 8.53 10.27
N ILE H 431 15.02 9.66 9.88
CA ILE H 431 14.80 10.73 10.84
C ILE H 431 13.97 10.24 12.02
N GLU H 432 12.88 9.53 11.74
CA GLU H 432 12.02 8.98 12.81
C GLU H 432 12.78 7.97 13.67
N GLN H 433 13.63 7.15 13.04
CA GLN H 433 14.45 6.19 13.78
C GLN H 433 15.40 6.90 14.75
N LEU H 434 16.06 7.98 14.30
CA LEU H 434 16.93 8.76 15.19
C LEU H 434 16.15 9.36 16.36
N ASP H 435 14.94 9.85 16.11
CA ASP H 435 14.07 10.37 17.20
C ASP H 435 13.64 9.30 18.18
N GLU H 436 13.09 8.21 17.63
CA GLU H 436 12.67 7.06 18.41
C GLU H 436 13.79 6.45 19.24
N GLU H 437 15.00 6.42 18.70
CA GLU H 437 16.11 5.93 19.49
C GLU H 437 16.62 6.94 20.49
N GLY H 438 16.15 8.17 20.40
CA GLY H 438 16.35 9.15 21.44
C GLY H 438 17.70 9.81 21.46
N PHE H 439 18.34 9.93 20.31
CA PHE H 439 19.62 10.65 20.24
C PHE H 439 19.36 12.14 20.39
N ASP H 440 20.19 12.79 21.19
CA ASP H 440 20.18 14.20 21.30
C ASP H 440 20.61 14.85 19.95
N ASP H 441 19.86 15.87 19.54
CA ASP H 441 20.13 16.61 18.32
C ASP H 441 21.49 17.28 18.32
N PHE H 442 21.99 17.63 19.52
CA PHE H 442 23.34 18.22 19.66
C PHE H 442 24.51 17.26 19.54
N THR H 443 24.26 15.96 19.57
CA THR H 443 25.36 15.01 19.54
C THR H 443 26.12 15.14 18.21
N ARG H 444 27.44 15.17 18.29
CA ARG H 444 28.28 15.11 17.13
C ARG H 444 28.30 13.69 16.54
N VAL H 445 27.93 13.58 15.28
CA VAL H 445 27.91 12.30 14.60
C VAL H 445 29.28 11.65 14.66
N ARG H 446 30.34 12.44 14.54
CA ARG H 446 31.67 11.85 14.58
C ARG H 446 32.01 11.19 15.93
N GLU H 447 31.48 11.74 17.02
CA GLU H 447 31.70 11.18 18.30
C GLU H 447 30.84 9.94 18.47
N LEU H 448 29.58 10.05 18.11
CA LEU H 448 28.66 8.91 18.12
C LEU H 448 29.17 7.73 17.36
N LEU H 449 29.89 7.96 16.29
CA LEU H 449 30.38 6.85 15.44
C LEU H 449 31.87 6.57 15.58
N GLY H 450 32.58 7.40 16.32
CA GLY H 450 33.98 7.16 16.62
C GLY H 450 34.88 7.45 15.43
N LEU H 451 34.68 8.61 14.81
CA LEU H 451 35.40 8.99 13.59
C LEU H 451 36.35 10.12 13.85
N ALA H 452 37.60 9.88 13.49
CA ALA H 452 38.62 10.91 13.40
C ALA H 452 38.54 11.55 12.01
N THR H 453 37.65 12.53 11.86
CA THR H 453 37.26 13.09 10.54
C THR H 453 38.30 13.99 9.96
N GLY H 454 39.10 14.58 10.82
CA GLY H 454 39.92 15.74 10.42
C GLY H 454 39.01 16.96 10.40
N SER H 455 39.59 18.12 10.20
CA SER H 455 38.90 19.38 10.40
C SER H 455 38.38 20.02 9.13
N ASP H 456 38.67 19.39 8.01
CA ASP H 456 38.49 20.01 6.71
C ASP H 456 37.39 19.33 5.89
N ASN H 457 36.27 19.03 6.53
CA ASN H 457 35.11 18.51 5.83
C ASN H 457 33.93 18.68 6.73
N GLY H 458 32.75 18.43 6.18
CA GLY H 458 31.49 18.64 6.92
C GLY H 458 31.17 17.61 8.00
N TRP H 459 31.84 16.44 7.96
CA TRP H 459 31.70 15.45 9.05
C TRP H 459 32.27 15.95 10.38
N TYR H 460 33.26 16.83 10.31
CA TYR H 460 33.88 17.40 11.48
C TYR H 460 32.89 18.09 12.42
N THR H 461 31.93 18.81 11.85
CA THR H 461 30.99 19.65 12.62
C THR H 461 29.55 19.13 12.60
N LEU H 462 29.33 18.02 11.92
CA LEU H 462 28.00 17.46 11.74
C LEU H 462 27.38 16.97 13.03
N ARG H 463 26.27 17.59 13.41
CA ARG H 463 25.45 17.11 14.54
C ARG H 463 24.18 16.43 14.04
N ILE H 464 23.59 15.65 14.91
CA ILE H 464 22.36 14.94 14.58
C ILE H 464 21.32 15.89 13.95
N GLY H 465 21.11 17.04 14.57
CA GLY H 465 20.16 18.02 14.06
C GLY H 465 20.43 18.38 12.61
N GLU H 466 21.71 18.55 12.25
CA GLU H 466 22.06 18.86 10.89
C GLU H 466 21.82 17.66 9.99
N LEU H 467 22.12 16.45 10.49
CA LEU H 467 21.89 15.25 9.71
C LEU H 467 20.40 15.15 9.35
N LYS H 468 19.55 15.54 10.29
CA LYS H 468 18.14 15.57 10.04
C LYS H 468 17.79 16.55 8.92
N ALA H 469 18.47 17.68 8.87
CA ALA H 469 18.23 18.64 7.78
C ALA H 469 18.55 17.99 6.45
N MET H 470 19.64 17.27 6.40
CA MET H 470 20.12 16.66 5.18
C MET H 470 19.18 15.54 4.76
N LEU H 471 18.74 14.72 5.71
CA LEU H 471 17.82 13.65 5.41
C LEU H 471 16.48 14.20 4.93
N ALA H 472 16.05 15.32 5.51
CA ALA H 472 14.78 15.95 5.11
C ALA H 472 14.84 16.39 3.68
N LEU H 473 15.98 16.95 3.30
CA LEU H 473 16.21 17.38 1.93
C LEU H 473 16.21 16.18 0.95
N ALA H 474 17.02 15.17 1.26
CA ALA H 474 17.10 13.96 0.46
C ALA H 474 15.74 13.31 0.36
N GLY H 475 14.94 13.41 1.42
CA GLY H 475 13.62 12.80 1.48
C GLY H 475 12.50 13.67 0.90
N GLY H 476 12.84 14.88 0.46
CA GLY H 476 11.87 15.78 -0.12
C GLY H 476 10.94 16.49 0.82
N ASP H 477 11.22 16.51 2.12
CA ASP H 477 10.38 17.22 3.09
C ASP H 477 10.99 18.58 3.41
N LEU H 478 10.57 19.59 2.65
CA LEU H 478 11.16 20.92 2.76
C LEU H 478 10.77 21.65 4.02
N GLU H 479 9.67 21.26 4.65
CA GLU H 479 9.31 21.93 5.91
C GLU H 479 10.24 21.48 7.01
N GLN H 480 10.44 20.17 7.12
CA GLN H 480 11.39 19.63 8.10
C GLN H 480 12.80 20.13 7.74
N ALA H 481 13.12 20.21 6.45
CA ALA H 481 14.41 20.71 6.06
C ALA H 481 14.64 22.11 6.61
N LEU H 482 13.61 22.95 6.56
CA LEU H 482 13.73 24.32 7.04
C LEU H 482 13.97 24.35 8.54
N VAL H 483 13.13 23.62 9.28
CA VAL H 483 13.27 23.58 10.72
C VAL H 483 14.70 23.25 11.11
N TRP H 484 15.28 22.22 10.50
CA TRP H 484 16.59 21.71 10.94
C TRP H 484 17.74 22.45 10.33
N THR H 485 17.47 23.12 9.21
CA THR H 485 18.43 24.03 8.65
C THR H 485 18.58 25.27 9.56
N GLU H 486 17.50 25.76 10.12
CA GLU H 486 17.58 26.92 11.01
C GLU H 486 18.29 26.53 12.26
N TRP H 487 17.92 25.37 12.78
CA TRP H 487 18.61 24.81 13.95
C TRP H 487 20.13 24.73 13.69
N THR H 488 20.49 24.21 12.53
CA THR H 488 21.88 24.01 12.18
C THR H 488 22.64 25.32 12.26
N MET H 489 22.07 26.38 11.69
CA MET H 489 22.74 27.67 11.71
C MET H 489 22.73 28.34 13.07
N GLU H 490 21.61 28.24 13.77
CA GLU H 490 21.55 28.73 15.11
C GLU H 490 22.68 28.16 15.98
N PHE H 491 22.93 26.86 15.89
CA PHE H 491 23.84 26.19 16.85
C PHE H 491 25.19 25.76 16.30
N ASN H 492 25.47 26.02 15.03
CA ASN H 492 26.74 25.61 14.42
C ASN H 492 27.42 26.60 13.48
N SER H 493 26.70 27.60 12.98
CA SER H 493 27.29 28.51 12.02
C SER H 493 28.66 29.04 12.54
N SER H 494 28.79 29.29 13.85
CA SER H 494 30.05 29.80 14.42
C SER H 494 31.28 28.92 14.17
N VAL H 495 31.09 27.61 14.09
CA VAL H 495 32.23 26.69 13.86
C VAL H 495 32.40 26.23 12.40
N PHE H 496 31.46 26.58 11.51
CA PHE H 496 31.61 26.28 10.11
C PHE H 496 32.71 27.12 9.47
N SER H 497 33.35 26.59 8.44
CA SER H 497 34.25 27.38 7.66
C SER H 497 33.40 28.43 6.95
N PRO H 498 34.03 29.53 6.48
CA PRO H 498 33.24 30.56 5.79
C PRO H 498 32.45 30.00 4.63
N GLU H 499 33.05 29.06 3.90
CA GLU H 499 32.41 28.50 2.74
C GLU H 499 31.14 27.74 3.14
N ARG H 500 31.24 26.96 4.22
CA ARG H 500 30.15 26.13 4.66
C ARG H 500 29.05 26.97 5.29
N ALA H 501 29.43 28.02 6.03
CA ALA H 501 28.44 28.96 6.59
C ALA H 501 27.67 29.70 5.45
N ASN H 502 28.39 30.13 4.42
CA ASN H 502 27.78 30.77 3.28
C ASN H 502 26.79 29.83 2.60
N TYR H 503 27.17 28.57 2.43
CA TYR H 503 26.28 27.59 1.83
C TYR H 503 24.99 27.52 2.61
N TYR H 504 25.11 27.53 3.94
CA TYR H 504 23.92 27.41 4.78
C TYR H 504 23.02 28.66 4.76
N ARG H 505 23.59 29.86 4.65
CA ARG H 505 22.79 31.05 4.52
C ARG H 505 21.99 30.95 3.22
N CYS H 506 22.65 30.50 2.17
CA CYS H 506 22.03 30.30 0.89
C CYS H 506 20.90 29.33 0.95
N LEU H 507 21.19 28.14 1.48
CA LEU H 507 20.20 27.10 1.58
C LEU H 507 18.98 27.54 2.39
N GLN H 508 19.23 28.16 3.53
CA GLN H 508 18.13 28.66 4.34
C GLN H 508 17.31 29.70 3.59
N THR H 509 17.95 30.65 2.91
CA THR H 509 17.20 31.60 2.10
C THR H 509 16.27 30.85 1.09
N LEU H 510 16.80 29.83 0.41
CA LEU H 510 16.03 29.10 -0.59
C LEU H 510 14.86 28.32 0.05
N LEU H 511 15.07 27.78 1.23
CA LEU H 511 14.01 27.06 1.90
C LEU H 511 12.95 28.00 2.40
N LEU H 512 13.32 29.19 2.87
CA LEU H 512 12.33 30.21 3.23
C LEU H 512 11.51 30.61 2.01
N LEU H 513 12.20 30.82 0.90
CA LEU H 513 11.54 31.19 -0.35
C LEU H 513 10.51 30.13 -0.79
N ALA H 514 10.87 28.86 -0.63
CA ALA H 514 9.98 27.77 -0.99
C ALA H 514 8.64 27.80 -0.22
N GLN H 515 8.64 28.39 0.98
CA GLN H 515 7.41 28.60 1.75
C GLN H 515 6.60 29.84 1.30
N GLU H 516 7.16 30.67 0.41
CA GLU H 516 6.47 31.87 -0.03
C GLU H 516 5.64 31.57 -1.25
N GLU H 517 4.37 31.24 -1.03
CA GLU H 517 3.47 30.81 -2.12
C GLU H 517 3.26 31.89 -3.17
N ASP H 518 3.30 33.16 -2.77
CA ASP H 518 3.05 34.23 -3.72
C ASP H 518 4.31 34.85 -4.33
N ARG H 519 5.45 34.18 -4.26
CA ARG H 519 6.68 34.71 -4.85
C ARG H 519 7.30 33.75 -5.85
N GLN H 520 7.92 34.33 -6.87
CA GLN H 520 8.49 33.57 -7.99
C GLN H 520 9.99 33.51 -7.87
N PRO H 521 10.53 32.31 -7.63
CA PRO H 521 11.98 32.14 -7.44
C PRO H 521 12.88 32.78 -8.48
N LEU H 522 12.47 32.78 -9.74
CA LEU H 522 13.36 33.30 -10.80
C LEU H 522 13.51 34.86 -10.69
N GLN H 523 12.57 35.50 -10.00
CA GLN H 523 12.73 36.93 -9.70
C GLN H 523 13.94 37.25 -8.81
N TYR H 524 14.39 36.29 -7.98
CA TYR H 524 15.42 36.54 -6.97
C TYR H 524 16.79 35.99 -7.30
N LEU H 525 16.87 35.23 -8.38
CA LEU H 525 18.05 34.43 -8.69
C LEU H 525 19.31 35.27 -8.85
N ASN H 526 19.22 36.39 -9.56
CA ASN H 526 20.37 37.25 -9.74
C ASN H 526 20.86 37.74 -8.39
N ALA H 527 19.92 38.12 -7.54
CA ALA H 527 20.26 38.65 -6.23
C ALA H 527 20.94 37.55 -5.38
N PHE H 528 20.38 36.35 -5.41
CA PHE H 528 20.96 35.24 -4.73
C PHE H 528 22.39 34.97 -5.23
N VAL H 529 22.61 35.02 -6.55
CA VAL H 529 23.95 34.77 -7.09
C VAL H 529 24.94 35.83 -6.65
N ARG H 530 24.49 37.07 -6.58
CA ARG H 530 25.37 38.13 -6.08
C ARG H 530 25.66 38.02 -4.58
N MET H 531 24.68 37.58 -3.77
CA MET H 531 24.88 37.47 -2.32
C MET H 531 25.73 36.24 -1.95
N TYR H 532 25.39 35.10 -2.54
CA TYR H 532 25.95 33.81 -2.13
C TYR H 532 26.99 33.19 -3.08
N GLY H 533 27.10 33.68 -4.30
CA GLY H 533 27.97 33.07 -5.32
C GLY H 533 27.21 32.00 -6.08
N ALA H 534 27.59 31.80 -7.33
CA ALA H 534 26.96 30.78 -8.18
C ALA H 534 27.12 29.37 -7.62
N ASP H 535 28.31 29.05 -7.13
CA ASP H 535 28.58 27.67 -6.58
C ASP H 535 27.64 27.28 -5.45
N ALA H 536 27.49 28.17 -4.47
CA ALA H 536 26.56 27.92 -3.37
C ALA H 536 25.11 27.86 -3.83
N VAL H 537 24.70 28.72 -4.77
CA VAL H 537 23.32 28.67 -5.24
C VAL H 537 23.09 27.33 -5.94
N GLU H 538 24.08 26.90 -6.73
CA GLU H 538 24.02 25.61 -7.38
C GLU H 538 23.94 24.44 -6.39
N ALA H 539 24.84 24.44 -5.42
CA ALA H 539 24.87 23.32 -4.43
C ALA H 539 23.59 23.28 -3.58
N ALA H 540 23.11 24.45 -3.17
CA ALA H 540 21.90 24.53 -2.39
C ALA H 540 20.66 24.06 -3.17
N SER H 541 20.57 24.42 -4.45
CA SER H 541 19.44 23.96 -5.28
C SER H 541 19.53 22.48 -5.46
N ALA H 542 20.74 21.96 -5.68
CA ALA H 542 20.94 20.52 -5.81
C ALA H 542 20.53 19.80 -4.52
N ALA H 543 20.72 20.44 -3.35
CA ALA H 543 20.29 19.84 -2.10
C ALA H 543 18.77 19.83 -1.97
N MET H 544 18.14 20.91 -2.43
CA MET H 544 16.68 21.05 -2.39
C MET H 544 15.92 20.16 -3.35
N SER H 545 16.54 19.82 -4.48
CA SER H 545 15.95 18.84 -5.40
C SER H 545 16.04 17.42 -4.86
N GLY H 546 16.92 17.19 -3.87
CA GLY H 546 17.12 15.88 -3.28
C GLY H 546 18.29 15.13 -3.89
N GLU H 547 19.02 15.78 -4.79
CA GLU H 547 20.04 15.11 -5.58
C GLU H 547 21.37 15.05 -4.89
N ALA H 548 21.70 16.10 -4.14
CA ALA H 548 22.97 16.14 -3.41
C ALA H 548 22.73 16.82 -2.08
N ALA H 549 22.01 16.12 -1.20
CA ALA H 549 21.57 16.69 0.07
C ALA H 549 22.68 16.69 1.14
N PHE H 550 23.71 15.85 0.96
CA PHE H 550 24.71 15.61 2.03
C PHE H 550 25.95 16.45 1.78
N TYR H 551 25.72 17.76 1.72
CA TYR H 551 26.72 18.72 1.27
C TYR H 551 27.96 18.73 2.17
N GLY H 552 29.11 18.57 1.53
CA GLY H 552 30.40 18.52 2.22
C GLY H 552 30.73 17.21 2.94
N LEU H 553 29.84 16.22 2.84
CA LEU H 553 30.11 14.90 3.41
C LEU H 553 30.62 13.96 2.33
N GLN H 554 31.91 13.65 2.34
CA GLN H 554 32.46 12.68 1.40
C GLN H 554 32.00 11.26 1.80
N PRO H 555 31.91 10.35 0.83
CA PRO H 555 31.68 8.93 1.14
C PRO H 555 32.76 8.33 2.05
N VAL H 556 32.39 7.42 2.93
CA VAL H 556 33.35 6.82 3.85
C VAL H 556 33.32 5.29 3.80
N ASP H 557 34.46 4.68 3.51
CA ASP H 557 34.64 3.22 3.55
C ASP H 557 34.79 2.68 4.97
N SER H 558 34.80 1.34 5.10
CA SER H 558 34.79 0.69 6.39
C SER H 558 36.14 0.66 7.11
N ASP H 559 37.21 1.09 6.44
CA ASP H 559 38.50 1.26 7.13
C ASP H 559 38.84 2.74 7.23
N LEU H 560 37.87 3.60 6.92
CA LEU H 560 37.99 5.07 7.03
C LEU H 560 39.12 5.68 6.24
N HIS H 561 39.36 5.16 5.04
CA HIS H 561 40.35 5.71 4.11
C HIS H 561 40.03 7.15 3.72
N ALA H 562 38.75 7.51 3.71
CA ALA H 562 38.34 8.87 3.35
C ALA H 562 38.82 9.90 4.34
N PHE H 563 39.25 9.48 5.53
CA PHE H 563 39.71 10.42 6.56
C PHE H 563 41.19 10.23 6.78
N ALA H 564 41.98 11.21 6.32
CA ALA H 564 43.40 11.16 6.49
C ALA H 564 43.75 11.09 7.99
N ALA H 565 43.01 11.82 8.81
CA ALA H 565 43.30 11.88 10.25
C ALA H 565 43.12 10.52 10.89
N HIS H 566 42.06 9.84 10.47
CA HIS H 566 41.80 8.51 10.99
C HIS H 566 42.88 7.51 10.53
N GLN H 567 43.35 7.66 9.30
CA GLN H 567 44.44 6.79 8.81
C GLN H 567 45.67 6.98 9.66
N SER H 568 45.99 8.21 10.00
CA SER H 568 47.13 8.50 10.87
C SER H 568 46.95 7.86 12.26
N LEU H 569 45.71 7.77 12.72
CA LEU H 569 45.39 7.09 13.97
C LEU H 569 45.64 5.60 13.87
N LEU H 570 45.16 4.99 12.80
CA LEU H 570 45.35 3.57 12.61
C LEU H 570 46.82 3.18 12.46
N LYS H 571 47.60 4.03 11.79
CA LYS H 571 49.04 3.77 11.66
C LYS H 571 49.72 3.83 13.03
N ALA H 572 49.26 4.74 13.88
CA ALA H 572 49.75 4.79 15.26
C ALA H 572 49.38 3.52 15.99
N TYR H 573 48.15 3.03 15.77
CA TYR H 573 47.67 1.83 16.48
C TYR H 573 48.44 0.60 16.08
N GLU H 574 48.70 0.47 14.78
CA GLU H 574 49.50 -0.65 14.29
C GLU H 574 50.87 -0.73 14.92
N LYS H 575 51.50 0.39 15.19
CA LYS H 575 52.76 0.35 15.93
C LYS H 575 52.62 -0.35 17.29
N LEU H 576 51.48 -0.11 17.96
CA LEU H 576 51.18 -0.76 19.24
C LEU H 576 50.80 -2.22 19.07
N GLN H 577 50.03 -2.53 18.02
CA GLN H 577 49.70 -3.90 17.73
C GLN H 577 50.95 -4.75 17.55
N ARG H 578 51.92 -4.24 16.82
CA ARG H 578 53.16 -5.01 16.60
C ARG H 578 53.87 -5.29 17.91
N ALA H 579 54.01 -4.25 18.72
CA ALA H 579 54.60 -4.38 20.05
C ALA H 579 53.88 -5.42 20.89
N LYS H 580 52.55 -5.41 20.83
CA LYS H 580 51.78 -6.38 21.63
C LYS H 580 52.07 -7.80 21.19
N ALA H 581 52.04 -8.00 19.87
CA ALA H 581 52.21 -9.35 19.31
C ALA H 581 53.58 -9.90 19.69
N ALA H 582 54.60 -9.05 19.59
CA ALA H 582 55.91 -9.46 19.97
C ALA H 582 56.02 -9.77 21.48
N PHE H 583 55.43 -8.94 22.36
CA PHE H 583 55.55 -9.22 23.81
C PHE H 583 54.82 -10.49 24.26
N TRP H 584 53.68 -10.80 23.64
CA TRP H 584 52.89 -11.98 24.07
C TRP H 584 53.23 -13.30 23.32
#